data_1P1D
#
_entry.id   1P1D
#
_entity_poly.entity_id   1
_entity_poly.type   'polypeptide(L)'
_entity_poly.pdbx_seq_one_letter_code
;QVVHTETTEVVLTADPVTGFGIQLQGSVFATETLSSPPLISYIEADSPAERCGVLQIGDRVMAINGIPTEDSTFEEANQL
LRDSSITSKVTLEIEFDVAESVIPSSGTFHVKLPKKHSVELGITISSPSSRKPGDPLVISDIKKGSVAHRTGTLELGDKL
LAIDNIRLDSCSMEDAVQILQQCEDLVKLKIRKDED
;
_entity_poly.pdbx_strand_id   A
#
# COMPACT_ATOMS: atom_id res chain seq x y z
N GLN A 1 -11.30 -17.72 -6.66
CA GLN A 1 -10.54 -17.13 -5.56
C GLN A 1 -11.46 -16.30 -4.67
N VAL A 2 -10.89 -15.71 -3.62
CA VAL A 2 -11.66 -14.90 -2.69
C VAL A 2 -10.98 -13.55 -2.45
N VAL A 3 -11.76 -12.49 -2.45
CA VAL A 3 -11.24 -11.15 -2.22
C VAL A 3 -12.19 -10.32 -1.35
N HIS A 4 -11.65 -9.28 -0.72
CA HIS A 4 -12.45 -8.43 0.15
C HIS A 4 -12.23 -6.96 -0.18
N THR A 5 -13.16 -6.39 -0.95
CA THR A 5 -13.08 -5.00 -1.34
C THR A 5 -13.10 -4.09 -0.12
N GLU A 6 -12.04 -3.30 0.06
CA GLU A 6 -11.95 -2.39 1.19
C GLU A 6 -11.47 -1.01 0.75
N THR A 7 -11.80 0.01 1.53
CA THR A 7 -11.40 1.37 1.22
C THR A 7 -10.38 1.89 2.22
N THR A 8 -9.66 2.95 1.84
CA THR A 8 -8.64 3.53 2.71
C THR A 8 -8.51 5.03 2.46
N GLU A 9 -7.48 5.63 3.04
CA GLU A 9 -7.23 7.06 2.89
C GLU A 9 -5.85 7.30 2.30
N VAL A 10 -5.63 8.52 1.80
CA VAL A 10 -4.35 8.89 1.20
C VAL A 10 -4.02 10.34 1.51
N VAL A 11 -2.77 10.59 1.90
CA VAL A 11 -2.32 11.93 2.22
C VAL A 11 -1.38 12.47 1.17
N LEU A 12 -1.74 13.62 0.59
CA LEU A 12 -0.92 14.26 -0.44
C LEU A 12 -0.49 15.66 0.02
N THR A 13 0.82 15.87 0.13
CA THR A 13 1.35 17.15 0.57
C THR A 13 2.03 17.89 -0.57
N ALA A 14 2.20 19.20 -0.38
CA ALA A 14 2.85 20.05 -1.38
C ALA A 14 4.32 20.27 -1.05
N ASP A 15 5.16 20.26 -2.07
CA ASP A 15 6.59 20.48 -1.89
C ASP A 15 6.98 21.90 -2.29
N PRO A 16 8.07 22.42 -1.72
CA PRO A 16 8.55 23.77 -2.03
C PRO A 16 9.34 23.83 -3.35
N VAL A 17 9.28 22.74 -4.12
CA VAL A 17 10.00 22.68 -5.38
C VAL A 17 9.03 22.60 -6.56
N THR A 18 8.03 21.72 -6.46
CA THR A 18 7.06 21.55 -7.54
C THR A 18 5.66 21.25 -7.02
N GLY A 19 5.45 21.36 -5.70
CA GLY A 19 4.13 21.09 -5.15
C GLY A 19 3.76 19.62 -5.23
N PHE A 20 2.69 19.32 -5.98
CA PHE A 20 2.24 17.95 -6.14
C PHE A 20 2.64 17.42 -7.52
N GLY A 21 3.27 16.25 -7.53
CA GLY A 21 3.71 15.65 -8.78
C GLY A 21 2.70 14.70 -9.38
N ILE A 22 1.42 14.93 -9.09
CA ILE A 22 0.34 14.10 -9.60
C ILE A 22 -0.26 14.67 -10.88
N GLN A 23 -0.88 13.79 -11.65
CA GLN A 23 -1.54 14.16 -12.90
C GLN A 23 -2.87 13.43 -12.99
N LEU A 24 -3.96 14.16 -12.76
CA LEU A 24 -5.30 13.56 -12.77
C LEU A 24 -5.99 13.71 -14.12
N GLN A 25 -6.75 12.68 -14.48
CA GLN A 25 -7.49 12.67 -15.73
C GLN A 25 -8.99 12.68 -15.44
N GLY A 26 -9.77 13.24 -16.37
CA GLY A 26 -11.21 13.30 -16.19
C GLY A 26 -11.95 12.20 -16.92
N SER A 27 -12.12 11.06 -16.26
CA SER A 27 -12.83 9.94 -16.85
C SER A 27 -12.16 9.47 -18.15
N VAL A 28 -11.45 8.35 -18.07
CA VAL A 28 -10.79 7.79 -19.23
C VAL A 28 -11.79 7.09 -20.12
N PHE A 29 -12.36 6.02 -19.57
CA PHE A 29 -13.39 5.23 -20.23
C PHE A 29 -14.29 6.09 -21.12
N ALA A 30 -14.66 7.26 -20.58
CA ALA A 30 -15.51 8.21 -21.28
C ALA A 30 -16.63 7.52 -22.05
N THR A 31 -17.76 7.30 -21.38
CA THR A 31 -18.91 6.66 -21.99
C THR A 31 -19.97 6.32 -20.92
N GLU A 32 -21.12 6.96 -21.02
CA GLU A 32 -22.23 6.76 -20.08
C GLU A 32 -21.76 6.79 -18.62
N THR A 33 -22.10 7.87 -17.92
CA THR A 33 -21.72 8.03 -16.53
C THR A 33 -20.21 8.21 -16.40
N LEU A 34 -19.69 8.02 -15.19
CA LEU A 34 -18.28 8.16 -14.94
C LEU A 34 -17.71 6.95 -14.22
N SER A 35 -18.05 6.85 -12.96
CA SER A 35 -17.55 5.75 -12.14
C SER A 35 -16.04 5.83 -12.01
N SER A 36 -15.48 6.93 -12.48
CA SER A 36 -14.05 7.17 -12.42
C SER A 36 -13.72 8.57 -12.95
N PRO A 37 -14.27 9.62 -12.33
CA PRO A 37 -14.03 10.99 -12.77
C PRO A 37 -12.59 11.45 -12.53
N PRO A 38 -12.10 11.43 -11.26
CA PRO A 38 -10.75 11.84 -10.94
C PRO A 38 -9.80 10.65 -10.76
N LEU A 39 -8.88 10.47 -11.70
CA LEU A 39 -7.93 9.36 -11.61
C LEU A 39 -6.56 9.77 -12.15
N ILE A 40 -5.52 9.54 -11.34
CA ILE A 40 -4.17 9.87 -11.73
C ILE A 40 -3.69 8.98 -12.88
N SER A 41 -3.03 9.59 -13.85
CA SER A 41 -2.52 8.84 -15.00
C SER A 41 -0.99 8.90 -15.05
N TYR A 42 -0.39 9.69 -14.17
CA TYR A 42 1.06 9.82 -14.12
C TYR A 42 1.49 10.74 -12.98
N ILE A 43 2.55 10.34 -12.30
CA ILE A 43 3.10 11.14 -11.21
C ILE A 43 4.34 11.88 -11.72
N GLU A 44 5.12 12.46 -10.82
CA GLU A 44 6.32 13.18 -11.24
C GLU A 44 7.55 12.73 -10.47
N ALA A 45 8.72 12.84 -11.10
CA ALA A 45 9.96 12.44 -10.47
C ALA A 45 10.51 13.54 -9.57
N ASP A 46 10.55 13.25 -8.27
CA ASP A 46 11.05 14.20 -7.28
C ASP A 46 9.92 15.04 -6.72
N SER A 47 8.79 14.39 -6.51
CA SER A 47 7.61 15.06 -5.98
C SER A 47 6.99 14.24 -4.85
N PRO A 48 6.46 14.90 -3.81
CA PRO A 48 5.84 14.21 -2.67
C PRO A 48 4.67 13.31 -3.08
N ALA A 49 4.33 13.32 -4.37
CA ALA A 49 3.24 12.50 -4.87
C ALA A 49 3.55 11.02 -4.68
N GLU A 50 4.66 10.56 -5.23
CA GLU A 50 5.04 9.16 -5.08
C GLU A 50 5.66 8.95 -3.71
N ARG A 51 6.26 10.00 -3.19
CA ARG A 51 6.93 9.93 -1.90
C ARG A 51 5.97 10.18 -0.73
N CYS A 52 4.69 10.44 -1.04
CA CYS A 52 3.71 10.68 0.00
C CYS A 52 3.60 9.48 0.94
N GLY A 53 3.64 8.28 0.37
CA GLY A 53 3.55 7.08 1.18
C GLY A 53 2.88 5.93 0.45
N VAL A 54 2.06 6.24 -0.54
CA VAL A 54 1.36 5.22 -1.30
C VAL A 54 0.58 5.83 -2.46
N LEU A 55 1.26 6.06 -3.59
CA LEU A 55 0.63 6.64 -4.76
C LEU A 55 1.04 5.88 -6.02
N GLN A 56 0.05 5.39 -6.75
CA GLN A 56 0.30 4.64 -7.98
C GLN A 56 -0.51 5.20 -9.14
N ILE A 57 -0.08 4.91 -10.36
CA ILE A 57 -0.75 5.38 -11.55
C ILE A 57 -2.19 4.85 -11.62
N GLY A 58 -3.14 5.74 -11.37
CA GLY A 58 -4.53 5.34 -11.42
C GLY A 58 -5.18 5.35 -10.05
N ASP A 59 -4.94 6.41 -9.29
CA ASP A 59 -5.51 6.53 -7.94
C ASP A 59 -7.01 6.78 -8.01
N ARG A 60 -7.79 5.72 -7.78
CA ARG A 60 -9.25 5.82 -7.81
C ARG A 60 -9.76 6.61 -6.62
N VAL A 61 -9.44 7.90 -6.58
CA VAL A 61 -9.88 8.77 -5.50
C VAL A 61 -11.40 8.92 -5.50
N MET A 62 -12.02 8.70 -4.34
CA MET A 62 -13.46 8.81 -4.21
C MET A 62 -13.88 10.12 -3.56
N ALA A 63 -13.01 10.65 -2.70
CA ALA A 63 -13.31 11.90 -2.01
C ALA A 63 -12.04 12.71 -1.75
N ILE A 64 -12.18 14.03 -1.74
CA ILE A 64 -11.07 14.93 -1.50
C ILE A 64 -11.41 15.96 -0.44
N ASN A 65 -10.75 15.86 0.71
CA ASN A 65 -11.00 16.79 1.81
C ASN A 65 -12.45 16.69 2.30
N GLY A 66 -13.09 15.55 2.02
CA GLY A 66 -14.46 15.35 2.44
C GLY A 66 -15.44 15.40 1.29
N ILE A 67 -15.07 16.12 0.23
CA ILE A 67 -15.92 16.26 -0.94
C ILE A 67 -15.92 14.98 -1.77
N PRO A 68 -17.10 14.53 -2.24
CA PRO A 68 -17.21 13.31 -3.05
C PRO A 68 -16.61 13.49 -4.44
N THR A 69 -16.85 12.50 -5.30
CA THR A 69 -16.33 12.54 -6.67
C THR A 69 -17.24 11.78 -7.62
N GLU A 70 -17.42 10.49 -7.36
CA GLU A 70 -18.26 9.65 -8.21
C GLU A 70 -19.72 10.09 -8.14
N ASP A 71 -20.05 10.89 -7.13
CA ASP A 71 -21.42 11.38 -6.96
C ASP A 71 -21.49 12.86 -7.32
N SER A 72 -20.86 13.21 -8.44
CA SER A 72 -20.85 14.59 -8.90
C SER A 72 -20.04 14.72 -10.19
N THR A 73 -19.89 15.96 -10.66
CA THR A 73 -19.13 16.22 -11.88
C THR A 73 -17.63 16.00 -11.65
N PHE A 74 -16.93 15.58 -12.70
CA PHE A 74 -15.49 15.34 -12.60
C PHE A 74 -14.72 16.66 -12.55
N GLU A 75 -15.24 17.68 -13.23
CA GLU A 75 -14.61 18.98 -13.27
C GLU A 75 -14.35 19.54 -11.88
N GLU A 76 -15.34 19.40 -10.99
CA GLU A 76 -15.18 19.91 -9.62
C GLU A 76 -14.01 19.24 -8.93
N ALA A 77 -13.85 17.94 -9.17
CA ALA A 77 -12.76 17.19 -8.56
C ALA A 77 -11.42 17.72 -9.06
N ASN A 78 -11.40 18.04 -10.34
CA ASN A 78 -10.19 18.58 -10.97
C ASN A 78 -9.82 19.89 -10.30
N GLN A 79 -10.83 20.70 -9.99
CA GLN A 79 -10.61 21.98 -9.33
C GLN A 79 -9.97 21.78 -7.97
N LEU A 80 -10.42 20.75 -7.25
CA LEU A 80 -9.89 20.44 -5.93
C LEU A 80 -8.39 20.22 -5.99
N LEU A 81 -7.95 19.38 -6.93
CA LEU A 81 -6.53 19.09 -7.09
C LEU A 81 -5.74 20.34 -7.41
N ARG A 82 -6.08 21.00 -8.51
CA ARG A 82 -5.39 22.22 -8.91
C ARG A 82 -5.34 23.19 -7.73
N ASP A 83 -6.33 23.10 -6.86
CA ASP A 83 -6.40 23.94 -5.68
C ASP A 83 -6.29 23.11 -4.42
N SER A 84 -5.51 22.04 -4.49
CA SER A 84 -5.31 21.15 -3.36
C SER A 84 -3.94 21.39 -2.72
N SER A 85 -3.57 22.65 -2.53
CA SER A 85 -2.29 23.00 -1.94
C SER A 85 -2.40 24.21 -1.03
N ILE A 86 -3.61 24.55 -0.63
CA ILE A 86 -3.85 25.68 0.23
C ILE A 86 -3.24 25.44 1.60
N THR A 87 -3.46 24.25 2.10
CA THR A 87 -2.94 23.84 3.40
C THR A 87 -1.69 22.98 3.24
N SER A 88 -1.15 22.96 2.02
CA SER A 88 0.05 22.17 1.74
C SER A 88 -0.18 20.70 2.06
N LYS A 89 -1.44 20.28 2.03
CA LYS A 89 -1.78 18.90 2.33
C LYS A 89 -3.22 18.60 1.90
N VAL A 90 -3.44 17.37 1.44
CA VAL A 90 -4.76 16.94 0.99
C VAL A 90 -5.04 15.50 1.41
N THR A 91 -6.24 15.24 1.92
CA THR A 91 -6.61 13.90 2.34
C THR A 91 -7.75 13.36 1.49
N LEU A 92 -7.61 12.14 0.99
CA LEU A 92 -8.63 11.53 0.16
C LEU A 92 -8.82 10.06 0.50
N GLU A 93 -9.92 9.49 0.03
CA GLU A 93 -10.22 8.08 0.27
C GLU A 93 -10.29 7.30 -1.05
N ILE A 94 -9.77 6.08 -1.04
CA ILE A 94 -9.77 5.25 -2.24
C ILE A 94 -10.25 3.84 -1.94
N GLU A 95 -10.70 3.14 -2.99
CA GLU A 95 -11.18 1.77 -2.84
C GLU A 95 -10.39 0.84 -3.76
N PHE A 96 -10.14 -0.38 -3.28
CA PHE A 96 -9.39 -1.36 -4.06
C PHE A 96 -9.63 -2.77 -3.53
N ASP A 97 -9.08 -3.76 -4.25
CA ASP A 97 -9.21 -5.15 -3.84
C ASP A 97 -7.91 -5.64 -3.20
N VAL A 98 -8.03 -6.59 -2.28
CA VAL A 98 -6.87 -7.13 -1.60
C VAL A 98 -6.41 -8.46 -2.22
N ALA A 99 -5.33 -8.39 -2.98
CA ALA A 99 -4.78 -9.58 -3.65
C ALA A 99 -3.52 -9.20 -4.44
N GLU A 100 -3.29 -9.90 -5.56
CA GLU A 100 -2.12 -9.65 -6.40
C GLU A 100 -0.86 -10.25 -5.77
N SER A 101 -1.06 -11.08 -4.75
CA SER A 101 0.06 -11.73 -4.06
C SER A 101 -0.45 -12.65 -2.97
N VAL A 102 -0.79 -13.87 -3.36
CA VAL A 102 -1.28 -14.87 -2.43
C VAL A 102 -1.02 -16.26 -2.99
N ILE A 103 -0.22 -17.04 -2.29
CA ILE A 103 0.12 -18.37 -2.76
C ILE A 103 0.57 -19.25 -1.59
N PRO A 104 -0.40 -19.86 -0.89
CA PRO A 104 -0.14 -20.73 0.24
C PRO A 104 -0.07 -22.21 -0.14
N SER A 105 -0.04 -23.07 0.87
CA SER A 105 0.01 -24.51 0.65
C SER A 105 0.00 -25.27 1.98
N SER A 106 -0.73 -24.72 2.94
CA SER A 106 -0.83 -25.33 4.26
C SER A 106 0.55 -25.47 4.91
N GLY A 107 0.76 -24.76 6.01
CA GLY A 107 2.03 -24.82 6.69
C GLY A 107 2.97 -23.71 6.26
N THR A 108 2.97 -23.40 4.97
CA THR A 108 3.82 -22.36 4.42
C THR A 108 3.04 -21.43 3.50
N PHE A 109 2.87 -20.18 3.92
CA PHE A 109 2.14 -19.19 3.13
C PHE A 109 3.11 -18.23 2.43
N HIS A 110 2.98 -18.10 1.12
CA HIS A 110 3.85 -17.21 0.36
C HIS A 110 3.15 -15.90 0.03
N VAL A 111 3.85 -14.80 0.22
CA VAL A 111 3.30 -13.48 -0.06
C VAL A 111 4.33 -12.60 -0.76
N LYS A 112 4.38 -12.71 -2.09
CA LYS A 112 5.32 -11.93 -2.89
C LYS A 112 4.78 -10.52 -3.11
N LEU A 113 5.36 -9.54 -2.42
CA LEU A 113 4.93 -8.16 -2.54
C LEU A 113 5.96 -7.31 -3.28
N PRO A 114 5.53 -6.51 -4.27
CA PRO A 114 6.43 -5.64 -5.02
C PRO A 114 7.01 -4.55 -4.13
N LYS A 115 8.28 -4.66 -3.81
CA LYS A 115 8.93 -3.69 -2.95
C LYS A 115 9.45 -2.49 -3.74
N LYS A 116 9.66 -1.38 -3.05
CA LYS A 116 10.15 -0.15 -3.68
C LYS A 116 11.35 0.40 -2.93
N HIS A 117 11.81 1.58 -3.36
CA HIS A 117 12.96 2.22 -2.73
C HIS A 117 12.73 2.43 -1.24
N SER A 118 11.96 3.46 -0.90
CA SER A 118 11.67 3.76 0.50
C SER A 118 10.34 4.50 0.64
N VAL A 119 9.24 3.76 0.48
CA VAL A 119 7.91 4.35 0.59
C VAL A 119 7.17 3.79 1.81
N GLU A 120 6.19 4.55 2.30
CA GLU A 120 5.41 4.15 3.45
C GLU A 120 4.76 2.79 3.26
N LEU A 121 5.24 1.79 3.98
CA LEU A 121 4.69 0.44 3.89
C LEU A 121 3.67 0.21 4.99
N GLY A 122 4.08 0.46 6.23
CA GLY A 122 3.18 0.28 7.36
C GLY A 122 3.31 -1.08 8.01
N ILE A 123 4.31 -1.85 7.61
CA ILE A 123 4.54 -3.17 8.15
C ILE A 123 5.22 -3.09 9.52
N THR A 124 4.65 -3.78 10.51
CA THR A 124 5.22 -3.79 11.85
C THR A 124 5.65 -5.20 12.22
N ILE A 125 6.90 -5.33 12.68
CA ILE A 125 7.45 -6.63 13.05
C ILE A 125 7.48 -6.81 14.56
N SER A 126 7.65 -8.05 14.99
CA SER A 126 7.71 -8.38 16.41
C SER A 126 8.29 -9.78 16.59
N SER A 127 8.92 -9.99 17.75
CA SER A 127 9.52 -11.29 18.05
C SER A 127 8.94 -11.88 19.34
N PRO A 128 8.69 -13.19 19.37
CA PRO A 128 8.13 -13.87 20.54
C PRO A 128 9.17 -14.07 21.64
N SER A 129 10.35 -14.52 21.25
CA SER A 129 11.43 -14.76 22.21
C SER A 129 12.68 -15.26 21.50
N SER A 130 13.82 -14.65 21.83
CA SER A 130 15.09 -15.05 21.22
C SER A 130 15.82 -16.06 22.10
N ARG A 131 15.18 -17.19 22.35
CA ARG A 131 15.77 -18.24 23.17
C ARG A 131 15.34 -19.62 22.69
N LYS A 132 15.41 -19.83 21.37
CA LYS A 132 15.04 -21.10 20.78
C LYS A 132 15.41 -21.13 19.30
N PRO A 133 15.81 -22.32 18.79
CA PRO A 133 16.19 -22.47 17.38
C PRO A 133 14.99 -22.43 16.44
N GLY A 134 14.93 -21.38 15.61
CA GLY A 134 13.84 -21.24 14.68
C GLY A 134 12.98 -20.03 14.95
N ASP A 135 13.54 -19.05 15.66
CA ASP A 135 12.82 -17.82 15.99
C ASP A 135 12.09 -17.26 14.77
N PRO A 136 10.78 -17.51 14.65
CA PRO A 136 9.98 -17.04 13.52
C PRO A 136 9.64 -15.55 13.62
N LEU A 137 9.48 -14.91 12.46
CA LEU A 137 9.14 -13.50 12.41
C LEU A 137 7.66 -13.31 12.72
N VAL A 138 7.32 -12.23 13.41
CA VAL A 138 5.92 -11.98 13.76
C VAL A 138 5.49 -10.58 13.37
N ILE A 139 4.24 -10.46 12.91
CA ILE A 139 3.69 -9.18 12.51
C ILE A 139 3.03 -8.49 13.71
N SER A 140 3.03 -7.16 13.71
CA SER A 140 2.43 -6.42 14.82
C SER A 140 1.37 -5.44 14.33
N ASP A 141 1.42 -5.09 13.06
CA ASP A 141 0.47 -4.17 12.47
C ASP A 141 0.79 -3.88 11.01
N ILE A 142 -0.23 -3.55 10.24
CA ILE A 142 -0.08 -3.25 8.82
C ILE A 142 -0.94 -2.06 8.41
N LYS A 143 -0.32 -1.05 7.82
CA LYS A 143 -1.03 0.15 7.38
C LYS A 143 -1.74 -0.09 6.04
N LYS A 144 -2.80 0.67 5.80
CA LYS A 144 -3.56 0.55 4.56
C LYS A 144 -2.81 1.17 3.40
N GLY A 145 -3.42 1.14 2.22
CA GLY A 145 -2.80 1.72 1.05
C GLY A 145 -1.62 0.90 0.54
N SER A 146 -0.60 0.75 1.38
CA SER A 146 0.58 -0.01 1.00
C SER A 146 0.23 -1.44 0.61
N VAL A 147 1.14 -2.10 -0.09
CA VAL A 147 0.93 -3.46 -0.54
C VAL A 147 0.92 -4.45 0.61
N ALA A 148 1.52 -4.05 1.74
CA ALA A 148 1.60 -4.91 2.92
C ALA A 148 0.26 -5.55 3.26
N HIS A 149 -0.67 -4.75 3.75
CA HIS A 149 -1.98 -5.25 4.13
C HIS A 149 -2.85 -5.49 2.90
N ARG A 150 -2.53 -4.81 1.80
CA ARG A 150 -3.29 -4.97 0.56
C ARG A 150 -3.37 -6.44 0.13
N THR A 151 -2.23 -7.13 0.21
CA THR A 151 -2.18 -8.54 -0.17
C THR A 151 -3.26 -9.34 0.55
N GLY A 152 -3.68 -8.86 1.72
CA GLY A 152 -4.69 -9.54 2.49
C GLY A 152 -4.26 -10.94 2.90
N THR A 153 -3.06 -11.04 3.47
CA THR A 153 -2.53 -12.32 3.91
C THR A 153 -1.84 -12.18 5.26
N LEU A 154 -1.04 -11.14 5.41
CA LEU A 154 -0.31 -10.90 6.65
C LEU A 154 -1.27 -10.73 7.82
N GLU A 155 -1.64 -11.85 8.45
CA GLU A 155 -2.55 -11.83 9.58
C GLU A 155 -1.79 -11.81 10.90
N LEU A 156 -2.28 -11.02 11.84
CA LEU A 156 -1.65 -10.91 13.16
C LEU A 156 -1.84 -12.18 13.96
N GLY A 157 -0.74 -12.82 14.33
CA GLY A 157 -0.82 -14.05 15.11
C GLY A 157 -0.24 -15.24 14.36
N ASP A 158 0.56 -14.98 13.34
CA ASP A 158 1.17 -16.05 12.56
C ASP A 158 2.69 -16.05 12.74
N LYS A 159 3.37 -16.93 12.03
CA LYS A 159 4.83 -17.02 12.11
C LYS A 159 5.46 -17.09 10.72
N LEU A 160 6.75 -16.79 10.65
CA LEU A 160 7.47 -16.81 9.38
C LEU A 160 8.68 -17.74 9.45
N LEU A 161 9.31 -17.96 8.30
CA LEU A 161 10.49 -18.82 8.25
C LEU A 161 11.53 -18.26 7.29
N ALA A 162 11.08 -17.71 6.17
CA ALA A 162 12.00 -17.13 5.18
C ALA A 162 11.45 -15.83 4.60
N ILE A 163 12.35 -14.88 4.36
CA ILE A 163 11.97 -13.59 3.80
C ILE A 163 12.81 -13.26 2.57
N ASP A 164 12.17 -13.26 1.41
CA ASP A 164 12.85 -12.96 0.16
C ASP A 164 13.86 -14.05 -0.19
N ASN A 165 14.95 -14.10 0.58
CA ASN A 165 16.00 -15.09 0.34
C ASN A 165 16.65 -15.58 1.63
N ILE A 166 16.52 -14.80 2.71
CA ILE A 166 17.11 -15.17 3.99
C ILE A 166 16.07 -15.81 4.90
N ARG A 167 16.55 -16.60 5.86
CA ARG A 167 15.66 -17.29 6.79
C ARG A 167 15.87 -16.83 8.23
N LEU A 168 14.75 -16.67 8.93
CA LEU A 168 14.80 -16.27 10.33
C LEU A 168 15.34 -17.41 11.17
N ASP A 169 15.59 -18.55 10.52
CA ASP A 169 16.11 -19.73 11.20
C ASP A 169 17.28 -19.37 12.11
N SER A 170 18.00 -18.30 11.75
CA SER A 170 19.15 -17.85 12.54
C SER A 170 18.70 -17.15 13.82
N CYS A 171 17.44 -16.70 13.84
CA CYS A 171 16.87 -16.01 14.99
C CYS A 171 17.37 -14.57 15.09
N SER A 172 16.52 -13.63 14.68
CA SER A 172 16.86 -12.22 14.73
C SER A 172 15.83 -11.39 13.97
N MET A 173 14.85 -10.84 14.69
CA MET A 173 13.81 -10.03 14.06
C MET A 173 14.45 -8.92 13.25
N GLU A 174 15.49 -8.30 13.81
CA GLU A 174 16.19 -7.22 13.13
C GLU A 174 16.67 -7.69 11.77
N ASP A 175 17.13 -8.93 11.72
CA ASP A 175 17.60 -9.52 10.49
C ASP A 175 16.52 -9.45 9.42
N ALA A 176 15.33 -9.93 9.77
CA ALA A 176 14.20 -9.89 8.85
C ALA A 176 13.98 -8.50 8.33
N VAL A 177 14.20 -7.51 9.20
CA VAL A 177 14.04 -6.11 8.81
C VAL A 177 15.08 -5.72 7.77
N GLN A 178 16.26 -6.32 7.88
CA GLN A 178 17.35 -6.05 6.94
C GLN A 178 17.10 -6.73 5.61
N ILE A 179 16.69 -8.00 5.68
CA ILE A 179 16.42 -8.75 4.47
C ILE A 179 15.12 -8.30 3.82
N LEU A 180 14.18 -7.84 4.65
CA LEU A 180 12.90 -7.36 4.14
C LEU A 180 13.04 -5.95 3.56
N GLN A 181 14.04 -5.23 4.06
CA GLN A 181 14.30 -3.87 3.60
C GLN A 181 15.23 -3.91 2.38
N GLN A 182 16.28 -4.71 2.49
CA GLN A 182 17.25 -4.85 1.41
C GLN A 182 16.61 -5.41 0.16
N CYS A 183 15.46 -6.05 0.31
CA CYS A 183 14.74 -6.59 -0.82
C CYS A 183 13.81 -5.54 -1.40
N GLU A 184 14.34 -4.33 -1.55
CA GLU A 184 13.59 -3.19 -2.07
C GLU A 184 13.24 -3.39 -3.54
N ASP A 185 12.49 -4.43 -3.82
CA ASP A 185 12.06 -4.73 -5.17
C ASP A 185 11.00 -5.83 -5.18
N LEU A 186 11.13 -6.75 -4.25
CA LEU A 186 10.20 -7.86 -4.14
C LEU A 186 10.51 -8.70 -2.91
N VAL A 187 9.69 -8.55 -1.89
CA VAL A 187 9.85 -9.29 -0.64
C VAL A 187 8.98 -10.54 -0.61
N LYS A 188 9.59 -11.69 -0.35
CA LYS A 188 8.85 -12.95 -0.28
C LYS A 188 8.61 -13.32 1.18
N LEU A 189 7.37 -13.20 1.62
CA LEU A 189 7.02 -13.52 3.00
C LEU A 189 6.50 -14.94 3.12
N LYS A 190 7.26 -15.78 3.82
CA LYS A 190 6.88 -17.18 4.03
C LYS A 190 6.29 -17.36 5.42
N ILE A 191 4.96 -17.27 5.51
CA ILE A 191 4.27 -17.42 6.78
C ILE A 191 4.04 -18.89 7.10
N ARG A 192 3.61 -19.17 8.33
CA ARG A 192 3.35 -20.55 8.75
C ARG A 192 1.89 -20.74 9.13
N LYS A 193 1.26 -21.76 8.54
CA LYS A 193 -0.14 -22.05 8.82
C LYS A 193 -0.29 -23.33 9.65
N ASP A 194 -1.35 -23.41 10.44
CA ASP A 194 -1.61 -24.57 11.28
C ASP A 194 -2.83 -24.34 12.14
N GLU A 195 -4.01 -24.51 11.54
CA GLU A 195 -5.27 -24.33 12.25
C GLU A 195 -5.32 -25.18 13.52
N ASP A 196 -6.38 -25.00 14.31
CA ASP A 196 -6.55 -25.74 15.54
C ASP A 196 -6.74 -27.22 15.27
N GLN A 1 -10.90 -15.79 -9.11
CA GLN A 1 -10.12 -14.88 -8.30
C GLN A 1 -11.03 -14.07 -7.37
N VAL A 2 -11.12 -14.50 -6.12
CA VAL A 2 -11.96 -13.81 -5.15
C VAL A 2 -11.15 -12.73 -4.42
N VAL A 3 -11.56 -11.48 -4.60
CA VAL A 3 -10.87 -10.36 -3.95
C VAL A 3 -11.86 -9.37 -3.36
N HIS A 4 -11.62 -8.96 -2.12
CA HIS A 4 -12.48 -8.00 -1.44
C HIS A 4 -11.84 -6.62 -1.38
N THR A 5 -12.34 -5.71 -2.20
CA THR A 5 -11.81 -4.35 -2.26
C THR A 5 -11.81 -3.70 -0.87
N GLU A 6 -10.98 -2.69 -0.70
CA GLU A 6 -10.89 -1.98 0.57
C GLU A 6 -10.57 -0.50 0.34
N THR A 7 -10.99 0.34 1.29
CA THR A 7 -10.74 1.77 1.19
C THR A 7 -9.71 2.23 2.21
N THR A 8 -8.78 3.08 1.79
CA THR A 8 -7.75 3.59 2.67
C THR A 8 -7.72 5.11 2.63
N GLU A 9 -6.88 5.70 3.48
CA GLU A 9 -6.75 7.15 3.54
C GLU A 9 -5.47 7.62 2.85
N VAL A 10 -5.46 8.88 2.44
CA VAL A 10 -4.29 9.46 1.77
C VAL A 10 -4.17 10.93 2.09
N VAL A 11 -2.92 11.42 2.15
CA VAL A 11 -2.67 12.82 2.45
C VAL A 11 -1.73 13.44 1.41
N LEU A 12 -2.27 14.34 0.59
CA LEU A 12 -1.48 15.00 -0.44
C LEU A 12 -1.11 16.41 0.03
N THR A 13 0.18 16.67 0.15
CA THR A 13 0.66 17.98 0.59
C THR A 13 1.31 18.76 -0.55
N ALA A 14 1.42 20.06 -0.35
CA ALA A 14 2.02 20.94 -1.34
C ALA A 14 3.51 21.15 -1.07
N ASP A 15 4.19 21.81 -1.99
CA ASP A 15 5.61 22.07 -1.85
C ASP A 15 6.05 23.17 -2.81
N PRO A 16 6.94 24.07 -2.37
CA PRO A 16 7.44 25.17 -3.21
C PRO A 16 8.39 24.69 -4.30
N VAL A 17 8.36 23.40 -4.61
CA VAL A 17 9.22 22.83 -5.63
C VAL A 17 8.42 22.00 -6.62
N THR A 18 7.61 21.09 -6.10
CA THR A 18 6.80 20.22 -6.94
C THR A 18 5.57 19.68 -6.20
N GLY A 19 4.99 20.50 -5.33
CA GLY A 19 3.82 20.06 -4.57
C GLY A 19 2.79 19.36 -5.45
N PHE A 20 2.39 18.17 -5.04
CA PHE A 20 1.42 17.39 -5.81
C PHE A 20 1.99 17.03 -7.18
N GLY A 21 2.95 16.12 -7.19
CA GLY A 21 3.58 15.71 -8.42
C GLY A 21 2.79 14.64 -9.16
N ILE A 22 1.50 14.54 -8.87
CA ILE A 22 0.64 13.55 -9.54
C ILE A 22 -0.37 14.21 -10.45
N GLN A 23 -0.49 13.68 -11.67
CA GLN A 23 -1.44 14.20 -12.64
C GLN A 23 -2.69 13.34 -12.61
N LEU A 24 -3.85 13.97 -12.44
CA LEU A 24 -5.10 13.23 -12.38
C LEU A 24 -5.81 13.19 -13.74
N GLN A 25 -6.41 12.04 -14.03
CA GLN A 25 -7.13 11.84 -15.28
C GLN A 25 -8.62 11.67 -15.01
N GLY A 26 -9.42 11.78 -16.06
CA GLY A 26 -10.85 11.63 -15.92
C GLY A 26 -11.27 10.18 -15.75
N SER A 27 -11.95 9.65 -16.77
CA SER A 27 -12.41 8.28 -16.74
C SER A 27 -11.72 7.45 -17.82
N VAL A 28 -10.76 6.62 -17.41
CA VAL A 28 -10.02 5.78 -18.34
C VAL A 28 -10.96 5.07 -19.30
N PHE A 29 -11.59 4.01 -18.80
CA PHE A 29 -12.54 3.22 -19.59
C PHE A 29 -13.44 4.13 -20.43
N ALA A 30 -14.04 5.13 -19.77
CA ALA A 30 -14.91 6.09 -20.43
C ALA A 30 -15.77 5.43 -21.51
N THR A 31 -16.98 5.03 -21.12
CA THR A 31 -17.91 4.39 -22.04
C THR A 31 -19.14 3.94 -21.28
N GLU A 32 -20.27 4.61 -21.54
CA GLU A 32 -21.53 4.30 -20.87
C GLU A 32 -21.32 4.22 -19.36
N THR A 33 -20.44 5.11 -18.88
CA THR A 33 -20.12 5.19 -17.45
C THR A 33 -18.89 6.05 -17.24
N LEU A 34 -18.52 6.25 -15.99
CA LEU A 34 -17.36 7.05 -15.63
C LEU A 34 -17.14 7.02 -14.13
N SER A 35 -17.46 5.89 -13.53
CA SER A 35 -17.33 5.69 -12.08
C SER A 35 -15.89 5.79 -11.57
N SER A 36 -15.07 6.58 -12.24
CA SER A 36 -13.70 6.77 -11.84
C SER A 36 -13.24 8.18 -12.18
N PRO A 37 -13.71 9.18 -11.41
CA PRO A 37 -13.37 10.59 -11.63
C PRO A 37 -11.87 10.88 -11.44
N PRO A 38 -11.30 10.49 -10.28
CA PRO A 38 -9.90 10.73 -9.99
C PRO A 38 -9.01 9.53 -10.30
N LEU A 39 -8.29 9.59 -11.42
CA LEU A 39 -7.42 8.49 -11.81
C LEU A 39 -6.03 8.99 -12.21
N ILE A 40 -5.15 9.17 -11.23
CA ILE A 40 -3.80 9.62 -11.51
C ILE A 40 -3.11 8.64 -12.46
N SER A 41 -2.41 9.17 -13.46
CA SER A 41 -1.73 8.33 -14.44
C SER A 41 -0.22 8.59 -14.46
N TYR A 42 0.24 9.62 -13.75
CA TYR A 42 1.66 9.93 -13.73
C TYR A 42 2.12 10.47 -12.38
N ILE A 43 3.38 10.21 -12.07
CA ILE A 43 4.00 10.66 -10.83
C ILE A 43 5.23 11.50 -11.14
N GLU A 44 5.58 12.42 -10.26
CA GLU A 44 6.74 13.28 -10.47
C GLU A 44 7.90 12.83 -9.60
N ALA A 45 8.91 12.22 -10.22
CA ALA A 45 10.08 11.76 -9.51
C ALA A 45 10.85 12.92 -8.89
N ASP A 46 10.92 12.93 -7.57
CA ASP A 46 11.61 13.99 -6.82
C ASP A 46 10.63 15.06 -6.38
N SER A 47 9.50 14.62 -5.84
CA SER A 47 8.46 15.54 -5.37
C SER A 47 7.87 15.01 -4.06
N PRO A 48 6.81 15.65 -3.54
CA PRO A 48 6.19 15.23 -2.29
C PRO A 48 4.98 14.31 -2.48
N ALA A 49 4.57 14.11 -3.73
CA ALA A 49 3.41 13.26 -4.01
C ALA A 49 3.73 11.79 -3.86
N GLU A 50 4.71 11.31 -4.60
CA GLU A 50 5.11 9.90 -4.54
C GLU A 50 5.95 9.65 -3.30
N ARG A 51 6.65 10.68 -2.84
CA ARG A 51 7.49 10.56 -1.67
C ARG A 51 6.77 10.98 -0.39
N CYS A 52 5.55 11.53 -0.54
CA CYS A 52 4.76 11.96 0.61
C CYS A 52 4.83 10.94 1.75
N GLY A 53 4.76 9.66 1.39
CA GLY A 53 4.81 8.61 2.38
C GLY A 53 4.09 7.35 1.93
N VAL A 54 3.15 7.50 1.00
CA VAL A 54 2.39 6.37 0.50
C VAL A 54 1.51 6.78 -0.68
N LEU A 55 2.10 6.84 -1.87
CA LEU A 55 1.37 7.23 -3.07
C LEU A 55 1.68 6.29 -4.23
N GLN A 56 0.78 6.26 -5.21
CA GLN A 56 0.97 5.40 -6.37
C GLN A 56 0.04 5.84 -7.50
N ILE A 57 0.53 5.75 -8.74
CA ILE A 57 -0.24 6.13 -9.91
C ILE A 57 -1.57 5.38 -9.94
N GLY A 58 -2.65 6.12 -10.18
CA GLY A 58 -3.96 5.51 -10.23
C GLY A 58 -4.51 5.21 -8.84
N ASP A 59 -4.33 6.16 -7.92
CA ASP A 59 -4.78 5.99 -6.55
C ASP A 59 -6.28 5.68 -6.50
N ARG A 60 -7.06 6.39 -7.31
CA ARG A 60 -8.51 6.19 -7.35
C ARG A 60 -9.17 6.80 -6.12
N VAL A 61 -9.23 8.13 -6.08
CA VAL A 61 -9.85 8.83 -4.97
C VAL A 61 -11.36 8.67 -4.97
N MET A 62 -11.96 8.76 -3.78
CA MET A 62 -13.40 8.63 -3.63
C MET A 62 -14.00 9.89 -3.01
N ALA A 63 -13.20 10.58 -2.20
CA ALA A 63 -13.66 11.80 -1.54
C ALA A 63 -12.47 12.72 -1.20
N ILE A 64 -12.63 13.99 -1.49
CA ILE A 64 -11.58 14.97 -1.22
C ILE A 64 -12.03 15.97 -0.16
N ASN A 65 -11.43 15.87 1.02
CA ASN A 65 -11.77 16.78 2.13
C ASN A 65 -13.28 16.78 2.38
N GLY A 66 -13.95 15.71 1.99
CA GLY A 66 -15.39 15.61 2.18
C GLY A 66 -16.15 15.54 0.87
N ILE A 67 -15.66 16.25 -0.14
CA ILE A 67 -16.29 16.27 -1.44
C ILE A 67 -16.27 14.90 -2.10
N PRO A 68 -17.45 14.30 -2.36
CA PRO A 68 -17.54 12.98 -2.99
C PRO A 68 -17.02 12.99 -4.41
N THR A 69 -16.91 11.80 -5.01
CA THR A 69 -16.42 11.67 -6.38
C THR A 69 -17.15 10.54 -7.11
N GLU A 70 -17.28 9.40 -6.44
CA GLU A 70 -17.95 8.24 -7.01
C GLU A 70 -19.42 8.53 -7.32
N ASP A 71 -19.93 9.61 -6.72
CA ASP A 71 -21.33 9.99 -6.92
C ASP A 71 -21.44 11.47 -7.29
N SER A 72 -20.69 11.88 -8.32
CA SER A 72 -20.71 13.25 -8.77
C SER A 72 -19.82 13.44 -9.99
N THR A 73 -19.96 14.59 -10.66
CA THR A 73 -19.17 14.89 -11.84
C THR A 73 -17.67 14.87 -11.52
N PHE A 74 -16.88 14.33 -12.44
CA PHE A 74 -15.44 14.26 -12.25
C PHE A 74 -14.79 15.62 -12.42
N GLU A 75 -15.40 16.45 -13.25
CA GLU A 75 -14.88 17.79 -13.53
C GLU A 75 -14.68 18.58 -12.24
N GLU A 76 -15.65 18.50 -11.33
CA GLU A 76 -15.56 19.23 -10.07
C GLU A 76 -14.35 18.75 -9.27
N ALA A 77 -14.07 17.45 -9.33
CA ALA A 77 -12.94 16.89 -8.62
C ALA A 77 -11.64 17.44 -9.17
N ASN A 78 -11.63 17.68 -10.47
CA ASN A 78 -10.46 18.22 -11.14
C ASN A 78 -10.18 19.65 -10.67
N GLN A 79 -11.25 20.42 -10.50
CA GLN A 79 -11.13 21.80 -10.04
C GLN A 79 -10.54 21.87 -8.63
N LEU A 80 -11.20 21.19 -7.70
CA LEU A 80 -10.76 21.18 -6.31
C LEU A 80 -9.29 20.79 -6.18
N LEU A 81 -8.87 19.77 -6.93
CA LEU A 81 -7.48 19.32 -6.89
C LEU A 81 -6.52 20.44 -7.29
N ARG A 82 -6.68 20.95 -8.51
CA ARG A 82 -5.83 22.03 -8.98
C ARG A 82 -5.80 23.15 -7.95
N ASP A 83 -6.91 23.27 -7.23
CA ASP A 83 -7.05 24.27 -6.19
C ASP A 83 -7.13 23.64 -4.80
N SER A 84 -6.43 22.53 -4.63
CA SER A 84 -6.42 21.84 -3.34
C SER A 84 -5.10 22.08 -2.60
N SER A 85 -4.40 23.15 -2.97
CA SER A 85 -3.12 23.47 -2.33
C SER A 85 -3.21 24.72 -1.47
N ILE A 86 -4.43 25.10 -1.10
CA ILE A 86 -4.64 26.27 -0.28
C ILE A 86 -4.13 26.04 1.13
N THR A 87 -4.50 24.90 1.67
CA THR A 87 -4.08 24.51 3.01
C THR A 87 -2.76 23.76 2.98
N SER A 88 -2.14 23.70 1.80
CA SER A 88 -0.86 23.00 1.63
C SER A 88 -0.99 21.54 2.01
N LYS A 89 -2.20 21.00 1.89
CA LYS A 89 -2.46 19.61 2.22
C LYS A 89 -3.88 19.20 1.85
N VAL A 90 -4.08 17.91 1.58
CA VAL A 90 -5.39 17.39 1.22
C VAL A 90 -5.55 15.95 1.68
N THR A 91 -6.76 15.58 2.06
CA THR A 91 -7.03 14.22 2.52
C THR A 91 -8.00 13.53 1.56
N LEU A 92 -7.59 12.37 1.04
CA LEU A 92 -8.42 11.63 0.10
C LEU A 92 -8.53 10.16 0.50
N GLU A 93 -9.61 9.54 0.07
CA GLU A 93 -9.85 8.12 0.34
C GLU A 93 -9.87 7.33 -0.95
N ILE A 94 -9.01 6.33 -1.05
CA ILE A 94 -8.93 5.51 -2.26
C ILE A 94 -9.35 4.07 -2.00
N GLU A 95 -9.92 3.44 -3.02
CA GLU A 95 -10.36 2.05 -2.93
C GLU A 95 -9.61 1.19 -3.94
N PHE A 96 -9.33 -0.05 -3.55
CA PHE A 96 -8.59 -0.97 -4.42
C PHE A 96 -8.80 -2.42 -4.00
N ASP A 97 -8.27 -3.34 -4.79
CA ASP A 97 -8.37 -4.77 -4.50
C ASP A 97 -7.11 -5.26 -3.79
N VAL A 98 -7.28 -6.23 -2.90
CA VAL A 98 -6.16 -6.77 -2.15
C VAL A 98 -5.67 -8.09 -2.77
N ALA A 99 -4.51 -8.04 -3.41
CA ALA A 99 -3.93 -9.22 -4.05
C ALA A 99 -2.63 -8.87 -4.77
N GLU A 100 -1.55 -9.58 -4.42
CA GLU A 100 -0.25 -9.33 -5.03
C GLU A 100 0.36 -10.62 -5.59
N SER A 101 -0.44 -11.69 -5.65
CA SER A 101 0.01 -12.98 -6.16
C SER A 101 0.72 -13.79 -5.09
N VAL A 102 -0.06 -14.34 -4.18
CA VAL A 102 0.44 -15.15 -3.10
C VAL A 102 0.33 -16.62 -3.46
N ILE A 103 1.25 -17.44 -2.98
CA ILE A 103 1.23 -18.86 -3.27
C ILE A 103 1.28 -19.69 -1.99
N PRO A 104 0.09 -20.05 -1.44
CA PRO A 104 -0.02 -20.81 -0.21
C PRO A 104 -0.17 -22.30 -0.46
N SER A 105 -0.58 -23.03 0.59
CA SER A 105 -0.78 -24.47 0.50
C SER A 105 -1.19 -25.03 1.86
N SER A 106 -0.27 -24.96 2.82
CA SER A 106 -0.53 -25.45 4.17
C SER A 106 0.77 -25.49 4.96
N GLY A 107 0.84 -24.69 6.02
CA GLY A 107 2.03 -24.64 6.83
C GLY A 107 2.95 -23.52 6.38
N THR A 108 3.06 -23.35 5.07
CA THR A 108 3.90 -22.30 4.50
C THR A 108 3.11 -21.47 3.49
N PHE A 109 2.73 -20.26 3.91
CA PHE A 109 1.98 -19.36 3.04
C PHE A 109 2.92 -18.31 2.46
N HIS A 110 3.08 -18.32 1.14
CA HIS A 110 3.98 -17.36 0.50
C HIS A 110 3.23 -16.10 0.08
N VAL A 111 3.83 -14.96 0.38
CA VAL A 111 3.24 -13.68 0.02
C VAL A 111 4.16 -12.94 -0.95
N LYS A 112 4.05 -13.29 -2.22
CA LYS A 112 4.88 -12.66 -3.26
C LYS A 112 4.30 -11.32 -3.67
N LEU A 113 4.89 -10.24 -3.19
CA LEU A 113 4.42 -8.90 -3.51
C LEU A 113 5.56 -8.02 -3.99
N PRO A 114 5.28 -7.13 -4.96
CA PRO A 114 6.29 -6.21 -5.51
C PRO A 114 6.65 -5.10 -4.53
N LYS A 115 7.95 -4.83 -4.40
CA LYS A 115 8.41 -3.79 -3.49
C LYS A 115 8.92 -2.57 -4.26
N LYS A 116 8.96 -1.44 -3.57
CA LYS A 116 9.39 -0.19 -4.19
C LYS A 116 10.79 0.21 -3.71
N HIS A 117 11.20 1.43 -4.07
CA HIS A 117 12.51 1.94 -3.68
C HIS A 117 12.59 2.16 -2.18
N SER A 118 11.97 3.24 -1.70
CA SER A 118 11.99 3.55 -0.27
C SER A 118 10.72 4.29 0.15
N VAL A 119 9.61 3.57 0.18
CA VAL A 119 8.32 4.15 0.58
C VAL A 119 7.73 3.39 1.76
N GLU A 120 6.82 4.03 2.48
CA GLU A 120 6.19 3.42 3.64
C GLU A 120 5.63 2.04 3.29
N LEU A 121 6.33 0.99 3.73
CA LEU A 121 5.90 -0.38 3.46
C LEU A 121 4.54 -0.65 4.11
N GLY A 122 4.39 -0.23 5.36
CA GLY A 122 3.14 -0.43 6.07
C GLY A 122 3.13 -1.70 6.90
N ILE A 123 4.24 -2.43 6.88
CA ILE A 123 4.34 -3.66 7.65
C ILE A 123 5.29 -3.49 8.84
N THR A 124 4.93 -4.09 9.96
CA THR A 124 5.75 -4.01 11.17
C THR A 124 6.06 -5.41 11.69
N ILE A 125 7.32 -5.65 12.00
CA ILE A 125 7.75 -6.95 12.51
C ILE A 125 7.86 -6.93 14.02
N SER A 126 7.90 -8.11 14.63
CA SER A 126 8.00 -8.22 16.08
C SER A 126 8.53 -9.59 16.48
N SER A 127 9.25 -9.64 17.59
CA SER A 127 9.80 -10.89 18.09
C SER A 127 9.13 -11.32 19.40
N PRO A 128 8.72 -12.59 19.51
CA PRO A 128 8.06 -13.11 20.71
C PRO A 128 8.95 -13.03 21.94
N SER A 129 10.10 -13.68 21.88
CA SER A 129 11.05 -13.69 22.99
C SER A 129 12.41 -14.20 22.55
N SER A 130 13.33 -14.31 23.50
CA SER A 130 14.67 -14.80 23.21
C SER A 130 14.95 -16.09 23.98
N ARG A 131 13.91 -16.86 24.25
CA ARG A 131 14.05 -18.12 24.97
C ARG A 131 13.75 -19.30 24.06
N LYS A 132 14.27 -19.25 22.85
CA LYS A 132 14.07 -20.31 21.87
C LYS A 132 15.28 -20.45 20.94
N PRO A 133 15.55 -21.67 20.45
CA PRO A 133 16.68 -21.92 19.56
C PRO A 133 16.69 -20.98 18.36
N GLY A 134 15.51 -20.49 17.99
CA GLY A 134 15.39 -19.59 16.86
C GLY A 134 13.96 -19.35 16.45
N ASP A 135 13.14 -18.90 17.41
CA ASP A 135 11.73 -18.63 17.15
C ASP A 135 11.55 -17.73 15.92
N PRO A 136 10.47 -17.95 15.16
CA PRO A 136 10.18 -17.17 13.96
C PRO A 136 9.71 -15.75 14.28
N LEU A 137 9.53 -14.94 13.24
CA LEU A 137 9.07 -13.56 13.42
C LEU A 137 7.56 -13.49 13.33
N VAL A 138 6.99 -12.33 13.67
CA VAL A 138 5.55 -12.15 13.61
C VAL A 138 5.18 -10.70 13.34
N ILE A 139 4.05 -10.50 12.67
CA ILE A 139 3.58 -9.16 12.35
C ILE A 139 3.17 -8.42 13.61
N SER A 140 3.38 -7.09 13.62
CA SER A 140 3.04 -6.28 14.78
C SER A 140 2.23 -5.05 14.39
N ASP A 141 2.10 -4.78 13.09
CA ASP A 141 1.36 -3.63 12.63
C ASP A 141 1.22 -3.63 11.11
N ILE A 142 0.06 -3.18 10.64
CA ILE A 142 -0.22 -3.12 9.21
C ILE A 142 -0.81 -1.76 8.84
N LYS A 143 -0.54 -1.31 7.61
CA LYS A 143 -1.05 -0.02 7.14
C LYS A 143 -1.85 -0.19 5.86
N LYS A 144 -2.92 0.58 5.74
CA LYS A 144 -3.77 0.54 4.55
C LYS A 144 -3.15 1.36 3.42
N GLY A 145 -3.45 0.98 2.18
CA GLY A 145 -2.91 1.69 1.04
C GLY A 145 -1.54 1.19 0.63
N SER A 146 -0.88 0.45 1.51
CA SER A 146 0.45 -0.08 1.22
C SER A 146 0.36 -1.52 0.71
N VAL A 147 1.14 -1.83 -0.33
CA VAL A 147 1.15 -3.16 -0.93
C VAL A 147 1.29 -4.26 0.12
N ALA A 148 1.82 -3.92 1.29
CA ALA A 148 1.99 -4.89 2.36
C ALA A 148 0.68 -5.56 2.72
N HIS A 149 -0.35 -4.75 2.93
CA HIS A 149 -1.67 -5.27 3.28
C HIS A 149 -2.45 -5.66 2.03
N ARG A 150 -2.14 -5.02 0.91
CA ARG A 150 -2.81 -5.31 -0.36
C ARG A 150 -2.70 -6.79 -0.71
N THR A 151 -1.47 -7.32 -0.66
CA THR A 151 -1.22 -8.72 -0.97
C THR A 151 -2.12 -9.63 -0.15
N GLY A 152 -2.57 -9.14 1.01
CA GLY A 152 -3.43 -9.93 1.87
C GLY A 152 -2.67 -10.99 2.65
N THR A 153 -3.39 -11.97 3.18
CA THR A 153 -2.80 -13.06 3.95
C THR A 153 -1.77 -12.51 4.95
N LEU A 154 -2.02 -11.31 5.45
CA LEU A 154 -1.12 -10.69 6.41
C LEU A 154 -1.89 -10.11 7.59
N GLU A 155 -1.95 -10.86 8.68
CA GLU A 155 -2.66 -10.42 9.87
C GLU A 155 -1.86 -10.75 11.14
N LEU A 156 -2.02 -9.92 12.16
CA LEU A 156 -1.32 -10.12 13.43
C LEU A 156 -1.61 -11.51 14.00
N GLY A 157 -0.58 -12.16 14.53
CA GLY A 157 -0.74 -13.48 15.09
C GLY A 157 -0.11 -14.56 14.26
N ASP A 158 0.18 -14.25 12.99
CA ASP A 158 0.79 -15.21 12.08
C ASP A 158 2.27 -15.40 12.41
N LYS A 159 2.88 -16.44 11.85
CA LYS A 159 4.30 -16.71 12.09
C LYS A 159 5.10 -16.63 10.80
N LEU A 160 6.10 -15.76 10.78
CA LEU A 160 6.96 -15.59 9.61
C LEU A 160 8.05 -16.67 9.57
N LEU A 161 8.30 -17.19 8.38
CA LEU A 161 9.32 -18.23 8.20
C LEU A 161 10.45 -17.73 7.32
N ALA A 162 10.15 -17.49 6.04
CA ALA A 162 11.15 -17.01 5.09
C ALA A 162 10.74 -15.68 4.49
N ILE A 163 11.72 -14.97 3.91
CA ILE A 163 11.46 -13.68 3.29
C ILE A 163 12.25 -13.53 1.98
N ASP A 164 11.53 -13.64 0.86
CA ASP A 164 12.16 -13.52 -0.45
C ASP A 164 13.18 -14.64 -0.69
N ASN A 165 14.30 -14.56 -0.01
CA ASN A 165 15.35 -15.56 -0.15
C ASN A 165 15.99 -15.94 1.19
N ILE A 166 15.88 -15.06 2.18
CA ILE A 166 16.45 -15.33 3.50
C ILE A 166 15.41 -15.93 4.43
N ARG A 167 15.84 -16.92 5.20
CA ARG A 167 14.94 -17.59 6.14
C ARG A 167 15.16 -17.12 7.57
N LEU A 168 14.11 -16.57 8.16
CA LEU A 168 14.16 -16.10 9.54
C LEU A 168 14.21 -17.27 10.49
N ASP A 169 13.89 -18.45 9.96
CA ASP A 169 13.90 -19.67 10.75
C ASP A 169 15.15 -19.74 11.63
N SER A 170 16.23 -19.13 11.16
CA SER A 170 17.48 -19.09 11.90
C SER A 170 18.01 -17.66 12.05
N CYS A 171 17.33 -16.69 11.43
CA CYS A 171 17.75 -15.30 11.52
C CYS A 171 17.01 -14.57 12.62
N SER A 172 17.67 -13.59 13.23
CA SER A 172 17.07 -12.81 14.31
C SER A 172 15.97 -11.90 13.78
N MET A 173 15.40 -11.10 14.67
CA MET A 173 14.32 -10.17 14.29
C MET A 173 14.85 -9.08 13.38
N GLU A 174 15.84 -8.34 13.86
CA GLU A 174 16.44 -7.25 13.08
C GLU A 174 16.91 -7.76 11.73
N ASP A 175 17.34 -9.01 11.71
CA ASP A 175 17.82 -9.64 10.49
C ASP A 175 16.70 -9.67 9.46
N ALA A 176 15.53 -10.14 9.89
CA ALA A 176 14.37 -10.23 9.02
C ALA A 176 14.05 -8.86 8.44
N VAL A 177 14.14 -7.83 9.28
CA VAL A 177 13.88 -6.47 8.84
C VAL A 177 14.89 -6.06 7.77
N GLN A 178 16.09 -6.59 7.89
CA GLN A 178 17.15 -6.31 6.93
C GLN A 178 16.77 -6.83 5.57
N ILE A 179 16.28 -8.07 5.54
CA ILE A 179 15.85 -8.68 4.29
C ILE A 179 14.58 -8.00 3.79
N LEU A 180 13.86 -7.39 4.74
CA LEU A 180 12.62 -6.69 4.42
C LEU A 180 12.88 -5.42 3.60
N GLN A 181 13.99 -4.75 3.90
CA GLN A 181 14.35 -3.52 3.22
C GLN A 181 15.19 -3.79 1.98
N GLN A 182 16.23 -4.60 2.14
CA GLN A 182 17.10 -4.94 1.03
C GLN A 182 16.32 -5.59 -0.10
N CYS A 183 15.11 -6.05 0.20
CA CYS A 183 14.27 -6.69 -0.81
C CYS A 183 13.40 -5.65 -1.53
N GLU A 184 13.95 -4.45 -1.68
CA GLU A 184 13.25 -3.34 -2.34
C GLU A 184 13.03 -3.64 -3.81
N ASP A 185 12.22 -4.64 -4.07
CA ASP A 185 11.90 -5.03 -5.44
C ASP A 185 10.81 -6.09 -5.48
N LEU A 186 10.74 -6.90 -4.43
CA LEU A 186 9.76 -7.96 -4.33
C LEU A 186 10.07 -8.83 -3.12
N VAL A 187 9.21 -8.77 -2.12
CA VAL A 187 9.40 -9.55 -0.90
C VAL A 187 8.38 -10.68 -0.80
N LYS A 188 8.87 -11.90 -0.57
CA LYS A 188 8.01 -13.05 -0.45
C LYS A 188 7.97 -13.51 1.01
N LEU A 189 6.84 -13.27 1.67
CA LEU A 189 6.69 -13.64 3.08
C LEU A 189 6.12 -15.05 3.22
N LYS A 190 6.89 -15.92 3.88
CA LYS A 190 6.48 -17.29 4.10
C LYS A 190 5.90 -17.43 5.50
N ILE A 191 4.59 -17.30 5.62
CA ILE A 191 3.90 -17.40 6.90
C ILE A 191 3.65 -18.85 7.29
N ARG A 192 3.36 -19.07 8.57
CA ARG A 192 3.10 -20.41 9.08
C ARG A 192 1.61 -20.62 9.35
N LYS A 193 1.00 -21.57 8.64
CA LYS A 193 -0.42 -21.85 8.81
C LYS A 193 -0.66 -23.34 9.03
N ASP A 194 -1.14 -23.70 10.21
CA ASP A 194 -1.41 -25.09 10.54
C ASP A 194 -2.82 -25.50 10.13
N GLU A 195 -3.21 -25.08 8.93
CA GLU A 195 -4.52 -25.39 8.40
C GLU A 195 -4.43 -26.06 7.04
N ASP A 196 -5.50 -26.79 6.71
CA ASP A 196 -5.60 -27.51 5.44
C ASP A 196 -6.79 -28.46 5.49
N GLN A 1 -8.48 -18.03 -2.15
CA GLN A 1 -8.19 -16.61 -2.27
C GLN A 1 -9.44 -15.79 -1.96
N VAL A 2 -9.25 -14.51 -1.63
CA VAL A 2 -10.35 -13.62 -1.32
C VAL A 2 -10.03 -12.18 -1.68
N VAL A 3 -10.78 -11.62 -2.62
CA VAL A 3 -10.56 -10.25 -3.06
C VAL A 3 -11.76 -9.37 -2.73
N HIS A 4 -11.70 -8.68 -1.60
CA HIS A 4 -12.78 -7.81 -1.17
C HIS A 4 -12.34 -6.36 -1.16
N THR A 5 -12.92 -5.56 -2.06
CA THR A 5 -12.58 -4.14 -2.16
C THR A 5 -12.68 -3.45 -0.79
N GLU A 6 -11.74 -2.56 -0.52
CA GLU A 6 -11.72 -1.84 0.75
C GLU A 6 -11.44 -0.35 0.52
N THR A 7 -11.78 0.46 1.51
CA THR A 7 -11.57 1.90 1.43
C THR A 7 -10.47 2.34 2.39
N THR A 8 -9.58 3.21 1.92
CA THR A 8 -8.49 3.70 2.75
C THR A 8 -8.37 5.22 2.64
N GLU A 9 -7.55 5.81 3.50
CA GLU A 9 -7.35 7.25 3.50
C GLU A 9 -6.03 7.62 2.82
N VAL A 10 -5.92 8.87 2.41
CA VAL A 10 -4.71 9.34 1.75
C VAL A 10 -4.46 10.81 2.08
N VAL A 11 -3.18 11.19 2.13
CA VAL A 11 -2.81 12.56 2.43
C VAL A 11 -1.85 13.10 1.36
N LEU A 12 -2.35 14.04 0.56
CA LEU A 12 -1.55 14.65 -0.49
C LEU A 12 -1.16 16.07 -0.11
N THR A 13 0.15 16.32 -0.05
CA THR A 13 0.64 17.64 0.30
C THR A 13 1.35 18.30 -0.87
N ALA A 14 1.48 19.62 -0.79
CA ALA A 14 2.14 20.39 -1.83
C ALA A 14 3.64 20.52 -1.54
N ASP A 15 4.47 20.26 -2.55
CA ASP A 15 5.91 20.34 -2.39
C ASP A 15 6.43 21.63 -3.01
N PRO A 16 7.52 22.19 -2.46
CA PRO A 16 8.12 23.43 -2.96
C PRO A 16 9.01 23.19 -4.18
N VAL A 17 8.89 22.01 -4.78
CA VAL A 17 9.70 21.67 -5.94
C VAL A 17 8.83 21.40 -7.17
N THR A 18 7.80 20.56 -6.99
CA THR A 18 6.91 20.20 -8.08
C THR A 18 5.44 20.40 -7.73
N GLY A 19 5.14 20.49 -6.44
CA GLY A 19 3.76 20.67 -6.02
C GLY A 19 2.93 19.41 -6.22
N PHE A 20 3.14 18.42 -5.34
CA PHE A 20 2.43 17.14 -5.40
C PHE A 20 3.10 16.19 -6.39
N GLY A 21 3.79 16.75 -7.37
CA GLY A 21 4.50 15.94 -8.36
C GLY A 21 3.61 15.00 -9.14
N ILE A 22 2.30 15.20 -9.10
CA ILE A 22 1.40 14.32 -9.84
C ILE A 22 0.34 15.10 -10.62
N GLN A 23 0.01 14.57 -11.79
CA GLN A 23 -1.00 15.17 -12.65
C GLN A 23 -2.26 14.31 -12.60
N LEU A 24 -3.41 14.92 -12.33
CA LEU A 24 -4.65 14.16 -12.24
C LEU A 24 -5.43 14.17 -13.55
N GLN A 25 -5.57 12.98 -14.12
CA GLN A 25 -6.29 12.83 -15.38
C GLN A 25 -7.78 13.06 -15.16
N GLY A 26 -8.48 13.41 -16.23
CA GLY A 26 -9.91 13.65 -16.13
C GLY A 26 -10.72 12.54 -16.76
N SER A 27 -11.35 11.73 -15.92
CA SER A 27 -12.15 10.62 -16.39
C SER A 27 -11.33 9.76 -17.36
N VAL A 28 -12.01 8.82 -18.02
CA VAL A 28 -11.33 7.94 -18.95
C VAL A 28 -12.23 7.60 -20.14
N PHE A 29 -12.91 6.46 -20.07
CA PHE A 29 -13.79 6.02 -21.14
C PHE A 29 -14.68 7.14 -21.63
N ALA A 30 -15.36 7.79 -20.69
CA ALA A 30 -16.26 8.90 -21.02
C ALA A 30 -17.14 8.57 -22.23
N THR A 31 -18.18 7.79 -21.97
CA THR A 31 -19.11 7.38 -23.02
C THR A 31 -20.48 7.07 -22.44
N GLU A 32 -21.38 8.05 -22.49
CA GLU A 32 -22.74 7.89 -21.99
C GLU A 32 -22.75 7.42 -20.53
N THR A 33 -23.32 8.25 -19.65
CA THR A 33 -23.42 7.93 -18.23
C THR A 33 -22.10 8.09 -17.49
N LEU A 34 -21.01 8.25 -18.24
CA LEU A 34 -19.67 8.42 -17.66
C LEU A 34 -19.52 7.62 -16.36
N SER A 35 -19.05 8.28 -15.31
CA SER A 35 -18.83 7.66 -14.01
C SER A 35 -17.34 7.43 -13.79
N SER A 36 -16.54 7.89 -14.74
CA SER A 36 -15.11 7.77 -14.67
C SER A 36 -14.55 8.80 -13.68
N PRO A 37 -14.04 8.36 -12.51
CA PRO A 37 -13.49 9.26 -11.51
C PRO A 37 -12.08 9.73 -11.84
N PRO A 38 -11.64 10.85 -11.22
CA PRO A 38 -10.29 11.39 -11.44
C PRO A 38 -9.22 10.35 -11.21
N LEU A 39 -8.12 10.43 -11.95
CA LEU A 39 -7.04 9.46 -11.79
C LEU A 39 -5.70 10.02 -12.27
N ILE A 40 -4.71 9.99 -11.38
CA ILE A 40 -3.38 10.49 -11.70
C ILE A 40 -2.77 9.70 -12.85
N SER A 41 -2.26 10.42 -13.85
CA SER A 41 -1.65 9.78 -15.01
C SER A 41 -0.14 9.98 -15.02
N TYR A 42 0.42 10.47 -13.92
CA TYR A 42 1.86 10.70 -13.83
C TYR A 42 2.30 10.96 -12.39
N ILE A 43 3.38 10.30 -11.98
CA ILE A 43 3.93 10.46 -10.64
C ILE A 43 5.38 10.95 -10.71
N GLU A 44 5.75 11.84 -9.80
CA GLU A 44 7.12 12.37 -9.77
C GLU A 44 7.99 11.58 -8.80
N ALA A 45 9.30 11.59 -9.04
CA ALA A 45 10.23 10.87 -8.19
C ALA A 45 10.81 11.78 -7.12
N ASP A 46 9.95 12.57 -6.50
CA ASP A 46 10.36 13.49 -5.44
C ASP A 46 9.20 14.37 -5.01
N SER A 47 8.04 13.77 -4.81
CA SER A 47 6.86 14.51 -4.39
C SER A 47 6.09 13.75 -3.31
N PRO A 48 5.55 14.47 -2.31
CA PRO A 48 4.80 13.86 -1.21
C PRO A 48 3.60 13.04 -1.69
N ALA A 49 3.24 13.17 -2.96
CA ALA A 49 2.11 12.44 -3.51
C ALA A 49 2.41 10.95 -3.53
N GLU A 50 3.48 10.58 -4.21
CA GLU A 50 3.88 9.19 -4.29
C GLU A 50 4.61 8.78 -3.02
N ARG A 51 5.29 9.75 -2.41
CA ARG A 51 6.02 9.51 -1.17
C ARG A 51 5.06 9.31 0.00
N CYS A 52 3.81 9.75 -0.18
CA CYS A 52 2.80 9.60 0.87
C CYS A 52 2.79 8.19 1.42
N GLY A 53 2.73 7.21 0.53
CA GLY A 53 2.73 5.81 0.96
C GLY A 53 1.58 5.00 0.39
N VAL A 54 0.69 5.66 -0.35
CA VAL A 54 -0.46 4.97 -0.94
C VAL A 54 -0.94 5.66 -2.22
N LEU A 55 0.00 5.96 -3.11
CA LEU A 55 -0.34 6.62 -4.36
C LEU A 55 0.39 5.97 -5.54
N GLN A 56 -0.31 5.88 -6.67
CA GLN A 56 0.27 5.29 -7.87
C GLN A 56 -0.18 6.05 -9.11
N ILE A 57 0.20 5.55 -10.28
CA ILE A 57 -0.16 6.17 -11.53
C ILE A 57 -1.65 6.04 -11.81
N GLY A 58 -2.46 6.70 -11.00
CA GLY A 58 -3.90 6.64 -11.17
C GLY A 58 -4.63 6.17 -9.93
N ASP A 59 -4.67 7.04 -8.91
CA ASP A 59 -5.34 6.70 -7.67
C ASP A 59 -6.76 7.26 -7.63
N ARG A 60 -7.75 6.37 -7.69
CA ARG A 60 -9.14 6.78 -7.67
C ARG A 60 -9.54 7.36 -6.32
N VAL A 61 -10.39 8.37 -6.33
CA VAL A 61 -10.84 9.00 -5.10
C VAL A 61 -12.37 9.03 -5.01
N MET A 62 -12.90 8.66 -3.86
CA MET A 62 -14.34 8.65 -3.65
C MET A 62 -14.80 9.92 -2.94
N ALA A 63 -13.89 10.54 -2.20
CA ALA A 63 -14.20 11.77 -1.47
C ALA A 63 -12.94 12.60 -1.25
N ILE A 64 -13.04 13.90 -1.52
CA ILE A 64 -11.92 14.81 -1.34
C ILE A 64 -12.28 15.95 -0.38
N ASN A 65 -11.62 15.98 0.77
CA ASN A 65 -11.87 17.00 1.77
C ASN A 65 -13.36 17.08 2.11
N GLY A 66 -14.07 15.97 1.89
CA GLY A 66 -15.49 15.93 2.20
C GLY A 66 -16.34 15.94 0.94
N ILE A 67 -15.82 16.53 -0.12
CA ILE A 67 -16.53 16.61 -1.38
C ILE A 67 -16.64 15.23 -2.05
N PRO A 68 -17.85 14.84 -2.50
CA PRO A 68 -18.07 13.55 -3.16
C PRO A 68 -17.20 13.40 -4.40
N THR A 69 -17.61 12.51 -5.31
CA THR A 69 -16.88 12.28 -6.55
C THR A 69 -17.77 11.66 -7.61
N GLU A 70 -18.20 10.42 -7.38
CA GLU A 70 -19.06 9.72 -8.32
C GLU A 70 -20.46 10.31 -8.35
N ASP A 71 -20.76 11.18 -7.39
CA ASP A 71 -22.06 11.82 -7.31
C ASP A 71 -21.99 13.24 -7.87
N SER A 72 -21.29 13.38 -9.00
CA SER A 72 -21.15 14.67 -9.65
C SER A 72 -20.22 14.57 -10.85
N THR A 73 -20.06 15.69 -11.57
CA THR A 73 -19.19 15.71 -12.74
C THR A 73 -17.73 15.62 -12.34
N PHE A 74 -17.04 14.60 -12.84
CA PHE A 74 -15.63 14.39 -12.52
C PHE A 74 -14.83 15.67 -12.72
N GLU A 75 -15.29 16.52 -13.63
CA GLU A 75 -14.61 17.78 -13.93
C GLU A 75 -14.41 18.61 -12.66
N GLU A 76 -15.39 18.56 -11.76
CA GLU A 76 -15.30 19.32 -10.52
C GLU A 76 -14.11 18.85 -9.69
N ALA A 77 -13.89 17.55 -9.65
CA ALA A 77 -12.76 16.99 -8.91
C ALA A 77 -11.46 17.49 -9.51
N ASN A 78 -11.45 17.58 -10.83
CA ASN A 78 -10.29 18.06 -11.55
C ASN A 78 -9.96 19.48 -11.14
N GLN A 79 -11.00 20.31 -10.99
CA GLN A 79 -10.82 21.70 -10.59
C GLN A 79 -10.20 21.80 -9.20
N LEU A 80 -10.85 21.18 -8.22
CA LEU A 80 -10.34 21.20 -6.85
C LEU A 80 -8.90 20.72 -6.79
N LEU A 81 -8.54 19.83 -7.71
CA LEU A 81 -7.18 19.31 -7.77
C LEU A 81 -6.25 20.34 -8.38
N ARG A 82 -6.67 20.91 -9.51
CA ARG A 82 -5.86 21.94 -10.18
C ARG A 82 -5.44 23.00 -9.17
N ASP A 83 -6.30 23.20 -8.17
CA ASP A 83 -6.04 24.17 -7.11
C ASP A 83 -6.02 23.49 -5.76
N SER A 84 -5.46 22.28 -5.73
CA SER A 84 -5.38 21.51 -4.50
C SER A 84 -4.04 21.75 -3.79
N SER A 85 -3.53 22.98 -3.89
CA SER A 85 -2.26 23.33 -3.26
C SER A 85 -2.36 24.62 -2.48
N ILE A 86 -3.58 25.09 -2.27
CA ILE A 86 -3.82 26.30 -1.53
C ILE A 86 -3.47 26.11 -0.07
N THR A 87 -3.95 25.00 0.46
CA THR A 87 -3.72 24.64 1.85
C THR A 87 -2.47 23.77 1.98
N SER A 88 -1.84 23.46 0.85
CA SER A 88 -0.63 22.65 0.81
C SER A 88 -0.91 21.25 1.35
N LYS A 89 -2.17 20.81 1.26
CA LYS A 89 -2.55 19.50 1.74
C LYS A 89 -3.95 19.13 1.24
N VAL A 90 -4.20 17.82 1.13
CA VAL A 90 -5.48 17.32 0.67
C VAL A 90 -5.73 15.90 1.21
N THR A 91 -6.95 15.65 1.65
CA THR A 91 -7.30 14.34 2.18
C THR A 91 -8.34 13.66 1.29
N LEU A 92 -8.04 12.47 0.81
CA LEU A 92 -8.96 11.74 -0.05
C LEU A 92 -8.95 10.25 0.28
N GLU A 93 -10.07 9.58 -0.02
CA GLU A 93 -10.21 8.16 0.23
C GLU A 93 -10.10 7.37 -1.08
N ILE A 94 -9.36 6.26 -1.03
CA ILE A 94 -9.17 5.43 -2.21
C ILE A 94 -9.77 4.04 -2.03
N GLU A 95 -10.34 3.50 -3.10
CA GLU A 95 -10.94 2.17 -3.06
C GLU A 95 -10.14 1.22 -3.95
N PHE A 96 -9.59 0.18 -3.34
CA PHE A 96 -8.79 -0.80 -4.07
C PHE A 96 -9.13 -2.23 -3.65
N ASP A 97 -8.55 -3.20 -4.34
CA ASP A 97 -8.77 -4.60 -4.05
C ASP A 97 -7.59 -5.18 -3.27
N VAL A 98 -7.84 -6.23 -2.50
CA VAL A 98 -6.78 -6.87 -1.72
C VAL A 98 -6.25 -8.12 -2.41
N ALA A 99 -5.03 -7.99 -2.96
CA ALA A 99 -4.39 -9.10 -3.67
C ALA A 99 -3.06 -8.64 -4.28
N GLU A 100 -2.01 -9.44 -4.08
CA GLU A 100 -0.70 -9.10 -4.61
C GLU A 100 0.04 -10.33 -5.13
N SER A 101 -0.69 -11.45 -5.28
CA SER A 101 -0.10 -12.69 -5.77
C SER A 101 0.54 -13.48 -4.63
N VAL A 102 -0.26 -14.31 -3.98
CA VAL A 102 0.20 -15.14 -2.90
C VAL A 102 0.22 -16.60 -3.32
N ILE A 103 1.18 -17.34 -2.80
CA ILE A 103 1.29 -18.75 -3.15
C ILE A 103 1.43 -19.60 -1.87
N PRO A 104 0.30 -20.08 -1.33
CA PRO A 104 0.27 -20.87 -0.11
C PRO A 104 0.34 -22.38 -0.36
N SER A 105 0.19 -23.15 0.71
CA SER A 105 0.24 -24.60 0.64
C SER A 105 0.06 -25.23 2.02
N SER A 106 -0.79 -24.60 2.84
CA SER A 106 -1.07 -25.07 4.20
C SER A 106 0.23 -25.23 5.00
N GLY A 107 0.36 -24.44 6.06
CA GLY A 107 1.55 -24.50 6.88
C GLY A 107 2.56 -23.45 6.47
N THR A 108 2.73 -23.30 5.17
CA THR A 108 3.66 -22.32 4.62
C THR A 108 2.96 -21.43 3.60
N PHE A 109 2.62 -20.22 4.02
CA PHE A 109 1.95 -19.27 3.13
C PHE A 109 2.93 -18.25 2.58
N HIS A 110 3.12 -18.25 1.27
CA HIS A 110 4.05 -17.32 0.65
C HIS A 110 3.27 -16.11 0.15
N VAL A 111 3.84 -14.93 0.35
CA VAL A 111 3.21 -13.70 -0.10
C VAL A 111 4.16 -12.88 -0.96
N LYS A 112 4.02 -13.01 -2.26
CA LYS A 112 4.86 -12.31 -3.23
C LYS A 112 4.32 -10.91 -3.47
N LEU A 113 4.99 -9.90 -2.90
CA LEU A 113 4.55 -8.52 -3.05
C LEU A 113 5.55 -7.69 -3.86
N PRO A 114 5.08 -7.03 -4.95
CA PRO A 114 5.95 -6.19 -5.78
C PRO A 114 6.43 -4.98 -4.99
N LYS A 115 7.74 -4.90 -4.76
CA LYS A 115 8.30 -3.80 -3.99
C LYS A 115 8.79 -2.67 -4.90
N LYS A 116 8.91 -1.49 -4.30
CA LYS A 116 9.35 -0.30 -5.03
C LYS A 116 10.70 0.17 -4.51
N HIS A 117 11.08 1.40 -4.89
CA HIS A 117 12.34 1.98 -4.45
C HIS A 117 12.34 2.25 -2.95
N SER A 118 11.62 3.29 -2.55
CA SER A 118 11.55 3.66 -1.14
C SER A 118 10.24 4.38 -0.82
N VAL A 119 9.18 3.61 -0.61
CA VAL A 119 7.87 4.16 -0.30
C VAL A 119 7.27 3.48 0.93
N GLU A 120 6.31 4.15 1.57
CA GLU A 120 5.66 3.62 2.76
C GLU A 120 5.16 2.19 2.53
N LEU A 121 5.11 1.41 3.61
CA LEU A 121 4.64 0.04 3.55
C LEU A 121 3.74 -0.29 4.74
N GLY A 122 4.24 -0.01 5.94
CA GLY A 122 3.47 -0.26 7.14
C GLY A 122 3.67 -1.65 7.71
N ILE A 123 4.89 -2.16 7.61
CA ILE A 123 5.21 -3.49 8.12
C ILE A 123 6.08 -3.41 9.35
N THR A 124 5.65 -4.06 10.43
CA THR A 124 6.41 -4.07 11.68
C THR A 124 6.64 -5.51 12.14
N ILE A 125 7.88 -5.82 12.49
CA ILE A 125 8.22 -7.16 12.95
C ILE A 125 8.45 -7.16 14.46
N SER A 126 8.43 -8.35 15.05
CA SER A 126 8.64 -8.48 16.49
C SER A 126 8.89 -9.94 16.88
N SER A 127 9.48 -10.13 18.04
CA SER A 127 9.78 -11.47 18.53
C SER A 127 8.97 -11.77 19.80
N PRO A 128 8.28 -12.93 19.85
CA PRO A 128 7.48 -13.30 21.02
C PRO A 128 8.32 -13.48 22.28
N SER A 129 9.37 -14.27 22.16
CA SER A 129 10.27 -14.51 23.29
C SER A 129 11.60 -15.08 22.83
N SER A 130 12.68 -14.64 23.44
CA SER A 130 14.02 -15.09 23.09
C SER A 130 14.55 -16.09 24.12
N ARG A 131 13.64 -16.85 24.72
CA ARG A 131 14.01 -17.84 25.73
C ARG A 131 13.88 -19.25 25.18
N LYS A 132 14.37 -19.45 23.96
CA LYS A 132 14.31 -20.75 23.31
C LYS A 132 14.99 -20.72 21.94
N PRO A 133 15.51 -21.86 21.49
CA PRO A 133 16.20 -21.96 20.19
C PRO A 133 15.25 -21.81 19.01
N GLY A 134 13.94 -21.81 19.27
CA GLY A 134 12.96 -21.69 18.21
C GLY A 134 12.44 -20.26 18.07
N ASP A 135 13.26 -19.28 18.47
CA ASP A 135 12.88 -17.88 18.39
C ASP A 135 12.29 -17.55 17.01
N PRO A 136 10.95 -17.43 16.91
CA PRO A 136 10.28 -17.13 15.66
C PRO A 136 10.09 -15.62 15.46
N LEU A 137 9.57 -15.25 14.29
CA LEU A 137 9.33 -13.85 13.97
C LEU A 137 7.85 -13.63 13.61
N VAL A 138 7.32 -12.48 13.97
CA VAL A 138 5.93 -12.16 13.69
C VAL A 138 5.73 -10.66 13.48
N ILE A 139 4.52 -10.29 13.07
CA ILE A 139 4.20 -8.89 12.83
C ILE A 139 3.84 -8.18 14.13
N SER A 140 4.07 -6.88 14.19
CA SER A 140 3.78 -6.11 15.40
C SER A 140 2.90 -4.89 15.10
N ASP A 141 2.73 -4.58 13.81
CA ASP A 141 1.91 -3.44 13.43
C ASP A 141 1.80 -3.36 11.90
N ILE A 142 0.59 -3.10 11.42
CA ILE A 142 0.36 -3.01 9.98
C ILE A 142 -0.44 -1.76 9.63
N LYS A 143 -0.11 -1.15 8.49
CA LYS A 143 -0.80 0.05 8.04
C LYS A 143 -1.82 -0.28 6.95
N LYS A 144 -2.53 0.74 6.48
CA LYS A 144 -3.53 0.55 5.44
C LYS A 144 -3.16 1.29 4.16
N GLY A 145 -3.64 0.77 3.03
CA GLY A 145 -3.34 1.39 1.75
C GLY A 145 -2.13 0.80 1.07
N SER A 146 -1.18 0.32 1.86
CA SER A 146 0.04 -0.28 1.34
C SER A 146 -0.19 -1.73 0.96
N VAL A 147 0.39 -2.14 -0.16
CA VAL A 147 0.26 -3.52 -0.66
C VAL A 147 0.55 -4.55 0.44
N ALA A 148 1.32 -4.14 1.46
CA ALA A 148 1.68 -5.04 2.55
C ALA A 148 0.48 -5.85 3.06
N HIS A 149 -0.48 -5.17 3.68
CA HIS A 149 -1.66 -5.85 4.20
C HIS A 149 -2.71 -6.06 3.12
N ARG A 150 -2.69 -5.20 2.11
CA ARG A 150 -3.65 -5.30 1.01
C ARG A 150 -3.56 -6.65 0.32
N THR A 151 -2.37 -7.24 0.32
CA THR A 151 -2.16 -8.54 -0.30
C THR A 151 -3.06 -9.59 0.32
N GLY A 152 -3.53 -9.33 1.54
CA GLY A 152 -4.41 -10.26 2.22
C GLY A 152 -3.63 -11.34 2.95
N THR A 153 -2.64 -10.94 3.73
CA THR A 153 -1.81 -11.88 4.47
C THR A 153 -1.29 -11.26 5.76
N LEU A 154 -0.66 -10.10 5.63
CA LEU A 154 -0.11 -9.40 6.79
C LEU A 154 -1.18 -9.17 7.85
N GLU A 155 -1.26 -10.07 8.82
CA GLU A 155 -2.24 -9.96 9.89
C GLU A 155 -1.63 -10.36 11.23
N LEU A 156 -2.03 -9.65 12.29
CA LEU A 156 -1.50 -9.92 13.63
C LEU A 156 -1.76 -11.38 14.02
N GLY A 157 -0.68 -12.13 14.18
CA GLY A 157 -0.79 -13.53 14.56
C GLY A 157 -0.18 -14.48 13.54
N ASP A 158 0.66 -13.95 12.66
CA ASP A 158 1.30 -14.76 11.64
C ASP A 158 2.74 -15.09 12.05
N LYS A 159 3.23 -16.26 11.64
CA LYS A 159 4.58 -16.66 11.98
C LYS A 159 5.51 -16.59 10.78
N LEU A 160 6.65 -15.95 10.95
CA LEU A 160 7.63 -15.80 9.88
C LEU A 160 8.67 -16.92 9.95
N LEU A 161 8.87 -17.60 8.82
CA LEU A 161 9.84 -18.69 8.75
C LEU A 161 10.96 -18.37 7.77
N ALA A 162 10.59 -17.85 6.61
CA ALA A 162 11.57 -17.49 5.58
C ALA A 162 11.24 -16.15 4.94
N ILE A 163 12.26 -15.51 4.39
CA ILE A 163 12.09 -14.21 3.73
C ILE A 163 12.93 -14.12 2.46
N ASP A 164 12.29 -13.74 1.35
CA ASP A 164 12.97 -13.61 0.07
C ASP A 164 13.79 -14.86 -0.25
N ASN A 165 13.20 -16.02 0.01
CA ASN A 165 13.87 -17.30 -0.24
C ASN A 165 14.80 -17.68 0.90
N ILE A 166 15.27 -16.68 1.65
CA ILE A 166 16.17 -16.93 2.77
C ILE A 166 15.39 -17.45 3.97
N ARG A 167 16.08 -18.16 4.85
CA ARG A 167 15.45 -18.73 6.02
C ARG A 167 16.19 -18.39 7.30
N LEU A 168 15.44 -17.84 8.25
CA LEU A 168 15.99 -17.49 9.54
C LEU A 168 15.86 -18.67 10.49
N ASP A 169 15.00 -19.61 10.11
CA ASP A 169 14.75 -20.81 10.90
C ASP A 169 14.14 -20.46 12.26
N SER A 170 14.94 -19.87 13.14
CA SER A 170 14.47 -19.50 14.47
C SER A 170 15.36 -18.41 15.06
N CYS A 171 15.50 -17.31 14.34
CA CYS A 171 16.33 -16.18 14.77
C CYS A 171 16.49 -15.18 13.63
N SER A 172 17.44 -14.26 13.79
CA SER A 172 17.70 -13.25 12.78
C SER A 172 16.53 -12.27 12.68
N MET A 173 16.03 -11.83 13.83
CA MET A 173 14.91 -10.88 13.87
C MET A 173 15.30 -9.61 13.12
N GLU A 174 16.38 -8.97 13.56
CA GLU A 174 16.86 -7.76 12.92
C GLU A 174 17.30 -8.07 11.51
N ASP A 175 17.83 -9.28 11.33
CA ASP A 175 18.29 -9.72 10.03
C ASP A 175 17.11 -9.80 9.07
N ALA A 176 15.99 -10.35 9.55
CA ALA A 176 14.80 -10.47 8.75
C ALA A 176 14.35 -9.10 8.26
N VAL A 177 14.39 -8.12 9.17
CA VAL A 177 14.00 -6.76 8.82
C VAL A 177 14.88 -6.27 7.66
N GLN A 178 16.16 -6.63 7.73
CA GLN A 178 17.12 -6.25 6.70
C GLN A 178 16.65 -6.72 5.34
N ILE A 179 16.30 -8.00 5.25
CA ILE A 179 15.79 -8.55 4.00
C ILE A 179 14.44 -7.94 3.70
N LEU A 180 13.76 -7.50 4.76
CA LEU A 180 12.44 -6.87 4.63
C LEU A 180 12.54 -5.61 3.77
N GLN A 181 13.68 -4.93 3.86
CA GLN A 181 13.91 -3.72 3.11
C GLN A 181 14.76 -4.02 1.88
N GLN A 182 15.65 -5.00 2.01
CA GLN A 182 16.50 -5.41 0.91
C GLN A 182 15.66 -5.91 -0.26
N CYS A 183 14.40 -6.20 0.02
CA CYS A 183 13.49 -6.67 -1.02
C CYS A 183 12.89 -5.48 -1.78
N GLU A 184 13.72 -4.49 -2.08
CA GLU A 184 13.27 -3.30 -2.80
C GLU A 184 13.01 -3.59 -4.27
N ASP A 185 12.11 -4.52 -4.52
CA ASP A 185 11.74 -4.89 -5.88
C ASP A 185 10.66 -5.97 -5.89
N LEU A 186 10.72 -6.83 -4.89
CA LEU A 186 9.77 -7.92 -4.75
C LEU A 186 10.08 -8.74 -3.51
N VAL A 187 9.23 -8.58 -2.49
CA VAL A 187 9.42 -9.29 -1.23
C VAL A 187 8.53 -10.52 -1.13
N LYS A 188 9.16 -11.67 -0.90
CA LYS A 188 8.44 -12.93 -0.75
C LYS A 188 8.52 -13.38 0.70
N LEU A 189 7.42 -13.28 1.42
CA LEU A 189 7.40 -13.67 2.83
C LEU A 189 6.80 -15.05 3.03
N LYS A 190 7.52 -15.90 3.76
CA LYS A 190 7.07 -17.26 4.04
C LYS A 190 6.41 -17.30 5.42
N ILE A 191 5.10 -17.13 5.45
CA ILE A 191 4.35 -17.15 6.70
C ILE A 191 3.87 -18.55 7.05
N ARG A 192 3.37 -18.74 8.27
CA ARG A 192 2.88 -20.03 8.71
C ARG A 192 1.35 -20.02 8.82
N LYS A 193 0.72 -21.03 8.23
CA LYS A 193 -0.73 -21.14 8.28
C LYS A 193 -1.18 -22.19 9.28
N ASP A 194 -2.28 -21.91 9.98
CA ASP A 194 -2.82 -22.83 10.97
C ASP A 194 -4.05 -22.24 11.64
N GLU A 195 -5.20 -22.36 10.97
CA GLU A 195 -6.45 -21.84 11.49
C GLU A 195 -6.71 -22.35 12.92
N ASP A 196 -7.60 -21.65 13.63
CA ASP A 196 -7.92 -22.02 14.99
C ASP A 196 -8.34 -23.49 15.09
N GLN A 1 -8.37 -18.55 -3.62
CA GLN A 1 -8.02 -17.15 -3.50
C GLN A 1 -9.27 -16.29 -3.32
N VAL A 2 -9.10 -15.14 -2.69
CA VAL A 2 -10.21 -14.23 -2.46
C VAL A 2 -9.77 -12.78 -2.58
N VAL A 3 -10.51 -12.00 -3.37
CA VAL A 3 -10.19 -10.59 -3.57
C VAL A 3 -11.37 -9.70 -3.17
N HIS A 4 -11.34 -9.19 -1.96
CA HIS A 4 -12.40 -8.33 -1.45
C HIS A 4 -12.00 -6.86 -1.54
N THR A 5 -12.71 -6.11 -2.38
CA THR A 5 -12.44 -4.69 -2.55
C THR A 5 -12.42 -3.96 -1.21
N GLU A 6 -11.32 -3.26 -0.93
CA GLU A 6 -11.19 -2.53 0.32
C GLU A 6 -10.98 -1.03 0.06
N THR A 7 -11.20 -0.22 1.09
CA THR A 7 -11.03 1.21 0.98
C THR A 7 -9.86 1.69 1.82
N THR A 8 -9.05 2.57 1.25
CA THR A 8 -7.88 3.11 1.96
C THR A 8 -7.80 4.62 1.82
N GLU A 9 -7.06 5.26 2.71
CA GLU A 9 -6.91 6.71 2.68
C GLU A 9 -5.55 7.08 2.09
N VAL A 10 -5.42 8.33 1.66
CA VAL A 10 -4.18 8.81 1.06
C VAL A 10 -3.89 10.25 1.49
N VAL A 11 -2.65 10.48 1.89
CA VAL A 11 -2.22 11.80 2.32
C VAL A 11 -1.24 12.42 1.33
N LEU A 12 -1.65 13.52 0.72
CA LEU A 12 -0.81 14.20 -0.26
C LEU A 12 -0.37 15.56 0.27
N THR A 13 0.91 15.88 0.08
CA THR A 13 1.45 17.14 0.55
C THR A 13 2.00 17.98 -0.59
N ALA A 14 2.12 19.28 -0.34
CA ALA A 14 2.63 20.22 -1.33
C ALA A 14 4.11 20.53 -1.09
N ASP A 15 4.90 20.40 -2.16
CA ASP A 15 6.33 20.67 -2.06
C ASP A 15 6.68 21.98 -2.78
N PRO A 16 7.75 22.65 -2.35
CA PRO A 16 8.20 23.90 -2.95
C PRO A 16 8.99 23.69 -4.24
N VAL A 17 8.93 22.47 -4.78
CA VAL A 17 9.64 22.14 -5.99
C VAL A 17 8.69 21.83 -7.14
N THR A 18 7.69 20.99 -6.86
CA THR A 18 6.73 20.61 -7.89
C THR A 18 5.34 20.32 -7.33
N GLY A 19 5.10 20.66 -6.06
CA GLY A 19 3.81 20.42 -5.47
C GLY A 19 3.42 18.95 -5.49
N PHE A 20 2.54 18.60 -6.42
CA PHE A 20 2.09 17.22 -6.57
C PHE A 20 2.41 16.71 -7.98
N GLY A 21 3.14 15.60 -8.04
CA GLY A 21 3.54 15.04 -9.33
C GLY A 21 2.62 13.94 -9.82
N ILE A 22 1.35 14.00 -9.42
CA ILE A 22 0.39 13.01 -9.85
C ILE A 22 -0.85 13.69 -10.43
N GLN A 23 -1.32 13.18 -11.57
CA GLN A 23 -2.50 13.74 -12.22
C GLN A 23 -3.57 12.69 -12.43
N LEU A 24 -4.83 13.11 -12.33
CA LEU A 24 -5.96 12.20 -12.49
C LEU A 24 -6.98 12.75 -13.49
N GLN A 25 -7.49 11.87 -14.33
CA GLN A 25 -8.48 12.24 -15.33
C GLN A 25 -9.86 12.36 -14.68
N GLY A 26 -10.82 12.90 -15.42
CA GLY A 26 -12.15 13.07 -14.89
C GLY A 26 -13.15 12.11 -15.51
N SER A 27 -13.44 12.30 -16.80
CA SER A 27 -14.39 11.45 -17.50
C SER A 27 -13.97 9.99 -17.45
N VAL A 28 -14.97 9.11 -17.35
CA VAL A 28 -14.74 7.68 -17.29
C VAL A 28 -15.78 6.93 -18.10
N PHE A 29 -16.88 6.58 -17.44
CA PHE A 29 -17.98 5.86 -18.09
C PHE A 29 -18.51 6.64 -19.27
N ALA A 30 -18.73 7.94 -19.06
CA ALA A 30 -19.25 8.83 -20.09
C ALA A 30 -20.44 8.23 -20.84
N THR A 31 -21.64 8.65 -20.46
CA THR A 31 -22.87 8.17 -21.08
C THR A 31 -24.08 8.67 -20.31
N GLU A 32 -24.78 9.65 -20.88
CA GLU A 32 -25.95 10.25 -20.24
C GLU A 32 -25.61 10.72 -18.83
N THR A 33 -24.37 11.16 -18.67
CA THR A 33 -23.87 11.66 -17.38
C THR A 33 -22.34 11.66 -17.39
N LEU A 34 -21.74 12.19 -16.33
CA LEU A 34 -20.30 12.25 -16.22
C LEU A 34 -19.87 12.51 -14.78
N SER A 35 -20.72 12.17 -13.84
CA SER A 35 -20.43 12.38 -12.43
C SER A 35 -19.40 11.39 -11.90
N SER A 36 -18.59 10.85 -12.80
CA SER A 36 -17.56 9.89 -12.42
C SER A 36 -16.51 10.55 -11.54
N PRO A 37 -16.03 9.83 -10.51
CA PRO A 37 -15.00 10.36 -9.60
C PRO A 37 -13.63 10.40 -10.25
N PRO A 38 -12.73 11.25 -9.73
CA PRO A 38 -11.38 11.39 -10.28
C PRO A 38 -10.68 10.03 -10.44
N LEU A 39 -9.72 9.98 -11.35
CA LEU A 39 -8.98 8.75 -11.61
C LEU A 39 -7.56 9.04 -12.05
N ILE A 40 -6.59 8.69 -11.22
CA ILE A 40 -5.18 8.93 -11.53
C ILE A 40 -4.82 8.32 -12.89
N SER A 41 -3.98 9.03 -13.63
CA SER A 41 -3.56 8.57 -14.95
C SER A 41 -2.04 8.57 -15.07
N TYR A 42 -1.38 9.50 -14.39
CA TYR A 42 0.07 9.61 -14.45
C TYR A 42 0.67 9.98 -13.10
N ILE A 43 1.93 9.62 -12.91
CA ILE A 43 2.66 9.91 -11.69
C ILE A 43 4.06 10.40 -12.04
N GLU A 44 4.76 11.07 -11.12
CA GLU A 44 6.08 11.59 -11.42
C GLU A 44 7.17 10.79 -10.71
N ALA A 45 8.35 10.75 -11.34
CA ALA A 45 9.49 10.02 -10.79
C ALA A 45 10.40 10.96 -10.02
N ASP A 46 9.80 11.89 -9.29
CA ASP A 46 10.53 12.85 -8.50
C ASP A 46 9.59 13.81 -7.79
N SER A 47 8.46 13.28 -7.35
CA SER A 47 7.45 14.08 -6.65
C SER A 47 7.04 13.40 -5.33
N PRO A 48 6.88 14.19 -4.26
CA PRO A 48 6.49 13.67 -2.93
C PRO A 48 5.17 12.91 -2.97
N ALA A 49 4.41 13.09 -4.04
CA ALA A 49 3.12 12.40 -4.17
C ALA A 49 3.37 10.95 -4.50
N GLU A 50 4.22 10.72 -5.48
CA GLU A 50 4.59 9.39 -5.91
C GLU A 50 5.43 8.70 -4.85
N ARG A 51 6.21 9.49 -4.14
CA ARG A 51 7.09 8.96 -3.09
C ARG A 51 6.42 9.03 -1.73
N CYS A 52 5.23 9.63 -1.68
CA CYS A 52 4.48 9.74 -0.43
C CYS A 52 4.35 8.38 0.24
N GLY A 53 4.06 7.35 -0.56
CA GLY A 53 3.92 6.02 -0.03
C GLY A 53 2.69 5.28 -0.53
N VAL A 54 1.72 6.03 -1.06
CA VAL A 54 0.49 5.41 -1.57
C VAL A 54 -0.08 6.18 -2.75
N LEU A 55 0.54 6.02 -3.92
CA LEU A 55 0.08 6.69 -5.13
C LEU A 55 0.57 5.96 -6.37
N GLN A 56 -0.38 5.53 -7.20
CA GLN A 56 -0.06 4.81 -8.44
C GLN A 56 -1.03 5.19 -9.55
N ILE A 57 -0.89 4.54 -10.70
CA ILE A 57 -1.75 4.81 -11.84
C ILE A 57 -3.20 4.43 -11.50
N GLY A 58 -4.10 5.38 -11.71
CA GLY A 58 -5.51 5.14 -11.43
C GLY A 58 -5.76 4.74 -9.99
N ASP A 59 -5.88 5.73 -9.10
CA ASP A 59 -6.12 5.46 -7.69
C ASP A 59 -7.61 5.52 -7.37
N ARG A 60 -8.34 6.35 -8.10
CA ARG A 60 -9.77 6.51 -7.90
C ARG A 60 -10.06 7.08 -6.51
N VAL A 61 -10.45 8.35 -6.45
CA VAL A 61 -10.75 9.00 -5.18
C VAL A 61 -12.25 9.03 -4.92
N MET A 62 -12.61 8.97 -3.65
CA MET A 62 -14.01 9.00 -3.24
C MET A 62 -14.35 10.33 -2.57
N ALA A 63 -13.32 10.97 -2.00
CA ALA A 63 -13.49 12.24 -1.32
C ALA A 63 -12.17 12.99 -1.24
N ILE A 64 -12.23 14.32 -1.33
CA ILE A 64 -11.03 15.15 -1.26
C ILE A 64 -11.23 16.32 -0.31
N ASN A 65 -10.49 16.31 0.80
CA ASN A 65 -10.60 17.38 1.78
C ASN A 65 -12.05 17.59 2.23
N GLY A 66 -12.86 16.54 2.09
CA GLY A 66 -14.25 16.61 2.49
C GLY A 66 -15.20 16.52 1.30
N ILE A 67 -14.76 17.01 0.15
CA ILE A 67 -15.56 16.99 -1.05
C ILE A 67 -15.72 15.56 -1.58
N PRO A 68 -16.93 14.99 -1.50
CA PRO A 68 -17.19 13.63 -1.98
C PRO A 68 -16.99 13.50 -3.49
N THR A 69 -17.20 14.61 -4.20
CA THR A 69 -17.05 14.64 -5.66
C THR A 69 -18.18 13.90 -6.37
N GLU A 70 -19.14 13.39 -5.59
CA GLU A 70 -20.26 12.67 -6.16
C GLU A 70 -21.40 13.62 -6.55
N ASP A 71 -21.32 14.85 -6.06
CA ASP A 71 -22.33 15.85 -6.36
C ASP A 71 -21.70 17.06 -7.04
N SER A 72 -20.85 16.80 -8.03
CA SER A 72 -20.18 17.86 -8.76
C SER A 72 -19.48 17.31 -10.00
N THR A 73 -19.32 18.16 -11.01
CA THR A 73 -18.67 17.74 -12.25
C THR A 73 -17.23 17.29 -11.98
N PHE A 74 -16.65 16.59 -12.95
CA PHE A 74 -15.28 16.10 -12.81
C PHE A 74 -14.30 17.26 -12.76
N GLU A 75 -14.56 18.29 -13.57
CA GLU A 75 -13.69 19.46 -13.62
C GLU A 75 -13.50 20.08 -12.25
N GLU A 76 -14.53 20.00 -11.41
CA GLU A 76 -14.44 20.56 -10.06
C GLU A 76 -13.32 19.87 -9.29
N ALA A 77 -13.38 18.54 -9.25
CA ALA A 77 -12.36 17.77 -8.56
C ALA A 77 -10.99 18.12 -9.08
N ASN A 78 -10.93 18.35 -10.39
CA ASN A 78 -9.69 18.73 -11.03
C ASN A 78 -9.18 20.03 -10.44
N GLN A 79 -10.12 20.94 -10.11
CA GLN A 79 -9.76 22.21 -9.50
C GLN A 79 -9.09 21.98 -8.16
N LEU A 80 -9.64 21.05 -7.38
CA LEU A 80 -9.08 20.71 -6.08
C LEU A 80 -7.61 20.36 -6.22
N LEU A 81 -7.30 19.60 -7.27
CA LEU A 81 -5.93 19.18 -7.54
C LEU A 81 -5.12 20.35 -8.10
N ARG A 82 -5.71 21.07 -9.05
CA ARG A 82 -5.04 22.22 -9.65
C ARG A 82 -4.52 23.15 -8.55
N ASP A 83 -5.26 23.17 -7.45
CA ASP A 83 -4.90 23.99 -6.30
C ASP A 83 -4.87 23.14 -5.03
N SER A 84 -4.30 21.95 -5.15
CA SER A 84 -4.21 21.04 -4.02
C SER A 84 -3.03 21.39 -3.10
N SER A 85 -2.37 22.51 -3.37
CA SER A 85 -1.23 22.92 -2.57
C SER A 85 -1.54 24.16 -1.74
N ILE A 86 -2.82 24.45 -1.55
CA ILE A 86 -3.25 25.59 -0.77
C ILE A 86 -2.98 25.34 0.70
N THR A 87 -3.48 24.22 1.17
CA THR A 87 -3.33 23.81 2.55
C THR A 87 -2.09 22.95 2.72
N SER A 88 -1.26 22.89 1.66
CA SER A 88 -0.04 22.11 1.68
C SER A 88 -0.33 20.63 1.95
N LYS A 89 -1.57 20.22 1.70
CA LYS A 89 -1.96 18.83 1.92
C LYS A 89 -3.31 18.54 1.27
N VAL A 90 -3.55 17.25 1.01
CA VAL A 90 -4.79 16.80 0.39
C VAL A 90 -5.07 15.34 0.77
N THR A 91 -6.05 15.14 1.65
CA THR A 91 -6.41 13.78 2.08
C THR A 91 -7.56 13.24 1.26
N LEU A 92 -7.42 12.01 0.79
CA LEU A 92 -8.47 11.39 -0.03
C LEU A 92 -8.62 9.90 0.29
N GLU A 93 -9.75 9.33 -0.13
CA GLU A 93 -10.03 7.92 0.10
C GLU A 93 -10.22 7.20 -1.23
N ILE A 94 -9.50 6.09 -1.41
CA ILE A 94 -9.59 5.33 -2.65
C ILE A 94 -10.07 3.90 -2.39
N GLU A 95 -10.69 3.31 -3.40
CA GLU A 95 -11.19 1.93 -3.30
C GLU A 95 -10.53 1.05 -4.35
N PHE A 96 -9.82 0.02 -3.90
CA PHE A 96 -9.14 -0.89 -4.81
C PHE A 96 -9.29 -2.34 -4.36
N ASP A 97 -8.81 -3.26 -5.19
CA ASP A 97 -8.88 -4.68 -4.88
C ASP A 97 -7.62 -5.13 -4.14
N VAL A 98 -7.79 -6.03 -3.17
CA VAL A 98 -6.68 -6.54 -2.38
C VAL A 98 -6.02 -7.73 -3.06
N ALA A 99 -4.82 -7.52 -3.60
CA ALA A 99 -4.07 -8.59 -4.27
C ALA A 99 -2.75 -8.07 -4.82
N GLU A 100 -1.68 -8.82 -4.59
CA GLU A 100 -0.37 -8.43 -5.06
C GLU A 100 0.50 -9.66 -5.35
N SER A 101 -0.16 -10.79 -5.61
CA SER A 101 0.53 -12.05 -5.90
C SER A 101 0.94 -12.77 -4.63
N VAL A 102 0.15 -13.77 -4.26
CA VAL A 102 0.39 -14.57 -3.08
C VAL A 102 0.19 -16.04 -3.42
N ILE A 103 1.23 -16.84 -3.20
CA ILE A 103 1.17 -18.26 -3.51
C ILE A 103 0.80 -19.08 -2.26
N PRO A 104 -0.43 -19.61 -2.21
CA PRO A 104 -0.92 -20.40 -1.09
C PRO A 104 -0.76 -21.90 -1.32
N SER A 105 -0.32 -22.61 -0.29
CA SER A 105 -0.13 -24.05 -0.38
C SER A 105 -0.58 -24.73 0.91
N SER A 106 0.29 -24.70 1.92
CA SER A 106 0.00 -25.31 3.22
C SER A 106 1.27 -25.40 4.04
N GLY A 107 1.31 -24.63 5.14
CA GLY A 107 2.48 -24.62 5.98
C GLY A 107 3.42 -23.49 5.62
N THR A 108 3.44 -23.13 4.34
CA THR A 108 4.29 -22.05 3.86
C THR A 108 3.56 -21.16 2.85
N PHE A 109 3.12 -20.00 3.31
CA PHE A 109 2.41 -19.05 2.45
C PHE A 109 3.35 -17.91 2.06
N HIS A 110 3.55 -17.71 0.76
CA HIS A 110 4.45 -16.65 0.31
C HIS A 110 3.67 -15.48 -0.27
N VAL A 111 4.00 -14.28 0.19
CA VAL A 111 3.36 -13.06 -0.30
C VAL A 111 4.35 -12.27 -1.15
N LYS A 112 4.40 -12.61 -2.43
CA LYS A 112 5.31 -11.94 -3.36
C LYS A 112 4.72 -10.62 -3.83
N LEU A 113 5.15 -9.53 -3.22
CA LEU A 113 4.64 -8.21 -3.59
C LEU A 113 5.77 -7.30 -4.06
N PRO A 114 5.66 -6.73 -5.28
CA PRO A 114 6.68 -5.83 -5.82
C PRO A 114 6.91 -4.62 -4.92
N LYS A 115 8.11 -4.52 -4.37
CA LYS A 115 8.43 -3.41 -3.49
C LYS A 115 9.01 -2.25 -4.28
N LYS A 116 8.80 -1.04 -3.76
CA LYS A 116 9.27 0.17 -4.41
C LYS A 116 10.72 0.49 -4.05
N HIS A 117 11.14 1.70 -4.40
CA HIS A 117 12.49 2.14 -4.10
C HIS A 117 12.62 2.43 -2.61
N SER A 118 11.52 2.90 -2.01
CA SER A 118 11.51 3.20 -0.58
C SER A 118 10.19 3.84 -0.15
N VAL A 119 9.08 3.34 -0.70
CA VAL A 119 7.77 3.86 -0.35
C VAL A 119 7.39 3.44 1.08
N GLU A 120 6.40 4.12 1.65
CA GLU A 120 5.94 3.82 3.00
C GLU A 120 5.63 2.33 3.16
N LEU A 121 5.66 1.87 4.40
CA LEU A 121 5.37 0.46 4.72
C LEU A 121 5.12 0.30 6.22
N GLY A 122 3.86 0.07 6.58
CA GLY A 122 3.51 -0.08 7.98
C GLY A 122 3.59 -1.51 8.47
N ILE A 123 4.61 -2.23 8.02
CA ILE A 123 4.79 -3.61 8.44
C ILE A 123 5.54 -3.67 9.76
N THR A 124 4.96 -4.33 10.76
CA THR A 124 5.58 -4.45 12.07
C THR A 124 5.93 -5.90 12.39
N ILE A 125 7.07 -6.09 13.03
CA ILE A 125 7.52 -7.43 13.41
C ILE A 125 7.56 -7.58 14.92
N SER A 126 7.63 -8.83 15.38
CA SER A 126 7.67 -9.11 16.81
C SER A 126 8.09 -10.56 17.06
N SER A 127 8.62 -10.82 18.25
CA SER A 127 9.05 -12.17 18.61
C SER A 127 8.22 -12.72 19.77
N PRO A 128 7.95 -14.03 19.77
CA PRO A 128 7.16 -14.67 20.84
C PRO A 128 7.93 -14.74 22.15
N SER A 129 7.25 -15.20 23.21
CA SER A 129 7.87 -15.31 24.52
C SER A 129 8.26 -16.75 24.82
N SER A 130 8.93 -17.38 23.86
CA SER A 130 9.37 -18.76 24.02
C SER A 130 10.74 -18.84 24.71
N ARG A 131 11.26 -17.69 25.10
CA ARG A 131 12.56 -17.63 25.77
C ARG A 131 13.67 -18.19 24.89
N LYS A 132 13.66 -17.80 23.61
CA LYS A 132 14.65 -18.26 22.66
C LYS A 132 15.37 -17.06 22.01
N PRO A 133 16.55 -17.30 21.42
CA PRO A 133 17.32 -16.23 20.76
C PRO A 133 16.67 -15.74 19.48
N GLY A 134 15.46 -15.20 19.60
CA GLY A 134 14.74 -14.71 18.43
C GLY A 134 14.70 -15.73 17.31
N ASP A 135 14.46 -16.98 17.67
CA ASP A 135 14.40 -18.07 16.70
C ASP A 135 13.37 -17.78 15.60
N PRO A 136 12.09 -17.60 15.96
CA PRO A 136 11.02 -17.33 15.00
C PRO A 136 10.76 -15.84 14.82
N LEU A 137 9.79 -15.53 13.95
CA LEU A 137 9.42 -14.14 13.69
C LEU A 137 7.91 -14.01 13.62
N VAL A 138 7.40 -12.81 13.88
CA VAL A 138 5.95 -12.58 13.87
C VAL A 138 5.61 -11.14 13.51
N ILE A 139 4.37 -10.92 13.09
CA ILE A 139 3.89 -9.59 12.72
C ILE A 139 3.22 -8.93 13.93
N SER A 140 3.24 -7.60 13.99
CA SER A 140 2.62 -6.89 15.11
C SER A 140 1.64 -5.83 14.64
N ASP A 141 1.72 -5.45 13.37
CA ASP A 141 0.82 -4.44 12.82
C ASP A 141 1.13 -4.16 11.35
N ILE A 142 0.07 -4.03 10.56
CA ILE A 142 0.21 -3.76 9.14
C ILE A 142 -0.67 -2.58 8.73
N LYS A 143 -0.06 -1.55 8.15
CA LYS A 143 -0.78 -0.36 7.73
C LYS A 143 -1.35 -0.54 6.32
N LYS A 144 -2.41 0.21 6.02
CA LYS A 144 -3.05 0.13 4.71
C LYS A 144 -2.27 0.93 3.67
N GLY A 145 -2.77 0.93 2.44
CA GLY A 145 -2.11 1.66 1.37
C GLY A 145 -0.92 0.91 0.79
N SER A 146 0.01 0.52 1.65
CA SER A 146 1.20 -0.20 1.23
C SER A 146 0.84 -1.51 0.53
N VAL A 147 1.61 -1.86 -0.49
CA VAL A 147 1.39 -3.09 -1.25
C VAL A 147 1.37 -4.33 -0.36
N ALA A 148 1.97 -4.22 0.83
CA ALA A 148 2.04 -5.35 1.75
C ALA A 148 0.65 -5.83 2.14
N HIS A 149 -0.05 -5.04 2.93
CA HIS A 149 -1.40 -5.40 3.36
C HIS A 149 -2.36 -5.40 2.18
N ARG A 150 -2.01 -4.63 1.14
CA ARG A 150 -2.83 -4.54 -0.06
C ARG A 150 -3.03 -5.93 -0.67
N THR A 151 -1.96 -6.71 -0.70
CA THR A 151 -2.02 -8.06 -1.26
C THR A 151 -3.18 -8.85 -0.66
N GLY A 152 -3.53 -8.53 0.58
CA GLY A 152 -4.62 -9.22 1.24
C GLY A 152 -4.39 -10.72 1.36
N THR A 153 -3.75 -11.13 2.45
CA THR A 153 -3.47 -12.55 2.68
C THR A 153 -2.77 -12.75 4.02
N LEU A 154 -1.88 -11.83 4.36
CA LEU A 154 -1.16 -11.91 5.62
C LEU A 154 -2.08 -11.65 6.81
N GLU A 155 -1.74 -12.22 7.96
CA GLU A 155 -2.55 -12.06 9.16
C GLU A 155 -1.67 -12.07 10.41
N LEU A 156 -2.12 -11.39 11.45
CA LEU A 156 -1.38 -11.32 12.70
C LEU A 156 -1.62 -12.56 13.55
N GLY A 157 -0.54 -13.19 13.99
CA GLY A 157 -0.66 -14.38 14.81
C GLY A 157 -0.10 -15.62 14.13
N ASP A 158 0.82 -15.41 13.19
CA ASP A 158 1.44 -16.51 12.46
C ASP A 158 2.94 -16.57 12.75
N LYS A 159 3.66 -17.39 11.98
CA LYS A 159 5.10 -17.52 12.17
C LYS A 159 5.85 -17.31 10.86
N LEU A 160 6.73 -16.32 10.84
CA LEU A 160 7.53 -16.01 9.65
C LEU A 160 8.68 -17.01 9.50
N LEU A 161 8.99 -17.35 8.27
CA LEU A 161 10.07 -18.30 7.99
C LEU A 161 11.16 -17.66 7.13
N ALA A 162 10.76 -16.89 6.14
CA ALA A 162 11.70 -16.23 5.24
C ALA A 162 11.17 -14.90 4.73
N ILE A 163 12.06 -14.11 4.14
CA ILE A 163 11.69 -12.81 3.60
C ILE A 163 12.38 -12.55 2.27
N ASP A 164 11.59 -12.39 1.21
CA ASP A 164 12.12 -12.13 -0.13
C ASP A 164 13.09 -13.24 -0.55
N ASN A 165 14.36 -13.11 -0.17
CA ASN A 165 15.37 -14.10 -0.53
C ASN A 165 16.13 -14.61 0.70
N ILE A 166 16.00 -13.91 1.81
CA ILE A 166 16.68 -14.29 3.05
C ILE A 166 15.75 -15.11 3.94
N ARG A 167 16.33 -15.88 4.85
CA ARG A 167 15.53 -16.71 5.74
C ARG A 167 15.73 -16.34 7.20
N LEU A 168 14.62 -16.03 7.86
CA LEU A 168 14.62 -15.68 9.26
C LEU A 168 14.75 -16.92 10.10
N ASP A 169 14.56 -18.06 9.46
CA ASP A 169 14.68 -19.36 10.13
C ASP A 169 15.94 -19.39 10.99
N SER A 170 16.96 -18.64 10.57
CA SER A 170 18.21 -18.56 11.29
C SER A 170 18.61 -17.11 11.60
N CYS A 171 17.84 -16.16 11.08
CA CYS A 171 18.13 -14.75 11.32
C CYS A 171 17.31 -14.21 12.50
N SER A 172 17.99 -13.50 13.39
CA SER A 172 17.33 -12.93 14.57
C SER A 172 16.18 -12.02 14.16
N MET A 173 15.53 -11.42 15.16
CA MET A 173 14.41 -10.53 14.90
C MET A 173 14.87 -9.26 14.17
N GLU A 174 15.82 -8.55 14.77
CA GLU A 174 16.34 -7.33 14.17
C GLU A 174 16.88 -7.60 12.78
N ASP A 175 17.51 -8.76 12.64
CA ASP A 175 18.08 -9.16 11.36
C ASP A 175 16.97 -9.24 10.30
N ALA A 176 15.85 -9.84 10.69
CA ALA A 176 14.72 -9.98 9.79
C ALA A 176 14.26 -8.61 9.32
N VAL A 177 14.21 -7.64 10.24
CA VAL A 177 13.80 -6.30 9.90
C VAL A 177 14.77 -5.71 8.87
N GLN A 178 16.04 -6.11 8.99
CA GLN A 178 17.07 -5.66 8.07
C GLN A 178 16.72 -6.08 6.65
N ILE A 179 16.41 -7.37 6.49
CA ILE A 179 16.04 -7.89 5.19
C ILE A 179 14.64 -7.42 4.83
N LEU A 180 13.84 -7.11 5.84
CA LEU A 180 12.48 -6.63 5.63
C LEU A 180 12.49 -5.29 4.91
N GLN A 181 13.57 -4.54 5.11
CA GLN A 181 13.72 -3.24 4.49
C GLN A 181 14.70 -3.33 3.33
N GLN A 182 15.70 -4.19 3.47
CA GLN A 182 16.70 -4.39 2.44
C GLN A 182 16.08 -4.94 1.16
N CYS A 183 14.87 -5.47 1.29
CA CYS A 183 14.17 -6.02 0.14
C CYS A 183 13.41 -4.92 -0.61
N GLU A 184 14.08 -3.79 -0.78
CA GLU A 184 13.49 -2.64 -1.46
C GLU A 184 13.33 -2.90 -2.95
N ASP A 185 12.53 -3.89 -3.27
CA ASP A 185 12.26 -4.25 -4.66
C ASP A 185 11.27 -5.40 -4.80
N LEU A 186 11.17 -6.21 -3.75
CA LEU A 186 10.28 -7.34 -3.76
C LEU A 186 10.30 -8.06 -2.42
N VAL A 187 9.22 -7.91 -1.66
CA VAL A 187 9.12 -8.53 -0.34
C VAL A 187 8.25 -9.77 -0.38
N LYS A 188 8.86 -10.93 -0.11
CA LYS A 188 8.13 -12.19 -0.09
C LYS A 188 7.91 -12.63 1.34
N LEU A 189 6.66 -12.55 1.80
CA LEU A 189 6.33 -12.95 3.17
C LEU A 189 6.02 -14.43 3.27
N LYS A 190 6.97 -15.20 3.76
CA LYS A 190 6.81 -16.64 3.92
C LYS A 190 6.28 -16.96 5.31
N ILE A 191 4.96 -17.06 5.43
CA ILE A 191 4.32 -17.35 6.71
C ILE A 191 4.09 -18.85 6.88
N ARG A 192 3.84 -19.27 8.13
CA ARG A 192 3.62 -20.67 8.42
C ARG A 192 2.14 -20.93 8.75
N LYS A 193 1.54 -21.89 8.05
CA LYS A 193 0.14 -22.23 8.28
C LYS A 193 0.00 -23.62 8.86
N ASP A 194 -1.15 -23.89 9.49
CA ASP A 194 -1.41 -25.19 10.10
C ASP A 194 -2.78 -25.23 10.75
N GLU A 195 -3.77 -24.69 10.05
CA GLU A 195 -5.13 -24.65 10.57
C GLU A 195 -5.63 -26.05 10.90
N ASP A 196 -6.77 -26.13 11.59
CA ASP A 196 -7.35 -27.40 11.96
C ASP A 196 -8.33 -27.90 10.91
N GLN A 1 -9.25 -15.86 -9.48
CA GLN A 1 -8.50 -15.49 -8.29
C GLN A 1 -9.44 -15.06 -7.16
N VAL A 2 -8.94 -15.07 -5.94
CA VAL A 2 -9.74 -14.67 -4.79
C VAL A 2 -9.30 -13.31 -4.25
N VAL A 3 -10.21 -12.35 -4.27
CA VAL A 3 -9.92 -11.00 -3.79
C VAL A 3 -11.19 -10.31 -3.30
N HIS A 4 -11.02 -9.38 -2.36
CA HIS A 4 -12.15 -8.63 -1.81
C HIS A 4 -11.89 -7.14 -1.88
N THR A 5 -12.67 -6.44 -2.69
CA THR A 5 -12.54 -5.00 -2.85
C THR A 5 -12.50 -4.29 -1.49
N GLU A 6 -11.68 -3.25 -1.40
CA GLU A 6 -11.55 -2.50 -0.16
C GLU A 6 -11.26 -1.02 -0.45
N THR A 7 -11.29 -0.21 0.60
CA THR A 7 -11.02 1.22 0.47
C THR A 7 -9.91 1.65 1.42
N THR A 8 -9.19 2.70 1.04
CA THR A 8 -8.08 3.20 1.86
C THR A 8 -7.98 4.72 1.74
N GLU A 9 -7.24 5.33 2.67
CA GLU A 9 -7.05 6.77 2.67
C GLU A 9 -5.68 7.12 2.09
N VAL A 10 -5.52 8.38 1.69
CA VAL A 10 -4.25 8.83 1.12
C VAL A 10 -3.84 10.18 1.69
N VAL A 11 -2.53 10.40 1.75
CA VAL A 11 -2.00 11.65 2.27
C VAL A 11 -1.03 12.27 1.27
N LEU A 12 -1.45 13.37 0.66
CA LEU A 12 -0.62 14.05 -0.32
C LEU A 12 -0.22 15.44 0.17
N THR A 13 1.08 15.66 0.32
CA THR A 13 1.59 16.95 0.78
C THR A 13 2.22 17.73 -0.37
N ALA A 14 2.38 19.03 -0.16
CA ALA A 14 2.97 19.90 -1.17
C ALA A 14 4.49 19.93 -1.04
N ASP A 15 5.18 19.58 -2.12
CA ASP A 15 6.64 19.59 -2.13
C ASP A 15 7.17 20.99 -2.41
N PRO A 16 8.39 21.29 -1.93
CA PRO A 16 9.00 22.60 -2.14
C PRO A 16 9.60 22.75 -3.54
N VAL A 17 9.30 21.79 -4.42
CA VAL A 17 9.80 21.83 -5.78
C VAL A 17 8.68 22.06 -6.79
N THR A 18 7.61 21.28 -6.67
CA THR A 18 6.48 21.41 -7.59
C THR A 18 5.14 21.15 -6.91
N GLY A 19 5.14 20.91 -5.60
CA GLY A 19 3.89 20.65 -4.90
C GLY A 19 3.36 19.25 -5.18
N PHE A 20 2.49 19.14 -6.17
CA PHE A 20 1.90 17.86 -6.54
C PHE A 20 2.11 17.59 -8.03
N GLY A 21 2.79 16.48 -8.33
CA GLY A 21 3.08 16.14 -9.71
C GLY A 21 2.07 15.18 -10.31
N ILE A 22 0.84 15.24 -9.83
CA ILE A 22 -0.22 14.37 -10.32
C ILE A 22 -1.02 15.02 -11.44
N GLN A 23 -1.56 14.17 -12.31
CA GLN A 23 -2.38 14.62 -13.43
C GLN A 23 -3.72 13.91 -13.36
N LEU A 24 -4.73 14.59 -12.85
CA LEU A 24 -6.06 13.98 -12.70
C LEU A 24 -6.99 14.33 -13.84
N GLN A 25 -7.88 13.38 -14.14
CA GLN A 25 -8.86 13.54 -15.21
C GLN A 25 -10.26 13.22 -14.69
N GLY A 26 -11.27 13.52 -15.50
CA GLY A 26 -12.63 13.26 -15.10
C GLY A 26 -13.44 12.59 -16.19
N SER A 27 -12.75 11.87 -17.07
CA SER A 27 -13.41 11.17 -18.14
C SER A 27 -13.27 9.67 -17.98
N VAL A 28 -14.36 9.04 -17.59
CA VAL A 28 -14.38 7.61 -17.35
C VAL A 28 -15.61 6.99 -17.98
N PHE A 29 -16.71 7.00 -17.24
CA PHE A 29 -18.00 6.48 -17.69
C PHE A 29 -18.21 6.72 -19.18
N ALA A 30 -17.87 7.94 -19.62
CA ALA A 30 -18.00 8.33 -21.02
C ALA A 30 -19.42 8.12 -21.52
N THR A 31 -20.34 8.89 -20.97
CA THR A 31 -21.75 8.83 -21.35
C THR A 31 -22.46 10.12 -20.91
N GLU A 32 -23.78 10.10 -20.92
CA GLU A 32 -24.56 11.26 -20.52
C GLU A 32 -24.10 11.76 -19.15
N THR A 33 -24.60 12.92 -18.73
CA THR A 33 -24.23 13.51 -17.45
C THR A 33 -22.71 13.43 -17.23
N LEU A 34 -22.30 13.41 -15.97
CA LEU A 34 -20.89 13.34 -15.64
C LEU A 34 -20.67 12.54 -14.36
N SER A 35 -20.59 13.23 -13.23
CA SER A 35 -20.37 12.58 -11.94
C SER A 35 -19.12 11.70 -11.96
N SER A 36 -18.27 11.93 -12.94
CA SER A 36 -17.03 11.16 -13.07
C SER A 36 -16.17 11.32 -11.80
N PRO A 37 -15.64 10.21 -11.26
CA PRO A 37 -14.80 10.24 -10.07
C PRO A 37 -13.35 10.61 -10.41
N PRO A 38 -12.71 11.48 -9.61
CA PRO A 38 -11.33 11.89 -9.83
C PRO A 38 -10.41 10.70 -10.04
N LEU A 39 -9.71 10.68 -11.18
CA LEU A 39 -8.80 9.58 -11.50
C LEU A 39 -7.51 10.09 -12.13
N ILE A 40 -6.38 9.82 -11.48
CA ILE A 40 -5.09 10.24 -12.01
C ILE A 40 -4.78 9.55 -13.34
N SER A 41 -3.92 10.17 -14.13
CA SER A 41 -3.54 9.62 -15.43
C SER A 41 -2.01 9.60 -15.60
N TYR A 42 -1.31 10.29 -14.71
CA TYR A 42 0.15 10.34 -14.77
C TYR A 42 0.73 11.19 -13.65
N ILE A 43 1.80 10.71 -13.05
CA ILE A 43 2.48 11.44 -11.98
C ILE A 43 3.84 11.90 -12.48
N GLU A 44 4.54 12.72 -11.71
CA GLU A 44 5.84 13.23 -12.12
C GLU A 44 6.96 12.65 -11.28
N ALA A 45 8.17 12.62 -11.86
CA ALA A 45 9.33 12.09 -11.17
C ALA A 45 9.91 13.09 -10.20
N ASP A 46 9.08 13.51 -9.24
CA ASP A 46 9.49 14.47 -8.22
C ASP A 46 8.26 14.98 -7.46
N SER A 47 7.35 14.06 -7.16
CA SER A 47 6.13 14.41 -6.44
C SER A 47 5.91 13.47 -5.27
N PRO A 48 5.49 14.00 -4.10
CA PRO A 48 5.24 13.19 -2.91
C PRO A 48 4.13 12.15 -3.12
N ALA A 49 3.40 12.29 -4.22
CA ALA A 49 2.31 11.36 -4.52
C ALA A 49 2.84 10.03 -5.03
N GLU A 50 3.63 10.10 -6.10
CA GLU A 50 4.21 8.90 -6.69
C GLU A 50 5.33 8.36 -5.81
N ARG A 51 5.99 9.27 -5.09
CA ARG A 51 7.09 8.88 -4.20
C ARG A 51 6.56 8.14 -2.97
N CYS A 52 5.47 8.62 -2.40
CA CYS A 52 4.87 8.01 -1.22
C CYS A 52 4.73 6.50 -1.39
N GLY A 53 4.55 6.07 -2.64
CA GLY A 53 4.41 4.64 -2.92
C GLY A 53 2.97 4.16 -2.81
N VAL A 54 2.09 5.02 -2.30
CA VAL A 54 0.68 4.66 -2.14
C VAL A 54 -0.16 5.26 -3.25
N LEU A 55 0.44 5.42 -4.43
CA LEU A 55 -0.26 5.98 -5.58
C LEU A 55 0.22 5.36 -6.88
N GLN A 56 -0.72 4.99 -7.74
CA GLN A 56 -0.40 4.39 -9.02
C GLN A 56 -1.05 5.16 -10.17
N ILE A 57 -0.54 4.96 -11.38
CA ILE A 57 -1.06 5.63 -12.55
C ILE A 57 -2.52 5.25 -12.81
N GLY A 58 -3.43 5.92 -12.11
CA GLY A 58 -4.84 5.64 -12.28
C GLY A 58 -5.54 5.41 -10.95
N ASP A 59 -5.31 6.31 -9.99
CA ASP A 59 -5.92 6.19 -8.67
C ASP A 59 -7.38 6.62 -8.72
N ARG A 60 -8.28 5.65 -8.62
CA ARG A 60 -9.71 5.93 -8.65
C ARG A 60 -10.17 6.65 -7.38
N VAL A 61 -9.82 7.92 -7.28
CA VAL A 61 -10.18 8.72 -6.12
C VAL A 61 -11.70 8.78 -5.96
N MET A 62 -12.18 8.40 -4.77
CA MET A 62 -13.61 8.41 -4.51
C MET A 62 -14.03 9.70 -3.79
N ALA A 63 -13.11 10.27 -3.02
CA ALA A 63 -13.40 11.50 -2.29
C ALA A 63 -12.12 12.30 -2.06
N ILE A 64 -12.27 13.61 -1.91
CA ILE A 64 -11.14 14.50 -1.67
C ILE A 64 -11.44 15.48 -0.55
N ASN A 65 -10.67 15.38 0.54
CA ASN A 65 -10.86 16.27 1.68
C ASN A 65 -12.24 16.06 2.31
N GLY A 66 -12.86 14.92 2.03
CA GLY A 66 -14.16 14.63 2.59
C GLY A 66 -15.26 14.68 1.53
N ILE A 67 -15.02 15.42 0.46
CA ILE A 67 -16.00 15.55 -0.61
C ILE A 67 -16.11 14.25 -1.41
N PRO A 68 -17.33 13.68 -1.51
CA PRO A 68 -17.56 12.43 -2.24
C PRO A 68 -17.39 12.61 -3.75
N THR A 69 -17.60 13.83 -4.22
CA THR A 69 -17.48 14.15 -5.65
C THR A 69 -18.65 13.61 -6.45
N GLU A 70 -19.59 12.95 -5.77
CA GLU A 70 -20.76 12.38 -6.45
C GLU A 70 -21.88 13.40 -6.60
N ASP A 71 -21.77 14.50 -5.86
CA ASP A 71 -22.77 15.56 -5.90
C ASP A 71 -22.22 16.80 -6.59
N SER A 72 -21.57 16.60 -7.73
CA SER A 72 -21.00 17.70 -8.50
C SER A 72 -20.30 17.19 -9.74
N THR A 73 -19.68 18.11 -10.49
CA THR A 73 -18.96 17.75 -11.70
C THR A 73 -17.49 17.51 -11.43
N PHE A 74 -16.86 16.68 -12.26
CA PHE A 74 -15.45 16.35 -12.09
C PHE A 74 -14.60 17.62 -11.99
N GLU A 75 -15.09 18.71 -12.59
CA GLU A 75 -14.39 19.98 -12.57
C GLU A 75 -14.08 20.41 -11.15
N GLU A 76 -15.00 20.13 -10.23
CA GLU A 76 -14.81 20.49 -8.83
C GLU A 76 -13.57 19.79 -8.26
N ALA A 77 -13.40 18.52 -8.61
CA ALA A 77 -12.27 17.75 -8.16
C ALA A 77 -10.98 18.39 -8.67
N ASN A 78 -11.04 18.86 -9.89
CA ASN A 78 -9.90 19.51 -10.52
C ASN A 78 -9.48 20.73 -9.71
N GLN A 79 -10.46 21.48 -9.21
CA GLN A 79 -10.18 22.66 -8.41
C GLN A 79 -9.45 22.27 -7.14
N LEU A 80 -9.91 21.20 -6.50
CA LEU A 80 -9.29 20.71 -5.27
C LEU A 80 -7.80 20.47 -5.50
N LEU A 81 -7.49 19.91 -6.66
CA LEU A 81 -6.10 19.62 -7.01
C LEU A 81 -5.35 20.90 -7.36
N ARG A 82 -5.92 21.69 -8.27
CA ARG A 82 -5.32 22.94 -8.68
C ARG A 82 -4.95 23.78 -7.45
N ASP A 83 -5.73 23.61 -6.39
CA ASP A 83 -5.50 24.33 -5.15
C ASP A 83 -5.40 23.37 -3.97
N SER A 84 -4.74 22.24 -4.20
CA SER A 84 -4.57 21.24 -3.15
C SER A 84 -3.29 21.50 -2.34
N SER A 85 -2.69 22.67 -2.53
CA SER A 85 -1.46 23.01 -1.80
C SER A 85 -1.69 24.17 -0.85
N ILE A 86 -2.94 24.43 -0.51
CA ILE A 86 -3.28 25.50 0.40
C ILE A 86 -2.81 25.16 1.80
N THR A 87 -3.18 23.96 2.21
CA THR A 87 -2.82 23.44 3.52
C THR A 87 -1.59 22.54 3.42
N SER A 88 -0.91 22.59 2.28
CA SER A 88 0.28 21.78 2.05
C SER A 88 -0.01 20.29 2.29
N LYS A 89 -1.28 19.92 2.15
CA LYS A 89 -1.68 18.53 2.34
C LYS A 89 -3.09 18.29 1.79
N VAL A 90 -3.32 17.07 1.30
CA VAL A 90 -4.60 16.69 0.73
C VAL A 90 -4.91 15.22 1.03
N THR A 91 -6.13 14.95 1.49
CA THR A 91 -6.53 13.58 1.79
C THR A 91 -7.41 13.01 0.69
N LEU A 92 -7.21 11.73 0.38
CA LEU A 92 -8.00 11.07 -0.66
C LEU A 92 -8.45 9.68 -0.23
N GLU A 93 -9.63 9.28 -0.70
CA GLU A 93 -10.18 7.96 -0.39
C GLU A 93 -10.27 7.12 -1.65
N ILE A 94 -9.38 6.14 -1.77
CA ILE A 94 -9.34 5.29 -2.94
C ILE A 94 -9.89 3.89 -2.64
N GLU A 95 -10.27 3.18 -3.70
CA GLU A 95 -10.80 1.82 -3.59
C GLU A 95 -10.15 0.91 -4.62
N PHE A 96 -9.80 -0.31 -4.21
CA PHE A 96 -9.15 -1.25 -5.11
C PHE A 96 -9.26 -2.68 -4.60
N ASP A 97 -8.80 -3.62 -5.42
CA ASP A 97 -8.82 -5.04 -5.06
C ASP A 97 -7.56 -5.38 -4.28
N VAL A 98 -7.74 -5.71 -3.00
CA VAL A 98 -6.62 -6.04 -2.14
C VAL A 98 -5.85 -7.26 -2.64
N ALA A 99 -4.68 -7.02 -3.23
CA ALA A 99 -3.82 -8.08 -3.74
C ALA A 99 -2.58 -7.49 -4.40
N GLU A 100 -1.71 -8.36 -4.86
CA GLU A 100 -0.47 -7.94 -5.51
C GLU A 100 0.32 -9.14 -5.98
N SER A 101 0.39 -10.17 -5.12
CA SER A 101 1.12 -11.40 -5.44
C SER A 101 1.38 -12.21 -4.18
N VAL A 102 0.69 -13.33 -4.06
CA VAL A 102 0.84 -14.22 -2.91
C VAL A 102 0.80 -15.67 -3.35
N ILE A 103 1.53 -16.53 -2.66
CA ILE A 103 1.57 -17.94 -2.99
C ILE A 103 1.16 -18.81 -1.81
N PRO A 104 -0.17 -18.89 -1.53
CA PRO A 104 -0.72 -19.68 -0.42
C PRO A 104 -0.56 -21.18 -0.64
N SER A 105 -0.35 -21.91 0.45
CA SER A 105 -0.18 -23.37 0.37
C SER A 105 -0.50 -24.06 1.69
N SER A 106 -1.13 -23.33 2.62
CA SER A 106 -1.49 -23.90 3.91
C SER A 106 -0.25 -24.35 4.68
N GLY A 107 -0.24 -24.12 6.00
CA GLY A 107 0.90 -24.51 6.81
C GLY A 107 2.06 -23.55 6.67
N THR A 108 2.56 -23.41 5.43
CA THR A 108 3.67 -22.51 5.16
C THR A 108 3.51 -21.91 3.77
N PHE A 109 3.08 -20.66 3.70
CA PHE A 109 2.91 -19.98 2.43
C PHE A 109 3.68 -18.68 2.40
N HIS A 110 3.87 -18.13 1.20
CA HIS A 110 4.63 -16.90 1.06
C HIS A 110 3.81 -15.77 0.45
N VAL A 111 4.31 -14.55 0.60
CA VAL A 111 3.65 -13.38 0.06
C VAL A 111 4.66 -12.53 -0.73
N LYS A 112 4.56 -12.59 -2.05
CA LYS A 112 5.47 -11.86 -2.92
C LYS A 112 5.02 -10.40 -3.09
N LEU A 113 5.81 -9.48 -2.55
CA LEU A 113 5.49 -8.06 -2.64
C LEU A 113 6.66 -7.26 -3.23
N PRO A 114 6.47 -6.63 -4.40
CA PRO A 114 7.52 -5.84 -5.04
C PRO A 114 8.07 -4.76 -4.10
N LYS A 115 9.40 -4.68 -4.02
CA LYS A 115 10.04 -3.71 -3.14
C LYS A 115 10.43 -2.45 -3.91
N LYS A 116 10.61 -1.37 -3.18
CA LYS A 116 10.98 -0.08 -3.78
C LYS A 116 12.14 0.55 -3.03
N HIS A 117 12.42 1.82 -3.32
CA HIS A 117 13.50 2.55 -2.67
C HIS A 117 13.19 2.82 -1.21
N SER A 118 13.08 1.75 -0.42
CA SER A 118 12.80 1.87 1.01
C SER A 118 11.64 2.84 1.28
N VAL A 119 10.46 2.46 0.81
CA VAL A 119 9.28 3.29 1.00
C VAL A 119 8.30 2.62 1.97
N GLU A 120 7.32 3.39 2.46
CA GLU A 120 6.32 2.88 3.40
C GLU A 120 5.90 1.45 3.05
N LEU A 121 6.52 0.48 3.71
CA LEU A 121 6.22 -0.93 3.48
C LEU A 121 4.82 -1.27 3.97
N GLY A 122 4.47 -0.76 5.15
CA GLY A 122 3.17 -1.02 5.72
C GLY A 122 3.15 -2.27 6.59
N ILE A 123 4.28 -2.96 6.67
CA ILE A 123 4.37 -4.18 7.47
C ILE A 123 5.28 -3.97 8.67
N THR A 124 4.81 -4.41 9.84
CA THR A 124 5.58 -4.28 11.06
C THR A 124 5.93 -5.65 11.61
N ILE A 125 7.15 -5.79 12.13
CA ILE A 125 7.61 -7.06 12.67
C ILE A 125 7.47 -7.10 14.19
N SER A 126 7.52 -8.31 14.75
CA SER A 126 7.40 -8.51 16.17
C SER A 126 8.01 -9.85 16.58
N SER A 127 8.59 -9.90 17.78
CA SER A 127 9.21 -11.12 18.28
C SER A 127 8.37 -11.75 19.39
N PRO A 128 8.17 -13.08 19.34
CA PRO A 128 7.37 -13.80 20.34
C PRO A 128 8.15 -14.04 21.63
N SER A 129 8.25 -13.01 22.46
CA SER A 129 8.96 -13.12 23.73
C SER A 129 10.42 -13.52 23.50
N SER A 130 11.14 -13.75 24.60
CA SER A 130 12.54 -14.15 24.51
C SER A 130 12.70 -15.65 24.79
N ARG A 131 13.48 -16.32 23.94
CA ARG A 131 13.72 -17.75 24.10
C ARG A 131 14.94 -18.18 23.28
N LYS A 132 15.14 -19.49 23.18
CA LYS A 132 16.27 -20.04 22.44
C LYS A 132 16.26 -19.56 20.99
N PRO A 133 17.42 -19.66 20.30
CA PRO A 133 17.54 -19.25 18.91
C PRO A 133 16.73 -20.12 17.96
N GLY A 134 15.41 -20.11 18.14
CA GLY A 134 14.54 -20.91 17.30
C GLY A 134 13.23 -20.21 16.99
N ASP A 135 12.70 -19.50 17.98
CA ASP A 135 11.44 -18.77 17.82
C ASP A 135 11.41 -17.99 16.50
N PRO A 136 10.36 -18.20 15.68
CA PRO A 136 10.24 -17.52 14.39
C PRO A 136 9.87 -16.04 14.53
N LEU A 137 9.64 -15.38 13.41
CA LEU A 137 9.28 -13.97 13.41
C LEU A 137 7.76 -13.79 13.50
N VAL A 138 7.33 -12.56 13.72
CA VAL A 138 5.90 -12.27 13.83
C VAL A 138 5.56 -10.88 13.30
N ILE A 139 4.29 -10.67 12.99
CA ILE A 139 3.82 -9.39 12.50
C ILE A 139 3.29 -8.55 13.66
N SER A 140 3.40 -7.23 13.54
CA SER A 140 2.93 -6.35 14.60
C SER A 140 2.05 -5.22 14.07
N ASP A 141 1.94 -5.11 12.75
CA ASP A 141 1.12 -4.06 12.16
C ASP A 141 1.08 -4.16 10.64
N ILE A 142 -0.07 -3.79 10.07
CA ILE A 142 -0.27 -3.80 8.63
C ILE A 142 -0.87 -2.46 8.20
N LYS A 143 -0.57 -2.03 6.98
CA LYS A 143 -1.08 -0.76 6.47
C LYS A 143 -1.85 -0.94 5.17
N LYS A 144 -2.97 -0.24 5.06
CA LYS A 144 -3.80 -0.31 3.86
C LYS A 144 -3.24 0.61 2.77
N GLY A 145 -2.26 1.44 3.13
CA GLY A 145 -1.67 2.36 2.17
C GLY A 145 -0.48 1.75 1.44
N SER A 146 0.06 0.66 1.98
CA SER A 146 1.20 -0.01 1.37
C SER A 146 0.81 -1.41 0.88
N VAL A 147 1.70 -2.03 0.12
CA VAL A 147 1.46 -3.37 -0.42
C VAL A 147 1.27 -4.41 0.69
N ALA A 148 1.80 -4.10 1.88
CA ALA A 148 1.70 -5.01 3.02
C ALA A 148 0.31 -5.63 3.15
N HIS A 149 -0.66 -4.81 3.54
CA HIS A 149 -2.03 -5.28 3.69
C HIS A 149 -2.60 -5.69 2.33
N ARG A 150 -2.05 -5.11 1.27
CA ARG A 150 -2.50 -5.42 -0.09
C ARG A 150 -2.38 -6.91 -0.38
N THR A 151 -1.41 -7.56 0.26
CA THR A 151 -1.19 -8.99 0.07
C THR A 151 -2.51 -9.76 0.06
N GLY A 152 -3.49 -9.25 0.80
CA GLY A 152 -4.78 -9.90 0.86
C GLY A 152 -4.74 -11.21 1.63
N THR A 153 -3.79 -11.32 2.55
CA THR A 153 -3.64 -12.53 3.35
C THR A 153 -2.67 -12.30 4.50
N LEU A 154 -2.64 -11.07 5.01
CA LEU A 154 -1.76 -10.73 6.12
C LEU A 154 -2.56 -10.39 7.36
N GLU A 155 -2.54 -11.29 8.34
CA GLU A 155 -3.27 -11.09 9.59
C GLU A 155 -2.32 -11.13 10.78
N LEU A 156 -2.69 -10.40 11.84
CA LEU A 156 -1.87 -10.36 13.05
C LEU A 156 -2.00 -11.65 13.85
N GLY A 157 -0.87 -12.22 14.25
CA GLY A 157 -0.89 -13.45 15.01
C GLY A 157 -0.19 -14.59 14.30
N ASP A 158 -0.13 -14.51 12.97
CA ASP A 158 0.51 -15.54 12.17
C ASP A 158 1.98 -15.69 12.56
N LYS A 159 2.72 -16.49 11.79
CA LYS A 159 4.13 -16.71 12.07
C LYS A 159 4.96 -16.59 10.80
N LEU A 160 6.08 -15.88 10.89
CA LEU A 160 6.98 -15.68 9.76
C LEU A 160 8.17 -16.64 9.85
N LEU A 161 8.60 -17.16 8.71
CA LEU A 161 9.71 -18.10 8.68
C LEU A 161 10.86 -17.58 7.81
N ALA A 162 10.51 -16.90 6.71
CA ALA A 162 11.53 -16.37 5.81
C ALA A 162 11.15 -15.01 5.26
N ILE A 163 12.15 -14.30 4.74
CA ILE A 163 11.94 -12.97 4.17
C ILE A 163 12.74 -12.80 2.88
N ASP A 164 12.04 -12.60 1.77
CA ASP A 164 12.68 -12.43 0.47
C ASP A 164 13.43 -13.68 0.06
N ASN A 165 14.57 -13.92 0.69
CA ASN A 165 15.39 -15.10 0.39
C ASN A 165 16.06 -15.66 1.63
N ILE A 166 16.17 -14.86 2.69
CA ILE A 166 16.80 -15.31 3.93
C ILE A 166 15.77 -15.79 4.93
N ARG A 167 16.09 -16.87 5.64
CA ARG A 167 15.20 -17.44 6.63
C ARG A 167 15.63 -17.11 8.05
N LEU A 168 14.70 -16.58 8.82
CA LEU A 168 14.96 -16.24 10.21
C LEU A 168 14.99 -17.49 11.06
N ASP A 169 14.65 -18.63 10.45
CA ASP A 169 14.64 -19.91 11.15
C ASP A 169 15.84 -20.05 12.08
N SER A 170 16.96 -19.46 11.68
CA SER A 170 18.18 -19.53 12.48
C SER A 170 18.69 -18.13 12.86
N CYS A 171 18.12 -17.10 12.23
CA CYS A 171 18.50 -15.73 12.50
C CYS A 171 17.70 -15.15 13.65
N SER A 172 17.84 -13.84 13.86
CA SER A 172 17.12 -13.15 14.92
C SER A 172 16.07 -12.20 14.35
N MET A 173 15.41 -11.45 15.25
CA MET A 173 14.38 -10.51 14.83
C MET A 173 14.99 -9.32 14.10
N GLU A 174 15.90 -8.63 14.76
CA GLU A 174 16.55 -7.46 14.17
C GLU A 174 17.16 -7.81 12.82
N ASP A 175 17.87 -8.93 12.80
CA ASP A 175 18.50 -9.40 11.58
C ASP A 175 17.47 -9.53 10.47
N ALA A 176 16.31 -10.08 10.81
CA ALA A 176 15.23 -10.24 9.86
C ALA A 176 14.85 -8.89 9.25
N VAL A 177 14.79 -7.88 10.09
CA VAL A 177 14.46 -6.54 9.62
C VAL A 177 15.47 -6.09 8.57
N GLN A 178 16.74 -6.45 8.81
CA GLN A 178 17.82 -6.12 7.90
C GLN A 178 17.50 -6.66 6.51
N ILE A 179 17.15 -7.94 6.46
CA ILE A 179 16.79 -8.56 5.19
C ILE A 179 15.46 -7.99 4.72
N LEU A 180 14.67 -7.51 5.68
CA LEU A 180 13.37 -6.92 5.37
C LEU A 180 13.52 -5.72 4.44
N GLN A 181 14.65 -5.04 4.58
CA GLN A 181 14.95 -3.87 3.78
C GLN A 181 15.97 -4.23 2.71
N GLN A 182 16.88 -5.14 3.04
CA GLN A 182 17.90 -5.58 2.11
C GLN A 182 17.26 -6.20 0.87
N CYS A 183 16.01 -6.61 1.00
CA CYS A 183 15.29 -7.19 -0.11
C CYS A 183 14.66 -6.09 -0.95
N GLU A 184 15.46 -5.08 -1.26
CA GLU A 184 15.02 -3.94 -2.05
C GLU A 184 14.74 -4.33 -3.48
N ASP A 185 13.76 -5.19 -3.65
CA ASP A 185 13.35 -5.65 -4.97
C ASP A 185 12.10 -6.52 -4.91
N LEU A 186 11.90 -7.19 -3.78
CA LEU A 186 10.74 -8.04 -3.59
C LEU A 186 10.75 -8.67 -2.21
N VAL A 187 9.85 -8.19 -1.35
CA VAL A 187 9.73 -8.71 0.00
C VAL A 187 8.84 -9.94 0.03
N LYS A 188 9.45 -11.11 0.23
CA LYS A 188 8.70 -12.36 0.28
C LYS A 188 8.58 -12.85 1.73
N LEU A 189 7.37 -12.75 2.29
CA LEU A 189 7.15 -13.17 3.67
C LEU A 189 6.52 -14.56 3.74
N LYS A 190 7.21 -15.49 4.40
CA LYS A 190 6.72 -16.85 4.56
C LYS A 190 5.86 -16.97 5.82
N ILE A 191 4.55 -16.98 5.64
CA ILE A 191 3.63 -17.07 6.77
C ILE A 191 3.26 -18.52 7.07
N ARG A 192 2.82 -18.77 8.29
CA ARG A 192 2.43 -20.12 8.72
C ARG A 192 0.94 -20.18 8.99
N LYS A 193 0.24 -21.07 8.29
CA LYS A 193 -1.19 -21.23 8.46
C LYS A 193 -1.52 -22.60 9.04
N ASP A 194 -1.90 -22.62 10.32
CA ASP A 194 -2.25 -23.87 10.99
C ASP A 194 -2.58 -23.62 12.45
N GLU A 195 -3.33 -22.54 12.70
CA GLU A 195 -3.73 -22.18 14.05
C GLU A 195 -4.83 -23.09 14.57
N ASP A 196 -5.11 -23.01 15.87
CA ASP A 196 -6.15 -23.82 16.48
C ASP A 196 -7.53 -23.23 16.23
N GLN A 1 -12.23 -9.94 -9.71
CA GLN A 1 -11.43 -11.05 -9.23
C GLN A 1 -12.01 -11.62 -7.95
N VAL A 2 -11.23 -12.41 -7.23
CA VAL A 2 -11.69 -13.02 -5.99
C VAL A 2 -10.93 -12.46 -4.79
N VAL A 3 -11.66 -11.76 -3.92
CA VAL A 3 -11.08 -11.16 -2.72
C VAL A 3 -12.09 -10.27 -2.00
N HIS A 4 -11.81 -9.94 -0.75
CA HIS A 4 -12.70 -9.09 0.04
C HIS A 4 -12.36 -7.62 -0.17
N THR A 5 -13.21 -6.93 -0.92
CA THR A 5 -13.00 -5.51 -1.19
C THR A 5 -12.81 -4.72 0.09
N GLU A 6 -12.25 -3.52 -0.03
CA GLU A 6 -12.02 -2.65 1.12
C GLU A 6 -11.63 -1.25 0.68
N THR A 7 -11.62 -0.31 1.63
CA THR A 7 -11.25 1.07 1.34
C THR A 7 -10.18 1.57 2.30
N THR A 8 -9.56 2.69 1.95
CA THR A 8 -8.51 3.27 2.78
C THR A 8 -8.51 4.80 2.68
N GLU A 9 -7.48 5.41 3.24
CA GLU A 9 -7.35 6.86 3.21
C GLU A 9 -6.03 7.27 2.54
N VAL A 10 -5.95 8.53 2.14
CA VAL A 10 -4.74 9.05 1.49
C VAL A 10 -4.48 10.49 1.89
N VAL A 11 -3.21 10.85 1.97
CA VAL A 11 -2.82 12.20 2.35
C VAL A 11 -1.81 12.77 1.36
N LEU A 12 -2.19 13.86 0.70
CA LEU A 12 -1.32 14.51 -0.27
C LEU A 12 -0.90 15.89 0.21
N THR A 13 0.40 16.08 0.38
CA THR A 13 0.94 17.35 0.85
C THR A 13 1.63 18.12 -0.28
N ALA A 14 1.84 19.40 -0.06
CA ALA A 14 2.49 20.25 -1.04
C ALA A 14 3.97 20.45 -0.72
N ASP A 15 4.84 19.97 -1.60
CA ASP A 15 6.27 20.10 -1.40
C ASP A 15 6.77 21.45 -1.91
N PRO A 16 7.86 21.97 -1.32
CA PRO A 16 8.42 23.25 -1.73
C PRO A 16 9.25 23.16 -3.01
N VAL A 17 9.19 22.01 -3.67
CA VAL A 17 9.94 21.80 -4.90
C VAL A 17 9.02 21.62 -6.10
N THR A 18 8.04 20.73 -5.97
CA THR A 18 7.10 20.47 -7.06
C THR A 18 5.65 20.46 -6.59
N GLY A 19 5.43 20.44 -5.28
CA GLY A 19 4.07 20.42 -4.76
C GLY A 19 3.42 19.07 -4.92
N PHE A 20 2.79 18.84 -6.06
CA PHE A 20 2.11 17.59 -6.34
C PHE A 20 2.48 17.09 -7.74
N GLY A 21 3.10 15.92 -7.79
CA GLY A 21 3.53 15.36 -9.07
C GLY A 21 2.54 14.39 -9.69
N ILE A 22 1.26 14.58 -9.40
CA ILE A 22 0.22 13.72 -9.93
C ILE A 22 -0.37 14.27 -11.22
N GLN A 23 -0.81 13.36 -12.08
CA GLN A 23 -1.44 13.72 -13.34
C GLN A 23 -2.52 12.70 -13.65
N LEU A 24 -3.76 13.05 -13.35
CA LEU A 24 -4.89 12.15 -13.57
C LEU A 24 -5.83 12.63 -14.66
N GLN A 25 -6.57 11.68 -15.22
CA GLN A 25 -7.53 11.96 -16.28
C GLN A 25 -8.88 12.27 -15.67
N GLY A 26 -9.81 12.76 -16.49
CA GLY A 26 -11.14 13.09 -16.00
C GLY A 26 -12.23 12.29 -16.68
N SER A 27 -11.87 11.51 -17.69
CA SER A 27 -12.83 10.71 -18.41
C SER A 27 -12.30 9.31 -18.69
N VAL A 28 -13.22 8.36 -18.79
CA VAL A 28 -12.89 6.98 -19.05
C VAL A 28 -14.03 6.29 -19.77
N PHE A 29 -15.06 5.96 -19.00
CA PHE A 29 -16.27 5.31 -19.50
C PHE A 29 -16.62 5.81 -20.90
N ALA A 30 -16.59 7.13 -21.07
CA ALA A 30 -16.92 7.76 -22.35
C ALA A 30 -18.17 7.16 -22.97
N THR A 31 -19.31 7.44 -22.32
CA THR A 31 -20.60 6.94 -22.80
C THR A 31 -21.68 7.12 -21.73
N GLU A 32 -22.43 8.21 -21.83
CA GLU A 32 -23.51 8.49 -20.89
C GLU A 32 -22.99 8.67 -19.47
N THR A 33 -23.65 9.55 -18.71
CA THR A 33 -23.28 9.81 -17.33
C THR A 33 -21.77 10.00 -17.17
N LEU A 34 -21.32 10.03 -15.92
CA LEU A 34 -19.91 10.19 -15.61
C LEU A 34 -19.46 9.18 -14.58
N SER A 35 -19.79 9.44 -13.34
CA SER A 35 -19.43 8.57 -12.23
C SER A 35 -17.96 8.18 -12.28
N SER A 36 -17.18 8.93 -13.04
CA SER A 36 -15.75 8.65 -13.16
C SER A 36 -14.92 9.70 -12.45
N PRO A 37 -14.44 9.40 -11.22
CA PRO A 37 -13.62 10.33 -10.44
C PRO A 37 -12.19 10.42 -10.99
N PRO A 38 -11.38 11.34 -10.45
CA PRO A 38 -9.99 11.53 -10.87
C PRO A 38 -9.26 10.20 -10.99
N LEU A 39 -8.54 10.01 -12.10
CA LEU A 39 -7.81 8.78 -12.34
C LEU A 39 -6.34 9.05 -12.71
N ILE A 40 -5.45 8.97 -11.72
CA ILE A 40 -4.04 9.21 -11.97
C ILE A 40 -3.50 8.23 -13.00
N SER A 41 -2.65 8.72 -13.90
CA SER A 41 -2.06 7.89 -14.93
C SER A 41 -0.53 7.97 -14.89
N TYR A 42 0.01 8.72 -13.94
CA TYR A 42 1.46 8.87 -13.81
C TYR A 42 1.82 9.80 -12.66
N ILE A 43 2.79 9.38 -11.87
CA ILE A 43 3.28 10.18 -10.77
C ILE A 43 4.67 10.70 -11.11
N GLU A 44 5.14 11.72 -10.40
CA GLU A 44 6.45 12.28 -10.68
C GLU A 44 7.51 11.74 -9.72
N ALA A 45 8.76 11.71 -10.17
CA ALA A 45 9.86 11.20 -9.37
C ALA A 45 10.39 12.27 -8.42
N ASP A 46 9.49 12.81 -7.60
CA ASP A 46 9.84 13.84 -6.63
C ASP A 46 8.59 14.50 -6.08
N SER A 47 7.59 13.69 -5.78
CA SER A 47 6.33 14.18 -5.25
C SER A 47 5.90 13.38 -4.03
N PRO A 48 5.35 14.05 -3.00
CA PRO A 48 4.89 13.38 -1.78
C PRO A 48 3.74 12.41 -2.04
N ALA A 49 3.18 12.46 -3.25
CA ALA A 49 2.07 11.60 -3.62
C ALA A 49 2.56 10.17 -3.83
N GLU A 50 3.54 10.01 -4.72
CA GLU A 50 4.09 8.70 -5.01
C GLU A 50 5.05 8.27 -3.90
N ARG A 51 5.67 9.25 -3.26
CA ARG A 51 6.61 8.98 -2.18
C ARG A 51 5.87 8.57 -0.91
N CYS A 52 4.65 9.08 -0.74
CA CYS A 52 3.84 8.77 0.43
C CYS A 52 3.70 7.26 0.62
N GLY A 53 3.44 6.56 -0.48
CA GLY A 53 3.29 5.12 -0.41
C GLY A 53 1.83 4.69 -0.40
N VAL A 54 0.97 5.50 -0.99
CA VAL A 54 -0.46 5.19 -1.03
C VAL A 54 -1.09 5.73 -2.30
N LEU A 55 -0.29 5.87 -3.36
CA LEU A 55 -0.77 6.37 -4.64
C LEU A 55 -0.20 5.57 -5.80
N GLN A 56 -1.08 5.12 -6.69
CA GLN A 56 -0.66 4.34 -7.85
C GLN A 56 -1.23 4.92 -9.13
N ILE A 57 -0.83 4.35 -10.26
CA ILE A 57 -1.28 4.82 -11.56
C ILE A 57 -2.78 4.56 -11.74
N GLY A 58 -3.60 5.36 -11.08
CA GLY A 58 -5.04 5.21 -11.18
C GLY A 58 -5.70 5.12 -9.83
N ASP A 59 -5.33 6.03 -8.93
CA ASP A 59 -5.89 6.05 -7.59
C ASP A 59 -7.31 6.63 -7.60
N ARG A 60 -8.30 5.74 -7.60
CA ARG A 60 -9.70 6.17 -7.62
C ARG A 60 -10.14 6.61 -6.22
N VAL A 61 -10.49 7.89 -6.10
CA VAL A 61 -10.92 8.43 -4.82
C VAL A 61 -12.44 8.59 -4.78
N MET A 62 -12.97 8.83 -3.59
CA MET A 62 -14.41 8.99 -3.41
C MET A 62 -14.73 10.38 -2.89
N ALA A 63 -13.92 10.88 -1.96
CA ALA A 63 -14.12 12.20 -1.39
C ALA A 63 -12.79 12.88 -1.09
N ILE A 64 -12.67 14.14 -1.48
CA ILE A 64 -11.46 14.91 -1.26
C ILE A 64 -11.73 16.12 -0.39
N ASN A 65 -11.13 16.14 0.79
CA ASN A 65 -11.32 17.25 1.74
C ASN A 65 -12.81 17.59 1.90
N GLY A 66 -13.67 16.61 1.66
CA GLY A 66 -15.10 16.83 1.79
C GLY A 66 -15.82 16.86 0.45
N ILE A 67 -15.11 17.25 -0.59
CA ILE A 67 -15.68 17.32 -1.93
C ILE A 67 -15.94 15.93 -2.50
N PRO A 68 -17.11 15.73 -3.14
CA PRO A 68 -17.46 14.44 -3.74
C PRO A 68 -16.81 14.22 -5.10
N THR A 69 -16.86 12.99 -5.59
CA THR A 69 -16.27 12.66 -6.88
C THR A 69 -17.15 11.68 -7.66
N GLU A 70 -17.47 10.56 -7.02
CA GLU A 70 -18.31 9.54 -7.65
C GLU A 70 -19.77 9.98 -7.71
N ASP A 71 -20.08 11.10 -7.06
CA ASP A 71 -21.44 11.61 -7.05
C ASP A 71 -21.47 13.07 -7.51
N SER A 72 -20.74 13.35 -8.58
CA SER A 72 -20.67 14.71 -9.13
C SER A 72 -19.72 14.75 -10.32
N THR A 73 -19.62 15.92 -10.95
CA THR A 73 -18.75 16.10 -12.11
C THR A 73 -17.29 15.87 -11.73
N PHE A 74 -16.51 15.31 -12.64
CA PHE A 74 -15.10 15.06 -12.40
C PHE A 74 -14.29 16.34 -12.42
N GLU A 75 -14.78 17.33 -13.16
CA GLU A 75 -14.10 18.62 -13.28
C GLU A 75 -13.80 19.24 -11.92
N GLU A 76 -14.77 19.17 -11.01
CA GLU A 76 -14.58 19.74 -9.69
C GLU A 76 -13.42 19.05 -8.98
N ALA A 77 -13.37 17.73 -9.07
CA ALA A 77 -12.31 16.96 -8.45
C ALA A 77 -10.96 17.39 -9.02
N ASN A 78 -10.96 17.70 -10.31
CA ASN A 78 -9.75 18.14 -10.98
C ASN A 78 -9.25 19.42 -10.36
N GLN A 79 -10.17 20.34 -10.07
CA GLN A 79 -9.81 21.61 -9.45
C GLN A 79 -9.18 21.37 -8.09
N LEU A 80 -9.70 20.37 -7.37
CA LEU A 80 -9.18 20.03 -6.05
C LEU A 80 -7.70 19.69 -6.13
N LEU A 81 -7.33 18.83 -7.07
CA LEU A 81 -5.94 18.41 -7.23
C LEU A 81 -5.09 19.55 -7.79
N ARG A 82 -5.47 20.08 -8.94
CA ARG A 82 -4.73 21.19 -9.55
C ARG A 82 -4.54 22.29 -8.50
N ASP A 83 -5.52 22.40 -7.62
CA ASP A 83 -5.49 23.39 -6.55
C ASP A 83 -5.51 22.71 -5.19
N SER A 84 -4.79 21.60 -5.07
CA SER A 84 -4.73 20.86 -3.82
C SER A 84 -3.53 21.31 -2.97
N SER A 85 -3.09 22.56 -3.18
CA SER A 85 -1.95 23.07 -2.43
C SER A 85 -2.30 24.37 -1.70
N ILE A 86 -3.59 24.64 -1.57
CA ILE A 86 -4.05 25.81 -0.88
C ILE A 86 -3.75 25.71 0.60
N THR A 87 -3.93 24.51 1.10
CA THR A 87 -3.71 24.22 2.51
C THR A 87 -2.42 23.41 2.69
N SER A 88 -1.63 23.33 1.63
CA SER A 88 -0.38 22.58 1.66
C SER A 88 -0.63 21.11 2.04
N LYS A 89 -1.85 20.67 1.82
CA LYS A 89 -2.24 19.30 2.13
C LYS A 89 -3.65 19.02 1.63
N VAL A 90 -3.94 17.74 1.40
CA VAL A 90 -5.25 17.33 0.92
C VAL A 90 -5.53 15.87 1.25
N THR A 91 -6.69 15.61 1.85
CA THR A 91 -7.07 14.24 2.22
C THR A 91 -8.10 13.67 1.25
N LEU A 92 -7.87 12.44 0.81
CA LEU A 92 -8.78 11.78 -0.12
C LEU A 92 -8.93 10.29 0.21
N GLU A 93 -10.16 9.80 0.14
CA GLU A 93 -10.44 8.40 0.42
C GLU A 93 -10.52 7.60 -0.88
N ILE A 94 -10.04 6.36 -0.85
CA ILE A 94 -10.05 5.52 -2.04
C ILE A 94 -10.55 4.10 -1.73
N GLU A 95 -10.88 3.37 -2.78
CA GLU A 95 -11.38 2.00 -2.64
C GLU A 95 -10.64 1.06 -3.59
N PHE A 96 -10.34 -0.14 -3.13
CA PHE A 96 -9.63 -1.12 -3.95
C PHE A 96 -9.79 -2.53 -3.40
N ASP A 97 -9.27 -3.51 -4.15
CA ASP A 97 -9.34 -4.90 -3.75
C ASP A 97 -8.04 -5.33 -3.09
N VAL A 98 -8.12 -5.75 -1.83
CA VAL A 98 -6.94 -6.17 -1.09
C VAL A 98 -6.27 -7.37 -1.74
N ALA A 99 -5.14 -7.13 -2.40
CA ALA A 99 -4.39 -8.19 -3.06
C ALA A 99 -3.12 -7.62 -3.71
N GLU A 100 -1.99 -8.19 -3.34
CA GLU A 100 -0.71 -7.75 -3.87
C GLU A 100 0.19 -8.94 -4.22
N SER A 101 -0.36 -9.87 -4.99
CA SER A 101 0.38 -11.05 -5.40
C SER A 101 0.68 -11.94 -4.21
N VAL A 102 -0.24 -12.84 -3.93
CA VAL A 102 -0.11 -13.77 -2.83
C VAL A 102 -0.08 -15.20 -3.35
N ILE A 103 0.98 -15.92 -3.04
CA ILE A 103 1.12 -17.29 -3.47
C ILE A 103 1.12 -18.24 -2.28
N PRO A 104 -0.07 -18.71 -1.86
CA PRO A 104 -0.23 -19.59 -0.71
C PRO A 104 -0.32 -21.06 -1.10
N SER A 105 -0.24 -21.92 -0.10
CA SER A 105 -0.32 -23.36 -0.30
C SER A 105 -0.86 -24.04 0.95
N SER A 106 -0.06 -23.99 2.01
CA SER A 106 -0.42 -24.57 3.30
C SER A 106 0.80 -24.66 4.20
N GLY A 107 0.81 -23.84 5.24
CA GLY A 107 1.93 -23.81 6.15
C GLY A 107 2.94 -22.76 5.74
N THR A 108 3.06 -22.53 4.44
CA THR A 108 3.99 -21.55 3.92
C THR A 108 3.30 -20.61 2.94
N PHE A 109 2.99 -19.40 3.42
CA PHE A 109 2.32 -18.38 2.61
C PHE A 109 3.31 -17.31 2.19
N HIS A 110 3.43 -17.05 0.89
CA HIS A 110 4.36 -16.02 0.43
C HIS A 110 3.60 -14.86 -0.20
N VAL A 111 3.93 -13.65 0.25
CA VAL A 111 3.30 -12.44 -0.28
C VAL A 111 4.33 -11.60 -1.01
N LYS A 112 4.26 -11.64 -2.34
CA LYS A 112 5.18 -10.89 -3.19
C LYS A 112 4.67 -9.48 -3.44
N LEU A 113 5.29 -8.50 -2.80
CA LEU A 113 4.88 -7.11 -2.96
C LEU A 113 6.03 -6.25 -3.49
N PRO A 114 5.74 -5.36 -4.46
CA PRO A 114 6.75 -4.47 -5.04
C PRO A 114 7.24 -3.45 -4.02
N LYS A 115 8.54 -3.19 -4.02
CA LYS A 115 9.11 -2.23 -3.08
C LYS A 115 9.88 -1.13 -3.78
N LYS A 116 10.06 -0.01 -3.09
CA LYS A 116 10.77 1.14 -3.63
C LYS A 116 11.82 1.64 -2.62
N HIS A 117 12.65 2.59 -3.03
CA HIS A 117 13.70 3.10 -2.15
C HIS A 117 13.17 3.43 -0.75
N SER A 118 12.47 4.56 -0.61
CA SER A 118 11.94 4.95 0.69
C SER A 118 10.44 5.25 0.64
N VAL A 119 9.63 4.28 1.04
CA VAL A 119 8.19 4.43 1.05
C VAL A 119 7.60 4.03 2.41
N GLU A 120 6.27 4.07 2.50
CA GLU A 120 5.59 3.72 3.74
C GLU A 120 5.11 2.27 3.68
N LEU A 121 5.89 1.37 4.27
CA LEU A 121 5.53 -0.04 4.28
C LEU A 121 4.31 -0.29 5.16
N GLY A 122 4.45 0.00 6.45
CA GLY A 122 3.33 -0.19 7.37
C GLY A 122 3.35 -1.55 8.04
N ILE A 123 4.38 -2.35 7.76
CA ILE A 123 4.50 -3.67 8.36
C ILE A 123 5.50 -3.67 9.50
N THR A 124 5.16 -4.34 10.59
CA THR A 124 6.02 -4.42 11.75
C THR A 124 6.28 -5.86 12.15
N ILE A 125 7.56 -6.21 12.29
CA ILE A 125 7.94 -7.57 12.67
C ILE A 125 8.16 -7.67 14.17
N SER A 126 8.19 -8.90 14.67
CA SER A 126 8.39 -9.13 16.10
C SER A 126 8.51 -10.62 16.40
N SER A 127 8.74 -10.94 17.67
CA SER A 127 8.87 -12.33 18.09
C SER A 127 7.74 -12.71 19.03
N PRO A 128 7.11 -13.89 18.81
CA PRO A 128 6.00 -14.36 19.66
C PRO A 128 6.49 -14.95 20.98
N SER A 129 5.55 -15.33 21.83
CA SER A 129 5.88 -15.91 23.13
C SER A 129 6.29 -17.37 22.97
N SER A 130 6.31 -18.09 24.09
CA SER A 130 6.69 -19.50 24.09
C SER A 130 8.09 -19.68 23.50
N ARG A 131 9.10 -19.54 24.34
CA ARG A 131 10.49 -19.68 23.92
C ARG A 131 10.79 -21.12 23.52
N LYS A 132 10.26 -21.53 22.37
CA LYS A 132 10.47 -22.88 21.86
C LYS A 132 11.84 -23.00 21.18
N PRO A 133 12.36 -24.22 21.04
CA PRO A 133 13.66 -24.46 20.40
C PRO A 133 13.82 -23.66 19.12
N GLY A 134 12.70 -23.38 18.45
CA GLY A 134 12.74 -22.61 17.22
C GLY A 134 12.38 -21.16 17.45
N ASP A 135 11.11 -20.88 17.72
CA ASP A 135 10.65 -19.52 17.97
C ASP A 135 10.78 -18.65 16.72
N PRO A 136 9.92 -18.88 15.72
CA PRO A 136 9.94 -18.12 14.47
C PRO A 136 9.65 -16.64 14.68
N LEU A 137 9.19 -15.96 13.64
CA LEU A 137 8.86 -14.54 13.72
C LEU A 137 7.35 -14.33 13.77
N VAL A 138 6.93 -13.08 13.72
CA VAL A 138 5.51 -12.76 13.75
C VAL A 138 5.29 -11.25 13.63
N ILE A 139 4.28 -10.87 12.85
CA ILE A 139 3.95 -9.47 12.64
C ILE A 139 3.35 -8.86 13.90
N SER A 140 3.49 -7.54 14.06
CA SER A 140 2.98 -6.86 15.23
C SER A 140 2.24 -5.57 14.88
N ASP A 141 2.32 -5.15 13.62
CA ASP A 141 1.65 -3.94 13.18
C ASP A 141 1.45 -3.93 11.67
N ILE A 142 0.30 -3.41 11.25
CA ILE A 142 -0.04 -3.33 9.83
C ILE A 142 -0.74 -2.00 9.53
N LYS A 143 -0.32 -1.33 8.46
CA LYS A 143 -0.91 -0.05 8.07
C LYS A 143 -1.67 -0.18 6.76
N LYS A 144 -2.50 0.82 6.48
CA LYS A 144 -3.29 0.84 5.26
C LYS A 144 -2.65 1.75 4.20
N GLY A 145 -3.07 1.59 2.96
CA GLY A 145 -2.52 2.40 1.88
C GLY A 145 -1.22 1.86 1.33
N SER A 146 -0.63 0.89 2.04
CA SER A 146 0.62 0.29 1.60
C SER A 146 0.43 -1.17 1.21
N VAL A 147 1.24 -1.64 0.26
CA VAL A 147 1.17 -3.01 -0.22
C VAL A 147 1.17 -4.03 0.93
N ALA A 148 1.67 -3.62 2.08
CA ALA A 148 1.75 -4.50 3.25
C ALA A 148 0.38 -5.07 3.60
N HIS A 149 -0.55 -4.20 3.98
CA HIS A 149 -1.89 -4.62 4.33
C HIS A 149 -2.75 -4.82 3.09
N ARG A 150 -2.38 -4.14 2.00
CA ARG A 150 -3.10 -4.24 0.74
C ARG A 150 -3.20 -5.69 0.28
N THR A 151 -2.12 -6.45 0.46
CA THR A 151 -2.10 -7.85 0.06
C THR A 151 -3.27 -8.61 0.65
N GLY A 152 -3.78 -8.12 1.78
CA GLY A 152 -4.91 -8.75 2.44
C GLY A 152 -4.63 -10.20 2.81
N THR A 153 -3.72 -10.41 3.74
CA THR A 153 -3.37 -11.76 4.17
C THR A 153 -2.27 -11.72 5.23
N LEU A 154 -2.36 -10.76 6.14
CA LEU A 154 -1.37 -10.60 7.20
C LEU A 154 -2.01 -10.86 8.57
N GLU A 155 -2.75 -9.87 9.07
CA GLU A 155 -3.42 -9.99 10.36
C GLU A 155 -2.41 -10.17 11.48
N LEU A 156 -2.75 -9.68 12.67
CA LEU A 156 -1.87 -9.78 13.83
C LEU A 156 -1.91 -11.20 14.41
N GLY A 157 -0.85 -11.95 14.20
CA GLY A 157 -0.78 -13.32 14.70
C GLY A 157 -0.03 -14.25 13.78
N ASP A 158 0.14 -13.83 12.53
CA ASP A 158 0.85 -14.65 11.54
C ASP A 158 2.28 -14.89 11.99
N LYS A 159 2.80 -16.08 11.68
CA LYS A 159 4.17 -16.42 12.06
C LYS A 159 5.07 -16.51 10.84
N LEU A 160 6.05 -15.61 10.76
CA LEU A 160 6.98 -15.57 9.64
C LEU A 160 7.92 -16.77 9.67
N LEU A 161 8.76 -16.88 8.64
CA LEU A 161 9.72 -17.97 8.54
C LEU A 161 10.89 -17.60 7.65
N ALA A 162 10.59 -16.97 6.52
CA ALA A 162 11.62 -16.56 5.57
C ALA A 162 11.24 -15.25 4.88
N ILE A 163 12.17 -14.71 4.10
CA ILE A 163 11.96 -13.47 3.38
C ILE A 163 12.53 -13.54 1.97
N ASP A 164 11.64 -13.67 0.98
CA ASP A 164 12.02 -13.75 -0.42
C ASP A 164 13.17 -14.73 -0.68
N ASN A 165 14.41 -14.24 -0.57
CA ASN A 165 15.58 -15.09 -0.82
C ASN A 165 16.26 -15.55 0.47
N ILE A 166 15.99 -14.88 1.58
CA ILE A 166 16.61 -15.25 2.85
C ILE A 166 15.66 -16.07 3.72
N ARG A 167 16.25 -16.84 4.64
CA ARG A 167 15.47 -17.68 5.53
C ARG A 167 15.83 -17.41 6.98
N LEU A 168 14.84 -16.99 7.76
CA LEU A 168 15.04 -16.71 9.17
C LEU A 168 15.11 -18.02 9.94
N ASP A 169 14.71 -19.11 9.29
CA ASP A 169 14.73 -20.43 9.91
C ASP A 169 13.85 -20.44 11.16
N SER A 170 14.36 -19.87 12.25
CA SER A 170 13.62 -19.81 13.50
C SER A 170 14.17 -18.70 14.40
N CYS A 171 14.64 -17.62 13.79
CA CYS A 171 15.19 -16.48 14.52
C CYS A 171 15.77 -15.45 13.57
N SER A 172 16.46 -14.46 14.12
CA SER A 172 17.07 -13.40 13.31
C SER A 172 16.01 -12.42 12.84
N MET A 173 15.06 -12.11 13.72
CA MET A 173 14.00 -11.17 13.38
C MET A 173 14.61 -9.87 12.89
N GLU A 174 15.62 -9.39 13.60
CA GLU A 174 16.31 -8.17 13.22
C GLU A 174 16.99 -8.36 11.89
N ASP A 175 17.52 -9.55 11.69
CA ASP A 175 18.18 -9.87 10.43
C ASP A 175 17.19 -9.78 9.29
N ALA A 176 15.98 -10.29 9.54
CA ALA A 176 14.92 -10.24 8.54
C ALA A 176 14.63 -8.79 8.17
N VAL A 177 14.45 -7.97 9.19
CA VAL A 177 14.18 -6.56 8.99
C VAL A 177 15.28 -5.92 8.16
N GLN A 178 16.49 -6.48 8.26
CA GLN A 178 17.64 -5.99 7.52
C GLN A 178 17.49 -6.25 6.03
N ILE A 179 17.17 -7.50 5.68
CA ILE A 179 16.99 -7.87 4.29
C ILE A 179 15.62 -7.45 3.79
N LEU A 180 14.67 -7.31 4.70
CA LEU A 180 13.32 -6.92 4.36
C LEU A 180 13.25 -5.42 4.10
N GLN A 181 14.19 -4.68 4.67
CA GLN A 181 14.24 -3.23 4.50
C GLN A 181 15.02 -2.89 3.23
N GLN A 182 16.19 -3.52 3.08
CA GLN A 182 17.03 -3.29 1.91
C GLN A 182 16.39 -3.84 0.65
N CYS A 183 15.31 -4.61 0.80
CA CYS A 183 14.62 -5.17 -0.35
C CYS A 183 13.74 -4.12 -1.01
N GLU A 184 14.30 -2.93 -1.22
CA GLU A 184 13.58 -1.83 -1.84
C GLU A 184 13.39 -2.06 -3.32
N ASP A 185 12.66 -3.12 -3.64
CA ASP A 185 12.39 -3.48 -5.03
C ASP A 185 11.34 -4.58 -5.11
N LEU A 186 11.34 -5.45 -4.12
CA LEU A 186 10.40 -6.55 -4.07
C LEU A 186 10.66 -7.42 -2.84
N VAL A 187 9.76 -7.32 -1.88
CA VAL A 187 9.87 -8.09 -0.64
C VAL A 187 8.82 -9.18 -0.56
N LYS A 188 9.27 -10.42 -0.42
CA LYS A 188 8.35 -11.56 -0.31
C LYS A 188 8.38 -12.09 1.11
N LEU A 189 7.25 -11.98 1.81
CA LEU A 189 7.20 -12.45 3.19
C LEU A 189 6.70 -13.89 3.26
N LYS A 190 7.55 -14.76 3.80
CA LYS A 190 7.21 -16.17 3.95
C LYS A 190 6.59 -16.43 5.32
N ILE A 191 5.26 -16.38 5.36
CA ILE A 191 4.52 -16.57 6.61
C ILE A 191 4.08 -18.02 6.78
N ARG A 192 3.67 -18.36 8.00
CA ARG A 192 3.21 -19.71 8.32
C ARG A 192 1.69 -19.74 8.47
N LYS A 193 1.05 -20.67 7.76
CA LYS A 193 -0.40 -20.80 7.82
C LYS A 193 -0.83 -22.25 8.03
N ASP A 194 -1.43 -22.53 9.18
CA ASP A 194 -1.88 -23.87 9.50
C ASP A 194 -3.21 -24.19 8.81
N GLU A 195 -3.25 -24.02 7.50
CA GLU A 195 -4.46 -24.28 6.73
C GLU A 195 -4.43 -25.67 6.10
N ASP A 196 -5.42 -25.94 5.25
CA ASP A 196 -5.51 -27.24 4.58
C ASP A 196 -5.69 -28.37 5.58
N GLN A 1 -9.44 -18.79 -5.12
CA GLN A 1 -8.91 -17.65 -4.39
C GLN A 1 -10.02 -16.89 -3.67
N VAL A 2 -9.65 -15.82 -2.98
CA VAL A 2 -10.63 -15.01 -2.25
C VAL A 2 -10.19 -13.55 -2.20
N VAL A 3 -11.04 -12.67 -2.72
CA VAL A 3 -10.74 -11.24 -2.74
C VAL A 3 -11.97 -10.43 -2.30
N HIS A 4 -11.76 -9.53 -1.34
CA HIS A 4 -12.84 -8.69 -0.84
C HIS A 4 -12.52 -7.22 -1.07
N THR A 5 -13.34 -6.56 -1.90
CA THR A 5 -13.14 -5.15 -2.20
C THR A 5 -13.03 -4.32 -0.92
N GLU A 6 -11.86 -3.71 -0.72
CA GLU A 6 -11.62 -2.89 0.46
C GLU A 6 -11.38 -1.44 0.06
N THR A 7 -11.38 -0.56 1.06
CA THR A 7 -11.16 0.86 0.83
C THR A 7 -10.02 1.38 1.70
N THR A 8 -9.13 2.17 1.09
CA THR A 8 -7.99 2.72 1.80
C THR A 8 -8.00 4.24 1.73
N GLU A 9 -7.03 4.86 2.41
CA GLU A 9 -6.92 6.32 2.42
C GLU A 9 -5.65 6.76 1.70
N VAL A 10 -5.62 8.04 1.32
CA VAL A 10 -4.48 8.60 0.63
C VAL A 10 -4.09 9.95 1.23
N VAL A 11 -2.80 10.25 1.19
CA VAL A 11 -2.30 11.51 1.75
C VAL A 11 -1.44 12.25 0.74
N LEU A 12 -1.95 13.36 0.23
CA LEU A 12 -1.21 14.16 -0.75
C LEU A 12 -0.73 15.45 -0.10
N THR A 13 0.59 15.64 -0.04
CA THR A 13 1.15 16.84 0.56
C THR A 13 1.75 17.77 -0.50
N ALA A 14 1.96 19.02 -0.10
CA ALA A 14 2.52 20.03 -0.99
C ALA A 14 4.00 20.27 -0.66
N ASP A 15 4.88 19.97 -1.61
CA ASP A 15 6.31 20.17 -1.41
C ASP A 15 6.69 21.61 -1.75
N PRO A 16 7.79 22.10 -1.13
CA PRO A 16 8.26 23.47 -1.37
C PRO A 16 8.99 23.61 -2.70
N VAL A 17 9.04 22.53 -3.48
CA VAL A 17 9.70 22.55 -4.77
C VAL A 17 8.70 22.53 -5.91
N THR A 18 7.76 21.58 -5.88
CA THR A 18 6.76 21.46 -6.92
C THR A 18 5.35 21.29 -6.35
N GLY A 19 5.23 21.19 -5.03
CA GLY A 19 3.93 21.02 -4.42
C GLY A 19 3.37 19.63 -4.62
N PHE A 20 2.52 19.46 -5.62
CA PHE A 20 1.93 18.16 -5.93
C PHE A 20 2.32 17.73 -7.34
N GLY A 21 3.06 16.64 -7.42
CA GLY A 21 3.53 16.14 -8.70
C GLY A 21 2.52 15.29 -9.45
N ILE A 22 1.27 15.27 -8.98
CA ILE A 22 0.24 14.49 -9.61
C ILE A 22 -0.55 15.30 -10.65
N GLN A 23 -0.98 14.61 -11.71
CA GLN A 23 -1.75 15.22 -12.77
C GLN A 23 -2.85 14.25 -13.20
N LEU A 24 -4.07 14.48 -12.71
CA LEU A 24 -5.18 13.59 -13.03
C LEU A 24 -6.19 14.25 -13.96
N GLN A 25 -6.89 13.40 -14.73
CA GLN A 25 -7.89 13.86 -15.66
C GLN A 25 -9.29 13.70 -15.06
N GLY A 26 -10.28 14.26 -15.74
CA GLY A 26 -11.65 14.16 -15.26
C GLY A 26 -12.61 13.79 -16.37
N SER A 27 -12.11 12.99 -17.31
CA SER A 27 -12.91 12.56 -18.44
C SER A 27 -12.28 11.34 -19.11
N VAL A 28 -12.28 10.22 -18.40
CA VAL A 28 -11.70 8.98 -18.91
C VAL A 28 -12.37 8.59 -20.23
N PHE A 29 -13.58 8.08 -20.11
CA PHE A 29 -14.36 7.66 -21.25
C PHE A 29 -14.79 8.87 -22.09
N ALA A 30 -15.24 9.90 -21.39
CA ALA A 30 -15.69 11.14 -22.04
C ALA A 30 -16.73 10.85 -23.12
N THR A 31 -17.99 10.78 -22.71
CA THR A 31 -19.08 10.52 -23.63
C THR A 31 -20.41 10.98 -23.05
N GLU A 32 -20.68 12.28 -23.16
CA GLU A 32 -21.92 12.86 -22.65
C GLU A 32 -22.27 12.34 -21.25
N THR A 33 -21.37 12.57 -20.30
CA THR A 33 -21.58 12.13 -18.92
C THR A 33 -20.37 12.49 -18.07
N LEU A 34 -19.19 12.19 -18.62
CA LEU A 34 -17.89 12.47 -17.98
C LEU A 34 -17.92 12.29 -16.46
N SER A 35 -18.87 11.52 -15.97
CA SER A 35 -19.00 11.28 -14.53
C SER A 35 -17.87 10.40 -13.98
N SER A 36 -16.77 10.34 -14.71
CA SER A 36 -15.62 9.54 -14.29
C SER A 36 -14.81 10.29 -13.23
N PRO A 37 -14.66 9.70 -12.03
CA PRO A 37 -13.89 10.33 -10.94
C PRO A 37 -12.47 10.67 -11.35
N PRO A 38 -11.76 11.47 -10.52
CA PRO A 38 -10.38 11.87 -10.79
C PRO A 38 -9.48 10.68 -11.11
N LEU A 39 -8.56 10.86 -12.04
CA LEU A 39 -7.65 9.79 -12.45
C LEU A 39 -6.26 10.33 -12.79
N ILE A 40 -5.29 10.06 -11.94
CA ILE A 40 -3.93 10.51 -12.18
C ILE A 40 -3.36 9.87 -13.44
N SER A 41 -3.05 10.69 -14.43
CA SER A 41 -2.51 10.20 -15.69
C SER A 41 -0.99 10.30 -15.73
N TYR A 42 -0.45 11.20 -14.90
CA TYR A 42 0.99 11.40 -14.84
C TYR A 42 1.42 12.11 -13.58
N ILE A 43 2.38 11.51 -12.86
CA ILE A 43 2.91 12.12 -11.66
C ILE A 43 4.22 12.80 -12.02
N GLU A 44 4.95 13.32 -11.03
CA GLU A 44 6.21 13.99 -11.32
C GLU A 44 7.39 13.25 -10.71
N ALA A 45 8.51 13.26 -11.41
CA ALA A 45 9.71 12.58 -10.95
C ALA A 45 10.37 13.30 -9.78
N ASP A 46 10.12 12.80 -8.58
CA ASP A 46 10.68 13.35 -7.36
C ASP A 46 9.67 14.25 -6.65
N SER A 47 8.46 13.72 -6.48
CA SER A 47 7.40 14.47 -5.82
C SER A 47 6.81 13.66 -4.68
N PRO A 48 6.48 14.32 -3.55
CA PRO A 48 5.89 13.64 -2.39
C PRO A 48 4.60 12.92 -2.77
N ALA A 49 4.01 13.31 -3.89
CA ALA A 49 2.78 12.72 -4.37
C ALA A 49 3.01 11.26 -4.78
N GLU A 50 3.94 11.05 -5.70
CA GLU A 50 4.27 9.71 -6.17
C GLU A 50 5.13 9.00 -5.13
N ARG A 51 5.90 9.78 -4.38
CA ARG A 51 6.77 9.22 -3.35
C ARG A 51 6.06 9.10 -2.00
N CYS A 52 4.81 9.55 -1.95
CA CYS A 52 4.03 9.48 -0.71
C CYS A 52 4.11 8.08 -0.10
N GLY A 53 3.77 7.08 -0.89
CA GLY A 53 3.81 5.71 -0.41
C GLY A 53 2.63 4.87 -0.90
N VAL A 54 1.54 5.54 -1.26
CA VAL A 54 0.36 4.84 -1.75
C VAL A 54 -0.28 5.57 -2.93
N LEU A 55 0.47 5.69 -4.02
CA LEU A 55 -0.01 6.35 -5.21
C LEU A 55 0.57 5.73 -6.47
N GLN A 56 -0.23 5.70 -7.53
CA GLN A 56 0.20 5.13 -8.80
C GLN A 56 -0.33 5.97 -9.97
N ILE A 57 0.11 5.64 -11.18
CA ILE A 57 -0.33 6.34 -12.37
C ILE A 57 -1.80 6.09 -12.66
N GLY A 58 -2.67 6.66 -11.84
CA GLY A 58 -4.10 6.48 -12.02
C GLY A 58 -4.77 5.86 -10.82
N ASP A 59 -5.20 6.69 -9.88
CA ASP A 59 -5.86 6.22 -8.68
C ASP A 59 -7.21 6.90 -8.49
N ARG A 60 -8.28 6.18 -8.83
CA ARG A 60 -9.63 6.72 -8.71
C ARG A 60 -9.94 7.09 -7.27
N VAL A 61 -10.62 8.22 -7.09
CA VAL A 61 -10.98 8.69 -5.76
C VAL A 61 -12.49 8.87 -5.63
N MET A 62 -13.00 8.66 -4.42
CA MET A 62 -14.43 8.80 -4.17
C MET A 62 -14.73 10.07 -3.37
N ALA A 63 -13.77 10.47 -2.54
CA ALA A 63 -13.93 11.67 -1.72
C ALA A 63 -12.59 12.37 -1.50
N ILE A 64 -12.60 13.70 -1.59
CA ILE A 64 -11.39 14.49 -1.40
C ILE A 64 -11.58 15.48 -0.25
N ASN A 65 -10.88 15.22 0.86
CA ASN A 65 -10.97 16.09 2.03
C ASN A 65 -12.40 16.18 2.52
N GLY A 66 -13.21 15.18 2.20
CA GLY A 66 -14.61 15.18 2.61
C GLY A 66 -15.56 15.43 1.45
N ILE A 67 -15.08 16.16 0.45
CA ILE A 67 -15.88 16.50 -0.71
C ILE A 67 -16.12 15.26 -1.57
N PRO A 68 -17.36 15.08 -2.08
CA PRO A 68 -17.71 13.94 -2.92
C PRO A 68 -17.00 13.99 -4.28
N THR A 69 -17.43 13.12 -5.19
CA THR A 69 -16.84 13.07 -6.53
C THR A 69 -17.85 12.57 -7.55
N GLU A 70 -18.43 11.40 -7.29
CA GLU A 70 -19.40 10.81 -8.20
C GLU A 70 -20.71 11.61 -8.21
N ASP A 71 -20.85 12.51 -7.24
CA ASP A 71 -22.04 13.34 -7.14
C ASP A 71 -21.73 14.78 -7.54
N SER A 72 -21.01 14.94 -8.64
CA SER A 72 -20.65 16.25 -9.14
C SER A 72 -19.89 16.15 -10.46
N THR A 73 -19.43 17.29 -10.96
CA THR A 73 -18.68 17.33 -12.21
C THR A 73 -17.21 17.00 -11.98
N PHE A 74 -16.50 16.71 -13.06
CA PHE A 74 -15.08 16.40 -12.98
C PHE A 74 -14.25 17.65 -12.71
N GLU A 75 -14.61 18.74 -13.38
CA GLU A 75 -13.90 20.00 -13.23
C GLU A 75 -13.84 20.43 -11.78
N GLU A 76 -14.87 20.07 -11.01
CA GLU A 76 -14.92 20.42 -9.60
C GLU A 76 -13.75 19.75 -8.88
N ALA A 77 -13.59 18.46 -9.12
CA ALA A 77 -12.49 17.71 -8.50
C ALA A 77 -11.18 18.38 -8.80
N ASN A 78 -11.03 18.81 -10.05
CA ASN A 78 -9.82 19.51 -10.48
C ASN A 78 -9.60 20.76 -9.64
N GLN A 79 -10.71 21.42 -9.29
CA GLN A 79 -10.65 22.62 -8.47
C GLN A 79 -10.04 22.30 -7.12
N LEU A 80 -10.47 21.17 -6.54
CA LEU A 80 -9.94 20.73 -5.25
C LEU A 80 -8.43 20.63 -5.32
N LEU A 81 -7.93 20.05 -6.41
CA LEU A 81 -6.50 19.91 -6.61
C LEU A 81 -5.86 21.27 -6.82
N ARG A 82 -6.47 22.08 -7.69
CA ARG A 82 -5.96 23.42 -7.96
C ARG A 82 -5.74 24.16 -6.65
N ASP A 83 -6.58 23.86 -5.67
CA ASP A 83 -6.48 24.47 -4.35
C ASP A 83 -6.27 23.39 -3.29
N SER A 84 -5.48 22.39 -3.64
CA SER A 84 -5.19 21.29 -2.73
C SER A 84 -3.88 21.54 -1.98
N SER A 85 -3.46 22.79 -1.90
CA SER A 85 -2.22 23.14 -1.21
C SER A 85 -2.44 24.19 -0.13
N ILE A 86 -3.69 24.39 0.25
CA ILE A 86 -4.04 25.35 1.27
C ILE A 86 -3.42 24.97 2.59
N THR A 87 -3.61 23.72 2.94
CA THR A 87 -3.09 23.15 4.17
C THR A 87 -1.89 22.26 3.88
N SER A 88 -1.42 22.29 2.63
CA SER A 88 -0.28 21.48 2.22
C SER A 88 -0.60 20.00 2.34
N LYS A 89 -1.87 19.66 2.25
CA LYS A 89 -2.29 18.27 2.36
C LYS A 89 -3.62 18.02 1.64
N VAL A 90 -3.86 16.76 1.30
CA VAL A 90 -5.09 16.36 0.61
C VAL A 90 -5.38 14.89 0.86
N THR A 91 -6.47 14.62 1.57
CA THR A 91 -6.85 13.23 1.87
C THR A 91 -7.86 12.70 0.86
N LEU A 92 -7.70 11.43 0.49
CA LEU A 92 -8.59 10.80 -0.48
C LEU A 92 -8.98 9.40 -0.04
N GLU A 93 -10.12 8.92 -0.54
CA GLU A 93 -10.61 7.59 -0.20
C GLU A 93 -10.78 6.76 -1.48
N ILE A 94 -9.93 5.75 -1.63
CA ILE A 94 -9.99 4.90 -2.82
C ILE A 94 -10.38 3.47 -2.46
N GLU A 95 -10.80 2.71 -3.48
CA GLU A 95 -11.19 1.32 -3.29
C GLU A 95 -10.52 0.43 -4.32
N PHE A 96 -10.14 -0.77 -3.91
CA PHE A 96 -9.47 -1.72 -4.80
C PHE A 96 -9.55 -3.14 -4.28
N ASP A 97 -9.07 -4.09 -5.08
CA ASP A 97 -9.07 -5.50 -4.68
C ASP A 97 -7.82 -5.81 -3.85
N VAL A 98 -7.90 -6.84 -3.02
CA VAL A 98 -6.78 -7.22 -2.17
C VAL A 98 -6.11 -8.49 -2.66
N ALA A 99 -4.95 -8.34 -3.28
CA ALA A 99 -4.18 -9.47 -3.80
C ALA A 99 -2.98 -8.99 -4.62
N GLU A 100 -1.79 -9.33 -4.15
CA GLU A 100 -0.56 -8.93 -4.84
C GLU A 100 0.37 -10.11 -5.04
N SER A 101 -0.22 -11.31 -5.19
CA SER A 101 0.55 -12.53 -5.40
C SER A 101 0.90 -13.20 -4.07
N VAL A 102 0.09 -14.18 -3.70
CA VAL A 102 0.29 -14.93 -2.48
C VAL A 102 -0.01 -16.40 -2.75
N ILE A 103 0.89 -17.27 -2.31
CA ILE A 103 0.72 -18.70 -2.53
C ILE A 103 0.36 -19.41 -1.22
N PRO A 104 -0.93 -19.74 -1.03
CA PRO A 104 -1.40 -20.41 0.19
C PRO A 104 -0.91 -21.84 0.30
N SER A 105 -0.87 -22.34 1.53
CA SER A 105 -0.42 -23.71 1.80
C SER A 105 -0.40 -23.96 3.31
N SER A 106 -1.39 -24.72 3.79
CA SER A 106 -1.50 -25.03 5.21
C SER A 106 -0.12 -25.34 5.81
N GLY A 107 0.31 -24.49 6.73
CA GLY A 107 1.61 -24.69 7.35
C GLY A 107 2.63 -23.75 6.78
N THR A 108 2.69 -23.66 5.45
CA THR A 108 3.63 -22.78 4.76
C THR A 108 2.90 -21.79 3.87
N PHE A 109 2.87 -20.53 4.29
CA PHE A 109 2.21 -19.47 3.53
C PHE A 109 3.24 -18.48 3.01
N HIS A 110 3.31 -18.31 1.68
CA HIS A 110 4.28 -17.37 1.10
C HIS A 110 3.55 -16.21 0.44
N VAL A 111 3.85 -15.00 0.90
CA VAL A 111 3.23 -13.80 0.35
C VAL A 111 4.21 -13.06 -0.55
N LYS A 112 4.06 -13.25 -1.85
CA LYS A 112 4.93 -12.60 -2.84
C LYS A 112 4.46 -11.18 -3.11
N LEU A 113 5.24 -10.20 -2.65
CA LEU A 113 4.87 -8.80 -2.84
C LEU A 113 5.96 -8.03 -3.59
N PRO A 114 5.65 -7.53 -4.81
CA PRO A 114 6.61 -6.77 -5.60
C PRO A 114 7.03 -5.47 -4.91
N LYS A 115 8.30 -5.39 -4.53
CA LYS A 115 8.81 -4.21 -3.86
C LYS A 115 9.29 -3.16 -4.85
N LYS A 116 9.36 -1.91 -4.37
CA LYS A 116 9.78 -0.79 -5.21
C LYS A 116 11.24 -0.42 -4.91
N HIS A 117 11.64 0.76 -5.35
CA HIS A 117 13.01 1.22 -5.12
C HIS A 117 13.20 1.67 -3.68
N SER A 118 12.17 2.28 -3.11
CA SER A 118 12.22 2.75 -1.73
C SER A 118 10.89 3.35 -1.31
N VAL A 119 9.88 2.51 -1.16
CA VAL A 119 8.55 2.94 -0.77
C VAL A 119 8.12 2.32 0.56
N GLU A 120 7.16 2.95 1.23
CA GLU A 120 6.67 2.46 2.50
C GLU A 120 5.96 1.11 2.34
N LEU A 121 6.29 0.17 3.21
CA LEU A 121 5.68 -1.16 3.16
C LEU A 121 4.44 -1.22 4.05
N GLY A 122 4.59 -0.78 5.30
CA GLY A 122 3.47 -0.78 6.23
C GLY A 122 3.44 -1.99 7.13
N ILE A 123 4.55 -2.72 7.23
CA ILE A 123 4.62 -3.90 8.08
C ILE A 123 5.45 -3.62 9.33
N THR A 124 5.00 -4.18 10.45
CA THR A 124 5.68 -4.01 11.73
C THR A 124 6.04 -5.38 12.29
N ILE A 125 7.33 -5.68 12.37
CA ILE A 125 7.78 -6.97 12.87
C ILE A 125 7.88 -6.99 14.39
N SER A 126 7.88 -8.20 14.95
CA SER A 126 7.97 -8.38 16.39
C SER A 126 8.69 -9.69 16.71
N SER A 127 9.27 -9.78 17.90
CA SER A 127 9.98 -10.98 18.32
C SER A 127 9.23 -11.71 19.42
N PRO A 128 8.34 -12.66 19.05
CA PRO A 128 7.57 -13.44 20.01
C PRO A 128 8.42 -13.94 21.18
N SER A 129 7.77 -14.39 22.25
CA SER A 129 8.46 -14.88 23.43
C SER A 129 9.51 -13.88 23.90
N SER A 130 10.46 -14.33 24.71
CA SER A 130 11.51 -13.46 25.23
C SER A 130 12.78 -14.24 25.53
N ARG A 131 13.86 -13.50 25.80
CA ARG A 131 15.16 -14.09 26.13
C ARG A 131 15.88 -14.55 24.87
N LYS A 132 15.61 -13.87 23.77
CA LYS A 132 16.24 -14.18 22.49
C LYS A 132 16.45 -12.88 21.69
N PRO A 133 17.65 -12.69 21.11
CA PRO A 133 17.94 -11.50 20.31
C PRO A 133 16.88 -11.27 19.24
N GLY A 134 16.19 -12.34 18.88
CA GLY A 134 15.15 -12.27 17.87
C GLY A 134 14.92 -13.61 17.21
N ASP A 135 14.83 -14.65 18.02
CA ASP A 135 14.62 -16.00 17.54
C ASP A 135 13.40 -16.09 16.63
N PRO A 136 12.21 -15.68 17.12
CA PRO A 136 10.98 -15.72 16.35
C PRO A 136 10.72 -14.44 15.56
N LEU A 137 9.91 -14.54 14.52
CA LEU A 137 9.56 -13.40 13.69
C LEU A 137 8.05 -13.32 13.51
N VAL A 138 7.50 -12.12 13.68
CA VAL A 138 6.05 -11.94 13.56
C VAL A 138 5.68 -10.50 13.21
N ILE A 139 4.47 -10.33 12.67
CA ILE A 139 3.98 -9.00 12.32
C ILE A 139 2.94 -8.55 13.34
N SER A 140 2.98 -7.28 13.71
CA SER A 140 2.04 -6.76 14.69
C SER A 140 1.31 -5.52 14.20
N ASP A 141 1.78 -4.94 13.10
CA ASP A 141 1.15 -3.74 12.56
C ASP A 141 1.19 -3.71 11.03
N ILE A 142 0.01 -3.57 10.44
CA ILE A 142 -0.12 -3.51 9.00
C ILE A 142 -0.70 -2.15 8.57
N LYS A 143 -0.28 -1.66 7.41
CA LYS A 143 -0.77 -0.38 6.91
C LYS A 143 -1.52 -0.53 5.60
N LYS A 144 -2.56 0.27 5.43
CA LYS A 144 -3.36 0.22 4.21
C LYS A 144 -2.64 0.94 3.07
N GLY A 145 -3.15 0.78 1.85
CA GLY A 145 -2.53 1.42 0.70
C GLY A 145 -1.36 0.62 0.15
N SER A 146 -0.48 0.17 1.03
CA SER A 146 0.70 -0.60 0.61
C SER A 146 0.31 -2.01 0.17
N VAL A 147 1.29 -2.75 -0.31
CA VAL A 147 1.07 -4.12 -0.77
C VAL A 147 0.85 -5.10 0.39
N ALA A 148 1.33 -4.73 1.58
CA ALA A 148 1.20 -5.57 2.75
C ALA A 148 -0.24 -5.99 3.01
N HIS A 149 -1.06 -5.04 3.44
CA HIS A 149 -2.46 -5.33 3.72
C HIS A 149 -3.21 -5.66 2.42
N ARG A 150 -2.69 -5.16 1.30
CA ARG A 150 -3.31 -5.41 0.01
C ARG A 150 -3.41 -6.91 -0.25
N THR A 151 -2.43 -7.66 0.23
CA THR A 151 -2.41 -9.11 0.07
C THR A 151 -3.80 -9.72 0.22
N GLY A 152 -4.42 -9.48 1.38
CA GLY A 152 -5.74 -10.00 1.64
C GLY A 152 -5.73 -11.23 2.52
N THR A 153 -4.59 -11.93 2.55
CA THR A 153 -4.45 -13.12 3.37
C THR A 153 -3.22 -13.02 4.27
N LEU A 154 -2.93 -11.82 4.75
CA LEU A 154 -1.78 -11.60 5.61
C LEU A 154 -2.22 -11.42 7.07
N GLU A 155 -2.51 -12.53 7.74
CA GLU A 155 -2.93 -12.49 9.13
C GLU A 155 -1.74 -12.20 10.04
N LEU A 156 -1.36 -10.94 10.08
CA LEU A 156 -0.24 -10.49 10.91
C LEU A 156 0.93 -11.46 10.87
N GLY A 157 1.05 -12.17 9.77
CA GLY A 157 2.13 -13.13 9.60
C GLY A 157 2.00 -14.37 10.47
N ASP A 158 1.54 -14.19 11.71
CA ASP A 158 1.39 -15.31 12.64
C ASP A 158 2.76 -15.77 13.12
N LYS A 159 3.42 -16.60 12.31
CA LYS A 159 4.75 -17.09 12.66
C LYS A 159 5.68 -17.03 11.44
N LEU A 160 6.59 -16.08 11.45
CA LEU A 160 7.53 -15.91 10.34
C LEU A 160 8.82 -16.69 10.57
N LEU A 161 9.25 -17.43 9.56
CA LEU A 161 10.47 -18.22 9.65
C LEU A 161 11.35 -18.07 8.40
N ALA A 162 10.78 -17.56 7.31
CA ALA A 162 11.55 -17.39 6.08
C ALA A 162 11.10 -16.16 5.30
N ILE A 163 12.07 -15.36 4.87
CA ILE A 163 11.80 -14.15 4.12
C ILE A 163 12.73 -14.02 2.92
N ASP A 164 12.16 -14.02 1.72
CA ASP A 164 12.93 -13.89 0.49
C ASP A 164 13.97 -15.00 0.38
N ASN A 165 13.54 -16.23 0.70
CA ASN A 165 14.41 -17.41 0.63
C ASN A 165 15.26 -17.57 1.90
N ILE A 166 15.51 -16.46 2.59
CA ILE A 166 16.31 -16.50 3.82
C ILE A 166 15.46 -16.93 5.00
N ARG A 167 16.12 -17.43 6.04
CA ARG A 167 15.41 -17.89 7.23
C ARG A 167 15.99 -17.30 8.50
N LEU A 168 15.12 -16.69 9.29
CA LEU A 168 15.52 -16.12 10.56
C LEU A 168 15.63 -17.20 11.62
N ASP A 169 15.26 -18.43 11.25
CA ASP A 169 15.31 -19.58 12.16
C ASP A 169 16.58 -19.55 13.00
N SER A 170 17.67 -19.04 12.41
CA SER A 170 18.95 -18.96 13.11
C SER A 170 19.37 -17.50 13.32
N CYS A 171 18.76 -16.60 12.58
CA CYS A 171 19.07 -15.18 12.66
C CYS A 171 18.20 -14.50 13.72
N SER A 172 18.25 -13.17 13.74
CA SER A 172 17.48 -12.40 14.71
C SER A 172 16.33 -11.66 14.02
N MET A 173 15.73 -10.72 14.74
CA MET A 173 14.62 -9.94 14.21
C MET A 173 15.12 -8.90 13.22
N GLU A 174 16.09 -8.10 13.65
CA GLU A 174 16.67 -7.07 12.80
C GLU A 174 17.15 -7.66 11.49
N ASP A 175 17.55 -8.92 11.54
CA ASP A 175 18.03 -9.62 10.35
C ASP A 175 16.93 -9.66 9.30
N ALA A 176 15.75 -10.12 9.69
CA ALA A 176 14.63 -10.21 8.78
C ALA A 176 14.31 -8.83 8.22
N VAL A 177 14.33 -7.83 9.09
CA VAL A 177 14.07 -6.46 8.68
C VAL A 177 15.15 -6.00 7.71
N GLN A 178 16.36 -6.52 7.91
CA GLN A 178 17.49 -6.19 7.07
C GLN A 178 17.24 -6.68 5.65
N ILE A 179 16.80 -7.93 5.53
CA ILE A 179 16.49 -8.49 4.23
C ILE A 179 15.19 -7.91 3.70
N LEU A 180 14.35 -7.44 4.62
CA LEU A 180 13.07 -6.84 4.26
C LEU A 180 13.24 -5.56 3.45
N GLN A 181 14.26 -4.78 3.80
CA GLN A 181 14.53 -3.52 3.14
C GLN A 181 15.39 -3.71 1.90
N GLN A 182 16.53 -4.38 2.07
CA GLN A 182 17.44 -4.64 0.96
C GLN A 182 16.73 -5.38 -0.16
N CYS A 183 15.59 -5.99 0.16
CA CYS A 183 14.82 -6.71 -0.84
C CYS A 183 13.84 -5.76 -1.52
N GLU A 184 14.31 -4.56 -1.83
CA GLU A 184 13.50 -3.55 -2.48
C GLU A 184 13.24 -3.90 -3.94
N ASP A 185 12.57 -5.02 -4.13
CA ASP A 185 12.24 -5.50 -5.47
C ASP A 185 11.14 -6.55 -5.43
N LEU A 186 11.14 -7.33 -4.36
CA LEU A 186 10.16 -8.39 -4.18
C LEU A 186 10.42 -9.15 -2.90
N VAL A 187 9.58 -8.92 -1.89
CA VAL A 187 9.72 -9.58 -0.60
C VAL A 187 8.76 -10.75 -0.46
N LYS A 188 9.31 -11.94 -0.22
CA LYS A 188 8.49 -13.14 -0.05
C LYS A 188 8.43 -13.52 1.42
N LEU A 189 7.28 -13.33 2.04
CA LEU A 189 7.11 -13.64 3.46
C LEU A 189 6.61 -15.06 3.66
N LYS A 190 7.41 -15.89 4.32
CA LYS A 190 7.04 -17.28 4.58
C LYS A 190 6.70 -17.45 6.06
N ILE A 191 5.42 -17.64 6.35
CA ILE A 191 4.96 -17.82 7.72
C ILE A 191 4.47 -19.24 7.96
N ARG A 192 4.13 -19.53 9.21
CA ARG A 192 3.64 -20.86 9.59
C ARG A 192 2.18 -20.79 10.04
N LYS A 193 1.32 -21.52 9.33
CA LYS A 193 -0.11 -21.54 9.66
C LYS A 193 -0.61 -22.96 9.85
N ASP A 194 -0.90 -23.32 11.10
CA ASP A 194 -1.39 -24.66 11.42
C ASP A 194 -1.67 -24.79 12.91
N GLU A 195 -2.29 -23.77 13.48
CA GLU A 195 -2.62 -23.75 14.89
C GLU A 195 -4.00 -24.36 15.14
N ASP A 196 -4.50 -24.20 16.36
CA ASP A 196 -5.80 -24.72 16.74
C ASP A 196 -6.19 -24.22 18.12
N GLN A 1 -8.62 -17.87 -5.75
CA GLN A 1 -8.41 -16.83 -4.74
C GLN A 1 -9.63 -15.93 -4.61
N VAL A 2 -9.72 -15.23 -3.48
CA VAL A 2 -10.84 -14.33 -3.22
C VAL A 2 -10.37 -12.90 -2.99
N VAL A 3 -11.01 -11.96 -3.66
CA VAL A 3 -10.63 -10.55 -3.52
C VAL A 3 -11.84 -9.70 -3.13
N HIS A 4 -11.64 -8.83 -2.13
CA HIS A 4 -12.71 -7.96 -1.66
C HIS A 4 -12.24 -6.51 -1.66
N THR A 5 -12.82 -5.70 -2.54
CA THR A 5 -12.47 -4.29 -2.64
C THR A 5 -12.50 -3.61 -1.27
N GLU A 6 -11.44 -2.88 -0.95
CA GLU A 6 -11.36 -2.17 0.32
C GLU A 6 -11.10 -0.68 0.10
N THR A 7 -11.61 0.14 1.01
CA THR A 7 -11.43 1.59 0.92
C THR A 7 -10.47 2.10 1.99
N THR A 8 -9.57 2.97 1.60
CA THR A 8 -8.60 3.55 2.53
C THR A 8 -8.49 5.05 2.33
N GLU A 9 -7.48 5.65 2.98
CA GLU A 9 -7.26 7.09 2.87
C GLU A 9 -5.91 7.40 2.22
N VAL A 10 -5.76 8.63 1.75
CA VAL A 10 -4.51 9.06 1.11
C VAL A 10 -4.17 10.49 1.52
N VAL A 11 -2.88 10.78 1.58
CA VAL A 11 -2.42 12.12 1.96
C VAL A 11 -1.46 12.69 0.93
N LEU A 12 -1.85 13.77 0.27
CA LEU A 12 -1.01 14.41 -0.73
C LEU A 12 -0.55 15.78 -0.24
N THR A 13 0.76 15.96 -0.15
CA THR A 13 1.32 17.22 0.33
C THR A 13 1.83 18.07 -0.83
N ALA A 14 2.03 19.36 -0.54
CA ALA A 14 2.52 20.29 -1.55
C ALA A 14 3.97 20.68 -1.27
N ASP A 15 4.89 20.12 -2.05
CA ASP A 15 6.31 20.43 -1.88
C ASP A 15 6.67 21.69 -2.65
N PRO A 16 7.66 22.46 -2.16
CA PRO A 16 8.10 23.69 -2.81
C PRO A 16 8.95 23.44 -4.05
N VAL A 17 9.10 22.18 -4.42
CA VAL A 17 9.90 21.82 -5.59
C VAL A 17 9.03 21.22 -6.69
N THR A 18 8.16 20.29 -6.33
CA THR A 18 7.29 19.64 -7.32
C THR A 18 5.81 19.70 -6.91
N GLY A 19 5.53 20.08 -5.67
CA GLY A 19 4.15 20.15 -5.23
C GLY A 19 3.47 18.80 -5.25
N PHE A 20 2.80 18.51 -6.35
CA PHE A 20 2.09 17.24 -6.51
C PHE A 20 2.46 16.61 -7.85
N GLY A 21 3.03 15.41 -7.79
CA GLY A 21 3.47 14.72 -8.99
C GLY A 21 2.35 14.03 -9.75
N ILE A 22 1.10 14.16 -9.28
CA ILE A 22 -0.02 13.52 -9.93
C ILE A 22 -0.69 14.43 -10.96
N GLN A 23 -1.29 13.81 -11.96
CA GLN A 23 -2.00 14.53 -13.02
C GLN A 23 -3.10 13.63 -13.57
N LEU A 24 -4.34 13.87 -13.11
CA LEU A 24 -5.47 13.05 -13.54
C LEU A 24 -6.32 13.75 -14.57
N GLN A 25 -7.06 12.94 -15.34
CA GLN A 25 -7.95 13.46 -16.36
C GLN A 25 -9.37 13.59 -15.80
N GLY A 26 -10.20 14.32 -16.51
CA GLY A 26 -11.57 14.53 -16.08
C GLY A 26 -12.45 13.33 -16.33
N SER A 27 -13.21 13.38 -17.43
CA SER A 27 -14.11 12.30 -17.78
C SER A 27 -13.65 11.58 -19.05
N VAL A 28 -13.95 10.29 -19.11
CA VAL A 28 -13.59 9.47 -20.25
C VAL A 28 -14.84 9.11 -21.05
N PHE A 29 -15.71 8.35 -20.40
CA PHE A 29 -16.97 7.91 -20.97
C PHE A 29 -17.62 9.05 -21.77
N ALA A 30 -17.54 10.25 -21.20
CA ALA A 30 -18.12 11.45 -21.80
C ALA A 30 -19.47 11.16 -22.44
N THR A 31 -20.54 11.36 -21.67
CA THR A 31 -21.90 11.13 -22.17
C THR A 31 -22.92 11.26 -21.05
N GLU A 32 -23.13 12.49 -20.58
CA GLU A 32 -24.09 12.77 -19.51
C GLU A 32 -23.87 11.90 -18.29
N THR A 33 -24.43 12.32 -17.15
CA THR A 33 -24.31 11.59 -15.89
C THR A 33 -22.88 11.64 -15.33
N LEU A 34 -21.94 12.12 -16.13
CA LEU A 34 -20.53 12.23 -15.74
C LEU A 34 -20.10 11.11 -14.80
N SER A 35 -19.96 11.42 -13.51
CA SER A 35 -19.52 10.45 -12.54
C SER A 35 -18.04 10.14 -12.74
N SER A 36 -17.40 10.97 -13.55
CA SER A 36 -15.99 10.83 -13.86
C SER A 36 -15.11 11.13 -12.64
N PRO A 37 -14.51 10.09 -12.04
CA PRO A 37 -13.63 10.25 -10.87
C PRO A 37 -12.21 10.60 -11.30
N PRO A 38 -11.47 11.37 -10.47
CA PRO A 38 -10.10 11.76 -10.78
C PRO A 38 -9.27 10.58 -11.29
N LEU A 39 -8.92 10.61 -12.58
CA LEU A 39 -8.15 9.52 -13.16
C LEU A 39 -6.69 9.92 -13.41
N ILE A 40 -5.82 9.65 -12.44
CA ILE A 40 -4.40 9.98 -12.58
C ILE A 40 -3.82 9.29 -13.81
N SER A 41 -3.49 10.07 -14.82
CA SER A 41 -2.92 9.54 -16.05
C SER A 41 -1.39 9.50 -15.99
N TYR A 42 -0.83 9.99 -14.90
CA TYR A 42 0.62 10.00 -14.73
C TYR A 42 1.03 10.64 -13.41
N ILE A 43 2.08 10.09 -12.82
CA ILE A 43 2.61 10.60 -11.57
C ILE A 43 4.08 10.99 -11.78
N GLU A 44 4.68 11.67 -10.81
CA GLU A 44 6.07 12.08 -10.95
C GLU A 44 6.99 11.27 -10.04
N ALA A 45 8.25 11.13 -10.46
CA ALA A 45 9.23 10.37 -9.70
C ALA A 45 10.01 11.29 -8.77
N ASP A 46 9.30 12.16 -8.07
CA ASP A 46 9.91 13.09 -7.13
C ASP A 46 8.86 13.98 -6.50
N SER A 47 7.73 13.39 -6.15
CA SER A 47 6.63 14.13 -5.53
C SER A 47 5.99 13.30 -4.41
N PRO A 48 5.64 13.95 -3.29
CA PRO A 48 5.02 13.27 -2.14
C PRO A 48 3.71 12.58 -2.50
N ALA A 49 3.15 12.92 -3.66
CA ALA A 49 1.90 12.31 -4.08
C ALA A 49 2.08 10.82 -4.31
N GLU A 50 3.03 10.48 -5.19
CA GLU A 50 3.34 9.10 -5.49
C GLU A 50 4.20 8.51 -4.38
N ARG A 51 5.00 9.37 -3.74
CA ARG A 51 5.89 8.93 -2.67
C ARG A 51 5.08 8.43 -1.47
N CYS A 52 3.84 8.89 -1.35
CA CYS A 52 2.96 8.47 -0.25
C CYS A 52 2.98 6.96 -0.08
N GLY A 53 3.21 6.24 -1.18
CA GLY A 53 3.26 4.79 -1.13
C GLY A 53 1.87 4.17 -1.06
N VAL A 54 0.88 4.86 -1.60
CA VAL A 54 -0.48 4.36 -1.61
C VAL A 54 -1.27 4.92 -2.79
N LEU A 55 -0.58 5.06 -3.92
CA LEU A 55 -1.20 5.59 -5.13
C LEU A 55 -0.76 4.79 -6.36
N GLN A 56 -1.43 5.03 -7.48
CA GLN A 56 -1.12 4.34 -8.72
C GLN A 56 -1.70 5.07 -9.93
N ILE A 57 -1.07 4.90 -11.08
CA ILE A 57 -1.53 5.55 -12.30
C ILE A 57 -2.91 5.06 -12.70
N GLY A 58 -3.92 5.89 -12.44
CA GLY A 58 -5.29 5.53 -12.77
C GLY A 58 -6.13 5.26 -11.55
N ASP A 59 -5.80 5.93 -10.45
CA ASP A 59 -6.55 5.76 -9.21
C ASP A 59 -7.90 6.44 -9.28
N ARG A 60 -8.87 5.93 -8.53
CA ARG A 60 -10.22 6.50 -8.53
C ARG A 60 -10.57 7.06 -7.15
N VAL A 61 -10.40 8.37 -7.00
CA VAL A 61 -10.70 9.03 -5.73
C VAL A 61 -12.20 9.13 -5.49
N MET A 62 -12.60 9.16 -4.23
CA MET A 62 -14.02 9.25 -3.88
C MET A 62 -14.33 10.60 -3.25
N ALA A 63 -13.35 11.18 -2.56
CA ALA A 63 -13.52 12.47 -1.92
C ALA A 63 -12.18 13.16 -1.68
N ILE A 64 -12.18 14.48 -1.82
CA ILE A 64 -10.95 15.26 -1.63
C ILE A 64 -11.19 16.39 -0.63
N ASN A 65 -10.51 16.32 0.51
CA ASN A 65 -10.65 17.35 1.53
C ASN A 65 -12.08 17.41 2.06
N GLY A 66 -12.84 16.35 1.82
CA GLY A 66 -14.22 16.30 2.28
C GLY A 66 -15.22 16.36 1.15
N ILE A 67 -14.83 17.00 0.05
CA ILE A 67 -15.69 17.13 -1.12
C ILE A 67 -15.79 15.81 -1.88
N PRO A 68 -17.02 15.40 -2.25
CA PRO A 68 -17.23 14.15 -2.99
C PRO A 68 -16.79 14.25 -4.44
N THR A 69 -16.73 13.12 -5.12
CA THR A 69 -16.32 13.09 -6.52
C THR A 69 -17.29 12.27 -7.37
N GLU A 70 -17.42 10.99 -7.03
CA GLU A 70 -18.32 10.10 -7.76
C GLU A 70 -19.77 10.56 -7.62
N ASP A 71 -20.03 11.39 -6.63
CA ASP A 71 -21.37 11.91 -6.39
C ASP A 71 -21.42 13.41 -6.63
N SER A 72 -20.81 13.84 -7.73
CA SER A 72 -20.77 15.25 -8.10
C SER A 72 -20.02 15.44 -9.40
N THR A 73 -19.75 16.70 -9.74
CA THR A 73 -19.03 17.03 -10.98
C THR A 73 -17.55 16.69 -10.85
N PHE A 74 -16.99 16.14 -11.92
CA PHE A 74 -15.57 15.76 -11.94
C PHE A 74 -14.68 17.00 -12.02
N GLU A 75 -15.18 18.03 -12.70
CA GLU A 75 -14.43 19.26 -12.86
C GLU A 75 -14.00 19.81 -11.51
N GLU A 76 -14.85 19.66 -10.51
CA GLU A 76 -14.52 20.14 -9.18
C GLU A 76 -13.29 19.41 -8.66
N ALA A 77 -13.27 18.09 -8.85
CA ALA A 77 -12.14 17.28 -8.44
C ALA A 77 -10.85 17.82 -9.03
N ASN A 78 -10.95 18.24 -10.28
CA ASN A 78 -9.82 18.79 -11.00
C ASN A 78 -9.36 20.10 -10.34
N GLN A 79 -10.33 20.86 -9.83
CA GLN A 79 -10.04 22.12 -9.16
C GLN A 79 -9.29 21.87 -7.86
N LEU A 80 -9.71 20.85 -7.12
CA LEU A 80 -9.09 20.50 -5.86
C LEU A 80 -7.64 20.07 -6.06
N LEU A 81 -7.42 19.15 -6.99
CA LEU A 81 -6.09 18.65 -7.28
C LEU A 81 -5.24 19.74 -7.96
N ARG A 82 -5.74 20.28 -9.06
CA ARG A 82 -5.03 21.33 -9.77
C ARG A 82 -4.62 22.43 -8.79
N ASP A 83 -5.42 22.60 -7.75
CA ASP A 83 -5.16 23.59 -6.72
C ASP A 83 -5.11 22.94 -5.35
N SER A 84 -4.49 21.76 -5.27
CA SER A 84 -4.37 21.03 -4.01
C SER A 84 -3.13 21.48 -3.24
N SER A 85 -2.54 22.59 -3.63
CA SER A 85 -1.34 23.09 -2.96
C SER A 85 -1.62 24.35 -2.15
N ILE A 86 -2.89 24.62 -1.92
CA ILE A 86 -3.30 25.79 -1.17
C ILE A 86 -3.02 25.59 0.32
N THR A 87 -3.44 24.43 0.79
CA THR A 87 -3.27 24.07 2.19
C THR A 87 -2.02 23.21 2.38
N SER A 88 -1.21 23.12 1.33
CA SER A 88 0.02 22.33 1.37
C SER A 88 -0.26 20.89 1.75
N LYS A 89 -1.50 20.47 1.56
CA LYS A 89 -1.91 19.11 1.88
C LYS A 89 -3.34 18.85 1.45
N VAL A 90 -3.69 17.58 1.27
CA VAL A 90 -5.02 17.19 0.85
C VAL A 90 -5.27 15.70 1.08
N THR A 91 -6.28 15.38 1.87
CA THR A 91 -6.61 13.99 2.16
C THR A 91 -7.78 13.51 1.31
N LEU A 92 -7.65 12.31 0.76
CA LEU A 92 -8.70 11.72 -0.07
C LEU A 92 -8.83 10.22 0.17
N GLU A 93 -9.99 9.68 -0.16
CA GLU A 93 -10.24 8.25 0.02
C GLU A 93 -10.18 7.52 -1.31
N ILE A 94 -9.69 6.27 -1.28
CA ILE A 94 -9.57 5.48 -2.49
C ILE A 94 -10.15 4.07 -2.30
N GLU A 95 -10.36 3.37 -3.40
CA GLU A 95 -10.90 2.01 -3.36
C GLU A 95 -10.12 1.10 -4.30
N PHE A 96 -9.60 0.01 -3.76
CA PHE A 96 -8.83 -0.94 -4.56
C PHE A 96 -9.11 -2.38 -4.14
N ASP A 97 -8.55 -3.32 -4.88
CA ASP A 97 -8.73 -4.74 -4.59
C ASP A 97 -7.56 -5.25 -3.74
N VAL A 98 -7.85 -5.57 -2.48
CA VAL A 98 -6.82 -6.06 -1.58
C VAL A 98 -6.23 -7.37 -2.06
N ALA A 99 -5.01 -7.29 -2.59
CA ALA A 99 -4.32 -8.47 -3.11
C ALA A 99 -2.95 -8.08 -3.68
N GLU A 100 -1.94 -8.89 -3.37
CA GLU A 100 -0.59 -8.61 -3.87
C GLU A 100 0.05 -9.84 -4.52
N SER A 101 -0.73 -10.92 -4.66
CA SER A 101 -0.25 -12.15 -5.27
C SER A 101 0.49 -13.03 -4.26
N VAL A 102 -0.27 -13.66 -3.37
CA VAL A 102 0.28 -14.54 -2.37
C VAL A 102 0.09 -15.98 -2.82
N ILE A 103 1.05 -16.84 -2.48
CA ILE A 103 0.97 -18.24 -2.87
C ILE A 103 0.89 -19.16 -1.65
N PRO A 104 -0.31 -19.69 -1.37
CA PRO A 104 -0.53 -20.59 -0.22
C PRO A 104 -0.21 -22.05 -0.54
N SER A 105 0.16 -22.80 0.48
CA SER A 105 0.48 -24.21 0.33
C SER A 105 0.37 -24.96 1.66
N SER A 106 -0.43 -24.42 2.57
CA SER A 106 -0.63 -25.03 3.89
C SER A 106 0.70 -25.20 4.61
N GLY A 107 0.87 -24.47 5.71
CA GLY A 107 2.10 -24.55 6.47
C GLY A 107 3.10 -23.50 6.02
N THR A 108 3.26 -23.35 4.71
CA THR A 108 4.18 -22.38 4.14
C THR A 108 3.46 -21.47 3.15
N PHE A 109 3.16 -20.25 3.60
CA PHE A 109 2.48 -19.27 2.76
C PHE A 109 3.41 -18.12 2.42
N HIS A 110 3.73 -17.96 1.14
CA HIS A 110 4.62 -16.89 0.72
C HIS A 110 3.83 -15.67 0.26
N VAL A 111 4.13 -14.52 0.83
CA VAL A 111 3.45 -13.28 0.47
C VAL A 111 4.32 -12.47 -0.48
N LYS A 112 4.17 -12.74 -1.77
CA LYS A 112 4.94 -12.06 -2.80
C LYS A 112 4.32 -10.70 -3.12
N LEU A 113 4.96 -9.63 -2.64
CA LEU A 113 4.46 -8.28 -2.88
C LEU A 113 5.57 -7.37 -3.41
N PRO A 114 5.33 -6.73 -4.57
CA PRO A 114 6.32 -5.81 -5.17
C PRO A 114 6.71 -4.69 -4.21
N LYS A 115 8.00 -4.51 -4.02
CA LYS A 115 8.50 -3.48 -3.12
C LYS A 115 8.89 -2.22 -3.90
N LYS A 116 8.92 -1.09 -3.21
CA LYS A 116 9.28 0.18 -3.84
C LYS A 116 10.30 0.95 -3.00
N HIS A 117 11.56 0.53 -3.09
CA HIS A 117 12.63 1.20 -2.34
C HIS A 117 12.22 1.45 -0.90
N SER A 118 11.34 0.60 -0.38
CA SER A 118 10.86 0.73 1.00
C SER A 118 10.24 2.10 1.22
N VAL A 119 9.09 2.34 0.60
CA VAL A 119 8.40 3.61 0.73
C VAL A 119 7.48 3.61 1.95
N GLU A 120 6.19 3.35 1.74
CA GLU A 120 5.22 3.32 2.82
C GLU A 120 4.89 1.89 3.22
N LEU A 121 5.37 1.48 4.39
CA LEU A 121 5.13 0.14 4.90
C LEU A 121 4.90 0.17 6.40
N GLY A 122 3.63 0.06 6.81
CA GLY A 122 3.31 0.07 8.22
C GLY A 122 3.29 -1.32 8.83
N ILE A 123 4.32 -2.11 8.53
CA ILE A 123 4.43 -3.45 9.05
C ILE A 123 5.15 -3.46 10.39
N THR A 124 4.72 -4.35 11.28
CA THR A 124 5.34 -4.47 12.60
C THR A 124 5.78 -5.90 12.87
N ILE A 125 7.03 -6.06 13.28
CA ILE A 125 7.57 -7.39 13.56
C ILE A 125 7.74 -7.59 15.07
N SER A 126 7.90 -8.84 15.47
CA SER A 126 8.08 -9.19 16.87
C SER A 126 8.86 -10.49 17.02
N SER A 127 9.60 -10.60 18.11
CA SER A 127 10.39 -11.79 18.38
C SER A 127 9.88 -12.53 19.62
N PRO A 128 9.66 -13.85 19.51
CA PRO A 128 9.18 -14.66 20.65
C PRO A 128 10.04 -14.48 21.90
N SER A 129 9.56 -15.02 23.02
CA SER A 129 10.29 -14.92 24.28
C SER A 129 11.49 -15.85 24.28
N SER A 130 11.24 -17.14 24.06
CA SER A 130 12.30 -18.13 24.05
C SER A 130 11.81 -19.44 23.43
N ARG A 131 11.37 -19.37 22.17
CA ARG A 131 10.87 -20.53 21.47
C ARG A 131 11.97 -21.20 20.65
N LYS A 132 12.46 -22.33 21.16
CA LYS A 132 13.53 -23.10 20.50
C LYS A 132 14.70 -22.21 20.10
N PRO A 133 15.84 -22.83 19.72
CA PRO A 133 17.05 -22.10 19.32
C PRO A 133 16.86 -21.37 17.99
N GLY A 134 15.94 -20.42 17.97
CA GLY A 134 15.68 -19.66 16.75
C GLY A 134 14.53 -18.69 16.90
N ASP A 135 13.49 -19.10 17.62
CA ASP A 135 12.31 -18.27 17.84
C ASP A 135 11.87 -17.57 16.55
N PRO A 136 10.93 -18.17 15.80
CA PRO A 136 10.43 -17.60 14.54
C PRO A 136 9.85 -16.21 14.73
N LEU A 137 9.92 -15.40 13.68
CA LEU A 137 9.39 -14.04 13.73
C LEU A 137 7.87 -14.05 13.71
N VAL A 138 7.26 -12.92 14.06
CA VAL A 138 5.81 -12.81 14.08
C VAL A 138 5.36 -11.36 13.92
N ILE A 139 4.36 -11.15 13.07
CA ILE A 139 3.83 -9.82 12.81
C ILE A 139 3.09 -9.29 14.04
N SER A 140 3.09 -7.97 14.21
CA SER A 140 2.42 -7.36 15.36
C SER A 140 1.44 -6.28 14.92
N ASP A 141 1.53 -5.85 13.66
CA ASP A 141 0.65 -4.82 13.14
C ASP A 141 0.98 -4.48 11.69
N ILE A 142 -0.05 -4.15 10.92
CA ILE A 142 0.12 -3.80 9.51
C ILE A 142 -0.78 -2.63 9.13
N LYS A 143 -0.23 -1.67 8.39
CA LYS A 143 -1.00 -0.51 7.96
C LYS A 143 -1.59 -0.70 6.56
N LYS A 144 -2.77 -0.14 6.34
CA LYS A 144 -3.43 -0.26 5.04
C LYS A 144 -2.63 0.46 3.96
N GLY A 145 -3.16 0.47 2.74
CA GLY A 145 -2.47 1.11 1.64
C GLY A 145 -1.24 0.37 1.20
N SER A 146 -0.28 0.22 2.12
CA SER A 146 0.96 -0.49 1.83
C SER A 146 0.69 -1.91 1.33
N VAL A 147 1.44 -2.33 0.33
CA VAL A 147 1.29 -3.66 -0.25
C VAL A 147 1.35 -4.75 0.81
N ALA A 148 1.94 -4.44 1.97
CA ALA A 148 2.06 -5.41 3.05
C ALA A 148 0.74 -6.10 3.36
N HIS A 149 -0.19 -5.36 3.95
CA HIS A 149 -1.50 -5.92 4.30
C HIS A 149 -2.33 -6.14 3.03
N ARG A 150 -2.02 -5.39 1.98
CA ARG A 150 -2.73 -5.50 0.72
C ARG A 150 -2.71 -6.94 0.21
N THR A 151 -1.61 -7.63 0.46
CA THR A 151 -1.46 -9.02 0.05
C THR A 151 -2.64 -9.87 0.52
N GLY A 152 -3.26 -9.45 1.61
CA GLY A 152 -4.40 -10.18 2.15
C GLY A 152 -3.99 -11.47 2.85
N THR A 153 -3.25 -11.34 3.94
CA THR A 153 -2.79 -12.50 4.70
C THR A 153 -2.00 -12.07 5.92
N LEU A 154 -1.17 -11.03 5.75
CA LEU A 154 -0.35 -10.53 6.84
C LEU A 154 -1.22 -10.04 8.00
N GLU A 155 -1.58 -10.96 8.89
CA GLU A 155 -2.40 -10.63 10.05
C GLU A 155 -1.59 -10.71 11.33
N LEU A 156 -2.27 -10.55 12.47
CA LEU A 156 -1.61 -10.61 13.76
C LEU A 156 -1.69 -12.01 14.35
N GLY A 157 -0.53 -12.63 14.54
CA GLY A 157 -0.48 -13.97 15.11
C GLY A 157 0.04 -15.00 14.11
N ASP A 158 0.93 -14.56 13.22
CA ASP A 158 1.49 -15.44 12.21
C ASP A 158 2.98 -15.68 12.50
N LYS A 159 3.52 -16.76 11.94
CA LYS A 159 4.93 -17.10 12.14
C LYS A 159 5.72 -16.96 10.84
N LEU A 160 6.84 -16.24 10.91
CA LEU A 160 7.69 -16.03 9.74
C LEU A 160 8.91 -16.93 9.78
N LEU A 161 9.37 -17.36 8.61
CA LEU A 161 10.54 -18.24 8.53
C LEU A 161 11.51 -17.73 7.46
N ALA A 162 10.98 -17.33 6.31
CA ALA A 162 11.80 -16.83 5.22
C ALA A 162 11.32 -15.46 4.73
N ILE A 163 12.23 -14.71 4.11
CA ILE A 163 11.90 -13.39 3.60
C ILE A 163 12.55 -13.15 2.24
N ASP A 164 11.79 -12.60 1.30
CA ASP A 164 12.28 -12.29 -0.04
C ASP A 164 13.15 -13.42 -0.60
N ASN A 165 12.72 -14.66 -0.39
CA ASN A 165 13.44 -15.84 -0.88
C ASN A 165 14.61 -16.22 0.03
N ILE A 166 15.07 -15.30 0.86
CA ILE A 166 16.19 -15.59 1.77
C ILE A 166 15.67 -16.11 3.10
N ARG A 167 16.27 -17.19 3.55
CA ARG A 167 15.87 -17.80 4.81
C ARG A 167 16.83 -17.46 5.94
N LEU A 168 16.28 -16.85 6.97
CA LEU A 168 17.05 -16.48 8.15
C LEU A 168 16.94 -17.57 9.20
N ASP A 169 15.95 -18.43 9.04
CA ASP A 169 15.72 -19.53 9.97
C ASP A 169 15.50 -18.99 11.38
N SER A 170 14.77 -17.88 11.47
CA SER A 170 14.47 -17.25 12.76
C SER A 170 15.77 -16.87 13.49
N CYS A 171 16.42 -15.81 13.01
CA CYS A 171 17.66 -15.35 13.61
C CYS A 171 17.67 -13.83 13.73
N SER A 172 17.67 -13.34 14.97
CA SER A 172 17.68 -11.93 15.26
C SER A 172 16.49 -11.23 14.61
N MET A 173 15.56 -10.78 15.45
CA MET A 173 14.38 -10.09 14.94
C MET A 173 14.83 -8.94 14.06
N GLU A 174 15.96 -8.35 14.42
CA GLU A 174 16.53 -7.26 13.66
C GLU A 174 17.03 -7.76 12.31
N ASP A 175 17.43 -9.02 12.28
CA ASP A 175 17.92 -9.61 11.04
C ASP A 175 16.79 -9.65 10.02
N ALA A 176 15.63 -10.15 10.44
CA ALA A 176 14.48 -10.23 9.57
C ALA A 176 14.11 -8.85 9.05
N VAL A 177 14.15 -7.86 9.94
CA VAL A 177 13.84 -6.49 9.56
C VAL A 177 14.83 -6.03 8.49
N GLN A 178 16.09 -6.41 8.67
CA GLN A 178 17.14 -6.06 7.73
C GLN A 178 16.79 -6.56 6.34
N ILE A 179 16.40 -7.84 6.27
CA ILE A 179 16.00 -8.42 4.99
C ILE A 179 14.72 -7.75 4.51
N LEU A 180 14.00 -7.20 5.48
CA LEU A 180 12.74 -6.50 5.21
C LEU A 180 12.98 -5.19 4.46
N GLN A 181 14.16 -4.63 4.63
CA GLN A 181 14.51 -3.36 4.00
C GLN A 181 15.32 -3.56 2.72
N GLN A 182 16.36 -4.37 2.79
CA GLN A 182 17.22 -4.63 1.64
C GLN A 182 16.43 -5.22 0.49
N CYS A 183 15.25 -5.75 0.78
CA CYS A 183 14.40 -6.32 -0.26
C CYS A 183 13.66 -5.22 -1.01
N GLU A 184 14.42 -4.20 -1.40
CA GLU A 184 13.87 -3.04 -2.11
C GLU A 184 13.53 -3.38 -3.56
N ASP A 185 12.61 -4.31 -3.73
CA ASP A 185 12.18 -4.72 -5.06
C ASP A 185 11.02 -5.72 -5.02
N LEU A 186 10.94 -6.47 -3.94
CA LEU A 186 9.89 -7.47 -3.79
C LEU A 186 10.05 -8.22 -2.49
N VAL A 187 9.12 -8.00 -1.58
CA VAL A 187 9.15 -8.65 -0.27
C VAL A 187 8.28 -9.91 -0.23
N LYS A 188 8.94 -11.06 -0.13
CA LYS A 188 8.24 -12.34 -0.07
C LYS A 188 8.28 -12.86 1.37
N LEU A 189 7.14 -12.83 2.04
CA LEU A 189 7.06 -13.28 3.43
C LEU A 189 6.55 -14.72 3.53
N LYS A 190 7.38 -15.59 4.09
CA LYS A 190 7.01 -17.00 4.27
C LYS A 190 6.36 -17.20 5.64
N ILE A 191 5.03 -17.12 5.67
CA ILE A 191 4.29 -17.29 6.91
C ILE A 191 4.02 -18.76 7.21
N ARG A 192 3.64 -19.04 8.44
CA ARG A 192 3.36 -20.42 8.86
C ARG A 192 1.85 -20.61 9.06
N LYS A 193 1.27 -21.48 8.25
CA LYS A 193 -0.17 -21.75 8.33
C LYS A 193 -0.43 -23.09 9.02
N ASP A 194 -1.66 -23.25 9.52
CA ASP A 194 -2.04 -24.48 10.21
C ASP A 194 -3.57 -24.63 10.19
N GLU A 195 -4.17 -24.36 9.04
CA GLU A 195 -5.60 -24.46 8.88
C GLU A 195 -6.10 -25.87 9.21
N ASP A 196 -7.42 -26.06 9.14
CA ASP A 196 -8.03 -27.34 9.41
C ASP A 196 -7.46 -28.43 8.50
N GLN A 1 -9.43 -13.51 -8.53
CA GLN A 1 -9.08 -14.10 -7.25
C GLN A 1 -10.29 -14.14 -6.34
N VAL A 2 -10.17 -14.84 -5.21
CA VAL A 2 -11.27 -14.94 -4.27
C VAL A 2 -11.06 -13.99 -3.09
N VAL A 3 -11.96 -13.01 -2.96
CA VAL A 3 -11.88 -12.03 -1.88
C VAL A 3 -12.93 -10.93 -2.07
N HIS A 4 -13.25 -10.23 -0.99
CA HIS A 4 -14.23 -9.15 -1.06
C HIS A 4 -13.54 -7.79 -1.12
N THR A 5 -13.95 -6.97 -2.09
CA THR A 5 -13.37 -5.64 -2.26
C THR A 5 -13.34 -4.86 -0.95
N GLU A 6 -12.67 -3.72 -0.95
CA GLU A 6 -12.56 -2.89 0.24
C GLU A 6 -12.15 -1.46 -0.12
N THR A 7 -12.30 -0.54 0.83
CA THR A 7 -11.94 0.85 0.61
C THR A 7 -10.86 1.29 1.61
N THR A 8 -10.04 2.26 1.19
CA THR A 8 -8.98 2.77 2.05
C THR A 8 -8.91 4.29 1.97
N GLU A 9 -7.88 4.86 2.61
CA GLU A 9 -7.70 6.31 2.61
C GLU A 9 -6.37 6.69 1.96
N VAL A 10 -6.24 7.96 1.60
CA VAL A 10 -5.02 8.46 0.96
C VAL A 10 -4.61 9.79 1.57
N VAL A 11 -3.31 10.05 1.59
CA VAL A 11 -2.77 11.28 2.15
C VAL A 11 -1.80 11.96 1.18
N LEU A 12 -2.23 13.09 0.61
CA LEU A 12 -1.40 13.83 -0.31
C LEU A 12 -0.98 15.16 0.30
N THR A 13 0.32 15.35 0.47
CA THR A 13 0.83 16.58 1.06
C THR A 13 1.46 17.49 0.02
N ALA A 14 1.63 18.76 0.40
CA ALA A 14 2.22 19.75 -0.50
C ALA A 14 3.67 20.04 -0.11
N ASP A 15 4.60 19.58 -0.94
CA ASP A 15 6.02 19.81 -0.67
C ASP A 15 6.41 21.23 -1.07
N PRO A 16 7.41 21.81 -0.38
CA PRO A 16 7.88 23.16 -0.66
C PRO A 16 8.73 23.25 -1.93
N VAL A 17 8.86 22.13 -2.64
CA VAL A 17 9.65 22.08 -3.86
C VAL A 17 8.79 21.75 -5.07
N THR A 18 7.90 20.77 -4.92
CA THR A 18 7.04 20.35 -6.02
C THR A 18 5.55 20.34 -5.64
N GLY A 19 5.27 20.45 -4.34
CA GLY A 19 3.89 20.44 -3.89
C GLY A 19 3.20 19.11 -4.17
N PHE A 20 2.72 18.95 -5.39
CA PHE A 20 2.05 17.72 -5.80
C PHE A 20 2.48 17.33 -7.21
N GLY A 21 3.18 16.21 -7.33
CA GLY A 21 3.65 15.76 -8.64
C GLY A 21 2.72 14.80 -9.32
N ILE A 22 1.43 14.89 -9.02
CA ILE A 22 0.44 14.02 -9.61
C ILE A 22 -0.21 14.65 -10.85
N GLN A 23 -0.15 13.94 -11.96
CA GLN A 23 -0.78 14.40 -13.20
C GLN A 23 -2.13 13.72 -13.32
N LEU A 24 -3.18 14.43 -12.93
CA LEU A 24 -4.53 13.86 -12.94
C LEU A 24 -5.33 14.23 -14.19
N GLN A 25 -6.30 13.39 -14.50
CA GLN A 25 -7.18 13.59 -15.65
C GLN A 25 -8.63 13.41 -15.23
N GLY A 26 -9.55 13.78 -16.12
CA GLY A 26 -10.97 13.66 -15.83
C GLY A 26 -11.80 13.33 -17.05
N SER A 27 -11.45 12.24 -17.72
CA SER A 27 -12.17 11.81 -18.91
C SER A 27 -11.96 10.32 -19.15
N VAL A 28 -12.69 9.50 -18.41
CA VAL A 28 -12.58 8.07 -18.51
C VAL A 28 -13.68 7.49 -19.38
N PHE A 29 -14.89 7.49 -18.84
CA PHE A 29 -16.09 6.99 -19.52
C PHE A 29 -16.04 7.29 -21.02
N ALA A 30 -15.67 8.52 -21.35
CA ALA A 30 -15.59 8.96 -22.74
C ALA A 30 -16.86 8.61 -23.50
N THR A 31 -17.93 9.33 -23.20
CA THR A 31 -19.22 9.12 -23.84
C THR A 31 -20.32 9.88 -23.09
N GLU A 32 -20.60 11.09 -23.56
CA GLU A 32 -21.62 11.94 -22.93
C GLU A 32 -21.42 12.04 -21.43
N THR A 33 -22.28 12.82 -20.76
CA THR A 33 -22.18 13.02 -19.31
C THR A 33 -20.75 13.26 -18.88
N LEU A 34 -20.49 13.06 -17.58
CA LEU A 34 -19.16 13.25 -17.04
C LEU A 34 -18.92 12.33 -15.84
N SER A 35 -19.23 12.83 -14.65
CA SER A 35 -19.04 12.06 -13.42
C SER A 35 -17.64 11.49 -13.34
N SER A 36 -16.72 12.06 -14.12
CA SER A 36 -15.34 11.61 -14.14
C SER A 36 -14.65 11.90 -12.80
N PRO A 37 -14.31 10.86 -12.03
CA PRO A 37 -13.63 11.01 -10.75
C PRO A 37 -12.13 11.28 -10.94
N PRO A 38 -11.52 12.10 -10.06
CA PRO A 38 -10.10 12.42 -10.15
C PRO A 38 -9.25 11.16 -10.33
N LEU A 39 -8.76 10.96 -11.56
CA LEU A 39 -7.94 9.79 -11.86
C LEU A 39 -6.54 10.17 -12.29
N ILE A 40 -5.55 9.86 -11.45
CA ILE A 40 -4.16 10.17 -11.77
C ILE A 40 -3.73 9.50 -13.06
N SER A 41 -2.69 10.05 -13.68
CA SER A 41 -2.17 9.50 -14.93
C SER A 41 -0.66 9.28 -14.83
N TYR A 42 0.02 10.17 -14.11
CA TYR A 42 1.46 10.06 -13.96
C TYR A 42 1.96 10.93 -12.80
N ILE A 43 2.72 10.31 -11.89
CA ILE A 43 3.29 11.03 -10.77
C ILE A 43 4.72 11.42 -11.13
N GLU A 44 5.34 12.28 -10.34
CA GLU A 44 6.69 12.72 -10.64
C GLU A 44 7.69 12.21 -9.60
N ALA A 45 8.88 11.83 -10.08
CA ALA A 45 9.92 11.32 -9.21
C ALA A 45 10.49 12.40 -8.30
N ASP A 46 9.63 12.92 -7.44
CA ASP A 46 10.00 13.97 -6.49
C ASP A 46 8.76 14.66 -5.93
N SER A 47 7.76 13.86 -5.61
CA SER A 47 6.51 14.38 -5.08
C SER A 47 6.06 13.58 -3.86
N PRO A 48 5.53 14.25 -2.83
CA PRO A 48 5.06 13.58 -1.60
C PRO A 48 3.90 12.63 -1.85
N ALA A 49 3.29 12.71 -3.04
CA ALA A 49 2.17 11.86 -3.38
C ALA A 49 2.64 10.44 -3.68
N GLU A 50 3.55 10.31 -4.63
CA GLU A 50 4.09 9.01 -4.99
C GLU A 50 5.02 8.51 -3.90
N ARG A 51 5.65 9.44 -3.20
CA ARG A 51 6.57 9.11 -2.12
C ARG A 51 5.80 8.71 -0.86
N CYS A 52 4.56 9.20 -0.75
CA CYS A 52 3.72 8.90 0.40
C CYS A 52 3.79 7.41 0.77
N GLY A 53 3.55 6.56 -0.22
CA GLY A 53 3.61 5.13 0.01
C GLY A 53 2.29 4.43 -0.25
N VAL A 54 1.38 5.11 -0.95
CA VAL A 54 0.07 4.53 -1.26
C VAL A 54 -0.57 5.23 -2.46
N LEU A 55 0.26 5.58 -3.43
CA LEU A 55 -0.21 6.26 -4.64
C LEU A 55 0.15 5.45 -5.88
N GLN A 56 -0.76 5.39 -6.84
CA GLN A 56 -0.54 4.66 -8.08
C GLN A 56 -1.20 5.35 -9.26
N ILE A 57 -0.85 4.93 -10.46
CA ILE A 57 -1.41 5.51 -11.68
C ILE A 57 -2.91 5.22 -11.78
N GLY A 58 -3.69 6.27 -11.98
CA GLY A 58 -5.13 6.11 -12.08
C GLY A 58 -5.77 5.68 -10.78
N ASP A 59 -5.46 6.39 -9.70
CA ASP A 59 -6.00 6.06 -8.39
C ASP A 59 -7.44 6.59 -8.27
N ARG A 60 -8.41 5.68 -8.39
CA ARG A 60 -9.81 6.05 -8.27
C ARG A 60 -10.08 6.82 -6.98
N VAL A 61 -11.14 7.62 -6.97
CA VAL A 61 -11.49 8.40 -5.80
C VAL A 61 -12.99 8.58 -5.67
N MET A 62 -13.45 8.85 -4.46
CA MET A 62 -14.87 9.06 -4.19
C MET A 62 -15.11 10.39 -3.51
N ALA A 63 -14.24 10.74 -2.57
CA ALA A 63 -14.35 12.00 -1.84
C ALA A 63 -12.98 12.52 -1.43
N ILE A 64 -12.77 13.82 -1.60
CA ILE A 64 -11.50 14.44 -1.25
C ILE A 64 -11.71 15.54 -0.21
N ASN A 65 -11.19 15.31 1.00
CA ASN A 65 -11.33 16.27 2.08
C ASN A 65 -12.80 16.56 2.38
N GLY A 66 -13.67 15.63 1.98
CA GLY A 66 -15.09 15.81 2.22
C GLY A 66 -15.85 16.23 0.98
N ILE A 67 -15.12 16.80 0.02
CA ILE A 67 -15.73 17.26 -1.22
C ILE A 67 -16.04 16.09 -2.15
N PRO A 68 -17.32 15.89 -2.51
CA PRO A 68 -17.74 14.80 -3.39
C PRO A 68 -16.98 14.82 -4.72
N THR A 69 -17.47 14.04 -5.68
CA THR A 69 -16.84 13.97 -7.00
C THR A 69 -17.71 13.20 -7.98
N GLU A 70 -18.30 12.10 -7.50
CA GLU A 70 -19.15 11.26 -8.35
C GLU A 70 -20.46 11.96 -8.69
N ASP A 71 -20.73 13.08 -8.01
CA ASP A 71 -21.94 13.85 -8.26
C ASP A 71 -21.62 15.24 -8.76
N SER A 72 -20.72 15.32 -9.74
CA SER A 72 -20.32 16.60 -10.32
C SER A 72 -19.36 16.39 -11.49
N THR A 73 -18.93 17.49 -12.09
CA THR A 73 -18.02 17.43 -13.23
C THR A 73 -16.60 17.11 -12.77
N PHE A 74 -15.75 16.71 -13.71
CA PHE A 74 -14.37 16.38 -13.40
C PHE A 74 -13.55 17.63 -13.11
N GLU A 75 -13.91 18.73 -13.74
CA GLU A 75 -13.21 20.00 -13.56
C GLU A 75 -13.11 20.38 -12.10
N GLU A 76 -14.12 20.00 -11.32
CA GLU A 76 -14.13 20.32 -9.89
C GLU A 76 -13.02 19.56 -9.17
N ALA A 77 -12.78 18.33 -9.57
CA ALA A 77 -11.74 17.51 -8.97
C ALA A 77 -10.37 18.02 -9.38
N ASN A 78 -10.31 18.61 -10.56
CA ASN A 78 -9.07 19.15 -11.09
C ASN A 78 -8.72 20.48 -10.43
N GLN A 79 -9.75 21.29 -10.17
CA GLN A 79 -9.54 22.59 -9.55
C GLN A 79 -9.24 22.45 -8.07
N LEU A 80 -9.86 21.46 -7.42
CA LEU A 80 -9.62 21.23 -6.01
C LEU A 80 -8.23 20.69 -5.78
N LEU A 81 -7.82 19.73 -6.60
CA LEU A 81 -6.49 19.13 -6.49
C LEU A 81 -5.43 20.17 -6.79
N ARG A 82 -5.49 20.76 -7.99
CA ARG A 82 -4.54 21.79 -8.37
C ARG A 82 -4.49 22.85 -7.27
N ASP A 83 -5.62 23.02 -6.58
CA ASP A 83 -5.71 23.99 -5.50
C ASP A 83 -5.90 23.28 -4.17
N SER A 84 -5.29 22.11 -4.03
CA SER A 84 -5.38 21.34 -2.80
C SER A 84 -4.10 21.47 -1.96
N SER A 85 -3.30 22.48 -2.27
CA SER A 85 -2.04 22.71 -1.57
C SER A 85 -2.14 23.83 -0.54
N ILE A 86 -3.36 24.26 -0.26
CA ILE A 86 -3.60 25.31 0.70
C ILE A 86 -3.28 24.85 2.11
N THR A 87 -3.82 23.68 2.45
CA THR A 87 -3.61 23.08 3.75
C THR A 87 -2.38 22.19 3.76
N SER A 88 -1.62 22.22 2.67
CA SER A 88 -0.41 21.41 2.54
C SER A 88 -0.70 19.93 2.77
N LYS A 89 -1.94 19.54 2.53
CA LYS A 89 -2.35 18.16 2.73
C LYS A 89 -3.78 17.94 2.22
N VAL A 90 -4.03 16.75 1.67
CA VAL A 90 -5.34 16.41 1.15
C VAL A 90 -5.64 14.93 1.35
N THR A 91 -6.83 14.63 1.86
CA THR A 91 -7.22 13.25 2.10
C THR A 91 -8.20 12.77 1.02
N LEU A 92 -8.05 11.52 0.60
CA LEU A 92 -8.92 10.95 -0.42
C LEU A 92 -9.35 9.53 -0.08
N GLU A 93 -10.61 9.22 -0.35
CA GLU A 93 -11.15 7.90 -0.09
C GLU A 93 -11.22 7.10 -1.38
N ILE A 94 -10.44 6.01 -1.44
CA ILE A 94 -10.40 5.18 -2.64
C ILE A 94 -10.90 3.75 -2.37
N GLU A 95 -11.22 3.04 -3.45
CA GLU A 95 -11.69 1.67 -3.34
C GLU A 95 -10.90 0.77 -4.30
N PHE A 96 -10.43 -0.36 -3.79
CA PHE A 96 -9.66 -1.29 -4.62
C PHE A 96 -9.98 -2.74 -4.28
N ASP A 97 -9.40 -3.66 -5.05
CA ASP A 97 -9.61 -5.08 -4.83
C ASP A 97 -8.51 -5.64 -3.93
N VAL A 98 -8.85 -5.88 -2.68
CA VAL A 98 -7.89 -6.41 -1.71
C VAL A 98 -7.35 -7.77 -2.13
N ALA A 99 -6.08 -8.01 -1.82
CA ALA A 99 -5.41 -9.27 -2.15
C ALA A 99 -4.79 -9.21 -3.54
N GLU A 100 -3.52 -9.57 -3.61
CA GLU A 100 -2.79 -9.58 -4.88
C GLU A 100 -1.53 -10.42 -4.74
N SER A 101 -1.56 -11.36 -3.79
CA SER A 101 -0.43 -12.23 -3.53
C SER A 101 -0.72 -13.14 -2.35
N VAL A 102 -1.26 -14.32 -2.65
CA VAL A 102 -1.60 -15.29 -1.63
C VAL A 102 -1.29 -16.68 -2.16
N ILE A 103 -0.37 -17.38 -1.50
CA ILE A 103 0.01 -18.68 -1.96
C ILE A 103 0.56 -19.54 -0.80
N PRO A 104 -0.35 -20.09 0.02
CA PRO A 104 0.00 -20.91 1.17
C PRO A 104 -0.04 -22.40 0.86
N SER A 105 0.01 -23.21 1.91
CA SER A 105 -0.02 -24.67 1.76
C SER A 105 0.01 -25.34 3.13
N SER A 106 -0.64 -24.69 4.10
CA SER A 106 -0.70 -25.22 5.47
C SER A 106 0.71 -25.36 6.04
N GLY A 107 1.01 -24.56 7.05
CA GLY A 107 2.32 -24.61 7.66
C GLY A 107 3.26 -23.58 7.06
N THR A 108 3.08 -23.29 5.77
CA THR A 108 3.92 -22.32 5.07
C THR A 108 3.08 -21.41 4.18
N PHE A 109 2.88 -20.17 4.62
CA PHE A 109 2.10 -19.20 3.86
C PHE A 109 3.03 -18.25 3.12
N HIS A 110 2.94 -18.24 1.79
CA HIS A 110 3.80 -17.37 0.99
C HIS A 110 3.06 -16.10 0.59
N VAL A 111 3.80 -14.99 0.59
CA VAL A 111 3.23 -13.69 0.22
C VAL A 111 4.22 -12.90 -0.64
N LYS A 112 4.15 -13.07 -1.95
CA LYS A 112 5.03 -12.36 -2.87
C LYS A 112 4.52 -10.96 -3.12
N LEU A 113 5.09 -9.99 -2.43
CA LEU A 113 4.69 -8.59 -2.59
C LEU A 113 5.81 -7.77 -3.23
N PRO A 114 5.49 -7.00 -4.27
CA PRO A 114 6.48 -6.17 -4.96
C PRO A 114 7.01 -5.07 -4.04
N LYS A 115 8.32 -4.85 -4.06
CA LYS A 115 8.92 -3.83 -3.21
C LYS A 115 9.23 -2.57 -4.01
N LYS A 116 9.36 -1.46 -3.31
CA LYS A 116 9.64 -0.17 -3.93
C LYS A 116 11.00 0.37 -3.50
N HIS A 117 11.24 1.64 -3.76
CA HIS A 117 12.49 2.28 -3.39
C HIS A 117 12.35 3.09 -2.10
N SER A 118 11.14 3.59 -1.85
CA SER A 118 10.89 4.38 -0.64
C SER A 118 9.39 4.52 -0.37
N VAL A 119 8.68 3.39 -0.42
CA VAL A 119 7.25 3.39 -0.15
C VAL A 119 6.93 2.67 1.15
N GLU A 120 6.02 3.24 1.93
CA GLU A 120 5.62 2.66 3.21
C GLU A 120 4.77 1.41 2.99
N LEU A 121 5.15 0.32 3.65
CA LEU A 121 4.43 -0.93 3.53
C LEU A 121 3.23 -0.95 4.48
N GLY A 122 3.43 -0.46 5.70
CA GLY A 122 2.36 -0.43 6.68
C GLY A 122 2.48 -1.56 7.69
N ILE A 123 3.35 -2.52 7.42
CA ILE A 123 3.54 -3.65 8.31
C ILE A 123 4.62 -3.36 9.35
N THR A 124 4.46 -3.96 10.54
CA THR A 124 5.42 -3.77 11.61
C THR A 124 5.91 -5.12 12.13
N ILE A 125 7.22 -5.29 12.15
CA ILE A 125 7.81 -6.55 12.61
C ILE A 125 8.01 -6.54 14.13
N SER A 126 8.22 -7.72 14.69
CA SER A 126 8.44 -7.86 16.13
C SER A 126 9.05 -9.22 16.46
N SER A 127 9.57 -9.34 17.68
CA SER A 127 10.20 -10.58 18.12
C SER A 127 9.64 -11.03 19.48
N PRO A 128 8.86 -12.12 19.51
CA PRO A 128 8.27 -12.63 20.76
C PRO A 128 9.33 -12.95 21.80
N SER A 129 10.45 -13.50 21.35
CA SER A 129 11.53 -13.86 22.26
C SER A 129 11.10 -14.95 23.24
N SER A 130 11.27 -16.20 22.84
CA SER A 130 10.89 -17.34 23.68
C SER A 130 12.10 -17.92 24.41
N ARG A 131 13.19 -17.15 24.46
CA ARG A 131 14.40 -17.59 25.13
C ARG A 131 14.85 -18.97 24.62
N LYS A 132 15.02 -19.07 23.30
CA LYS A 132 15.45 -20.33 22.69
C LYS A 132 16.27 -20.05 21.42
N PRO A 133 17.13 -21.02 21.03
CA PRO A 133 17.97 -20.88 19.84
C PRO A 133 17.14 -20.74 18.56
N GLY A 134 16.69 -19.53 18.29
CA GLY A 134 15.89 -19.29 17.10
C GLY A 134 15.34 -17.88 17.05
N ASP A 135 14.23 -17.64 17.74
CA ASP A 135 13.62 -16.32 17.77
C ASP A 135 13.22 -15.87 16.37
N PRO A 136 12.10 -16.40 15.84
CA PRO A 136 11.61 -16.05 14.51
C PRO A 136 11.04 -14.63 14.45
N LEU A 137 10.44 -14.29 13.32
CA LEU A 137 9.85 -12.97 13.13
C LEU A 137 8.33 -13.04 13.15
N VAL A 138 7.69 -11.96 13.59
CA VAL A 138 6.23 -11.91 13.66
C VAL A 138 5.71 -10.50 13.48
N ILE A 139 4.56 -10.36 12.84
CA ILE A 139 3.94 -9.06 12.61
C ILE A 139 3.26 -8.56 13.88
N SER A 140 3.33 -7.26 14.11
CA SER A 140 2.72 -6.67 15.31
C SER A 140 1.82 -5.49 14.97
N ASP A 141 1.89 -5.02 13.73
CA ASP A 141 1.08 -3.90 13.29
C ASP A 141 1.02 -3.81 11.77
N ILE A 142 -0.15 -3.44 11.25
CA ILE A 142 -0.35 -3.32 9.81
C ILE A 142 -1.12 -2.05 9.48
N LYS A 143 -0.85 -1.48 8.31
CA LYS A 143 -1.51 -0.27 7.86
C LYS A 143 -2.36 -0.53 6.64
N LYS A 144 -3.13 0.48 6.23
CA LYS A 144 -3.99 0.34 5.05
C LYS A 144 -3.56 1.28 3.94
N GLY A 145 -3.72 0.83 2.70
CA GLY A 145 -3.32 1.63 1.56
C GLY A 145 -2.19 1.00 0.77
N SER A 146 -1.42 0.15 1.45
CA SER A 146 -0.29 -0.53 0.81
C SER A 146 -0.59 -2.02 0.60
N VAL A 147 0.14 -2.64 -0.31
CA VAL A 147 -0.06 -4.06 -0.61
C VAL A 147 0.21 -4.93 0.62
N ALA A 148 0.96 -4.41 1.58
CA ALA A 148 1.30 -5.14 2.80
C ALA A 148 0.10 -5.88 3.38
N HIS A 149 -0.90 -5.13 3.85
CA HIS A 149 -2.09 -5.73 4.44
C HIS A 149 -3.11 -6.15 3.38
N ARG A 150 -3.13 -5.45 2.26
CA ARG A 150 -4.06 -5.75 1.18
C ARG A 150 -3.91 -7.19 0.71
N THR A 151 -2.67 -7.66 0.60
CA THR A 151 -2.40 -9.03 0.15
C THR A 151 -3.31 -10.04 0.83
N GLY A 152 -3.75 -9.72 2.05
CA GLY A 152 -4.62 -10.62 2.78
C GLY A 152 -3.91 -11.86 3.26
N THR A 153 -3.01 -11.68 4.23
CA THR A 153 -2.25 -12.79 4.78
C THR A 153 -1.31 -12.31 5.89
N LEU A 154 -0.70 -11.15 5.66
CA LEU A 154 0.21 -10.58 6.63
C LEU A 154 -0.54 -10.06 7.86
N GLU A 155 -1.03 -10.99 8.68
CA GLU A 155 -1.77 -10.63 9.88
C GLU A 155 -0.87 -10.73 11.12
N LEU A 156 -1.20 -9.94 12.14
CA LEU A 156 -0.42 -9.94 13.38
C LEU A 156 -0.75 -11.16 14.23
N GLY A 157 0.30 -11.87 14.66
CA GLY A 157 0.11 -13.06 15.47
C GLY A 157 0.53 -14.32 14.76
N ASP A 158 1.40 -14.18 13.77
CA ASP A 158 1.89 -15.34 13.02
C ASP A 158 3.38 -15.56 13.26
N LYS A 159 3.98 -16.51 12.54
CA LYS A 159 5.39 -16.81 12.71
C LYS A 159 6.10 -16.89 11.36
N LEU A 160 6.91 -15.88 11.06
CA LEU A 160 7.65 -15.83 9.81
C LEU A 160 8.83 -16.81 9.84
N LEU A 161 9.30 -17.21 8.67
CA LEU A 161 10.40 -18.15 8.57
C LEU A 161 11.41 -17.73 7.51
N ALA A 162 10.91 -17.42 6.31
CA ALA A 162 11.77 -17.00 5.21
C ALA A 162 11.27 -15.72 4.56
N ILE A 163 12.19 -15.02 3.89
CA ILE A 163 11.86 -13.78 3.21
C ILE A 163 12.58 -13.70 1.86
N ASP A 164 11.81 -13.88 0.79
CA ASP A 164 12.35 -13.84 -0.56
C ASP A 164 13.39 -14.93 -0.77
N ASN A 165 14.61 -14.69 -0.29
CA ASN A 165 15.70 -15.66 -0.44
C ASN A 165 16.41 -15.93 0.89
N ILE A 166 16.25 -15.04 1.86
CA ILE A 166 16.91 -15.21 3.16
C ILE A 166 15.97 -15.85 4.18
N ARG A 167 16.50 -16.79 4.95
CA ARG A 167 15.73 -17.47 5.97
C ARG A 167 16.08 -17.00 7.37
N LEU A 168 15.07 -16.56 8.10
CA LEU A 168 15.27 -16.11 9.47
C LEU A 168 15.53 -17.29 10.39
N ASP A 169 15.39 -18.50 9.84
CA ASP A 169 15.62 -19.72 10.61
C ASP A 169 16.90 -19.62 11.45
N SER A 170 17.87 -18.87 10.95
CA SER A 170 19.14 -18.71 11.66
C SER A 170 19.48 -17.24 11.89
N CYS A 171 18.76 -16.35 11.21
CA CYS A 171 18.99 -14.93 11.33
C CYS A 171 18.27 -14.35 12.55
N SER A 172 18.26 -13.02 12.65
CA SER A 172 17.60 -12.35 13.77
C SER A 172 16.44 -11.48 13.27
N MET A 173 15.82 -10.76 14.19
CA MET A 173 14.71 -9.88 13.84
C MET A 173 15.17 -8.72 12.97
N GLU A 174 16.13 -7.95 13.49
CA GLU A 174 16.66 -6.81 12.75
C GLU A 174 17.16 -7.25 11.39
N ASP A 175 17.83 -8.39 11.36
CA ASP A 175 18.35 -8.94 10.13
C ASP A 175 17.24 -9.10 9.09
N ALA A 176 16.11 -9.64 9.55
CA ALA A 176 14.96 -9.82 8.68
C ALA A 176 14.54 -8.50 8.06
N VAL A 177 14.54 -7.45 8.87
CA VAL A 177 14.19 -6.12 8.39
C VAL A 177 15.12 -5.70 7.27
N GLN A 178 16.39 -6.09 7.39
CA GLN A 178 17.39 -5.78 6.38
C GLN A 178 16.99 -6.40 5.06
N ILE A 179 16.68 -7.70 5.10
CA ILE A 179 16.27 -8.40 3.90
C ILE A 179 14.90 -7.89 3.45
N LEU A 180 14.15 -7.37 4.41
CA LEU A 180 12.82 -6.82 4.15
C LEU A 180 12.88 -5.60 3.23
N GLN A 181 13.96 -4.84 3.35
CA GLN A 181 14.13 -3.64 2.55
C GLN A 181 14.97 -3.93 1.31
N GLN A 182 16.02 -4.71 1.48
CA GLN A 182 16.90 -5.07 0.38
C GLN A 182 16.35 -6.27 -0.39
N CYS A 183 15.09 -6.62 -0.16
CA CYS A 183 14.46 -7.75 -0.82
C CYS A 183 14.31 -7.56 -2.35
N GLU A 184 15.26 -6.84 -2.95
CA GLU A 184 15.27 -6.59 -4.39
C GLU A 184 13.87 -6.44 -5.01
N ASP A 185 13.20 -5.34 -4.70
CA ASP A 185 11.87 -5.06 -5.24
C ASP A 185 10.98 -6.29 -5.25
N LEU A 186 11.12 -7.13 -4.25
CA LEU A 186 10.33 -8.34 -4.15
C LEU A 186 10.53 -9.04 -2.81
N VAL A 187 9.55 -8.89 -1.94
CA VAL A 187 9.61 -9.51 -0.62
C VAL A 187 8.63 -10.68 -0.52
N LYS A 188 9.16 -11.90 -0.48
CA LYS A 188 8.32 -13.08 -0.36
C LYS A 188 8.21 -13.46 1.11
N LEU A 189 7.05 -13.23 1.70
CA LEU A 189 6.84 -13.54 3.11
C LEU A 189 6.34 -14.97 3.29
N LYS A 190 7.21 -15.82 3.81
CA LYS A 190 6.86 -17.20 4.06
C LYS A 190 6.58 -17.41 5.54
N ILE A 191 5.31 -17.27 5.91
CA ILE A 191 4.89 -17.41 7.30
C ILE A 191 4.59 -18.87 7.64
N ARG A 192 4.48 -19.15 8.93
CA ARG A 192 4.19 -20.51 9.39
C ARG A 192 2.81 -20.61 9.99
N LYS A 193 1.99 -21.50 9.45
CA LYS A 193 0.63 -21.69 9.96
C LYS A 193 0.45 -23.08 10.54
N ASP A 194 0.63 -23.19 11.86
CA ASP A 194 0.49 -24.47 12.55
C ASP A 194 -0.95 -24.74 12.95
N GLU A 195 -1.87 -24.54 12.00
CA GLU A 195 -3.29 -24.77 12.25
C GLU A 195 -3.54 -26.19 12.73
N ASP A 196 -4.81 -26.58 12.79
CA ASP A 196 -5.18 -27.91 13.23
C ASP A 196 -6.52 -28.32 12.62
N GLN A 1 -9.49 -15.89 -7.74
CA GLN A 1 -9.15 -14.84 -6.79
C GLN A 1 -10.42 -14.30 -6.12
N VAL A 2 -10.34 -14.08 -4.82
CA VAL A 2 -11.47 -13.56 -4.06
C VAL A 2 -11.03 -12.47 -3.09
N VAL A 3 -11.69 -11.31 -3.19
CA VAL A 3 -11.37 -10.18 -2.31
C VAL A 3 -12.63 -9.50 -1.81
N HIS A 4 -12.55 -8.91 -0.62
CA HIS A 4 -13.70 -8.23 -0.03
C HIS A 4 -13.48 -6.72 0.00
N THR A 5 -12.91 -6.21 -1.07
CA THR A 5 -12.63 -4.78 -1.21
C THR A 5 -11.86 -4.24 0.01
N GLU A 6 -11.46 -2.97 -0.07
CA GLU A 6 -10.72 -2.34 1.01
C GLU A 6 -10.58 -0.84 0.75
N THR A 7 -10.66 -0.05 1.81
CA THR A 7 -10.56 1.40 1.70
C THR A 7 -9.33 1.92 2.44
N THR A 8 -8.69 2.94 1.88
CA THR A 8 -7.50 3.53 2.49
C THR A 8 -7.51 5.04 2.34
N GLU A 9 -6.75 5.73 3.19
CA GLU A 9 -6.66 7.18 3.14
C GLU A 9 -5.37 7.62 2.45
N VAL A 10 -5.36 8.85 1.97
CA VAL A 10 -4.20 9.41 1.29
C VAL A 10 -3.92 10.83 1.76
N VAL A 11 -2.64 11.19 1.80
CA VAL A 11 -2.25 12.53 2.23
C VAL A 11 -1.37 13.20 1.18
N LEU A 12 -1.92 14.20 0.51
CA LEU A 12 -1.18 14.92 -0.52
C LEU A 12 -0.84 16.34 -0.06
N THR A 13 0.45 16.63 0.02
CA THR A 13 0.91 17.94 0.46
C THR A 13 1.50 18.74 -0.69
N ALA A 14 1.61 20.05 -0.49
CA ALA A 14 2.17 20.93 -1.50
C ALA A 14 3.64 21.22 -1.22
N ASP A 15 4.51 20.78 -2.13
CA ASP A 15 5.94 21.00 -1.98
C ASP A 15 6.30 22.45 -2.27
N PRO A 16 7.44 22.92 -1.75
CA PRO A 16 7.90 24.29 -1.96
C PRO A 16 8.52 24.50 -3.34
N VAL A 17 8.45 23.47 -4.18
CA VAL A 17 9.02 23.55 -5.52
C VAL A 17 7.94 23.53 -6.59
N THR A 18 7.01 22.57 -6.49
CA THR A 18 5.94 22.45 -7.48
C THR A 18 4.58 22.13 -6.83
N GLY A 19 4.56 21.97 -5.51
CA GLY A 19 3.30 21.66 -4.84
C GLY A 19 2.89 20.21 -5.02
N PHE A 20 1.97 19.98 -5.97
CA PHE A 20 1.50 18.64 -6.25
C PHE A 20 1.87 18.23 -7.67
N GLY A 21 2.66 17.18 -7.81
CA GLY A 21 3.09 16.72 -9.12
C GLY A 21 2.17 15.68 -9.73
N ILE A 22 0.90 15.70 -9.35
CA ILE A 22 -0.06 14.74 -9.86
C ILE A 22 -0.79 15.29 -11.08
N GLN A 23 -0.95 14.43 -12.09
CA GLN A 23 -1.64 14.79 -13.32
C GLN A 23 -2.72 13.75 -13.60
N LEU A 24 -3.96 14.07 -13.24
CA LEU A 24 -5.07 13.14 -13.44
C LEU A 24 -6.08 13.66 -14.45
N GLN A 25 -6.82 12.71 -15.04
CA GLN A 25 -7.84 13.04 -16.03
C GLN A 25 -9.22 12.96 -15.38
N GLY A 26 -10.23 13.44 -16.11
CA GLY A 26 -11.58 13.42 -15.61
C GLY A 26 -12.59 12.99 -16.66
N SER A 27 -12.26 11.92 -17.38
CA SER A 27 -13.13 11.40 -18.42
C SER A 27 -12.58 10.10 -18.99
N VAL A 28 -12.54 9.08 -18.16
CA VAL A 28 -12.03 7.77 -18.56
C VAL A 28 -12.88 7.18 -19.68
N PHE A 29 -14.05 6.72 -19.32
CA PHE A 29 -14.98 6.12 -20.26
C PHE A 29 -15.51 7.15 -21.24
N ALA A 30 -15.99 8.28 -20.70
CA ALA A 30 -16.53 9.35 -21.51
C ALA A 30 -17.49 8.82 -22.57
N THR A 31 -18.71 8.53 -22.14
CA THR A 31 -19.76 8.00 -22.99
C THR A 31 -20.94 7.58 -22.12
N GLU A 32 -22.08 8.22 -22.30
CA GLU A 32 -23.24 7.90 -21.47
C GLU A 32 -22.88 8.20 -20.02
N THR A 33 -23.02 9.46 -19.63
CA THR A 33 -22.66 9.94 -18.30
C THR A 33 -21.20 10.37 -18.31
N LEU A 34 -20.66 10.75 -17.16
CA LEU A 34 -19.28 11.20 -17.09
C LEU A 34 -18.78 11.27 -15.66
N SER A 35 -19.37 10.46 -14.79
CA SER A 35 -18.99 10.44 -13.38
C SER A 35 -17.60 9.84 -13.16
N SER A 36 -16.79 9.85 -14.20
CA SER A 36 -15.43 9.33 -14.11
C SER A 36 -14.64 10.08 -13.05
N PRO A 37 -14.32 9.42 -11.92
CA PRO A 37 -13.56 10.04 -10.83
C PRO A 37 -12.12 10.36 -11.23
N PRO A 38 -11.44 11.23 -10.46
CA PRO A 38 -10.05 11.61 -10.75
C PRO A 38 -9.15 10.39 -10.98
N LEU A 39 -8.42 10.40 -12.07
CA LEU A 39 -7.53 9.28 -12.39
C LEU A 39 -6.14 9.77 -12.80
N ILE A 40 -5.18 9.72 -11.88
CA ILE A 40 -3.83 10.15 -12.17
C ILE A 40 -3.22 9.30 -13.28
N SER A 41 -2.67 9.96 -14.28
CA SER A 41 -2.06 9.25 -15.41
C SER A 41 -0.55 9.49 -15.44
N TYR A 42 -0.04 10.31 -14.52
CA TYR A 42 1.38 10.60 -14.46
C TYR A 42 1.69 11.59 -13.36
N ILE A 43 2.59 11.20 -12.45
CA ILE A 43 3.01 12.07 -11.37
C ILE A 43 4.31 12.78 -11.78
N GLU A 44 4.87 13.59 -10.89
CA GLU A 44 6.11 14.30 -11.23
C GLU A 44 7.23 13.96 -10.25
N ALA A 45 8.39 13.62 -10.78
CA ALA A 45 9.55 13.27 -9.97
C ALA A 45 10.04 14.46 -9.16
N ASP A 46 9.25 14.85 -8.16
CA ASP A 46 9.58 15.97 -7.28
C ASP A 46 8.36 16.43 -6.50
N SER A 47 7.62 15.47 -5.97
CA SER A 47 6.42 15.79 -5.19
C SER A 47 6.24 14.79 -4.04
N PRO A 48 5.17 14.95 -3.25
CA PRO A 48 4.89 14.08 -2.12
C PRO A 48 3.87 12.98 -2.46
N ALA A 49 3.35 13.01 -3.68
CA ALA A 49 2.36 12.03 -4.11
C ALA A 49 2.99 10.68 -4.43
N GLU A 50 3.95 10.69 -5.35
CA GLU A 50 4.64 9.46 -5.73
C GLU A 50 5.67 9.09 -4.68
N ARG A 51 6.20 10.10 -4.00
CA ARG A 51 7.20 9.89 -2.95
C ARG A 51 6.55 9.38 -1.68
N CYS A 52 5.30 9.79 -1.45
CA CYS A 52 4.55 9.38 -0.26
C CYS A 52 4.80 7.92 0.09
N GLY A 53 4.32 7.02 -0.76
CA GLY A 53 4.51 5.59 -0.51
C GLY A 53 3.22 4.80 -0.65
N VAL A 54 2.08 5.50 -0.67
CA VAL A 54 0.80 4.83 -0.80
C VAL A 54 -0.01 5.41 -1.97
N LEU A 55 0.67 5.57 -3.10
CA LEU A 55 0.03 6.12 -4.29
C LEU A 55 0.41 5.32 -5.53
N GLN A 56 -0.28 5.59 -6.64
CA GLN A 56 -0.01 4.91 -7.90
C GLN A 56 -0.66 5.65 -9.05
N ILE A 57 0.02 5.68 -10.21
CA ILE A 57 -0.49 6.36 -11.38
C ILE A 57 -1.85 5.80 -11.80
N GLY A 58 -2.90 6.42 -11.30
CA GLY A 58 -4.25 6.00 -11.62
C GLY A 58 -5.04 5.62 -10.39
N ASP A 59 -4.92 6.42 -9.33
CA ASP A 59 -5.63 6.18 -8.08
C ASP A 59 -7.10 6.53 -8.22
N ARG A 60 -7.96 5.52 -8.14
CA ARG A 60 -9.40 5.73 -8.24
C ARG A 60 -9.96 6.34 -6.96
N VAL A 61 -9.77 7.64 -6.81
CA VAL A 61 -10.25 8.34 -5.62
C VAL A 61 -11.78 8.42 -5.60
N MET A 62 -12.38 8.09 -4.46
CA MET A 62 -13.82 8.13 -4.32
C MET A 62 -14.26 9.37 -3.54
N ALA A 63 -13.40 9.81 -2.63
CA ALA A 63 -13.70 10.99 -1.81
C ALA A 63 -12.43 11.79 -1.52
N ILE A 64 -12.52 13.10 -1.73
CA ILE A 64 -11.38 13.99 -1.50
C ILE A 64 -11.77 15.10 -0.54
N ASN A 65 -11.10 15.14 0.61
CA ASN A 65 -11.37 16.16 1.63
C ASN A 65 -12.88 16.31 1.89
N GLY A 66 -13.62 15.24 1.65
CA GLY A 66 -15.06 15.28 1.85
C GLY A 66 -15.84 15.27 0.55
N ILE A 67 -15.25 15.83 -0.50
CA ILE A 67 -15.88 15.89 -1.79
C ILE A 67 -16.00 14.50 -2.43
N PRO A 68 -17.24 14.03 -2.68
CA PRO A 68 -17.47 12.73 -3.28
C PRO A 68 -17.05 12.68 -4.75
N THR A 69 -17.46 11.62 -5.44
CA THR A 69 -17.12 11.46 -6.85
C THR A 69 -18.22 10.74 -7.61
N GLU A 70 -18.73 9.66 -7.02
CA GLU A 70 -19.80 8.88 -7.64
C GLU A 70 -21.12 9.64 -7.63
N ASP A 71 -21.17 10.75 -6.91
CA ASP A 71 -22.38 11.56 -6.84
C ASP A 71 -22.08 13.02 -7.16
N SER A 72 -21.35 13.25 -8.25
CA SER A 72 -20.99 14.59 -8.67
C SER A 72 -20.21 14.56 -9.97
N THR A 73 -20.03 15.74 -10.58
CA THR A 73 -19.30 15.85 -11.84
C THR A 73 -17.80 15.70 -11.61
N PHE A 74 -17.08 15.33 -12.66
CA PHE A 74 -15.63 15.16 -12.57
C PHE A 74 -14.93 16.51 -12.48
N GLU A 75 -15.52 17.52 -13.12
CA GLU A 75 -14.95 18.87 -13.12
C GLU A 75 -14.69 19.37 -11.71
N GLU A 76 -15.64 19.11 -10.80
CA GLU A 76 -15.49 19.54 -9.42
C GLU A 76 -14.28 18.91 -8.77
N ALA A 77 -13.98 17.67 -9.15
CA ALA A 77 -12.83 16.97 -8.61
C ALA A 77 -11.53 17.55 -9.14
N ASN A 78 -11.60 18.03 -10.37
CA ASN A 78 -10.44 18.61 -11.04
C ASN A 78 -10.17 20.02 -10.50
N GLN A 79 -11.23 20.76 -10.19
CA GLN A 79 -11.09 22.11 -9.68
C GLN A 79 -10.59 22.10 -8.23
N LEU A 80 -11.05 21.11 -7.46
CA LEU A 80 -10.64 21.00 -6.07
C LEU A 80 -9.18 20.60 -5.99
N LEU A 81 -8.77 19.65 -6.83
CA LEU A 81 -7.39 19.19 -6.85
C LEU A 81 -6.47 20.31 -7.30
N ARG A 82 -6.70 20.84 -8.51
CA ARG A 82 -5.89 21.93 -9.01
C ARG A 82 -5.84 23.05 -7.97
N ASP A 83 -6.90 23.15 -7.18
CA ASP A 83 -6.96 24.15 -6.13
C ASP A 83 -6.86 23.51 -4.75
N SER A 84 -6.14 22.39 -4.68
CA SER A 84 -5.95 21.69 -3.42
C SER A 84 -4.54 21.93 -2.87
N SER A 85 -4.12 23.19 -2.89
CA SER A 85 -2.79 23.56 -2.40
C SER A 85 -2.84 24.78 -1.49
N ILE A 86 -4.04 25.14 -1.07
CA ILE A 86 -4.24 26.27 -0.19
C ILE A 86 -3.70 25.99 1.20
N THR A 87 -4.09 24.84 1.72
CA THR A 87 -3.67 24.41 3.04
C THR A 87 -2.37 23.60 2.96
N SER A 88 -1.77 23.54 1.77
CA SER A 88 -0.54 22.80 1.56
C SER A 88 -0.71 21.33 1.96
N LYS A 89 -1.95 20.86 1.92
CA LYS A 89 -2.25 19.49 2.28
C LYS A 89 -3.66 19.11 1.83
N VAL A 90 -3.86 17.82 1.58
CA VAL A 90 -5.16 17.32 1.14
C VAL A 90 -5.33 15.86 1.56
N THR A 91 -6.59 15.41 1.63
CA THR A 91 -6.88 14.04 2.01
C THR A 91 -7.75 13.35 0.96
N LEU A 92 -7.46 12.08 0.70
CA LEU A 92 -8.21 11.31 -0.29
C LEU A 92 -8.67 9.98 0.27
N GLU A 93 -9.73 9.44 -0.31
CA GLU A 93 -10.28 8.16 0.12
C GLU A 93 -10.50 7.24 -1.08
N ILE A 94 -9.63 6.24 -1.21
CA ILE A 94 -9.72 5.30 -2.33
C ILE A 94 -10.15 3.91 -1.87
N GLU A 95 -10.65 3.12 -2.81
CA GLU A 95 -11.10 1.76 -2.53
C GLU A 95 -10.55 0.79 -3.56
N PHE A 96 -10.15 -0.39 -3.12
CA PHE A 96 -9.59 -1.40 -4.01
C PHE A 96 -9.63 -2.79 -3.38
N ASP A 97 -9.26 -3.79 -4.17
CA ASP A 97 -9.25 -5.17 -3.69
C ASP A 97 -7.84 -5.58 -3.25
N VAL A 98 -7.69 -5.92 -1.98
CA VAL A 98 -6.40 -6.31 -1.43
C VAL A 98 -5.88 -7.58 -2.10
N ALA A 99 -4.72 -7.47 -2.75
CA ALA A 99 -4.11 -8.61 -3.44
C ALA A 99 -2.81 -8.19 -4.12
N GLU A 100 -1.70 -8.78 -3.68
CA GLU A 100 -0.39 -8.47 -4.25
C GLU A 100 0.25 -9.69 -4.90
N SER A 101 -0.54 -10.74 -5.10
CA SER A 101 -0.06 -11.98 -5.72
C SER A 101 0.68 -12.86 -4.72
N VAL A 102 -0.07 -13.45 -3.81
CA VAL A 102 0.48 -14.32 -2.81
C VAL A 102 0.33 -15.77 -3.25
N ILE A 103 1.26 -16.60 -2.85
CA ILE A 103 1.23 -18.01 -3.23
C ILE A 103 1.21 -18.91 -2.00
N PRO A 104 0.02 -19.40 -1.61
CA PRO A 104 -0.16 -20.26 -0.44
C PRO A 104 -0.05 -21.75 -0.78
N SER A 105 0.04 -22.58 0.25
CA SER A 105 0.15 -24.02 0.08
C SER A 105 -0.11 -24.75 1.40
N SER A 106 -0.93 -24.14 2.25
CA SER A 106 -1.24 -24.73 3.56
C SER A 106 0.02 -24.95 4.37
N GLY A 107 0.17 -24.23 5.47
CA GLY A 107 1.34 -24.36 6.29
C GLY A 107 2.42 -23.36 5.92
N THR A 108 2.56 -23.12 4.62
CA THR A 108 3.54 -22.17 4.12
C THR A 108 2.90 -21.18 3.16
N PHE A 109 2.64 -19.98 3.66
CA PHE A 109 2.01 -18.94 2.85
C PHE A 109 3.01 -17.84 2.51
N HIS A 110 3.29 -17.65 1.23
CA HIS A 110 4.23 -16.63 0.79
C HIS A 110 3.50 -15.38 0.32
N VAL A 111 4.07 -14.22 0.61
CA VAL A 111 3.47 -12.96 0.21
C VAL A 111 4.40 -12.19 -0.73
N LYS A 112 4.25 -12.43 -2.02
CA LYS A 112 5.07 -11.77 -3.03
C LYS A 112 4.55 -10.36 -3.31
N LEU A 113 5.25 -9.35 -2.81
CA LEU A 113 4.82 -7.97 -3.01
C LEU A 113 6.01 -7.07 -3.36
N PRO A 114 5.85 -6.22 -4.39
CA PRO A 114 6.92 -5.29 -4.81
C PRO A 114 7.36 -4.39 -3.66
N LYS A 115 8.66 -4.34 -3.43
CA LYS A 115 9.20 -3.52 -2.35
C LYS A 115 9.89 -2.28 -2.91
N LYS A 116 9.69 -1.15 -2.24
CA LYS A 116 10.27 0.12 -2.67
C LYS A 116 11.75 0.20 -2.30
N HIS A 117 12.30 1.41 -2.42
CA HIS A 117 13.70 1.65 -2.10
C HIS A 117 13.85 2.04 -0.63
N SER A 118 12.91 2.85 -0.15
CA SER A 118 12.92 3.31 1.23
C SER A 118 11.78 4.29 1.49
N VAL A 119 10.59 3.96 1.00
CA VAL A 119 9.42 4.81 1.17
C VAL A 119 8.53 4.30 2.30
N GLU A 120 7.67 5.17 2.80
CA GLU A 120 6.76 4.82 3.88
C GLU A 120 5.98 3.54 3.56
N LEU A 121 5.71 2.76 4.59
CA LEU A 121 4.97 1.50 4.42
C LEU A 121 4.04 1.27 5.62
N GLY A 122 4.64 1.21 6.80
CA GLY A 122 3.86 0.99 8.01
C GLY A 122 3.75 -0.47 8.38
N ILE A 123 4.90 -1.12 8.55
CA ILE A 123 4.95 -2.52 8.90
C ILE A 123 5.79 -2.71 10.17
N THR A 124 5.31 -3.56 11.08
CA THR A 124 6.03 -3.81 12.33
C THR A 124 6.28 -5.29 12.53
N ILE A 125 7.46 -5.62 13.08
CA ILE A 125 7.82 -7.01 13.33
C ILE A 125 7.88 -7.30 14.83
N SER A 126 7.88 -8.58 15.18
CA SER A 126 7.93 -8.99 16.57
C SER A 126 8.29 -10.47 16.69
N SER A 127 8.91 -10.84 17.81
CA SER A 127 9.31 -12.23 18.03
C SER A 127 8.55 -12.82 19.23
N PRO A 128 8.23 -14.12 19.18
CA PRO A 128 7.52 -14.80 20.26
C PRO A 128 8.37 -14.97 21.50
N SER A 129 9.67 -15.20 21.30
CA SER A 129 10.59 -15.37 22.42
C SER A 129 10.19 -16.56 23.28
N SER A 130 9.99 -17.71 22.64
CA SER A 130 9.60 -18.92 23.36
C SER A 130 10.81 -19.81 23.62
N ARG A 131 11.98 -19.20 23.74
CA ARG A 131 13.22 -19.94 23.99
C ARG A 131 13.49 -20.93 22.87
N LYS A 132 13.62 -20.42 21.65
CA LYS A 132 13.88 -21.28 20.49
C LYS A 132 15.07 -20.76 19.70
N PRO A 133 16.01 -21.65 19.34
CA PRO A 133 17.21 -21.27 18.57
C PRO A 133 16.85 -20.57 17.26
N GLY A 134 15.66 -20.85 16.75
CA GLY A 134 15.22 -20.24 15.50
C GLY A 134 14.55 -18.90 15.72
N ASP A 135 13.75 -18.80 16.77
CA ASP A 135 13.04 -17.56 17.08
C ASP A 135 12.19 -17.11 15.90
N PRO A 136 10.96 -17.66 15.77
CA PRO A 136 10.05 -17.31 14.67
C PRO A 136 9.83 -15.81 14.55
N LEU A 137 9.38 -15.39 13.37
CA LEU A 137 9.13 -13.98 13.11
C LEU A 137 7.63 -13.70 13.18
N VAL A 138 7.26 -12.45 13.48
CA VAL A 138 5.85 -12.08 13.58
C VAL A 138 5.63 -10.60 13.28
N ILE A 139 4.39 -10.25 12.96
CA ILE A 139 4.02 -8.88 12.67
C ILE A 139 3.27 -8.28 13.85
N SER A 140 3.42 -6.97 14.07
CA SER A 140 2.76 -6.33 15.20
C SER A 140 2.09 -5.00 14.80
N ASP A 141 2.19 -4.62 13.54
CA ASP A 141 1.59 -3.38 13.07
C ASP A 141 1.61 -3.28 11.55
N ILE A 142 0.48 -2.88 10.98
CA ILE A 142 0.35 -2.74 9.54
C ILE A 142 -0.39 -1.45 9.18
N LYS A 143 -0.05 -0.89 8.03
CA LYS A 143 -0.67 0.34 7.56
C LYS A 143 -1.30 0.13 6.20
N LYS A 144 -2.39 0.86 5.92
CA LYS A 144 -3.05 0.74 4.63
C LYS A 144 -2.31 1.53 3.56
N GLY A 145 -2.65 1.28 2.29
CA GLY A 145 -1.98 1.97 1.20
C GLY A 145 -0.82 1.19 0.64
N SER A 146 0.17 0.89 1.48
CA SER A 146 1.35 0.14 1.04
C SER A 146 0.96 -1.24 0.55
N VAL A 147 1.84 -1.86 -0.23
CA VAL A 147 1.58 -3.19 -0.78
C VAL A 147 1.66 -4.28 0.29
N ALA A 148 2.39 -4.01 1.37
CA ALA A 148 2.56 -4.98 2.46
C ALA A 148 1.22 -5.55 2.92
N HIS A 149 0.32 -4.68 3.36
CA HIS A 149 -0.99 -5.10 3.84
C HIS A 149 -1.98 -5.29 2.68
N ARG A 150 -1.83 -4.51 1.62
CA ARG A 150 -2.72 -4.60 0.47
C ARG A 150 -2.77 -6.02 -0.07
N THR A 151 -1.66 -6.75 0.08
CA THR A 151 -1.59 -8.13 -0.40
C THR A 151 -2.74 -8.97 0.16
N GLY A 152 -3.32 -8.51 1.26
CA GLY A 152 -4.42 -9.24 1.87
C GLY A 152 -3.97 -10.54 2.52
N THR A 153 -2.69 -10.58 2.89
CA THR A 153 -2.11 -11.77 3.52
C THR A 153 -1.30 -11.39 4.75
N LEU A 154 -0.57 -10.27 4.66
CA LEU A 154 0.25 -9.80 5.76
C LEU A 154 -0.61 -9.40 6.95
N GLU A 155 -0.81 -10.34 7.87
CA GLU A 155 -1.63 -10.08 9.06
C GLU A 155 -0.75 -10.04 10.31
N LEU A 156 -1.22 -9.33 11.34
CA LEU A 156 -0.48 -9.22 12.59
C LEU A 156 -0.80 -10.38 13.53
N GLY A 157 -0.71 -11.59 13.00
CA GLY A 157 -0.98 -12.78 13.80
C GLY A 157 -0.53 -14.05 13.13
N ASP A 158 0.53 -13.95 12.33
CA ASP A 158 1.07 -15.11 11.64
C ASP A 158 2.46 -15.46 12.15
N LYS A 159 3.04 -16.53 11.62
CA LYS A 159 4.38 -16.97 12.04
C LYS A 159 5.36 -16.92 10.88
N LEU A 160 6.14 -15.84 10.81
CA LEU A 160 7.12 -15.67 9.75
C LEU A 160 8.35 -16.53 10.02
N LEU A 161 8.83 -17.22 8.99
CA LEU A 161 10.01 -18.07 9.13
C LEU A 161 10.93 -17.99 7.90
N ALA A 162 10.58 -17.13 6.93
CA ALA A 162 11.38 -16.98 5.73
C ALA A 162 11.00 -15.73 4.97
N ILE A 163 11.95 -15.21 4.19
CA ILE A 163 11.72 -14.01 3.39
C ILE A 163 12.35 -14.13 2.01
N ASP A 164 11.51 -14.09 0.98
CA ASP A 164 11.97 -14.19 -0.40
C ASP A 164 12.98 -15.33 -0.62
N ASN A 165 14.26 -15.04 -0.40
CA ASN A 165 15.30 -16.06 -0.59
C ASN A 165 15.96 -16.48 0.72
N ILE A 166 15.78 -15.69 1.78
CA ILE A 166 16.38 -16.00 3.06
C ILE A 166 15.39 -16.71 3.98
N ARG A 167 15.93 -17.44 4.95
CA ARG A 167 15.10 -18.18 5.89
C ARG A 167 15.46 -17.87 7.33
N LEU A 168 14.43 -17.50 8.10
CA LEU A 168 14.63 -17.20 9.50
C LEU A 168 14.71 -18.50 10.30
N ASP A 169 14.49 -19.62 9.61
CA ASP A 169 14.55 -20.94 10.25
C ASP A 169 15.79 -21.06 11.13
N SER A 170 16.85 -20.35 10.76
CA SER A 170 18.10 -20.39 11.51
C SER A 170 18.66 -18.97 11.69
N CYS A 171 17.77 -18.02 11.96
CA CYS A 171 18.17 -16.64 12.15
C CYS A 171 17.36 -16.00 13.27
N SER A 172 17.51 -14.68 13.43
CA SER A 172 16.81 -13.94 14.47
C SER A 172 15.83 -12.94 13.85
N MET A 173 15.02 -12.31 14.70
CA MET A 173 14.05 -11.33 14.25
C MET A 173 14.73 -10.18 13.51
N GLU A 174 15.72 -9.57 14.16
CA GLU A 174 16.45 -8.46 13.56
C GLU A 174 16.95 -8.84 12.18
N ASP A 175 17.43 -10.06 12.06
CA ASP A 175 17.93 -10.57 10.79
C ASP A 175 16.88 -10.39 9.70
N ALA A 176 15.67 -10.87 9.97
CA ALA A 176 14.57 -10.74 9.04
C ALA A 176 14.41 -9.29 8.60
N VAL A 177 14.53 -8.38 9.56
CA VAL A 177 14.42 -6.96 9.28
C VAL A 177 15.48 -6.54 8.27
N GLN A 178 16.64 -7.19 8.34
CA GLN A 178 17.73 -6.92 7.43
C GLN A 178 17.32 -7.26 6.01
N ILE A 179 16.79 -8.46 5.84
CA ILE A 179 16.32 -8.90 4.53
C ILE A 179 15.06 -8.13 4.14
N LEU A 180 14.35 -7.65 5.16
CA LEU A 180 13.12 -6.89 4.94
C LEU A 180 13.42 -5.59 4.21
N GLN A 181 14.56 -4.98 4.53
CA GLN A 181 14.97 -3.73 3.92
C GLN A 181 15.88 -3.98 2.72
N GLN A 182 16.83 -4.90 2.90
CA GLN A 182 17.77 -5.24 1.85
C GLN A 182 17.03 -5.70 0.60
N CYS A 183 15.80 -6.16 0.79
CA CYS A 183 14.98 -6.60 -0.32
C CYS A 183 14.18 -5.43 -0.87
N GLU A 184 14.83 -4.28 -0.99
CA GLU A 184 14.20 -3.07 -1.50
C GLU A 184 13.88 -3.19 -2.98
N ASP A 185 13.04 -4.14 -3.31
CA ASP A 185 12.63 -4.37 -4.69
C ASP A 185 11.46 -5.35 -4.78
N LEU A 186 11.36 -6.25 -3.82
CA LEU A 186 10.30 -7.24 -3.78
C LEU A 186 10.58 -8.25 -2.67
N VAL A 187 9.72 -8.23 -1.66
CA VAL A 187 9.88 -9.14 -0.52
C VAL A 187 8.76 -10.18 -0.47
N LYS A 188 9.15 -11.42 -0.17
CA LYS A 188 8.19 -12.51 -0.06
C LYS A 188 8.08 -12.96 1.38
N LEU A 189 6.97 -12.65 2.02
CA LEU A 189 6.76 -13.03 3.42
C LEU A 189 6.26 -14.46 3.54
N LYS A 190 7.09 -15.33 4.11
CA LYS A 190 6.74 -16.73 4.29
C LYS A 190 6.28 -16.99 5.72
N ILE A 191 4.98 -17.11 5.91
CA ILE A 191 4.42 -17.35 7.24
C ILE A 191 3.85 -18.77 7.34
N ARG A 192 3.41 -19.13 8.55
CA ARG A 192 2.84 -20.45 8.78
C ARG A 192 1.32 -20.39 8.84
N LYS A 193 0.67 -21.21 8.03
CA LYS A 193 -0.80 -21.25 8.01
C LYS A 193 -1.31 -22.66 8.28
N ASP A 194 -1.62 -22.92 9.55
CA ASP A 194 -2.12 -24.23 9.96
C ASP A 194 -3.63 -24.33 9.76
N GLU A 195 -4.09 -24.05 8.54
CA GLU A 195 -5.51 -24.10 8.23
C GLU A 195 -5.91 -25.49 7.77
N ASP A 196 -7.22 -25.72 7.68
CA ASP A 196 -7.75 -27.00 7.26
C ASP A 196 -7.30 -28.13 8.17
N GLN A 1 -8.29 -16.99 -6.92
CA GLN A 1 -7.68 -15.90 -6.19
C GLN A 1 -8.73 -15.17 -5.35
N VAL A 2 -8.29 -14.64 -4.21
CA VAL A 2 -9.20 -13.92 -3.31
C VAL A 2 -8.71 -12.50 -3.06
N VAL A 3 -9.55 -11.52 -3.40
CA VAL A 3 -9.21 -10.11 -3.20
C VAL A 3 -10.37 -9.35 -2.58
N HIS A 4 -10.36 -9.28 -1.25
CA HIS A 4 -11.41 -8.58 -0.52
C HIS A 4 -11.25 -7.06 -0.62
N THR A 5 -12.21 -6.41 -1.27
CA THR A 5 -12.17 -4.97 -1.44
C THR A 5 -12.05 -4.25 -0.10
N GLU A 6 -11.42 -3.09 -0.11
CA GLU A 6 -11.24 -2.30 1.11
C GLU A 6 -11.04 -0.83 0.78
N THR A 7 -11.11 0.01 1.81
CA THR A 7 -10.94 1.45 1.63
C THR A 7 -9.60 1.91 2.22
N THR A 8 -9.15 3.09 1.79
CA THR A 8 -7.89 3.64 2.28
C THR A 8 -7.85 5.15 2.05
N GLU A 9 -7.05 5.84 2.86
CA GLU A 9 -6.91 7.27 2.75
C GLU A 9 -5.62 7.64 2.03
N VAL A 10 -5.56 8.86 1.51
CA VAL A 10 -4.38 9.33 0.79
C VAL A 10 -3.97 10.71 1.31
N VAL A 11 -2.68 10.99 1.24
CA VAL A 11 -2.15 12.27 1.70
C VAL A 11 -1.37 12.97 0.61
N LEU A 12 -1.94 14.04 0.08
CA LEU A 12 -1.28 14.82 -0.97
C LEU A 12 -0.79 16.14 -0.40
N THR A 13 0.53 16.35 -0.44
CA THR A 13 1.13 17.56 0.10
C THR A 13 1.60 18.50 -1.00
N ALA A 14 1.82 19.76 -0.62
CA ALA A 14 2.28 20.78 -1.55
C ALA A 14 3.79 20.97 -1.45
N ASP A 15 4.39 21.38 -2.56
CA ASP A 15 5.82 21.60 -2.61
C ASP A 15 6.13 22.92 -3.31
N PRO A 16 7.25 23.58 -2.94
CA PRO A 16 7.64 24.86 -3.55
C PRO A 16 8.36 24.67 -4.88
N VAL A 17 8.16 23.52 -5.50
CA VAL A 17 8.80 23.24 -6.78
C VAL A 17 7.81 22.65 -7.78
N THR A 18 7.15 21.57 -7.38
CA THR A 18 6.19 20.92 -8.26
C THR A 18 5.21 20.04 -7.48
N GLY A 19 4.82 20.50 -6.29
CA GLY A 19 3.87 19.74 -5.48
C GLY A 19 2.73 19.16 -6.29
N PHE A 20 2.28 17.96 -5.94
CA PHE A 20 1.21 17.30 -6.68
C PHE A 20 1.64 17.11 -8.13
N GLY A 21 2.57 16.16 -8.32
CA GLY A 21 3.08 15.89 -9.65
C GLY A 21 2.42 14.69 -10.28
N ILE A 22 1.19 14.41 -9.87
CA ILE A 22 0.46 13.30 -10.41
C ILE A 22 -0.77 13.79 -11.17
N GLN A 23 -1.11 13.11 -12.27
CA GLN A 23 -2.25 13.50 -13.08
C GLN A 23 -3.48 12.69 -12.69
N LEU A 24 -4.63 13.36 -12.67
CA LEU A 24 -5.87 12.70 -12.29
C LEU A 24 -6.83 12.58 -13.47
N GLN A 25 -7.21 11.35 -13.79
CA GLN A 25 -8.14 11.08 -14.88
C GLN A 25 -9.57 11.22 -14.38
N GLY A 26 -10.53 11.21 -15.29
CA GLY A 26 -11.93 11.33 -14.90
C GLY A 26 -12.88 10.91 -16.01
N SER A 27 -12.78 9.66 -16.42
CA SER A 27 -13.66 9.15 -17.47
C SER A 27 -13.34 7.69 -17.78
N VAL A 28 -14.27 6.81 -17.43
CA VAL A 28 -14.11 5.39 -17.67
C VAL A 28 -15.35 4.83 -18.36
N PHE A 29 -16.42 4.72 -17.58
CA PHE A 29 -17.71 4.24 -18.07
C PHE A 29 -18.03 4.87 -19.42
N ALA A 30 -17.81 6.18 -19.51
CA ALA A 30 -18.07 6.95 -20.73
C ALA A 30 -19.36 6.52 -21.40
N THR A 31 -20.48 6.92 -20.81
CA THR A 31 -21.80 6.58 -21.34
C THR A 31 -22.89 6.89 -20.31
N GLU A 32 -23.67 7.93 -20.56
CA GLU A 32 -24.75 8.33 -19.66
C GLU A 32 -24.20 8.73 -18.30
N THR A 33 -24.76 9.81 -17.73
CA THR A 33 -24.33 10.30 -16.43
C THR A 33 -22.81 10.36 -16.34
N LEU A 34 -22.29 10.48 -15.12
CA LEU A 34 -20.85 10.54 -14.93
C LEU A 34 -20.41 9.73 -13.72
N SER A 35 -20.46 10.33 -12.55
CA SER A 35 -20.05 9.67 -11.31
C SER A 35 -18.61 9.20 -11.42
N SER A 36 -17.90 9.69 -12.43
CA SER A 36 -16.52 9.34 -12.65
C SER A 36 -15.66 9.58 -11.40
N PRO A 37 -15.26 8.50 -10.70
CA PRO A 37 -14.44 8.62 -9.49
C PRO A 37 -13.00 9.02 -9.83
N PRO A 38 -12.54 10.19 -9.36
CA PRO A 38 -11.19 10.69 -9.62
C PRO A 38 -10.14 9.58 -9.67
N LEU A 39 -9.49 9.44 -10.83
CA LEU A 39 -8.45 8.43 -11.02
C LEU A 39 -7.12 9.10 -11.34
N ILE A 40 -6.08 8.30 -11.47
CA ILE A 40 -4.75 8.81 -11.79
C ILE A 40 -4.32 8.36 -13.18
N SER A 41 -3.72 9.26 -13.94
CA SER A 41 -3.28 8.95 -15.30
C SER A 41 -1.76 9.09 -15.45
N TYR A 42 -1.11 9.65 -14.43
CA TYR A 42 0.34 9.84 -14.50
C TYR A 42 0.91 10.32 -13.16
N ILE A 43 2.20 10.08 -12.99
CA ILE A 43 2.92 10.48 -11.78
C ILE A 43 4.26 11.13 -12.16
N GLU A 44 4.77 12.02 -11.33
CA GLU A 44 6.04 12.68 -11.63
C GLU A 44 7.15 12.08 -10.78
N ALA A 45 8.38 12.21 -11.25
CA ALA A 45 9.53 11.67 -10.52
C ALA A 45 10.22 12.76 -9.71
N ASP A 46 9.43 13.53 -8.98
CA ASP A 46 9.95 14.62 -8.15
C ASP A 46 8.83 15.42 -7.52
N SER A 47 8.08 14.78 -6.64
CA SER A 47 6.96 15.44 -5.96
C SER A 47 6.65 14.75 -4.63
N PRO A 48 5.54 15.12 -3.96
CA PRO A 48 5.16 14.55 -2.68
C PRO A 48 4.12 13.43 -2.81
N ALA A 49 3.55 13.27 -4.01
CA ALA A 49 2.53 12.24 -4.23
C ALA A 49 3.12 10.86 -4.38
N GLU A 50 4.00 10.68 -5.35
CA GLU A 50 4.64 9.40 -5.58
C GLU A 50 5.64 9.10 -4.47
N ARG A 51 6.20 10.16 -3.90
CA ARG A 51 7.16 10.02 -2.81
C ARG A 51 6.47 9.59 -1.53
N CYS A 52 5.26 10.10 -1.31
CA CYS A 52 4.49 9.76 -0.12
C CYS A 52 4.44 8.24 0.06
N GLY A 53 4.49 7.52 -1.06
CA GLY A 53 4.46 6.07 -1.00
C GLY A 53 3.06 5.52 -0.79
N VAL A 54 2.07 6.16 -1.38
CA VAL A 54 0.69 5.71 -1.23
C VAL A 54 -0.17 6.15 -2.43
N LEU A 55 0.45 6.23 -3.61
CA LEU A 55 -0.26 6.64 -4.81
C LEU A 55 0.06 5.70 -5.98
N GLN A 56 -0.92 5.51 -6.85
CA GLN A 56 -0.75 4.65 -8.01
C GLN A 56 -1.54 5.18 -9.20
N ILE A 57 -1.04 4.94 -10.40
CA ILE A 57 -1.69 5.41 -11.61
C ILE A 57 -3.02 4.70 -11.85
N GLY A 58 -3.98 5.00 -11.00
CA GLY A 58 -5.29 4.40 -11.12
C GLY A 58 -6.04 4.36 -9.80
N ASP A 59 -6.02 5.48 -9.07
CA ASP A 59 -6.72 5.54 -7.79
C ASP A 59 -8.21 5.78 -8.00
N ARG A 60 -8.96 5.87 -6.90
CA ARG A 60 -10.39 6.10 -6.97
C ARG A 60 -10.86 6.93 -5.78
N VAL A 61 -10.49 8.21 -5.77
CA VAL A 61 -10.87 9.11 -4.69
C VAL A 61 -12.39 9.32 -4.67
N MET A 62 -12.97 9.23 -3.48
CA MET A 62 -14.41 9.42 -3.32
C MET A 62 -14.71 10.77 -2.67
N ALA A 63 -13.77 11.26 -1.87
CA ALA A 63 -13.92 12.54 -1.19
C ALA A 63 -12.58 13.25 -1.05
N ILE A 64 -12.50 14.45 -1.63
CA ILE A 64 -11.28 15.24 -1.55
C ILE A 64 -11.44 16.39 -0.58
N ASN A 65 -10.82 16.26 0.60
CA ASN A 65 -10.92 17.29 1.62
C ASN A 65 -12.37 17.57 1.99
N GLY A 66 -13.25 16.61 1.70
CA GLY A 66 -14.66 16.78 2.00
C GLY A 66 -15.53 16.80 0.76
N ILE A 67 -14.95 17.21 -0.36
CA ILE A 67 -15.66 17.28 -1.63
C ILE A 67 -15.93 15.89 -2.19
N PRO A 68 -17.21 15.48 -2.23
CA PRO A 68 -17.59 14.16 -2.76
C PRO A 68 -17.48 14.10 -4.28
N THR A 69 -17.57 12.90 -4.84
CA THR A 69 -17.47 12.73 -6.28
C THR A 69 -18.41 11.63 -6.79
N GLU A 70 -19.31 11.15 -5.94
CA GLU A 70 -20.25 10.10 -6.31
C GLU A 70 -21.49 10.69 -6.97
N ASP A 71 -21.71 11.99 -6.77
CA ASP A 71 -22.86 12.66 -7.34
C ASP A 71 -22.48 14.05 -7.86
N SER A 72 -21.37 14.10 -8.60
CA SER A 72 -20.89 15.36 -9.17
C SER A 72 -20.01 15.10 -10.38
N THR A 73 -19.66 16.17 -11.08
CA THR A 73 -18.82 16.06 -12.28
C THR A 73 -17.36 15.87 -11.89
N PHE A 74 -16.61 15.20 -12.76
CA PHE A 74 -15.19 14.95 -12.51
C PHE A 74 -14.38 16.23 -12.64
N GLU A 75 -14.85 17.13 -13.50
CA GLU A 75 -14.18 18.40 -13.73
C GLU A 75 -13.94 19.15 -12.40
N GLU A 76 -14.93 19.11 -11.52
CA GLU A 76 -14.82 19.78 -10.23
C GLU A 76 -13.66 19.21 -9.43
N ALA A 77 -13.44 17.91 -9.54
CA ALA A 77 -12.34 17.25 -8.84
C ALA A 77 -11.01 17.73 -9.41
N ASN A 78 -11.02 17.98 -10.71
CA ASN A 78 -9.82 18.45 -11.40
C ASN A 78 -9.43 19.85 -10.92
N GLN A 79 -10.42 20.68 -10.61
CA GLN A 79 -10.16 22.03 -10.14
C GLN A 79 -9.57 22.01 -8.74
N LEU A 80 -10.30 21.39 -7.81
CA LEU A 80 -9.86 21.30 -6.42
C LEU A 80 -8.44 20.76 -6.32
N LEU A 81 -8.13 19.74 -7.11
CA LEU A 81 -6.80 19.14 -7.12
C LEU A 81 -5.80 20.12 -7.69
N ARG A 82 -6.05 20.57 -8.91
CA ARG A 82 -5.16 21.54 -9.55
C ARG A 82 -4.90 22.71 -8.61
N ASP A 83 -5.88 22.97 -7.74
CA ASP A 83 -5.79 24.05 -6.76
C ASP A 83 -5.92 23.50 -5.35
N SER A 84 -5.32 22.34 -5.12
CA SER A 84 -5.36 21.71 -3.80
C SER A 84 -4.03 21.87 -3.07
N SER A 85 -3.38 23.02 -3.25
CA SER A 85 -2.11 23.29 -2.59
C SER A 85 -2.16 24.53 -1.70
N ILE A 86 -3.36 24.97 -1.39
CA ILE A 86 -3.54 26.13 -0.54
C ILE A 86 -3.18 25.83 0.90
N THR A 87 -3.69 24.71 1.37
CA THR A 87 -3.46 24.26 2.74
C THR A 87 -2.17 23.44 2.82
N SER A 88 -1.46 23.33 1.69
CA SER A 88 -0.21 22.58 1.63
C SER A 88 -0.43 21.11 1.91
N LYS A 89 -1.67 20.66 1.80
CA LYS A 89 -2.01 19.26 2.03
C LYS A 89 -3.46 18.96 1.68
N VAL A 90 -3.69 17.71 1.28
CA VAL A 90 -5.02 17.25 0.91
C VAL A 90 -5.21 15.79 1.31
N THR A 91 -6.38 15.46 1.84
CA THR A 91 -6.67 14.10 2.26
C THR A 91 -7.75 13.49 1.39
N LEU A 92 -7.46 12.33 0.80
CA LEU A 92 -8.41 11.65 -0.08
C LEU A 92 -8.78 10.27 0.45
N GLU A 93 -9.85 9.71 -0.08
CA GLU A 93 -10.30 8.38 0.33
C GLU A 93 -10.47 7.48 -0.88
N ILE A 94 -9.54 6.55 -1.05
CA ILE A 94 -9.57 5.62 -2.18
C ILE A 94 -10.04 4.23 -1.76
N GLU A 95 -10.68 3.53 -2.69
CA GLU A 95 -11.17 2.18 -2.44
C GLU A 95 -10.60 1.21 -3.46
N PHE A 96 -9.78 0.27 -3.01
CA PHE A 96 -9.15 -0.70 -3.90
C PHE A 96 -9.22 -2.11 -3.31
N ASP A 97 -8.79 -3.09 -4.10
CA ASP A 97 -8.79 -4.48 -3.67
C ASP A 97 -7.46 -4.84 -3.02
N VAL A 98 -7.48 -5.85 -2.15
CA VAL A 98 -6.28 -6.29 -1.46
C VAL A 98 -5.57 -7.39 -2.22
N ALA A 99 -4.46 -7.03 -2.88
CA ALA A 99 -3.67 -8.00 -3.65
C ALA A 99 -2.32 -7.39 -4.04
N GLU A 100 -1.26 -8.19 -3.91
CA GLU A 100 0.07 -7.72 -4.24
C GLU A 100 0.94 -8.84 -4.81
N SER A 101 0.30 -9.85 -5.40
CA SER A 101 1.01 -10.97 -6.00
C SER A 101 1.50 -11.94 -4.92
N VAL A 102 0.57 -12.56 -4.23
CA VAL A 102 0.86 -13.51 -3.19
C VAL A 102 0.78 -14.93 -3.74
N ILE A 103 1.61 -15.82 -3.20
CA ILE A 103 1.63 -17.20 -3.65
C ILE A 103 1.54 -18.16 -2.45
N PRO A 104 0.31 -18.58 -2.10
CA PRO A 104 0.07 -19.48 -0.98
C PRO A 104 -0.05 -20.94 -1.41
N SER A 105 -0.30 -21.82 -0.45
CA SER A 105 -0.45 -23.25 -0.74
C SER A 105 -0.70 -24.05 0.55
N SER A 106 -1.43 -23.46 1.49
CA SER A 106 -1.72 -24.13 2.76
C SER A 106 -0.44 -24.48 3.50
N GLY A 107 -0.28 -23.93 4.70
CA GLY A 107 0.92 -24.20 5.47
C GLY A 107 2.02 -23.21 5.15
N THR A 108 2.32 -23.06 3.87
CA THR A 108 3.35 -22.13 3.41
C THR A 108 2.74 -21.01 2.57
N PHE A 109 2.63 -19.83 3.17
CA PHE A 109 2.06 -18.67 2.49
C PHE A 109 3.13 -17.61 2.25
N HIS A 110 3.35 -17.24 0.99
CA HIS A 110 4.33 -16.23 0.68
C HIS A 110 3.67 -14.95 0.18
N VAL A 111 4.34 -13.81 0.39
CA VAL A 111 3.82 -12.53 -0.04
C VAL A 111 4.89 -11.76 -0.81
N LYS A 112 4.82 -11.83 -2.13
CA LYS A 112 5.79 -11.16 -2.99
C LYS A 112 5.34 -9.72 -3.28
N LEU A 113 6.01 -8.75 -2.64
CA LEU A 113 5.67 -7.35 -2.84
C LEU A 113 6.90 -6.53 -3.20
N PRO A 114 6.80 -5.67 -4.23
CA PRO A 114 7.92 -4.84 -4.67
C PRO A 114 8.27 -3.78 -3.63
N LYS A 115 9.58 -3.61 -3.38
CA LYS A 115 10.05 -2.62 -2.42
C LYS A 115 10.93 -1.58 -3.10
N LYS A 116 11.04 -0.42 -2.46
CA LYS A 116 11.85 0.67 -2.99
C LYS A 116 13.03 0.98 -2.07
N HIS A 117 13.68 2.11 -2.30
CA HIS A 117 14.82 2.51 -1.49
C HIS A 117 14.42 2.64 -0.02
N SER A 118 13.43 3.46 0.25
CA SER A 118 12.96 3.67 1.62
C SER A 118 11.58 4.36 1.63
N VAL A 119 10.67 3.85 0.83
CA VAL A 119 9.32 4.40 0.74
C VAL A 119 8.49 4.01 1.96
N GLU A 120 7.44 4.77 2.22
CA GLU A 120 6.55 4.52 3.36
C GLU A 120 6.16 3.05 3.44
N LEU A 121 6.64 2.35 4.46
CA LEU A 121 6.34 0.94 4.65
C LEU A 121 5.55 0.73 5.93
N GLY A 122 4.28 0.34 5.79
CA GLY A 122 3.44 0.11 6.95
C GLY A 122 3.50 -1.32 7.45
N ILE A 123 4.71 -1.85 7.56
CA ILE A 123 4.92 -3.21 8.02
C ILE A 123 5.58 -3.23 9.40
N THR A 124 5.01 -3.99 10.32
CA THR A 124 5.56 -4.09 11.67
C THR A 124 5.78 -5.56 12.05
N ILE A 125 6.95 -5.86 12.60
CA ILE A 125 7.29 -7.21 13.00
C ILE A 125 7.23 -7.36 14.51
N SER A 126 7.17 -8.61 14.98
CA SER A 126 7.11 -8.89 16.41
C SER A 126 7.40 -10.36 16.69
N SER A 127 8.40 -10.63 17.52
CA SER A 127 8.77 -11.99 17.86
C SER A 127 7.91 -12.52 19.01
N PRO A 128 7.10 -13.57 18.75
CA PRO A 128 6.24 -14.16 19.79
C PRO A 128 7.03 -14.73 20.95
N SER A 129 6.33 -15.37 21.89
CA SER A 129 6.96 -15.96 23.06
C SER A 129 8.00 -17.00 22.64
N SER A 130 8.85 -17.38 23.60
CA SER A 130 9.88 -18.37 23.34
C SER A 130 9.53 -19.71 23.96
N ARG A 131 8.57 -20.41 23.37
CA ARG A 131 8.14 -21.71 23.87
C ARG A 131 8.35 -22.79 22.81
N LYS A 132 9.53 -22.78 22.20
CA LYS A 132 9.86 -23.77 21.17
C LYS A 132 11.29 -23.56 20.66
N PRO A 133 11.92 -24.62 20.14
CA PRO A 133 13.28 -24.55 19.62
C PRO A 133 13.35 -23.83 18.27
N GLY A 134 13.22 -22.51 18.30
CA GLY A 134 13.28 -21.73 17.08
C GLY A 134 13.13 -20.24 17.33
N ASP A 135 12.01 -19.85 17.93
CA ASP A 135 11.74 -18.46 18.23
C ASP A 135 11.68 -17.62 16.96
N PRO A 136 10.62 -17.80 16.15
CA PRO A 136 10.45 -17.05 14.90
C PRO A 136 9.85 -15.67 15.14
N LEU A 137 9.30 -15.07 14.08
CA LEU A 137 8.69 -13.75 14.19
C LEU A 137 7.34 -13.70 13.48
N VAL A 138 6.64 -12.58 13.62
CA VAL A 138 5.33 -12.42 13.00
C VAL A 138 5.00 -10.94 12.80
N ILE A 139 3.79 -10.68 12.30
CA ILE A 139 3.35 -9.30 12.08
C ILE A 139 2.96 -8.65 13.39
N SER A 140 3.05 -7.32 13.43
CA SER A 140 2.71 -6.57 14.64
C SER A 140 1.86 -5.34 14.34
N ASP A 141 1.71 -5.01 13.07
CA ASP A 141 0.92 -3.84 12.69
C ASP A 141 1.02 -3.56 11.19
N ILE A 142 -0.06 -3.05 10.62
CA ILE A 142 -0.11 -2.72 9.21
C ILE A 142 -0.64 -1.30 9.00
N LYS A 143 -0.21 -0.65 7.92
CA LYS A 143 -0.65 0.71 7.63
C LYS A 143 -1.30 0.77 6.25
N LYS A 144 -2.45 1.45 6.17
CA LYS A 144 -3.17 1.55 4.91
C LYS A 144 -2.55 2.63 4.02
N GLY A 145 -1.55 2.24 3.26
CA GLY A 145 -0.88 3.16 2.36
C GLY A 145 0.20 2.48 1.54
N SER A 146 0.84 1.47 2.12
CA SER A 146 1.90 0.74 1.44
C SER A 146 1.40 -0.63 0.97
N VAL A 147 2.21 -1.29 0.15
CA VAL A 147 1.87 -2.61 -0.39
C VAL A 147 1.65 -3.63 0.72
N ALA A 148 2.18 -3.37 1.90
CA ALA A 148 2.06 -4.27 3.04
C ALA A 148 0.63 -4.83 3.18
N HIS A 149 -0.30 -3.98 3.60
CA HIS A 149 -1.68 -4.42 3.78
C HIS A 149 -2.29 -4.89 2.45
N ARG A 150 -1.74 -4.39 1.34
CA ARG A 150 -2.24 -4.77 0.02
C ARG A 150 -2.15 -6.28 -0.18
N THR A 151 -1.08 -6.88 0.32
CA THR A 151 -0.90 -8.32 0.19
C THR A 151 -2.09 -9.07 0.82
N GLY A 152 -2.67 -8.45 1.85
CA GLY A 152 -3.82 -9.03 2.52
C GLY A 152 -3.45 -10.05 3.58
N THR A 153 -3.01 -11.22 3.13
CA THR A 153 -2.64 -12.32 4.03
C THR A 153 -1.85 -11.83 5.24
N LEU A 154 -1.10 -10.74 5.08
CA LEU A 154 -0.31 -10.20 6.17
C LEU A 154 -1.19 -9.80 7.35
N GLU A 155 -1.47 -10.76 8.21
CA GLU A 155 -2.31 -10.51 9.38
C GLU A 155 -1.52 -10.76 10.67
N LEU A 156 -1.99 -10.17 11.76
CA LEU A 156 -1.33 -10.33 13.06
C LEU A 156 -1.47 -11.76 13.56
N GLY A 157 -0.75 -12.67 12.92
CA GLY A 157 -0.81 -14.07 13.32
C GLY A 157 -0.23 -15.00 12.26
N ASP A 158 0.86 -14.59 11.64
CA ASP A 158 1.50 -15.39 10.60
C ASP A 158 2.95 -15.69 10.97
N LYS A 159 3.26 -16.97 11.15
CA LYS A 159 4.61 -17.39 11.51
C LYS A 159 5.56 -17.29 10.33
N LEU A 160 6.46 -16.31 10.37
CA LEU A 160 7.43 -16.10 9.29
C LEU A 160 8.56 -17.14 9.37
N LEU A 161 9.14 -17.44 8.21
CA LEU A 161 10.24 -18.41 8.15
C LEU A 161 11.31 -17.95 7.19
N ALA A 162 10.93 -17.70 5.94
CA ALA A 162 11.87 -17.26 4.91
C ALA A 162 11.62 -15.80 4.53
N ILE A 163 12.65 -15.15 4.01
CA ILE A 163 12.55 -13.76 3.59
C ILE A 163 13.30 -13.52 2.29
N ASP A 164 12.55 -13.24 1.22
CA ASP A 164 13.14 -12.99 -0.09
C ASP A 164 14.09 -14.11 -0.51
N ASN A 165 13.59 -15.34 -0.45
CA ASN A 165 14.37 -16.53 -0.82
C ASN A 165 15.27 -17.00 0.31
N ILE A 166 15.72 -16.07 1.15
CA ILE A 166 16.59 -16.43 2.27
C ILE A 166 15.80 -17.12 3.37
N ARG A 167 16.47 -17.98 4.13
CA ARG A 167 15.82 -18.70 5.19
C ARG A 167 16.58 -18.61 6.51
N LEU A 168 15.92 -18.05 7.51
CA LEU A 168 16.51 -17.92 8.83
C LEU A 168 16.36 -19.23 9.60
N ASP A 169 15.52 -20.13 9.06
CA ASP A 169 15.27 -21.42 9.69
C ASP A 169 14.90 -21.25 11.16
N SER A 170 13.91 -20.41 11.42
CA SER A 170 13.47 -20.14 12.78
C SER A 170 14.57 -19.50 13.61
N CYS A 171 14.83 -18.22 13.35
CA CYS A 171 15.85 -17.49 14.05
C CYS A 171 15.29 -16.22 14.68
N SER A 172 16.18 -15.36 15.17
CA SER A 172 15.79 -14.10 15.80
C SER A 172 14.96 -13.25 14.84
N MET A 173 14.13 -12.38 15.41
CA MET A 173 13.28 -11.50 14.61
C MET A 173 14.10 -10.37 13.99
N GLU A 174 15.11 -9.90 14.72
CA GLU A 174 15.97 -8.82 14.25
C GLU A 174 16.50 -9.13 12.86
N ASP A 175 17.03 -10.33 12.70
CA ASP A 175 17.59 -10.76 11.42
C ASP A 175 16.60 -10.48 10.28
N ALA A 176 15.37 -10.95 10.45
CA ALA A 176 14.34 -10.74 9.45
C ALA A 176 14.18 -9.25 9.15
N VAL A 177 14.30 -8.43 10.19
CA VAL A 177 14.19 -6.99 10.03
C VAL A 177 15.31 -6.48 9.14
N GLN A 178 16.46 -7.16 9.19
CA GLN A 178 17.60 -6.80 8.38
C GLN A 178 17.30 -7.01 6.91
N ILE A 179 16.80 -8.21 6.58
CA ILE A 179 16.44 -8.52 5.21
C ILE A 179 15.16 -7.79 4.82
N LEU A 180 14.35 -7.46 5.82
CA LEU A 180 13.09 -6.76 5.58
C LEU A 180 13.37 -5.38 4.99
N GLN A 181 14.41 -4.72 5.49
CA GLN A 181 14.78 -3.40 5.02
C GLN A 181 15.76 -3.52 3.86
N GLN A 182 16.69 -4.47 3.98
CA GLN A 182 17.67 -4.69 2.94
C GLN A 182 17.00 -5.15 1.65
N CYS A 183 15.74 -5.55 1.74
CA CYS A 183 15.00 -6.00 0.58
C CYS A 183 14.38 -4.81 -0.15
N GLU A 184 15.15 -3.73 -0.28
CA GLU A 184 14.69 -2.52 -0.96
C GLU A 184 14.59 -2.74 -2.46
N ASP A 185 13.72 -3.67 -2.84
CA ASP A 185 13.50 -3.98 -4.24
C ASP A 185 12.37 -4.97 -4.42
N LEU A 186 12.19 -5.84 -3.43
CA LEU A 186 11.16 -6.85 -3.46
C LEU A 186 11.24 -7.73 -2.23
N VAL A 187 10.27 -7.58 -1.33
CA VAL A 187 10.26 -8.35 -0.10
C VAL A 187 9.23 -9.48 -0.16
N LYS A 188 9.73 -10.72 -0.09
CA LYS A 188 8.87 -11.89 -0.11
C LYS A 188 8.85 -12.54 1.27
N LEU A 189 7.72 -12.42 1.96
CA LEU A 189 7.62 -12.99 3.31
C LEU A 189 6.93 -14.35 3.28
N LYS A 190 7.66 -15.38 3.69
CA LYS A 190 7.14 -16.74 3.72
C LYS A 190 6.67 -17.09 5.12
N ILE A 191 5.35 -17.03 5.34
CA ILE A 191 4.78 -17.34 6.64
C ILE A 191 4.01 -18.67 6.60
N ARG A 192 3.46 -19.06 7.74
CA ARG A 192 2.70 -20.30 7.82
C ARG A 192 1.21 -20.01 8.00
N LYS A 193 0.38 -20.74 7.25
CA LYS A 193 -1.07 -20.55 7.33
C LYS A 193 -1.79 -21.89 7.45
N ASP A 194 -3.03 -21.85 7.94
CA ASP A 194 -3.84 -23.05 8.12
C ASP A 194 -3.49 -23.76 9.44
N GLU A 195 -4.12 -23.30 10.51
CA GLU A 195 -3.89 -23.88 11.83
C GLU A 195 -4.25 -25.35 11.86
N ASP A 196 -3.77 -26.05 12.89
CA ASP A 196 -4.05 -27.48 13.04
C ASP A 196 -5.54 -27.74 13.13
N GLN A 1 -8.06 -15.78 -9.20
CA GLN A 1 -7.90 -14.91 -8.03
C GLN A 1 -9.25 -14.61 -7.40
N VAL A 2 -9.22 -14.29 -6.11
CA VAL A 2 -10.44 -13.98 -5.36
C VAL A 2 -10.15 -13.00 -4.24
N VAL A 3 -10.74 -11.81 -4.31
CA VAL A 3 -10.53 -10.80 -3.29
C VAL A 3 -11.79 -9.96 -3.07
N HIS A 4 -11.69 -8.99 -2.16
CA HIS A 4 -12.83 -8.12 -1.85
C HIS A 4 -12.40 -6.66 -1.82
N THR A 5 -12.95 -5.87 -2.72
CA THR A 5 -12.62 -4.45 -2.80
C THR A 5 -12.73 -3.76 -1.44
N GLU A 6 -11.89 -2.76 -1.21
CA GLU A 6 -11.90 -2.03 0.05
C GLU A 6 -11.56 -0.56 -0.18
N THR A 7 -11.69 0.25 0.87
CA THR A 7 -11.40 1.67 0.78
C THR A 7 -10.30 2.07 1.76
N THR A 8 -9.57 3.14 1.43
CA THR A 8 -8.49 3.62 2.28
C THR A 8 -8.33 5.13 2.14
N GLU A 9 -7.51 5.72 3.01
CA GLU A 9 -7.28 7.15 2.98
C GLU A 9 -5.94 7.47 2.32
N VAL A 10 -5.78 8.72 1.91
CA VAL A 10 -4.55 9.16 1.27
C VAL A 10 -4.19 10.58 1.71
N VAL A 11 -2.90 10.86 1.81
CA VAL A 11 -2.44 12.17 2.21
C VAL A 11 -1.45 12.75 1.19
N LEU A 12 -1.90 13.77 0.47
CA LEU A 12 -1.07 14.41 -0.53
C LEU A 12 -0.63 15.79 -0.06
N THR A 13 0.61 16.15 -0.36
CA THR A 13 1.17 17.43 0.06
C THR A 13 1.68 18.25 -1.11
N ALA A 14 1.81 19.55 -0.88
CA ALA A 14 2.31 20.47 -1.90
C ALA A 14 3.78 20.82 -1.67
N ASP A 15 4.50 21.09 -2.76
CA ASP A 15 5.90 21.43 -2.68
C ASP A 15 6.20 22.65 -3.56
N PRO A 16 7.18 23.48 -3.16
CA PRO A 16 7.57 24.67 -3.90
C PRO A 16 8.47 24.36 -5.09
N VAL A 17 8.63 23.08 -5.40
CA VAL A 17 9.47 22.66 -6.51
C VAL A 17 8.63 22.07 -7.64
N THR A 18 7.73 21.14 -7.30
CA THR A 18 6.90 20.50 -8.31
C THR A 18 5.44 20.39 -7.86
N GLY A 19 5.13 20.80 -6.64
CA GLY A 19 3.77 20.72 -6.15
C GLY A 19 3.47 19.39 -5.48
N PHE A 20 2.93 18.44 -6.23
CA PHE A 20 2.61 17.14 -5.68
C PHE A 20 3.34 16.03 -6.44
N GLY A 21 2.94 15.78 -7.70
CA GLY A 21 3.63 14.75 -8.48
C GLY A 21 2.69 13.80 -9.21
N ILE A 22 1.38 13.99 -9.07
CA ILE A 22 0.43 13.12 -9.73
C ILE A 22 -0.61 13.91 -10.54
N GLN A 23 -0.79 13.49 -11.80
CA GLN A 23 -1.75 14.12 -12.69
C GLN A 23 -2.85 13.13 -13.01
N LEU A 24 -4.11 13.54 -12.84
CA LEU A 24 -5.23 12.65 -13.09
C LEU A 24 -6.18 13.19 -14.15
N GLN A 25 -6.93 12.27 -14.75
CA GLN A 25 -7.90 12.61 -15.78
C GLN A 25 -9.31 12.38 -15.27
N GLY A 26 -10.30 12.85 -16.02
CA GLY A 26 -11.68 12.68 -15.63
C GLY A 26 -12.46 11.82 -16.59
N SER A 27 -11.74 11.08 -17.45
CA SER A 27 -12.38 10.22 -18.42
C SER A 27 -12.43 8.79 -17.91
N VAL A 28 -13.47 8.49 -17.14
CA VAL A 28 -13.65 7.17 -16.56
C VAL A 28 -14.64 6.36 -17.37
N PHE A 29 -15.91 6.67 -17.20
CA PHE A 29 -17.00 6.01 -17.89
C PHE A 29 -16.81 6.10 -19.40
N ALA A 30 -16.49 7.31 -19.87
CA ALA A 30 -16.28 7.56 -21.29
C ALA A 30 -17.45 7.03 -22.12
N THR A 31 -18.56 7.74 -22.06
CA THR A 31 -19.78 7.37 -22.80
C THR A 31 -20.99 8.11 -22.24
N GLU A 32 -21.10 9.40 -22.56
CA GLU A 32 -22.21 10.21 -22.08
C GLU A 32 -22.18 10.35 -20.56
N THR A 33 -22.92 11.32 -20.04
CA THR A 33 -22.97 11.55 -18.60
C THR A 33 -21.59 11.92 -18.07
N LEU A 34 -21.45 11.94 -16.74
CA LEU A 34 -20.18 12.27 -16.12
C LEU A 34 -19.89 11.34 -14.94
N SER A 35 -20.05 11.84 -13.71
CA SER A 35 -19.80 11.04 -12.52
C SER A 35 -18.44 10.35 -12.59
N SER A 36 -17.56 10.88 -13.43
CA SER A 36 -16.22 10.33 -13.60
C SER A 36 -15.33 10.68 -12.41
N PRO A 37 -14.96 9.70 -11.58
CA PRO A 37 -14.09 9.92 -10.42
C PRO A 37 -12.63 10.17 -10.84
N PRO A 38 -11.94 11.11 -10.17
CA PRO A 38 -10.55 11.43 -10.47
C PRO A 38 -9.67 10.18 -10.51
N LEU A 39 -8.95 9.98 -11.62
CA LEU A 39 -8.08 8.82 -11.76
C LEU A 39 -6.69 9.22 -12.24
N ILE A 40 -5.72 9.22 -11.33
CA ILE A 40 -4.36 9.57 -11.68
C ILE A 40 -3.82 8.64 -12.76
N SER A 41 -2.86 9.11 -13.54
CA SER A 41 -2.28 8.30 -14.60
C SER A 41 -0.79 8.59 -14.80
N TYR A 42 -0.15 9.13 -13.77
CA TYR A 42 1.28 9.45 -13.86
C TYR A 42 1.83 10.00 -12.55
N ILE A 43 3.09 9.67 -12.29
CA ILE A 43 3.79 10.13 -11.09
C ILE A 43 4.95 11.05 -11.51
N GLU A 44 5.48 11.83 -10.57
CA GLU A 44 6.59 12.73 -10.89
C GLU A 44 7.85 12.30 -10.16
N ALA A 45 8.90 12.03 -10.92
CA ALA A 45 10.16 11.59 -10.35
C ALA A 45 10.72 12.63 -9.39
N ASP A 46 10.63 12.31 -8.09
CA ASP A 46 11.13 13.18 -7.03
C ASP A 46 10.05 14.15 -6.60
N SER A 47 8.87 13.61 -6.29
CA SER A 47 7.75 14.44 -5.86
C SER A 47 7.12 13.89 -4.59
N PRO A 48 6.63 14.78 -3.70
CA PRO A 48 6.00 14.35 -2.45
C PRO A 48 4.82 13.41 -2.69
N ALA A 49 4.33 13.38 -3.91
CA ALA A 49 3.19 12.53 -4.27
C ALA A 49 3.60 11.05 -4.21
N GLU A 50 4.61 10.69 -4.98
CA GLU A 50 5.08 9.30 -4.98
C GLU A 50 5.94 9.04 -3.75
N ARG A 51 6.59 10.11 -3.26
CA ARG A 51 7.45 9.99 -2.09
C ARG A 51 6.65 10.18 -0.80
N CYS A 52 5.36 10.48 -0.91
CA CYS A 52 4.52 10.67 0.25
C CYS A 52 4.50 9.42 1.11
N GLY A 53 4.19 8.29 0.48
CA GLY A 53 4.14 7.02 1.19
C GLY A 53 2.87 6.24 0.95
N VAL A 54 1.94 6.82 0.18
CA VAL A 54 0.67 6.17 -0.11
C VAL A 54 0.06 6.67 -1.41
N LEU A 55 0.77 6.48 -2.53
CA LEU A 55 0.27 6.91 -3.82
C LEU A 55 0.64 5.91 -4.91
N GLN A 56 -0.16 5.89 -5.98
CA GLN A 56 0.09 4.99 -7.09
C GLN A 56 -0.67 5.46 -8.33
N ILE A 57 -0.08 5.25 -9.50
CA ILE A 57 -0.69 5.65 -10.76
C ILE A 57 -2.03 4.95 -10.98
N GLY A 58 -3.11 5.71 -10.86
CA GLY A 58 -4.44 5.15 -11.05
C GLY A 58 -5.25 5.15 -9.77
N ASP A 59 -5.17 6.24 -9.01
CA ASP A 59 -5.90 6.35 -7.76
C ASP A 59 -7.31 6.85 -8.01
N ARG A 60 -8.30 6.11 -7.49
CA ARG A 60 -9.70 6.49 -7.66
C ARG A 60 -10.25 7.12 -6.39
N VAL A 61 -10.07 8.43 -6.27
CA VAL A 61 -10.54 9.16 -5.10
C VAL A 61 -12.02 9.54 -5.25
N MET A 62 -12.79 9.32 -4.19
CA MET A 62 -14.22 9.63 -4.22
C MET A 62 -14.52 10.85 -3.34
N ALA A 63 -13.68 11.08 -2.34
CA ALA A 63 -13.87 12.21 -1.43
C ALA A 63 -12.59 13.03 -1.31
N ILE A 64 -12.74 14.34 -1.29
CA ILE A 64 -11.60 15.25 -1.17
C ILE A 64 -11.87 16.33 -0.13
N ASN A 65 -11.18 16.25 1.00
CA ASN A 65 -11.34 17.22 2.07
C ASN A 65 -12.80 17.25 2.57
N GLY A 66 -13.50 16.14 2.36
CA GLY A 66 -14.89 16.07 2.79
C GLY A 66 -15.86 16.16 1.64
N ILE A 67 -15.44 16.83 0.56
CA ILE A 67 -16.29 17.00 -0.61
C ILE A 67 -16.41 15.70 -1.39
N PRO A 68 -17.62 15.35 -1.85
CA PRO A 68 -17.86 14.13 -2.62
C PRO A 68 -17.40 14.26 -4.07
N THR A 69 -17.79 13.29 -4.90
CA THR A 69 -17.41 13.29 -6.31
C THR A 69 -18.40 12.46 -7.14
N GLU A 70 -18.74 11.29 -6.62
CA GLU A 70 -19.68 10.40 -7.32
C GLU A 70 -21.05 11.04 -7.47
N ASP A 71 -21.31 12.07 -6.67
CA ASP A 71 -22.59 12.77 -6.71
C ASP A 71 -22.40 14.21 -7.15
N SER A 72 -21.55 14.41 -8.14
CA SER A 72 -21.27 15.74 -8.67
C SER A 72 -20.53 15.65 -9.99
N THR A 73 -20.04 16.80 -10.48
CA THR A 73 -19.31 16.84 -11.73
C THR A 73 -17.84 16.48 -11.52
N PHE A 74 -17.23 15.86 -12.52
CA PHE A 74 -15.83 15.47 -12.44
C PHE A 74 -14.92 16.69 -12.46
N GLU A 75 -15.31 17.70 -13.25
CA GLU A 75 -14.53 18.92 -13.37
C GLU A 75 -14.27 19.54 -11.99
N GLU A 76 -15.24 19.41 -11.09
CA GLU A 76 -15.10 19.95 -9.75
C GLU A 76 -13.92 19.29 -9.05
N ALA A 77 -13.92 17.96 -9.05
CA ALA A 77 -12.84 17.20 -8.44
C ALA A 77 -11.50 17.62 -9.02
N ASN A 78 -11.53 18.02 -10.28
CA ASN A 78 -10.32 18.48 -10.96
C ASN A 78 -9.87 19.82 -10.39
N GLN A 79 -10.83 20.66 -10.01
CA GLN A 79 -10.52 21.96 -9.43
C GLN A 79 -9.78 21.78 -8.12
N LEU A 80 -10.23 20.82 -7.33
CA LEU A 80 -9.62 20.54 -6.04
C LEU A 80 -8.16 20.10 -6.20
N LEU A 81 -7.94 19.12 -7.07
CA LEU A 81 -6.60 18.61 -7.32
C LEU A 81 -5.75 19.63 -8.06
N ARG A 82 -6.23 20.10 -9.20
CA ARG A 82 -5.50 21.09 -9.97
C ARG A 82 -5.08 22.25 -9.06
N ASP A 83 -5.89 22.49 -8.03
CA ASP A 83 -5.62 23.53 -7.06
C ASP A 83 -5.55 22.94 -5.65
N SER A 84 -4.93 21.78 -5.53
CA SER A 84 -4.80 21.10 -4.24
C SER A 84 -3.51 21.51 -3.53
N SER A 85 -2.94 22.63 -3.91
CA SER A 85 -1.69 23.10 -3.30
C SER A 85 -1.89 24.40 -2.53
N ILE A 86 -3.14 24.74 -2.25
CA ILE A 86 -3.47 25.94 -1.53
C ILE A 86 -3.17 25.77 -0.05
N THR A 87 -3.66 24.66 0.47
CA THR A 87 -3.48 24.31 1.89
C THR A 87 -2.21 23.49 2.09
N SER A 88 -1.50 23.22 1.00
CA SER A 88 -0.27 22.45 1.04
C SER A 88 -0.52 21.01 1.48
N LYS A 89 -1.77 20.57 1.38
CA LYS A 89 -2.14 19.21 1.77
C LYS A 89 -3.54 18.86 1.25
N VAL A 90 -3.78 17.56 1.12
CA VAL A 90 -5.08 17.08 0.64
C VAL A 90 -5.30 15.63 1.06
N THR A 91 -6.48 15.35 1.61
CA THR A 91 -6.81 14.00 2.05
C THR A 91 -7.91 13.40 1.17
N LEU A 92 -7.63 12.24 0.59
CA LEU A 92 -8.60 11.57 -0.29
C LEU A 92 -8.89 10.15 0.19
N GLU A 93 -9.96 9.58 -0.35
CA GLU A 93 -10.36 8.22 0.00
C GLU A 93 -10.52 7.38 -1.26
N ILE A 94 -9.57 6.47 -1.49
CA ILE A 94 -9.59 5.62 -2.67
C ILE A 94 -10.14 4.23 -2.36
N GLU A 95 -10.55 3.52 -3.40
CA GLU A 95 -11.10 2.17 -3.26
C GLU A 95 -10.43 1.23 -4.24
N PHE A 96 -9.69 0.25 -3.71
CA PHE A 96 -8.99 -0.72 -4.55
C PHE A 96 -9.23 -2.15 -4.06
N ASP A 97 -8.73 -3.11 -4.83
CA ASP A 97 -8.86 -4.52 -4.48
C ASP A 97 -7.71 -4.95 -3.60
N VAL A 98 -7.96 -5.91 -2.71
CA VAL A 98 -6.93 -6.40 -1.81
C VAL A 98 -6.16 -7.57 -2.42
N ALA A 99 -4.94 -7.29 -2.89
CA ALA A 99 -4.07 -8.30 -3.49
C ALA A 99 -2.99 -7.65 -4.32
N GLU A 100 -2.15 -8.49 -4.94
CA GLU A 100 -1.06 -8.03 -5.78
C GLU A 100 -0.18 -9.20 -6.19
N SER A 101 0.01 -10.14 -5.26
CA SER A 101 0.82 -11.31 -5.51
C SER A 101 1.06 -12.11 -4.24
N VAL A 102 0.38 -13.25 -4.14
CA VAL A 102 0.50 -14.13 -2.98
C VAL A 102 0.41 -15.59 -3.42
N ILE A 103 1.17 -16.47 -2.77
CA ILE A 103 1.16 -17.87 -3.13
C ILE A 103 1.03 -18.77 -1.89
N PRO A 104 -0.19 -19.30 -1.65
CA PRO A 104 -0.46 -20.18 -0.50
C PRO A 104 -0.08 -21.63 -0.78
N SER A 105 0.18 -22.38 0.30
CA SER A 105 0.54 -23.79 0.18
C SER A 105 0.38 -24.53 1.51
N SER A 106 -0.39 -23.95 2.43
CA SER A 106 -0.61 -24.57 3.75
C SER A 106 0.71 -24.85 4.45
N GLY A 107 0.91 -24.20 5.60
CA GLY A 107 2.13 -24.39 6.35
C GLY A 107 3.15 -23.31 6.05
N THR A 108 3.27 -22.97 4.77
CA THR A 108 4.20 -21.94 4.33
C THR A 108 3.53 -21.01 3.32
N PHE A 109 3.14 -19.83 3.78
CA PHE A 109 2.48 -18.84 2.93
C PHE A 109 3.47 -17.77 2.49
N HIS A 110 3.63 -17.58 1.18
CA HIS A 110 4.55 -16.58 0.67
C HIS A 110 3.80 -15.42 0.02
N VAL A 111 3.95 -14.23 0.60
CA VAL A 111 3.30 -13.05 0.07
C VAL A 111 4.31 -12.22 -0.73
N LYS A 112 4.18 -12.27 -2.05
CA LYS A 112 5.08 -11.55 -2.92
C LYS A 112 4.68 -10.08 -3.04
N LEU A 113 5.51 -9.19 -2.52
CA LEU A 113 5.24 -7.75 -2.55
C LEU A 113 6.33 -7.01 -3.32
N PRO A 114 5.94 -6.16 -4.28
CA PRO A 114 6.90 -5.38 -5.07
C PRO A 114 7.48 -4.23 -4.25
N LYS A 115 8.81 -4.19 -4.14
CA LYS A 115 9.47 -3.15 -3.36
C LYS A 115 9.78 -1.93 -4.23
N LYS A 116 9.98 -0.81 -3.56
CA LYS A 116 10.27 0.45 -4.24
C LYS A 116 11.44 1.17 -3.58
N HIS A 117 11.64 2.44 -3.95
CA HIS A 117 12.72 3.25 -3.39
C HIS A 117 12.50 3.50 -1.91
N SER A 118 11.49 4.31 -1.59
CA SER A 118 11.19 4.64 -0.20
C SER A 118 9.72 5.00 -0.03
N VAL A 119 8.91 4.01 0.31
CA VAL A 119 7.48 4.21 0.51
C VAL A 119 6.99 3.46 1.76
N GLU A 120 5.93 3.96 2.36
CA GLU A 120 5.36 3.35 3.56
C GLU A 120 5.15 1.85 3.37
N LEU A 121 5.72 1.07 4.28
CA LEU A 121 5.59 -0.39 4.22
C LEU A 121 4.23 -0.83 4.73
N GLY A 122 3.98 -0.58 6.02
CA GLY A 122 2.70 -0.96 6.60
C GLY A 122 2.77 -2.21 7.46
N ILE A 123 3.87 -2.95 7.35
CA ILE A 123 4.02 -4.17 8.14
C ILE A 123 4.89 -3.93 9.37
N THR A 124 4.54 -4.59 10.47
CA THR A 124 5.29 -4.45 11.71
C THR A 124 5.71 -5.81 12.23
N ILE A 125 7.00 -6.10 12.16
CA ILE A 125 7.53 -7.38 12.62
C ILE A 125 7.56 -7.47 14.14
N SER A 126 7.72 -8.68 14.66
CA SER A 126 7.76 -8.92 16.09
C SER A 126 8.58 -10.17 16.40
N SER A 127 9.17 -10.19 17.59
CA SER A 127 9.99 -11.32 18.02
C SER A 127 9.20 -12.34 18.84
N PRO A 128 8.46 -11.88 19.87
CA PRO A 128 7.67 -12.78 20.74
C PRO A 128 6.36 -13.22 20.10
N SER A 129 5.64 -14.09 20.81
CA SER A 129 4.37 -14.61 20.34
C SER A 129 3.74 -15.54 21.37
N SER A 130 2.74 -16.31 20.94
CA SER A 130 2.07 -17.25 21.83
C SER A 130 2.70 -18.63 21.74
N ARG A 131 4.02 -18.68 21.79
CA ARG A 131 4.76 -19.94 21.72
C ARG A 131 5.92 -19.95 22.71
N LYS A 132 6.75 -20.98 22.61
CA LYS A 132 7.91 -21.11 23.50
C LYS A 132 9.15 -20.52 22.86
N PRO A 133 10.20 -20.24 23.67
CA PRO A 133 11.45 -19.67 23.17
C PRO A 133 11.97 -20.38 21.93
N GLY A 134 12.43 -19.60 20.96
CA GLY A 134 12.94 -20.17 19.72
C GLY A 134 12.03 -19.91 18.54
N ASP A 135 10.76 -19.66 18.82
CA ASP A 135 9.77 -19.41 17.77
C ASP A 135 10.28 -18.34 16.80
N PRO A 136 10.13 -18.58 15.47
CA PRO A 136 10.59 -17.63 14.45
C PRO A 136 9.95 -16.26 14.61
N LEU A 137 10.02 -15.45 13.56
CA LEU A 137 9.46 -14.10 13.58
C LEU A 137 7.95 -14.15 13.69
N VAL A 138 7.32 -12.98 13.82
CA VAL A 138 5.87 -12.90 13.94
C VAL A 138 5.35 -11.52 13.54
N ILE A 139 4.06 -11.44 13.27
CA ILE A 139 3.43 -10.18 12.89
C ILE A 139 3.22 -9.30 14.11
N SER A 140 3.16 -7.98 13.90
CA SER A 140 2.96 -7.05 15.00
C SER A 140 1.85 -6.06 14.69
N ASP A 141 1.72 -5.69 13.42
CA ASP A 141 0.70 -4.75 13.02
C ASP A 141 0.67 -4.58 11.50
N ILE A 142 -0.42 -3.98 11.01
CA ILE A 142 -0.61 -3.73 9.59
C ILE A 142 -1.20 -2.35 9.36
N LYS A 143 -0.87 -1.73 8.23
CA LYS A 143 -1.38 -0.40 7.93
C LYS A 143 -1.98 -0.35 6.52
N LYS A 144 -2.90 0.59 6.32
CA LYS A 144 -3.56 0.75 5.02
C LYS A 144 -2.79 1.74 4.16
N GLY A 145 -3.08 1.72 2.86
CA GLY A 145 -2.42 2.63 1.94
C GLY A 145 -1.09 2.08 1.42
N SER A 146 -0.59 1.03 2.07
CA SER A 146 0.67 0.43 1.66
C SER A 146 0.45 -1.00 1.15
N VAL A 147 1.21 -1.37 0.12
CA VAL A 147 1.12 -2.70 -0.48
C VAL A 147 1.15 -3.81 0.56
N ALA A 148 1.70 -3.52 1.74
CA ALA A 148 1.78 -4.51 2.81
C ALA A 148 0.42 -5.11 3.12
N HIS A 149 -0.55 -4.25 3.37
CA HIS A 149 -1.90 -4.68 3.69
C HIS A 149 -2.70 -4.97 2.41
N ARG A 150 -2.33 -4.31 1.32
CA ARG A 150 -3.02 -4.51 0.04
C ARG A 150 -3.01 -5.98 -0.35
N THR A 151 -1.83 -6.58 -0.33
CA THR A 151 -1.70 -7.99 -0.68
C THR A 151 -2.57 -8.88 0.21
N GLY A 152 -2.88 -8.37 1.40
CA GLY A 152 -3.70 -9.12 2.33
C GLY A 152 -2.98 -10.36 2.84
N THR A 153 -3.76 -11.38 3.21
CA THR A 153 -3.18 -12.62 3.72
C THR A 153 -2.28 -12.36 4.93
N LEU A 154 -2.51 -11.23 5.60
CA LEU A 154 -1.71 -10.87 6.76
C LEU A 154 -2.60 -10.68 8.00
N GLU A 155 -2.02 -10.93 9.17
CA GLU A 155 -2.76 -10.80 10.43
C GLU A 155 -1.79 -10.74 11.61
N LEU A 156 -2.35 -10.80 12.81
CA LEU A 156 -1.54 -10.75 14.03
C LEU A 156 -1.51 -12.12 14.72
N GLY A 157 -0.31 -12.65 14.90
CA GLY A 157 -0.17 -13.95 15.55
C GLY A 157 0.48 -14.99 14.65
N ASP A 158 0.70 -14.63 13.39
CA ASP A 158 1.33 -15.54 12.44
C ASP A 158 2.82 -15.68 12.72
N LYS A 159 3.47 -16.64 12.05
CA LYS A 159 4.89 -16.87 12.24
C LYS A 159 5.64 -16.75 10.93
N LEU A 160 6.79 -16.07 10.95
CA LEU A 160 7.61 -15.89 9.76
C LEU A 160 8.75 -16.90 9.74
N LEU A 161 8.99 -17.51 8.57
CA LEU A 161 10.05 -18.50 8.43
C LEU A 161 11.20 -17.94 7.59
N ALA A 162 10.86 -17.45 6.39
CA ALA A 162 11.88 -16.90 5.50
C ALA A 162 11.36 -15.66 4.78
N ILE A 163 12.25 -14.97 4.06
CA ILE A 163 11.88 -13.77 3.33
C ILE A 163 12.55 -13.73 1.96
N ASP A 164 11.76 -13.98 0.92
CA ASP A 164 12.26 -13.96 -0.45
C ASP A 164 13.34 -15.01 -0.66
N ASN A 165 14.57 -14.71 -0.24
CA ASN A 165 15.69 -15.62 -0.42
C ASN A 165 16.36 -16.00 0.90
N ILE A 166 16.24 -15.15 1.91
CA ILE A 166 16.85 -15.41 3.21
C ILE A 166 15.88 -16.15 4.12
N ARG A 167 16.42 -16.84 5.12
CA ARG A 167 15.59 -17.60 6.05
C ARG A 167 15.86 -17.22 7.50
N LEU A 168 14.80 -16.90 8.22
CA LEU A 168 14.90 -16.55 9.62
C LEU A 168 14.98 -17.82 10.46
N ASP A 169 14.87 -18.97 9.80
CA ASP A 169 14.93 -20.26 10.48
C ASP A 169 16.09 -20.31 11.46
N SER A 170 17.15 -19.56 11.16
CA SER A 170 18.33 -19.51 12.02
C SER A 170 18.84 -18.08 12.15
N CYS A 171 17.95 -17.16 12.50
CA CYS A 171 18.31 -15.76 12.65
C CYS A 171 17.33 -15.04 13.57
N SER A 172 17.76 -13.91 14.12
CA SER A 172 16.93 -13.12 15.02
C SER A 172 15.88 -12.33 14.24
N MET A 173 15.18 -11.43 14.94
CA MET A 173 14.15 -10.61 14.32
C MET A 173 14.77 -9.52 13.45
N GLU A 174 15.82 -8.87 13.97
CA GLU A 174 16.50 -7.82 13.24
C GLU A 174 16.95 -8.29 11.87
N ASP A 175 17.25 -9.58 11.77
CA ASP A 175 17.68 -10.17 10.52
C ASP A 175 16.60 -10.02 9.46
N ALA A 176 15.38 -10.44 9.82
CA ALA A 176 14.25 -10.34 8.91
C ALA A 176 14.05 -8.91 8.48
N VAL A 177 14.16 -7.99 9.44
CA VAL A 177 14.02 -6.57 9.16
C VAL A 177 15.09 -6.12 8.18
N GLN A 178 16.27 -6.72 8.31
CA GLN A 178 17.39 -6.41 7.44
C GLN A 178 17.05 -6.79 6.01
N ILE A 179 16.56 -8.02 5.83
CA ILE A 179 16.18 -8.49 4.52
C ILE A 179 14.88 -7.82 4.08
N LEU A 180 14.10 -7.37 5.05
CA LEU A 180 12.83 -6.70 4.78
C LEU A 180 13.07 -5.44 3.94
N GLN A 181 14.09 -4.69 4.30
CA GLN A 181 14.41 -3.46 3.60
C GLN A 181 15.46 -3.72 2.54
N GLN A 182 16.44 -4.55 2.87
CA GLN A 182 17.50 -4.91 1.94
C GLN A 182 16.91 -5.49 0.67
N CYS A 183 15.69 -5.99 0.78
CA CYS A 183 15.00 -6.54 -0.38
C CYS A 183 14.27 -5.43 -1.12
N GLU A 184 14.96 -4.31 -1.32
CA GLU A 184 14.39 -3.16 -2.01
C GLU A 184 14.15 -3.44 -3.49
N ASP A 185 13.27 -4.39 -3.74
CA ASP A 185 12.91 -4.77 -5.09
C ASP A 185 11.71 -5.73 -5.11
N LEU A 186 11.59 -6.51 -4.04
CA LEU A 186 10.51 -7.47 -3.91
C LEU A 186 10.70 -8.32 -2.66
N VAL A 187 9.86 -8.08 -1.66
CA VAL A 187 9.94 -8.82 -0.41
C VAL A 187 8.86 -9.90 -0.32
N LYS A 188 9.28 -11.15 -0.18
CA LYS A 188 8.35 -12.26 -0.08
C LYS A 188 8.29 -12.77 1.36
N LEU A 189 7.18 -12.49 2.05
CA LEU A 189 7.01 -12.91 3.43
C LEU A 189 6.52 -14.35 3.51
N LYS A 190 7.36 -15.23 4.06
CA LYS A 190 6.99 -16.64 4.21
C LYS A 190 6.42 -16.91 5.59
N ILE A 191 5.10 -16.84 5.70
CA ILE A 191 4.42 -17.08 6.97
C ILE A 191 4.21 -18.58 7.19
N ARG A 192 3.89 -18.95 8.42
CA ARG A 192 3.65 -20.35 8.76
C ARG A 192 2.23 -20.57 9.24
N LYS A 193 1.50 -21.45 8.55
CA LYS A 193 0.12 -21.75 8.93
C LYS A 193 -0.13 -23.26 8.97
N ASP A 194 -0.29 -23.79 10.17
CA ASP A 194 -0.53 -25.22 10.35
C ASP A 194 -0.84 -25.54 11.80
N GLU A 195 -1.75 -24.79 12.39
CA GLU A 195 -2.16 -24.99 13.77
C GLU A 195 -0.97 -24.91 14.72
N ASP A 196 -1.26 -24.57 15.97
CA ASP A 196 -0.23 -24.44 17.00
C ASP A 196 -0.83 -23.95 18.31
N GLN A 1 -7.53 -18.02 -3.21
CA GLN A 1 -7.33 -16.64 -2.78
C GLN A 1 -8.67 -15.90 -2.68
N VAL A 2 -8.69 -14.81 -1.91
CA VAL A 2 -9.89 -14.02 -1.73
C VAL A 2 -9.55 -12.54 -1.61
N VAL A 3 -10.03 -11.74 -2.56
CA VAL A 3 -9.77 -10.31 -2.57
C VAL A 3 -11.04 -9.52 -2.24
N HIS A 4 -11.03 -8.86 -1.08
CA HIS A 4 -12.17 -8.06 -0.65
C HIS A 4 -11.85 -6.56 -0.75
N THR A 5 -12.52 -5.89 -1.68
CA THR A 5 -12.31 -4.46 -1.89
C THR A 5 -12.31 -3.69 -0.58
N GLU A 6 -11.47 -2.66 -0.50
CA GLU A 6 -11.37 -1.84 0.69
C GLU A 6 -11.02 -0.39 0.34
N THR A 7 -11.04 0.48 1.33
CA THR A 7 -10.72 1.89 1.12
C THR A 7 -9.70 2.39 2.14
N THR A 8 -8.85 3.32 1.71
CA THR A 8 -7.83 3.88 2.59
C THR A 8 -7.72 5.39 2.40
N GLU A 9 -6.71 5.99 3.02
CA GLU A 9 -6.49 7.43 2.91
C GLU A 9 -5.24 7.74 2.10
N VAL A 10 -5.16 8.98 1.61
CA VAL A 10 -4.00 9.42 0.83
C VAL A 10 -3.60 10.84 1.22
N VAL A 11 -2.31 11.14 1.10
CA VAL A 11 -1.80 12.46 1.44
C VAL A 11 -1.03 13.08 0.27
N LEU A 12 -1.61 14.11 -0.33
CA LEU A 12 -0.98 14.80 -1.44
C LEU A 12 -0.47 16.17 -0.99
N THR A 13 0.83 16.37 -1.09
CA THR A 13 1.46 17.63 -0.67
C THR A 13 1.87 18.46 -1.88
N ALA A 14 2.12 19.74 -1.64
CA ALA A 14 2.53 20.67 -2.68
C ALA A 14 4.04 20.85 -2.68
N ASP A 15 4.71 20.26 -3.67
CA ASP A 15 6.15 20.37 -3.78
C ASP A 15 6.55 21.76 -4.29
N PRO A 16 7.71 22.27 -3.86
CA PRO A 16 8.20 23.58 -4.28
C PRO A 16 8.85 23.56 -5.66
N VAL A 17 8.73 22.45 -6.36
CA VAL A 17 9.31 22.31 -7.68
C VAL A 17 8.26 21.87 -8.71
N THR A 18 7.40 20.94 -8.31
CA THR A 18 6.37 20.45 -9.20
C THR A 18 4.97 20.73 -8.68
N GLY A 19 4.85 20.78 -7.36
CA GLY A 19 3.55 21.05 -6.74
C GLY A 19 2.47 20.11 -7.25
N PHE A 20 2.52 18.85 -6.81
CA PHE A 20 1.55 17.85 -7.22
C PHE A 20 1.81 17.43 -8.66
N GLY A 21 2.66 16.41 -8.81
CA GLY A 21 2.99 15.91 -10.14
C GLY A 21 1.98 14.91 -10.64
N ILE A 22 0.74 15.02 -10.16
CA ILE A 22 -0.33 14.13 -10.56
C ILE A 22 -1.10 14.68 -11.75
N GLN A 23 -1.66 13.77 -12.54
CA GLN A 23 -2.47 14.14 -13.71
C GLN A 23 -3.72 13.28 -13.74
N LEU A 24 -4.85 13.84 -13.32
CA LEU A 24 -6.10 13.10 -13.28
C LEU A 24 -6.93 13.34 -14.53
N GLN A 25 -7.47 12.25 -15.07
CA GLN A 25 -8.30 12.32 -16.26
C GLN A 25 -9.77 12.49 -15.87
N GLY A 26 -10.54 13.11 -16.74
CA GLY A 26 -11.94 13.33 -16.48
C GLY A 26 -12.72 12.04 -16.39
N SER A 27 -13.11 11.50 -17.55
CA SER A 27 -13.86 10.27 -17.60
C SER A 27 -13.02 9.11 -18.12
N VAL A 28 -13.44 7.90 -17.79
CA VAL A 28 -12.76 6.70 -18.20
C VAL A 28 -13.76 5.65 -18.64
N PHE A 29 -14.58 5.24 -17.68
CA PHE A 29 -15.65 4.26 -17.88
C PHE A 29 -16.18 4.33 -19.32
N ALA A 30 -16.36 5.57 -19.80
CA ALA A 30 -16.87 5.82 -21.15
C ALA A 30 -18.00 4.87 -21.50
N THR A 31 -19.15 5.12 -20.88
CA THR A 31 -20.35 4.32 -21.10
C THR A 31 -21.39 4.60 -20.02
N GLU A 32 -22.26 5.57 -20.29
CA GLU A 32 -23.30 5.95 -19.35
C GLU A 32 -22.70 6.49 -18.05
N THR A 33 -23.49 7.28 -17.32
CA THR A 33 -23.07 7.88 -16.06
C THR A 33 -21.68 8.51 -16.17
N LEU A 34 -21.21 9.03 -15.05
CA LEU A 34 -19.92 9.68 -14.99
C LEU A 34 -19.43 9.79 -13.55
N SER A 35 -19.95 8.93 -12.69
CA SER A 35 -19.57 8.93 -11.28
C SER A 35 -18.13 8.48 -11.05
N SER A 36 -17.31 8.58 -12.09
CA SER A 36 -15.92 8.20 -12.01
C SER A 36 -15.04 9.40 -11.67
N PRO A 37 -14.77 9.64 -10.37
CA PRO A 37 -13.95 10.77 -9.93
C PRO A 37 -12.63 10.84 -10.69
N PRO A 38 -11.85 11.93 -10.50
CA PRO A 38 -10.57 12.10 -11.17
C PRO A 38 -9.68 10.87 -11.06
N LEU A 39 -9.18 10.41 -12.19
CA LEU A 39 -8.33 9.21 -12.21
C LEU A 39 -6.95 9.53 -12.75
N ILE A 40 -5.94 9.49 -11.86
CA ILE A 40 -4.57 9.77 -12.25
C ILE A 40 -4.12 8.86 -13.38
N SER A 41 -3.81 9.46 -14.53
CA SER A 41 -3.36 8.70 -15.70
C SER A 41 -1.85 8.78 -15.85
N TYR A 42 -1.21 9.61 -15.02
CA TYR A 42 0.24 9.77 -15.09
C TYR A 42 0.75 10.73 -14.01
N ILE A 43 1.79 10.31 -13.30
CA ILE A 43 2.40 11.14 -12.29
C ILE A 43 3.76 11.60 -12.80
N GLU A 44 4.46 12.43 -12.04
CA GLU A 44 5.76 12.92 -12.48
C GLU A 44 6.90 12.32 -11.66
N ALA A 45 8.09 12.27 -12.26
CA ALA A 45 9.26 11.72 -11.60
C ALA A 45 9.96 12.77 -10.76
N ASP A 46 9.19 13.45 -9.92
CA ASP A 46 9.71 14.48 -9.03
C ASP A 46 8.59 15.12 -8.24
N SER A 47 7.63 14.30 -7.84
CA SER A 47 6.49 14.77 -7.06
C SER A 47 6.22 13.84 -5.88
N PRO A 48 6.04 14.40 -4.68
CA PRO A 48 5.77 13.60 -3.46
C PRO A 48 4.48 12.77 -3.58
N ALA A 49 3.71 13.04 -4.62
CA ALA A 49 2.46 12.31 -4.85
C ALA A 49 2.76 10.88 -5.27
N GLU A 50 3.58 10.74 -6.31
CA GLU A 50 3.96 9.43 -6.80
C GLU A 50 4.91 8.74 -5.83
N ARG A 51 5.68 9.55 -5.10
CA ARG A 51 6.66 9.02 -4.14
C ARG A 51 6.07 8.95 -2.74
N CYS A 52 4.83 9.41 -2.57
CA CYS A 52 4.17 9.40 -1.26
C CYS A 52 4.36 8.05 -0.56
N GLY A 53 4.44 6.99 -1.34
CA GLY A 53 4.63 5.67 -0.77
C GLY A 53 3.32 4.93 -0.55
N VAL A 54 2.33 5.21 -1.38
CA VAL A 54 1.02 4.57 -1.28
C VAL A 54 0.07 5.07 -2.36
N LEU A 55 0.60 5.26 -3.56
CA LEU A 55 -0.20 5.74 -4.68
C LEU A 55 0.03 4.89 -5.93
N GLN A 56 -0.74 5.16 -6.97
CA GLN A 56 -0.62 4.42 -8.23
C GLN A 56 -1.15 5.25 -9.39
N ILE A 57 -0.80 4.85 -10.61
CA ILE A 57 -1.23 5.55 -11.80
C ILE A 57 -2.72 5.39 -12.03
N GLY A 58 -3.51 6.02 -11.17
CA GLY A 58 -4.95 5.95 -11.29
C GLY A 58 -5.63 5.47 -10.02
N ASP A 59 -5.80 6.38 -9.06
CA ASP A 59 -6.45 6.05 -7.80
C ASP A 59 -7.76 6.80 -7.64
N ARG A 60 -8.87 6.05 -7.68
CA ARG A 60 -10.18 6.64 -7.56
C ARG A 60 -10.31 7.44 -6.26
N VAL A 61 -10.88 8.63 -6.36
CA VAL A 61 -11.05 9.50 -5.19
C VAL A 61 -12.51 9.49 -4.71
N MET A 62 -12.71 9.08 -3.47
CA MET A 62 -14.05 9.03 -2.89
C MET A 62 -14.42 10.37 -2.26
N ALA A 63 -13.42 11.09 -1.78
CA ALA A 63 -13.65 12.39 -1.15
C ALA A 63 -12.36 13.19 -1.06
N ILE A 64 -12.46 14.50 -1.28
CA ILE A 64 -11.31 15.38 -1.22
C ILE A 64 -11.42 16.35 -0.05
N ASN A 65 -10.58 16.15 0.96
CA ASN A 65 -10.60 16.98 2.15
C ASN A 65 -12.02 17.19 2.67
N GLY A 66 -12.90 16.23 2.41
CA GLY A 66 -14.27 16.32 2.86
C GLY A 66 -15.26 16.41 1.72
N ILE A 67 -14.83 17.01 0.61
CA ILE A 67 -15.68 17.17 -0.56
C ILE A 67 -15.97 15.82 -1.24
N PRO A 68 -17.22 15.33 -1.17
CA PRO A 68 -17.60 14.07 -1.78
C PRO A 68 -17.62 14.14 -3.30
N THR A 69 -17.31 13.02 -3.95
CA THR A 69 -17.29 12.96 -5.41
C THR A 69 -18.43 12.08 -5.95
N GLU A 70 -18.90 11.16 -5.12
CA GLU A 70 -19.99 10.26 -5.52
C GLU A 70 -21.33 10.99 -5.54
N ASP A 71 -21.35 12.24 -5.08
CA ASP A 71 -22.58 13.02 -5.06
C ASP A 71 -22.38 14.36 -5.77
N SER A 72 -21.75 14.31 -6.96
CA SER A 72 -21.51 15.51 -7.74
C SER A 72 -20.75 15.18 -9.02
N THR A 73 -20.45 16.20 -9.81
CA THR A 73 -19.73 16.01 -11.07
C THR A 73 -18.23 15.85 -10.80
N PHE A 74 -17.52 15.26 -11.76
CA PHE A 74 -16.09 15.04 -11.63
C PHE A 74 -15.32 16.35 -11.80
N GLU A 75 -15.89 17.26 -12.58
CA GLU A 75 -15.26 18.56 -12.84
C GLU A 75 -14.93 19.28 -11.54
N GLU A 76 -15.77 19.10 -10.53
CA GLU A 76 -15.54 19.75 -9.25
C GLU A 76 -14.23 19.28 -8.64
N ALA A 77 -14.02 17.96 -8.65
CA ALA A 77 -12.78 17.40 -8.12
C ALA A 77 -11.59 17.98 -8.83
N ASN A 78 -11.75 18.16 -10.13
CA ASN A 78 -10.70 18.72 -10.96
C ASN A 78 -10.31 20.11 -10.47
N GLN A 79 -11.31 20.92 -10.11
CA GLN A 79 -11.05 22.27 -9.61
C GLN A 79 -10.27 22.21 -8.31
N LEU A 80 -10.72 21.35 -7.38
CA LEU A 80 -10.07 21.20 -6.09
C LEU A 80 -8.58 20.94 -6.26
N LEU A 81 -8.23 20.14 -7.25
CA LEU A 81 -6.84 19.80 -7.52
C LEU A 81 -6.12 20.98 -8.16
N ARG A 82 -6.79 21.64 -9.10
CA ARG A 82 -6.21 22.80 -9.78
C ARG A 82 -5.69 23.79 -8.73
N ASP A 83 -6.41 23.86 -7.62
CA ASP A 83 -6.02 24.74 -6.53
C ASP A 83 -5.81 23.94 -5.25
N SER A 84 -5.20 22.76 -5.41
CA SER A 84 -4.93 21.88 -4.27
C SER A 84 -3.61 22.23 -3.60
N SER A 85 -3.01 23.36 -3.98
CA SER A 85 -1.73 23.77 -3.40
C SER A 85 -1.90 24.98 -2.49
N ILE A 86 -3.13 25.24 -2.08
CA ILE A 86 -3.42 26.35 -1.20
C ILE A 86 -2.91 26.06 0.20
N THR A 87 -3.28 24.89 0.67
CA THR A 87 -2.90 24.41 2.00
C THR A 87 -1.65 23.53 1.91
N SER A 88 -1.07 23.45 0.73
CA SER A 88 0.12 22.65 0.50
C SER A 88 -0.11 21.20 0.90
N LYS A 89 -1.37 20.78 0.91
CA LYS A 89 -1.73 19.41 1.26
C LYS A 89 -3.15 19.08 0.84
N VAL A 90 -3.42 17.79 0.66
CA VAL A 90 -4.74 17.31 0.26
C VAL A 90 -4.95 15.86 0.68
N THR A 91 -6.03 15.60 1.40
CA THR A 91 -6.34 14.25 1.85
C THR A 91 -7.47 13.66 1.02
N LEU A 92 -7.27 12.43 0.55
CA LEU A 92 -8.27 11.76 -0.27
C LEU A 92 -8.42 10.29 0.10
N GLU A 93 -9.60 9.74 -0.14
CA GLU A 93 -9.86 8.33 0.15
C GLU A 93 -9.89 7.52 -1.13
N ILE A 94 -9.03 6.51 -1.22
CA ILE A 94 -8.94 5.67 -2.42
C ILE A 94 -9.42 4.25 -2.14
N GLU A 95 -10.05 3.64 -3.14
CA GLU A 95 -10.55 2.29 -3.03
C GLU A 95 -9.74 1.36 -3.94
N PHE A 96 -9.45 0.16 -3.46
CA PHE A 96 -8.68 -0.80 -4.23
C PHE A 96 -8.98 -2.24 -3.82
N ASP A 97 -8.42 -3.19 -4.55
CA ASP A 97 -8.61 -4.60 -4.27
C ASP A 97 -7.42 -5.17 -3.52
N VAL A 98 -7.64 -5.61 -2.28
CA VAL A 98 -6.58 -6.16 -1.46
C VAL A 98 -5.98 -7.41 -2.09
N ALA A 99 -4.67 -7.59 -1.90
CA ALA A 99 -3.96 -8.73 -2.45
C ALA A 99 -3.63 -8.54 -3.93
N GLU A 100 -2.34 -8.54 -4.23
CA GLU A 100 -1.88 -8.37 -5.60
C GLU A 100 -0.51 -9.05 -5.78
N SER A 101 -0.19 -9.98 -4.87
CA SER A 101 1.08 -10.68 -4.93
C SER A 101 1.24 -11.63 -3.75
N VAL A 102 0.76 -12.86 -3.91
CA VAL A 102 0.85 -13.87 -2.88
C VAL A 102 0.75 -15.26 -3.48
N ILE A 103 1.66 -16.15 -3.09
CA ILE A 103 1.66 -17.52 -3.60
C ILE A 103 1.35 -18.51 -2.47
N PRO A 104 0.06 -18.88 -2.31
CA PRO A 104 -0.37 -19.82 -1.28
C PRO A 104 -0.23 -21.28 -1.70
N SER A 105 0.01 -22.15 -0.73
CA SER A 105 0.15 -23.57 -0.99
C SER A 105 -0.11 -24.41 0.26
N SER A 106 -0.86 -23.83 1.20
CA SER A 106 -1.19 -24.52 2.44
C SER A 106 0.08 -24.91 3.20
N GLY A 107 0.25 -24.35 4.39
CA GLY A 107 1.42 -24.65 5.19
C GLY A 107 2.50 -23.60 5.00
N THR A 108 2.75 -23.25 3.74
CA THR A 108 3.75 -22.25 3.40
C THR A 108 3.21 -21.24 2.40
N PHE A 109 2.85 -20.06 2.89
CA PHE A 109 2.31 -18.99 2.06
C PHE A 109 3.32 -17.86 1.93
N HIS A 110 3.82 -17.64 0.71
CA HIS A 110 4.81 -16.58 0.50
C HIS A 110 4.13 -15.31 0.00
N VAL A 111 4.72 -14.17 0.34
CA VAL A 111 4.18 -12.88 -0.08
C VAL A 111 5.22 -12.07 -0.84
N LYS A 112 5.19 -12.15 -2.16
CA LYS A 112 6.13 -11.41 -2.99
C LYS A 112 5.65 -9.97 -3.18
N LEU A 113 6.20 -9.05 -2.38
CA LEU A 113 5.82 -7.65 -2.46
C LEU A 113 6.92 -6.80 -3.08
N PRO A 114 6.56 -5.96 -4.08
CA PRO A 114 7.52 -5.08 -4.75
C PRO A 114 7.96 -3.94 -3.83
N LYS A 115 9.26 -3.87 -3.54
CA LYS A 115 9.78 -2.83 -2.66
C LYS A 115 10.59 -1.81 -3.44
N LYS A 116 10.73 -0.62 -2.85
CA LYS A 116 11.48 0.46 -3.47
C LYS A 116 12.80 0.69 -2.72
N HIS A 117 13.42 1.83 -2.97
CA HIS A 117 14.69 2.17 -2.31
C HIS A 117 14.50 2.22 -0.80
N SER A 118 13.46 2.91 -0.36
CA SER A 118 13.16 3.05 1.07
C SER A 118 11.94 3.91 1.28
N VAL A 119 10.76 3.32 1.07
CA VAL A 119 9.50 4.05 1.23
C VAL A 119 8.70 3.49 2.41
N GLU A 120 7.76 4.30 2.90
CA GLU A 120 6.93 3.90 4.03
C GLU A 120 6.22 2.58 3.74
N LEU A 121 6.52 1.57 4.55
CA LEU A 121 5.91 0.25 4.39
C LEU A 121 4.75 0.08 5.37
N GLY A 122 5.07 0.15 6.66
CA GLY A 122 4.03 0.01 7.68
C GLY A 122 3.90 -1.41 8.20
N ILE A 123 5.00 -2.15 8.20
CA ILE A 123 4.99 -3.53 8.68
C ILE A 123 5.65 -3.64 10.05
N THR A 124 5.11 -4.51 10.90
CA THR A 124 5.65 -4.69 12.24
C THR A 124 5.96 -6.16 12.50
N ILE A 125 7.11 -6.42 13.11
CA ILE A 125 7.53 -7.78 13.42
C ILE A 125 7.43 -8.07 14.91
N SER A 126 7.46 -9.35 15.27
CA SER A 126 7.37 -9.75 16.66
C SER A 126 7.87 -11.18 16.84
N SER A 127 8.36 -11.49 18.04
CA SER A 127 8.88 -12.82 18.34
C SER A 127 7.89 -13.60 19.21
N PRO A 128 7.68 -14.89 18.89
CA PRO A 128 6.75 -15.73 19.65
C PRO A 128 7.34 -16.18 20.99
N SER A 129 6.57 -16.01 22.06
CA SER A 129 7.01 -16.40 23.39
C SER A 129 7.11 -17.91 23.51
N SER A 130 6.27 -18.62 22.76
CA SER A 130 6.26 -20.08 22.79
C SER A 130 7.62 -20.64 22.41
N ARG A 131 8.45 -20.91 23.41
CA ARG A 131 9.78 -21.45 23.17
C ARG A 131 9.71 -22.86 22.59
N LYS A 132 9.71 -22.95 21.26
CA LYS A 132 9.64 -24.23 20.59
C LYS A 132 10.73 -24.35 19.52
N PRO A 133 11.08 -25.59 19.13
CA PRO A 133 12.12 -25.83 18.13
C PRO A 133 11.86 -25.06 16.84
N GLY A 134 12.46 -23.88 16.72
CA GLY A 134 12.28 -23.07 15.53
C GLY A 134 12.48 -21.59 15.81
N ASP A 135 11.64 -21.04 16.67
CA ASP A 135 11.72 -19.62 17.02
C ASP A 135 11.54 -18.74 15.78
N PRO A 136 10.44 -18.95 15.03
CA PRO A 136 10.15 -18.18 13.83
C PRO A 136 9.71 -16.75 14.14
N LEU A 137 9.42 -15.98 13.09
CA LEU A 137 8.97 -14.60 13.25
C LEU A 137 7.45 -14.50 13.11
N VAL A 138 6.90 -13.35 13.49
CA VAL A 138 5.47 -13.13 13.41
C VAL A 138 5.14 -11.65 13.32
N ILE A 139 4.23 -11.30 12.42
CA ILE A 139 3.82 -9.91 12.24
C ILE A 139 3.12 -9.39 13.48
N SER A 140 3.21 -8.08 13.71
CA SER A 140 2.59 -7.47 14.89
C SER A 140 1.65 -6.33 14.51
N ASP A 141 1.72 -5.88 13.26
CA ASP A 141 0.86 -4.80 12.78
C ASP A 141 1.21 -4.40 11.36
N ILE A 142 0.20 -4.05 10.58
CA ILE A 142 0.39 -3.64 9.19
C ILE A 142 -0.35 -2.34 8.91
N LYS A 143 0.19 -1.55 7.98
CA LYS A 143 -0.42 -0.26 7.63
C LYS A 143 -1.26 -0.39 6.35
N LYS A 144 -2.34 0.39 6.30
CA LYS A 144 -3.23 0.37 5.15
C LYS A 144 -2.59 1.07 3.95
N GLY A 145 -3.26 0.99 2.80
CA GLY A 145 -2.75 1.61 1.60
C GLY A 145 -1.55 0.89 1.03
N SER A 146 -0.46 0.83 1.80
CA SER A 146 0.74 0.15 1.36
C SER A 146 0.49 -1.33 1.12
N VAL A 147 1.16 -1.88 0.10
CA VAL A 147 1.02 -3.29 -0.25
C VAL A 147 1.15 -4.20 0.98
N ALA A 148 1.80 -3.69 2.03
CA ALA A 148 2.00 -4.47 3.26
C ALA A 148 0.71 -5.14 3.71
N HIS A 149 -0.23 -4.35 4.21
CA HIS A 149 -1.51 -4.86 4.67
C HIS A 149 -2.42 -5.21 3.49
N ARG A 150 -2.16 -4.56 2.35
CA ARG A 150 -2.94 -4.80 1.14
C ARG A 150 -2.95 -6.27 0.78
N THR A 151 -1.78 -6.90 0.83
CA THR A 151 -1.66 -8.30 0.51
C THR A 151 -2.48 -9.14 1.48
N GLY A 152 -3.74 -9.36 1.14
CA GLY A 152 -4.64 -10.14 1.97
C GLY A 152 -4.05 -11.48 2.38
N THR A 153 -3.31 -11.48 3.48
CA THR A 153 -2.68 -12.69 4.00
C THR A 153 -1.61 -12.33 5.04
N LEU A 154 -1.02 -11.14 4.89
CA LEU A 154 0.00 -10.68 5.81
C LEU A 154 -0.64 -10.02 7.04
N GLU A 155 -1.47 -10.79 7.73
CA GLU A 155 -2.15 -10.29 8.93
C GLU A 155 -1.27 -10.50 10.16
N LEU A 156 -1.60 -9.79 11.24
CA LEU A 156 -0.84 -9.91 12.48
C LEU A 156 -1.31 -11.11 13.30
N GLY A 157 -1.29 -12.28 12.67
CA GLY A 157 -1.71 -13.49 13.35
C GLY A 157 -1.19 -14.75 12.67
N ASP A 158 -0.07 -14.62 11.96
CA ASP A 158 0.54 -15.74 11.27
C ASP A 158 1.99 -15.93 11.69
N LYS A 159 2.68 -16.88 11.09
CA LYS A 159 4.08 -17.13 11.43
C LYS A 159 4.94 -17.31 10.18
N LEU A 160 6.05 -16.58 10.13
CA LEU A 160 6.96 -16.66 8.98
C LEU A 160 8.30 -17.23 9.40
N LEU A 161 8.99 -17.87 8.46
CA LEU A 161 10.30 -18.46 8.75
C LEU A 161 11.29 -18.20 7.62
N ALA A 162 10.92 -17.33 6.69
CA ALA A 162 11.80 -17.00 5.56
C ALA A 162 11.53 -15.59 5.04
N ILE A 163 12.58 -14.92 4.59
CA ILE A 163 12.46 -13.56 4.08
C ILE A 163 13.34 -13.36 2.84
N ASP A 164 12.71 -13.20 1.68
CA ASP A 164 13.43 -13.00 0.44
C ASP A 164 14.49 -14.10 0.23
N ASN A 165 14.05 -15.35 0.34
CA ASN A 165 14.94 -16.51 0.18
C ASN A 165 15.65 -16.86 1.49
N ILE A 166 15.98 -15.83 2.27
CA ILE A 166 16.66 -16.05 3.54
C ILE A 166 15.74 -16.73 4.55
N ARG A 167 16.32 -17.35 5.56
CA ARG A 167 15.55 -18.04 6.58
C ARG A 167 16.01 -17.70 7.99
N LEU A 168 15.05 -17.35 8.82
CA LEU A 168 15.34 -17.04 10.21
C LEU A 168 15.58 -18.33 10.98
N ASP A 169 15.39 -19.47 10.30
CA ASP A 169 15.60 -20.77 10.92
C ASP A 169 16.90 -20.81 11.70
N SER A 170 17.88 -20.02 11.26
CA SER A 170 19.18 -19.96 11.91
C SER A 170 19.50 -18.52 12.33
N CYS A 171 18.46 -17.74 12.63
CA CYS A 171 18.64 -16.35 13.04
C CYS A 171 17.49 -15.91 13.93
N SER A 172 17.68 -14.78 14.61
CA SER A 172 16.67 -14.24 15.51
C SER A 172 15.70 -13.32 14.75
N MET A 173 14.86 -12.61 15.50
CA MET A 173 13.89 -11.70 14.90
C MET A 173 14.58 -10.48 14.31
N GLU A 174 15.57 -9.94 15.03
CA GLU A 174 16.31 -8.78 14.58
C GLU A 174 16.87 -8.99 13.18
N ASP A 175 17.27 -10.23 12.92
CA ASP A 175 17.82 -10.58 11.61
C ASP A 175 16.79 -10.34 10.52
N ALA A 176 15.57 -10.82 10.75
CA ALA A 176 14.49 -10.65 9.79
C ALA A 176 14.24 -9.17 9.53
N VAL A 177 14.33 -8.37 10.58
CA VAL A 177 14.13 -6.94 10.46
C VAL A 177 15.22 -6.34 9.57
N GLN A 178 16.41 -6.93 9.64
CA GLN A 178 17.53 -6.48 8.83
C GLN A 178 17.23 -6.70 7.36
N ILE A 179 16.79 -7.92 7.03
CA ILE A 179 16.44 -8.23 5.65
C ILE A 179 15.11 -7.59 5.28
N LEU A 180 14.29 -7.33 6.28
CA LEU A 180 12.99 -6.69 6.05
C LEU A 180 13.18 -5.32 5.42
N GLN A 181 14.18 -4.60 5.92
CA GLN A 181 14.48 -3.27 5.41
C GLN A 181 15.47 -3.37 4.26
N GLN A 182 16.45 -4.24 4.41
CA GLN A 182 17.47 -4.45 3.40
C GLN A 182 16.83 -4.96 2.11
N CYS A 183 15.61 -5.48 2.22
CA CYS A 183 14.90 -5.98 1.07
C CYS A 183 14.22 -4.83 0.33
N GLU A 184 14.97 -3.74 0.15
CA GLU A 184 14.46 -2.57 -0.54
C GLU A 184 14.36 -2.79 -2.04
N ASP A 185 13.54 -3.76 -2.42
CA ASP A 185 13.35 -4.09 -3.82
C ASP A 185 12.33 -5.21 -4.00
N LEU A 186 12.24 -6.09 -3.01
CA LEU A 186 11.33 -7.20 -3.06
C LEU A 186 11.35 -8.00 -1.76
N VAL A 187 10.32 -7.82 -0.95
CA VAL A 187 10.22 -8.52 0.33
C VAL A 187 9.32 -9.75 0.21
N LYS A 188 9.92 -10.93 0.25
CA LYS A 188 9.15 -12.17 0.17
C LYS A 188 8.98 -12.76 1.57
N LEU A 189 7.75 -12.69 2.08
CA LEU A 189 7.46 -13.19 3.42
C LEU A 189 6.95 -14.62 3.37
N LYS A 190 7.78 -15.56 3.81
CA LYS A 190 7.40 -16.97 3.83
C LYS A 190 6.59 -17.27 5.09
N ILE A 191 5.27 -17.19 4.98
CA ILE A 191 4.38 -17.43 6.10
C ILE A 191 4.02 -18.91 6.20
N ARG A 192 3.49 -19.30 7.35
CA ARG A 192 3.08 -20.67 7.58
C ARG A 192 1.64 -20.74 8.06
N LYS A 193 0.83 -21.56 7.38
CA LYS A 193 -0.58 -21.70 7.73
C LYS A 193 -0.93 -23.17 8.01
N ASP A 194 -1.45 -23.42 9.20
CA ASP A 194 -1.83 -24.78 9.59
C ASP A 194 -2.43 -24.79 10.99
N GLU A 195 -3.75 -24.64 11.07
CA GLU A 195 -4.46 -24.65 12.35
C GLU A 195 -3.76 -23.77 13.38
N ASP A 196 -4.20 -23.87 14.63
CA ASP A 196 -3.61 -23.08 15.71
C ASP A 196 -3.83 -21.60 15.47
N GLN A 1 -12.01 -12.91 -10.19
CA GLN A 1 -11.18 -12.54 -9.05
C GLN A 1 -11.92 -12.78 -7.74
N VAL A 2 -11.17 -13.06 -6.67
CA VAL A 2 -11.76 -13.31 -5.37
C VAL A 2 -11.09 -12.47 -4.29
N VAL A 3 -11.86 -11.61 -3.64
CA VAL A 3 -11.34 -10.75 -2.58
C VAL A 3 -12.42 -9.85 -2.00
N HIS A 4 -12.07 -9.13 -0.93
CA HIS A 4 -13.03 -8.22 -0.29
C HIS A 4 -12.56 -6.77 -0.40
N THR A 5 -13.28 -5.98 -1.19
CA THR A 5 -12.95 -4.58 -1.38
C THR A 5 -12.86 -3.84 -0.06
N GLU A 6 -11.87 -2.96 0.06
CA GLU A 6 -11.67 -2.18 1.28
C GLU A 6 -11.40 -0.72 0.96
N THR A 7 -11.34 0.11 1.99
CA THR A 7 -11.08 1.53 1.82
C THR A 7 -9.85 1.96 2.59
N THR A 8 -9.16 2.98 2.09
CA THR A 8 -7.95 3.48 2.73
C THR A 8 -7.86 5.00 2.63
N GLU A 9 -7.00 5.59 3.46
CA GLU A 9 -6.81 7.03 3.45
C GLU A 9 -5.54 7.42 2.72
N VAL A 10 -5.44 8.67 2.31
CA VAL A 10 -4.25 9.15 1.61
C VAL A 10 -3.96 10.60 1.96
N VAL A 11 -2.68 10.96 1.97
CA VAL A 11 -2.27 12.31 2.29
C VAL A 11 -1.38 12.90 1.19
N LEU A 12 -1.92 13.86 0.45
CA LEU A 12 -1.17 14.50 -0.62
C LEU A 12 -0.76 15.91 -0.22
N THR A 13 0.54 16.18 -0.27
CA THR A 13 1.04 17.50 0.10
C THR A 13 1.58 18.26 -1.11
N ALA A 14 1.72 19.57 -0.95
CA ALA A 14 2.23 20.43 -2.01
C ALA A 14 3.67 20.85 -1.72
N ASP A 15 4.59 20.44 -2.58
CA ASP A 15 5.99 20.78 -2.41
C ASP A 15 6.28 22.16 -2.98
N PRO A 16 7.33 22.84 -2.48
CA PRO A 16 7.69 24.17 -2.95
C PRO A 16 8.45 24.14 -4.28
N VAL A 17 8.55 22.95 -4.88
CA VAL A 17 9.24 22.80 -6.15
C VAL A 17 8.28 22.46 -7.28
N THR A 18 7.41 21.47 -7.06
CA THR A 18 6.46 21.07 -8.09
C THR A 18 5.06 20.81 -7.52
N GLY A 19 4.91 20.92 -6.21
CA GLY A 19 3.61 20.69 -5.59
C GLY A 19 3.26 19.21 -5.52
N PHE A 20 2.29 18.81 -6.33
CA PHE A 20 1.86 17.41 -6.37
C PHE A 20 2.35 16.75 -7.65
N GLY A 21 3.00 15.60 -7.51
CA GLY A 21 3.55 14.91 -8.66
C GLY A 21 2.61 13.88 -9.28
N ILE A 22 1.31 14.05 -9.11
CA ILE A 22 0.35 13.11 -9.68
C ILE A 22 -0.64 13.82 -10.60
N GLN A 23 -0.79 13.31 -11.81
CA GLN A 23 -1.71 13.87 -12.79
C GLN A 23 -2.87 12.92 -13.03
N LEU A 24 -4.09 13.41 -12.90
CA LEU A 24 -5.28 12.58 -13.09
C LEU A 24 -5.85 12.73 -14.50
N GLN A 25 -6.54 11.68 -14.95
CA GLN A 25 -7.15 11.69 -16.27
C GLN A 25 -8.66 11.87 -16.16
N GLY A 26 -9.30 12.11 -17.30
CA GLY A 26 -10.75 12.30 -17.31
C GLY A 26 -11.50 11.03 -16.97
N SER A 27 -12.30 10.56 -17.93
CA SER A 27 -13.10 9.37 -17.75
C SER A 27 -12.56 8.21 -18.58
N VAL A 28 -12.42 7.05 -17.95
CA VAL A 28 -11.93 5.87 -18.62
C VAL A 28 -13.06 5.07 -19.23
N PHE A 29 -13.85 4.46 -18.35
CA PHE A 29 -15.01 3.65 -18.73
C PHE A 29 -15.59 4.09 -20.08
N ALA A 30 -15.79 5.40 -20.25
CA ALA A 30 -16.32 5.96 -21.48
C ALA A 30 -17.46 5.11 -22.04
N THR A 31 -18.60 5.15 -21.35
CA THR A 31 -19.78 4.39 -21.76
C THR A 31 -20.90 4.52 -20.73
N GLU A 32 -21.06 5.73 -20.20
CA GLU A 32 -22.10 6.01 -19.20
C GLU A 32 -21.83 7.35 -18.52
N THR A 33 -22.56 7.61 -17.44
CA THR A 33 -22.40 8.84 -16.68
C THR A 33 -20.93 9.11 -16.39
N LEU A 34 -20.47 8.67 -15.21
CA LEU A 34 -19.10 8.85 -14.81
C LEU A 34 -18.67 7.78 -13.83
N SER A 35 -18.99 7.97 -12.57
CA SER A 35 -18.63 7.03 -11.52
C SER A 35 -17.12 6.76 -11.54
N SER A 36 -16.38 7.63 -12.22
CA SER A 36 -14.94 7.50 -12.32
C SER A 36 -14.27 8.87 -12.33
N PRO A 37 -14.21 9.54 -11.18
CA PRO A 37 -13.58 10.86 -11.05
C PRO A 37 -12.15 10.86 -11.56
N PRO A 38 -11.44 11.99 -11.42
CA PRO A 38 -10.03 12.10 -11.87
C PRO A 38 -9.19 10.91 -11.41
N LEU A 39 -8.55 10.25 -12.36
CA LEU A 39 -7.72 9.08 -12.05
C LEU A 39 -6.24 9.34 -12.35
N ILE A 40 -5.42 9.38 -11.30
CA ILE A 40 -3.99 9.60 -11.46
C ILE A 40 -3.39 8.53 -12.36
N SER A 41 -2.77 8.96 -13.46
CA SER A 41 -2.15 8.03 -14.39
C SER A 41 -0.68 8.36 -14.62
N TYR A 42 -0.06 9.00 -13.64
CA TYR A 42 1.35 9.37 -13.74
C TYR A 42 1.88 9.95 -12.42
N ILE A 43 3.10 9.55 -12.07
CA ILE A 43 3.74 10.05 -10.86
C ILE A 43 4.93 10.93 -11.25
N GLU A 44 5.39 11.77 -10.33
CA GLU A 44 6.52 12.65 -10.60
C GLU A 44 7.72 12.26 -9.76
N ALA A 45 8.91 12.61 -10.25
CA ALA A 45 10.14 12.29 -9.53
C ALA A 45 10.65 13.50 -8.76
N ASP A 46 9.80 14.03 -7.90
CA ASP A 46 10.16 15.19 -7.08
C ASP A 46 8.94 15.81 -6.42
N SER A 47 8.05 14.96 -5.93
CA SER A 47 6.85 15.42 -5.27
C SER A 47 6.51 14.54 -4.07
N PRO A 48 5.97 15.14 -2.99
CA PRO A 48 5.62 14.40 -1.78
C PRO A 48 4.42 13.47 -1.97
N ALA A 49 3.87 13.45 -3.18
CA ALA A 49 2.73 12.61 -3.49
C ALA A 49 3.14 11.15 -3.46
N GLU A 50 4.13 10.82 -4.27
CA GLU A 50 4.64 9.46 -4.35
C GLU A 50 5.59 9.17 -3.20
N ARG A 51 6.28 10.21 -2.73
CA ARG A 51 7.22 10.06 -1.63
C ARG A 51 6.49 9.78 -0.32
N CYS A 52 5.25 10.25 -0.22
CA CYS A 52 4.45 10.05 0.99
C CYS A 52 4.47 8.58 1.42
N GLY A 53 4.33 7.69 0.45
CA GLY A 53 4.33 6.27 0.74
C GLY A 53 2.96 5.65 0.64
N VAL A 54 2.05 6.31 -0.09
CA VAL A 54 0.70 5.81 -0.26
C VAL A 54 0.08 6.31 -1.55
N LEU A 55 0.88 6.32 -2.62
CA LEU A 55 0.43 6.79 -3.92
C LEU A 55 0.63 5.72 -4.99
N GLN A 56 -0.14 5.81 -6.07
CA GLN A 56 -0.04 4.85 -7.16
C GLN A 56 -0.73 5.39 -8.41
N ILE A 57 -0.34 4.85 -9.57
CA ILE A 57 -0.90 5.27 -10.83
C ILE A 57 -2.38 4.88 -10.94
N GLY A 58 -3.24 5.62 -10.24
CA GLY A 58 -4.66 5.33 -10.27
C GLY A 58 -5.36 5.69 -8.98
N ASP A 59 -5.47 6.98 -8.69
CA ASP A 59 -6.13 7.44 -7.47
C ASP A 59 -7.50 8.03 -7.80
N ARG A 60 -8.48 7.16 -8.02
CA ARG A 60 -9.84 7.59 -8.33
C ARG A 60 -10.36 8.54 -7.27
N VAL A 61 -10.08 8.22 -6.01
CA VAL A 61 -10.53 9.05 -4.90
C VAL A 61 -12.06 9.05 -4.79
N MET A 62 -12.55 8.86 -3.57
CA MET A 62 -13.99 8.85 -3.33
C MET A 62 -14.46 10.17 -2.75
N ALA A 63 -13.56 10.85 -2.04
CA ALA A 63 -13.87 12.14 -1.42
C ALA A 63 -12.60 12.96 -1.21
N ILE A 64 -12.68 14.26 -1.51
CA ILE A 64 -11.55 15.15 -1.35
C ILE A 64 -11.83 16.20 -0.28
N ASN A 65 -11.18 16.04 0.87
CA ASN A 65 -11.36 16.97 1.98
C ASN A 65 -12.82 17.04 2.42
N GLY A 66 -13.59 16.01 2.08
CA GLY A 66 -14.99 15.97 2.45
C GLY A 66 -15.91 15.96 1.24
N ILE A 67 -15.50 16.64 0.18
CA ILE A 67 -16.29 16.71 -1.04
C ILE A 67 -16.35 15.34 -1.73
N PRO A 68 -17.56 14.85 -2.04
CA PRO A 68 -17.75 13.55 -2.70
C PRO A 68 -17.12 13.52 -4.09
N THR A 69 -17.25 12.39 -4.77
CA THR A 69 -16.70 12.23 -6.11
C THR A 69 -17.57 11.29 -6.95
N GLU A 70 -17.96 10.16 -6.36
CA GLU A 70 -18.79 9.19 -7.06
C GLU A 70 -20.20 9.74 -7.33
N ASP A 71 -20.53 10.85 -6.68
CA ASP A 71 -21.83 11.47 -6.85
C ASP A 71 -21.68 12.89 -7.41
N SER A 72 -20.85 13.03 -8.43
CA SER A 72 -20.61 14.32 -9.07
C SER A 72 -19.78 14.16 -10.33
N THR A 73 -19.45 15.30 -10.96
CA THR A 73 -18.67 15.28 -12.19
C THR A 73 -17.18 15.15 -11.86
N PHE A 74 -16.47 14.38 -12.68
CA PHE A 74 -15.04 14.16 -12.48
C PHE A 74 -14.28 15.48 -12.59
N GLU A 75 -14.72 16.34 -13.51
CA GLU A 75 -14.09 17.63 -13.73
C GLU A 75 -14.01 18.43 -12.43
N GLU A 76 -15.04 18.32 -11.59
CA GLU A 76 -15.06 19.04 -10.32
C GLU A 76 -13.89 18.59 -9.46
N ALA A 77 -13.76 17.27 -9.28
CA ALA A 77 -12.68 16.71 -8.49
C ALA A 77 -11.34 17.20 -9.03
N ASN A 78 -11.29 17.38 -10.33
CA ASN A 78 -10.09 17.86 -10.99
C ASN A 78 -9.75 19.26 -10.51
N GLN A 79 -10.79 20.09 -10.35
CA GLN A 79 -10.60 21.46 -9.89
C GLN A 79 -9.99 21.46 -8.49
N LEU A 80 -10.51 20.60 -7.63
CA LEU A 80 -10.02 20.49 -6.26
C LEU A 80 -8.52 20.20 -6.25
N LEU A 81 -8.10 19.29 -7.13
CA LEU A 81 -6.69 18.93 -7.24
C LEU A 81 -5.88 20.05 -7.85
N ARG A 82 -6.34 20.56 -8.98
CA ARG A 82 -5.66 21.67 -9.65
C ARG A 82 -5.40 22.80 -8.66
N ASP A 83 -6.29 22.91 -7.68
CA ASP A 83 -6.17 23.93 -6.65
C ASP A 83 -6.11 23.28 -5.28
N SER A 84 -5.42 22.15 -5.20
CA SER A 84 -5.28 21.41 -3.94
C SER A 84 -3.94 21.72 -3.28
N SER A 85 -3.38 22.89 -3.57
CA SER A 85 -2.09 23.26 -2.98
C SER A 85 -2.20 24.53 -2.15
N ILE A 86 -3.43 24.94 -1.85
CA ILE A 86 -3.65 26.11 -1.05
C ILE A 86 -3.20 25.90 0.37
N THR A 87 -3.58 24.75 0.90
CA THR A 87 -3.23 24.36 2.26
C THR A 87 -1.95 23.52 2.26
N SER A 88 -1.42 23.26 1.07
CA SER A 88 -0.21 22.46 0.94
C SER A 88 -0.43 21.04 1.44
N LYS A 89 -1.68 20.59 1.39
CA LYS A 89 -2.02 19.25 1.84
C LYS A 89 -3.45 18.88 1.44
N VAL A 90 -3.70 17.58 1.31
CA VAL A 90 -5.01 17.08 0.92
C VAL A 90 -5.22 15.66 1.45
N THR A 91 -6.47 15.31 1.72
CA THR A 91 -6.79 13.98 2.22
C THR A 91 -7.85 13.33 1.32
N LEU A 92 -7.63 12.05 0.99
CA LEU A 92 -8.56 11.33 0.13
C LEU A 92 -8.82 9.92 0.64
N GLU A 93 -10.02 9.43 0.39
CA GLU A 93 -10.42 8.08 0.80
C GLU A 93 -10.70 7.22 -0.43
N ILE A 94 -9.79 6.31 -0.74
CA ILE A 94 -9.94 5.44 -1.89
C ILE A 94 -10.37 4.04 -1.50
N GLU A 95 -11.03 3.36 -2.44
CA GLU A 95 -11.50 1.99 -2.22
C GLU A 95 -10.98 1.08 -3.34
N PHE A 96 -10.55 -0.13 -2.97
CA PHE A 96 -10.03 -1.08 -3.94
C PHE A 96 -10.09 -2.50 -3.41
N ASP A 97 -9.75 -3.46 -4.27
CA ASP A 97 -9.75 -4.87 -3.89
C ASP A 97 -8.41 -5.23 -3.27
N VAL A 98 -8.39 -5.42 -1.96
CA VAL A 98 -7.17 -5.76 -1.24
C VAL A 98 -6.61 -7.10 -1.70
N ALA A 99 -5.54 -7.03 -2.52
CA ALA A 99 -4.86 -8.23 -3.03
C ALA A 99 -4.18 -7.93 -4.35
N GLU A 100 -2.92 -8.30 -4.43
CA GLU A 100 -2.13 -8.09 -5.65
C GLU A 100 -0.90 -8.98 -5.63
N SER A 101 -0.95 -10.07 -4.85
CA SER A 101 0.17 -10.99 -4.74
C SER A 101 -0.05 -11.97 -3.60
N VAL A 102 -0.60 -13.13 -3.93
CA VAL A 102 -0.86 -14.16 -2.93
C VAL A 102 -0.53 -15.55 -3.49
N ILE A 103 0.42 -16.24 -2.86
CA ILE A 103 0.81 -17.56 -3.30
C ILE A 103 0.99 -18.51 -2.11
N PRO A 104 -0.13 -19.00 -1.55
CA PRO A 104 -0.12 -19.89 -0.40
C PRO A 104 -0.17 -21.36 -0.78
N SER A 105 -0.09 -22.23 0.22
CA SER A 105 -0.13 -23.67 0.00
C SER A 105 -0.21 -24.42 1.33
N SER A 106 -0.88 -23.83 2.30
CA SER A 106 -1.02 -24.44 3.62
C SER A 106 0.34 -24.68 4.26
N GLY A 107 0.59 -24.02 5.39
CA GLY A 107 1.85 -24.17 6.06
C GLY A 107 2.88 -23.16 5.58
N THR A 108 2.95 -22.99 4.26
CA THR A 108 3.89 -22.04 3.67
C THR A 108 3.15 -21.01 2.81
N PHE A 109 3.02 -19.80 3.34
CA PHE A 109 2.32 -18.72 2.64
C PHE A 109 3.32 -17.64 2.22
N HIS A 110 3.35 -17.32 0.92
CA HIS A 110 4.26 -16.30 0.45
C HIS A 110 3.49 -15.13 -0.17
N VAL A 111 4.02 -13.93 0.02
CA VAL A 111 3.38 -12.73 -0.53
C VAL A 111 4.41 -11.88 -1.28
N LYS A 112 4.25 -11.82 -2.59
CA LYS A 112 5.17 -11.05 -3.43
C LYS A 112 4.82 -9.57 -3.41
N LEU A 113 5.56 -8.80 -2.63
CA LEU A 113 5.33 -7.36 -2.51
C LEU A 113 6.40 -6.56 -3.24
N PRO A 114 6.03 -5.84 -4.32
CA PRO A 114 6.96 -5.02 -5.07
C PRO A 114 7.43 -3.81 -4.26
N LYS A 115 8.72 -3.76 -3.95
CA LYS A 115 9.27 -2.67 -3.16
C LYS A 115 9.97 -1.65 -4.05
N LYS A 116 10.11 -0.44 -3.53
CA LYS A 116 10.77 0.65 -4.26
C LYS A 116 12.04 1.10 -3.55
N HIS A 117 12.55 2.27 -3.93
CA HIS A 117 13.76 2.80 -3.33
C HIS A 117 13.60 2.96 -1.82
N SER A 118 12.49 3.56 -1.39
CA SER A 118 12.23 3.77 0.03
C SER A 118 10.80 4.26 0.27
N VAL A 119 9.84 3.57 -0.32
CA VAL A 119 8.43 3.94 -0.16
C VAL A 119 7.81 3.25 1.05
N GLU A 120 6.92 3.95 1.73
CA GLU A 120 6.26 3.41 2.92
C GLU A 120 5.64 2.05 2.63
N LEU A 121 6.01 1.05 3.42
CA LEU A 121 5.48 -0.30 3.25
C LEU A 121 4.23 -0.50 4.08
N GLY A 122 4.38 -0.49 5.39
CA GLY A 122 3.24 -0.68 6.28
C GLY A 122 3.31 -1.96 7.07
N ILE A 123 4.35 -2.76 6.84
CA ILE A 123 4.52 -4.03 7.54
C ILE A 123 5.45 -3.87 8.75
N THR A 124 5.04 -4.47 9.86
CA THR A 124 5.84 -4.41 11.08
C THR A 124 6.10 -5.82 11.62
N ILE A 125 7.33 -6.07 12.04
CA ILE A 125 7.71 -7.38 12.56
C ILE A 125 7.86 -7.37 14.07
N SER A 126 7.88 -8.56 14.66
CA SER A 126 8.01 -8.69 16.12
C SER A 126 8.62 -10.04 16.46
N SER A 127 9.33 -10.10 17.59
CA SER A 127 9.95 -11.34 18.04
C SER A 127 9.39 -11.78 19.40
N PRO A 128 8.57 -12.84 19.43
CA PRO A 128 7.99 -13.35 20.67
C PRO A 128 9.05 -13.74 21.70
N SER A 129 8.67 -14.58 22.66
CA SER A 129 9.60 -15.03 23.69
C SER A 129 10.80 -15.74 23.07
N SER A 130 11.90 -15.01 22.93
CA SER A 130 13.11 -15.57 22.35
C SER A 130 13.78 -16.54 23.32
N ARG A 131 13.36 -17.81 23.27
CA ARG A 131 13.93 -18.84 24.14
C ARG A 131 13.85 -20.20 23.47
N LYS A 132 14.18 -20.24 22.19
CA LYS A 132 14.15 -21.48 21.42
C LYS A 132 15.30 -21.51 20.40
N PRO A 133 15.65 -22.70 19.89
CA PRO A 133 16.72 -22.85 18.91
C PRO A 133 16.53 -21.93 17.71
N GLY A 134 15.28 -21.54 17.46
CA GLY A 134 15.00 -20.66 16.34
C GLY A 134 13.63 -20.02 16.46
N ASP A 135 13.40 -19.28 17.54
CA ASP A 135 12.13 -18.61 17.76
C ASP A 135 11.68 -17.82 16.53
N PRO A 136 10.68 -18.34 15.80
CA PRO A 136 10.17 -17.68 14.59
C PRO A 136 9.78 -16.23 14.84
N LEU A 137 9.28 -15.57 13.81
CA LEU A 137 8.86 -14.17 13.92
C LEU A 137 7.35 -14.04 13.75
N VAL A 138 6.85 -12.80 13.85
CA VAL A 138 5.43 -12.54 13.71
C VAL A 138 5.16 -11.10 13.32
N ILE A 139 3.90 -10.78 13.08
CA ILE A 139 3.52 -9.42 12.70
C ILE A 139 3.45 -8.51 13.91
N SER A 140 3.64 -7.21 13.67
CA SER A 140 3.61 -6.23 14.76
C SER A 140 2.70 -5.05 14.43
N ASP A 141 2.27 -4.97 13.17
CA ASP A 141 1.41 -3.89 12.73
C ASP A 141 1.24 -3.90 11.21
N ILE A 142 0.16 -3.32 10.73
CA ILE A 142 -0.12 -3.26 9.31
C ILE A 142 -0.77 -1.92 8.93
N LYS A 143 -0.36 -1.37 7.80
CA LYS A 143 -0.89 -0.09 7.34
C LYS A 143 -1.68 -0.27 6.05
N LYS A 144 -2.74 0.52 5.90
CA LYS A 144 -3.58 0.46 4.70
C LYS A 144 -3.00 1.35 3.61
N GLY A 145 -3.53 1.21 2.40
CA GLY A 145 -3.05 1.99 1.28
C GLY A 145 -1.84 1.39 0.62
N SER A 146 -0.81 1.08 1.41
CA SER A 146 0.40 0.48 0.89
C SER A 146 0.24 -1.02 0.69
N VAL A 147 1.01 -1.58 -0.22
CA VAL A 147 0.97 -3.00 -0.53
C VAL A 147 1.03 -3.86 0.74
N ALA A 148 1.55 -3.30 1.83
CA ALA A 148 1.68 -4.03 3.10
C ALA A 148 0.39 -4.76 3.45
N HIS A 149 -0.65 -4.00 3.73
CA HIS A 149 -1.94 -4.58 4.08
C HIS A 149 -2.72 -4.93 2.81
N ARG A 150 -2.40 -4.25 1.72
CA ARG A 150 -3.05 -4.49 0.44
C ARG A 150 -2.99 -5.96 0.03
N THR A 151 -1.93 -6.64 0.46
CA THR A 151 -1.76 -8.07 0.15
C THR A 151 -3.05 -8.85 0.35
N GLY A 152 -3.76 -8.55 1.43
CA GLY A 152 -5.01 -9.22 1.72
C GLY A 152 -4.83 -10.41 2.64
N THR A 153 -3.64 -11.00 2.64
CA THR A 153 -3.34 -12.15 3.48
C THR A 153 -2.37 -11.77 4.59
N LEU A 154 -2.47 -10.52 5.05
CA LEU A 154 -1.60 -10.03 6.12
C LEU A 154 -2.41 -9.65 7.34
N GLU A 155 -2.22 -10.39 8.43
CA GLU A 155 -2.93 -10.12 9.67
C GLU A 155 -2.03 -10.35 10.88
N LEU A 156 -2.37 -9.72 11.99
CA LEU A 156 -1.59 -9.85 13.22
C LEU A 156 -1.85 -11.20 13.88
N GLY A 157 -0.83 -12.05 13.92
CA GLY A 157 -0.98 -13.36 14.53
C GLY A 157 -0.27 -14.45 13.75
N ASP A 158 0.08 -14.17 12.49
CA ASP A 158 0.76 -15.15 11.66
C ASP A 158 2.19 -15.35 12.13
N LYS A 159 2.83 -16.41 11.64
CA LYS A 159 4.21 -16.71 12.01
C LYS A 159 5.14 -16.63 10.81
N LEU A 160 6.05 -15.66 10.84
CA LEU A 160 7.00 -15.47 9.75
C LEU A 160 8.03 -16.60 9.73
N LEU A 161 8.41 -17.02 8.53
CA LEU A 161 9.39 -18.10 8.38
C LEU A 161 10.59 -17.64 7.57
N ALA A 162 10.34 -17.13 6.37
CA ALA A 162 11.41 -16.68 5.50
C ALA A 162 11.00 -15.44 4.71
N ILE A 163 11.96 -14.90 3.95
CA ILE A 163 11.71 -13.72 3.13
C ILE A 163 12.38 -13.85 1.77
N ASP A 164 11.57 -14.05 0.74
CA ASP A 164 12.05 -14.20 -0.63
C ASP A 164 13.21 -15.18 -0.75
N ASN A 165 14.44 -14.70 -0.52
CA ASN A 165 15.62 -15.55 -0.66
C ASN A 165 16.27 -15.90 0.68
N ILE A 166 15.98 -15.13 1.73
CA ILE A 166 16.56 -15.40 3.04
C ILE A 166 15.59 -16.11 3.95
N ARG A 167 16.10 -17.07 4.73
CA ARG A 167 15.26 -17.84 5.63
C ARG A 167 15.59 -17.54 7.09
N LEU A 168 14.59 -17.08 7.82
CA LEU A 168 14.74 -16.78 9.23
C LEU A 168 14.58 -18.05 10.06
N ASP A 169 14.24 -19.15 9.39
CA ASP A 169 14.05 -20.43 10.07
C ASP A 169 15.18 -20.71 11.06
N SER A 170 16.37 -20.22 10.74
CA SER A 170 17.53 -20.41 11.60
C SER A 170 18.09 -19.08 12.10
N CYS A 171 17.71 -18.00 11.43
CA CYS A 171 18.17 -16.68 11.80
C CYS A 171 17.31 -16.07 12.91
N SER A 172 17.51 -14.79 13.17
CA SER A 172 16.75 -14.09 14.20
C SER A 172 15.73 -13.15 13.58
N MET A 173 15.07 -12.36 14.42
CA MET A 173 14.05 -11.41 13.96
C MET A 173 14.70 -10.22 13.25
N GLU A 174 15.65 -9.59 13.94
CA GLU A 174 16.35 -8.43 13.38
C GLU A 174 16.89 -8.73 11.99
N ASP A 175 17.23 -9.98 11.77
CA ASP A 175 17.75 -10.41 10.48
C ASP A 175 16.71 -10.20 9.40
N ALA A 176 15.50 -10.70 9.64
CA ALA A 176 14.41 -10.56 8.69
C ALA A 176 14.17 -9.08 8.39
N VAL A 177 14.28 -8.25 9.42
CA VAL A 177 14.09 -6.81 9.25
C VAL A 177 15.14 -6.26 8.29
N GLN A 178 16.34 -6.82 8.37
CA GLN A 178 17.44 -6.41 7.50
C GLN A 178 17.06 -6.64 6.06
N ILE A 179 16.57 -7.84 5.76
CA ILE A 179 16.15 -8.18 4.41
C ILE A 179 14.81 -7.53 4.12
N LEU A 180 14.05 -7.24 5.18
CA LEU A 180 12.74 -6.61 5.03
C LEU A 180 12.87 -5.26 4.33
N GLN A 181 13.96 -4.56 4.61
CA GLN A 181 14.20 -3.26 4.02
C GLN A 181 15.19 -3.37 2.87
N GLN A 182 16.18 -4.25 3.03
CA GLN A 182 17.18 -4.46 2.00
C GLN A 182 16.54 -4.94 0.72
N CYS A 183 15.32 -5.46 0.82
CA CYS A 183 14.59 -5.92 -0.34
C CYS A 183 13.87 -4.77 -1.02
N GLU A 184 14.56 -3.64 -1.15
CA GLU A 184 13.99 -2.45 -1.77
C GLU A 184 13.79 -2.65 -3.26
N ASP A 185 12.93 -3.61 -3.59
CA ASP A 185 12.61 -3.93 -4.98
C ASP A 185 11.50 -4.97 -5.05
N LEU A 186 11.47 -5.86 -4.06
CA LEU A 186 10.48 -6.91 -4.00
C LEU A 186 10.72 -7.79 -2.78
N VAL A 187 9.84 -7.68 -1.80
CA VAL A 187 9.96 -8.46 -0.57
C VAL A 187 8.89 -9.54 -0.50
N LYS A 188 9.32 -10.81 -0.52
CA LYS A 188 8.39 -11.92 -0.46
C LYS A 188 8.27 -12.41 0.99
N LEU A 189 7.13 -12.13 1.61
CA LEU A 189 6.91 -12.54 3.00
C LEU A 189 6.45 -13.99 3.08
N LYS A 190 7.30 -14.84 3.66
CA LYS A 190 6.98 -16.26 3.80
C LYS A 190 6.48 -16.56 5.20
N ILE A 191 5.15 -16.54 5.36
CA ILE A 191 4.54 -16.82 6.66
C ILE A 191 4.17 -18.29 6.80
N ARG A 192 3.80 -18.70 8.00
CA ARG A 192 3.42 -20.09 8.26
C ARG A 192 1.94 -20.20 8.59
N LYS A 193 1.26 -21.13 7.94
CA LYS A 193 -0.16 -21.33 8.16
C LYS A 193 -0.42 -22.67 8.86
N ASP A 194 -0.93 -22.61 10.08
CA ASP A 194 -1.23 -23.80 10.86
C ASP A 194 -1.79 -23.44 12.22
N GLU A 195 -3.08 -23.17 12.29
CA GLU A 195 -3.74 -22.80 13.53
C GLU A 195 -3.50 -23.85 14.62
N ASP A 196 -3.52 -23.42 15.87
CA ASP A 196 -3.31 -24.31 17.00
C ASP A 196 -4.34 -25.43 17.03
N GLN A 1 -9.17 -18.24 -5.58
CA GLN A 1 -8.66 -17.20 -4.70
C GLN A 1 -9.82 -16.40 -4.10
N VAL A 2 -9.62 -15.90 -2.88
CA VAL A 2 -10.63 -15.11 -2.20
C VAL A 2 -10.16 -13.67 -2.00
N VAL A 3 -11.01 -12.72 -2.33
CA VAL A 3 -10.68 -11.31 -2.19
C VAL A 3 -11.87 -10.51 -1.66
N HIS A 4 -11.57 -9.44 -0.93
CA HIS A 4 -12.61 -8.58 -0.36
C HIS A 4 -12.26 -7.11 -0.55
N THR A 5 -12.99 -6.44 -1.45
CA THR A 5 -12.76 -5.03 -1.73
C THR A 5 -12.67 -4.21 -0.44
N GLU A 6 -11.80 -3.21 -0.44
CA GLU A 6 -11.62 -2.35 0.73
C GLU A 6 -11.29 -0.92 0.31
N THR A 7 -11.25 -0.02 1.29
CA THR A 7 -10.95 1.38 1.02
C THR A 7 -9.91 1.91 2.01
N THR A 8 -9.24 3.00 1.63
CA THR A 8 -8.22 3.60 2.48
C THR A 8 -8.13 5.10 2.25
N GLU A 9 -7.10 5.73 2.81
CA GLU A 9 -6.90 7.16 2.66
C GLU A 9 -5.53 7.46 2.03
N VAL A 10 -5.39 8.66 1.49
CA VAL A 10 -4.16 9.09 0.86
C VAL A 10 -3.80 10.51 1.27
N VAL A 11 -2.51 10.79 1.26
CA VAL A 11 -2.01 12.10 1.63
C VAL A 11 -1.16 12.71 0.52
N LEU A 12 -1.70 13.74 -0.13
CA LEU A 12 -0.98 14.43 -1.19
C LEU A 12 -0.44 15.76 -0.69
N THR A 13 0.88 15.91 -0.71
CA THR A 13 1.51 17.14 -0.24
C THR A 13 2.18 17.92 -1.36
N ALA A 14 2.43 19.19 -1.10
CA ALA A 14 3.08 20.07 -2.06
C ALA A 14 4.53 20.37 -1.65
N ASP A 15 5.48 19.82 -2.40
CA ASP A 15 6.88 20.04 -2.11
C ASP A 15 7.36 21.36 -2.71
N PRO A 16 8.45 21.94 -2.18
CA PRO A 16 8.99 23.20 -2.67
C PRO A 16 9.72 23.05 -4.01
N VAL A 17 9.64 21.87 -4.61
CA VAL A 17 10.30 21.61 -5.88
C VAL A 17 9.29 21.48 -7.01
N THR A 18 8.24 20.69 -6.78
CA THR A 18 7.21 20.48 -7.80
C THR A 18 5.82 20.35 -7.21
N GLY A 19 5.68 20.56 -5.89
CA GLY A 19 4.38 20.45 -5.26
C GLY A 19 3.81 19.05 -5.38
N PHE A 20 3.12 18.80 -6.49
CA PHE A 20 2.52 17.49 -6.75
C PHE A 20 2.96 17.00 -8.13
N GLY A 21 3.72 15.92 -8.15
CA GLY A 21 4.22 15.38 -9.40
C GLY A 21 3.33 14.32 -10.00
N ILE A 22 2.07 14.29 -9.58
CA ILE A 22 1.12 13.33 -10.08
C ILE A 22 -0.11 14.02 -10.66
N GLN A 23 -0.54 13.58 -11.84
CA GLN A 23 -1.69 14.18 -12.50
C GLN A 23 -2.78 13.14 -12.73
N LEU A 24 -4.04 13.56 -12.59
CA LEU A 24 -5.16 12.65 -12.76
C LEU A 24 -6.21 13.22 -13.70
N GLN A 25 -6.97 12.34 -14.34
CA GLN A 25 -8.02 12.72 -15.26
C GLN A 25 -9.39 12.60 -14.59
N GLY A 26 -10.41 13.11 -15.26
CA GLY A 26 -11.75 13.05 -14.71
C GLY A 26 -12.60 11.99 -15.39
N SER A 27 -12.74 12.12 -16.71
CA SER A 27 -13.54 11.18 -17.48
C SER A 27 -12.84 9.82 -17.57
N VAL A 28 -13.64 8.77 -17.68
CA VAL A 28 -13.12 7.43 -17.77
C VAL A 28 -13.94 6.59 -18.75
N PHE A 29 -14.99 5.95 -18.24
CA PHE A 29 -15.87 5.13 -19.06
C PHE A 29 -16.44 5.93 -20.22
N ALA A 30 -16.92 7.14 -19.90
CA ALA A 30 -17.50 8.03 -20.90
C ALA A 30 -18.51 7.28 -21.78
N THR A 31 -19.73 7.16 -21.28
CA THR A 31 -20.81 6.50 -21.99
C THR A 31 -22.16 6.92 -21.43
N GLU A 32 -22.80 7.89 -22.08
CA GLU A 32 -24.09 8.41 -21.64
C GLU A 32 -24.02 8.83 -20.17
N THR A 33 -22.86 9.35 -19.79
CA THR A 33 -22.60 9.82 -18.44
C THR A 33 -21.11 10.03 -18.24
N LEU A 34 -20.72 10.55 -17.07
CA LEU A 34 -19.32 10.81 -16.78
C LEU A 34 -19.08 10.93 -15.29
N SER A 35 -19.96 10.35 -14.50
CA SER A 35 -19.84 10.40 -13.04
C SER A 35 -18.66 9.60 -12.51
N SER A 36 -17.68 9.37 -13.36
CA SER A 36 -16.49 8.62 -12.98
C SER A 36 -15.60 9.46 -12.06
N PRO A 37 -15.05 8.85 -11.00
CA PRO A 37 -14.18 9.55 -10.05
C PRO A 37 -12.76 9.78 -10.61
N PRO A 38 -12.05 10.77 -10.08
CA PRO A 38 -10.68 11.09 -10.52
C PRO A 38 -9.83 9.84 -10.71
N LEU A 39 -8.76 9.97 -11.49
CA LEU A 39 -7.88 8.83 -11.76
C LEU A 39 -6.51 9.28 -12.26
N ILE A 40 -5.50 9.12 -11.41
CA ILE A 40 -4.14 9.51 -11.78
C ILE A 40 -3.66 8.73 -13.01
N SER A 41 -3.04 9.45 -13.94
CA SER A 41 -2.54 8.83 -15.16
C SER A 41 -1.05 9.09 -15.36
N TYR A 42 -0.37 9.51 -14.29
CA TYR A 42 1.05 9.80 -14.35
C TYR A 42 1.59 10.19 -12.99
N ILE A 43 2.81 9.73 -12.70
CA ILE A 43 3.46 10.04 -11.43
C ILE A 43 4.88 10.53 -11.68
N GLU A 44 5.38 11.41 -10.82
CA GLU A 44 6.72 11.95 -10.98
C GLU A 44 7.72 11.18 -10.14
N ALA A 45 8.97 11.16 -10.60
CA ALA A 45 10.04 10.46 -9.89
C ALA A 45 10.76 11.40 -8.94
N ASP A 46 9.99 12.18 -8.19
CA ASP A 46 10.54 13.13 -7.24
C ASP A 46 9.44 13.98 -6.62
N SER A 47 8.32 13.34 -6.30
CA SER A 47 7.18 14.02 -5.70
C SER A 47 6.64 13.24 -4.51
N PRO A 48 6.35 13.93 -3.39
CA PRO A 48 5.82 13.28 -2.18
C PRO A 48 4.56 12.46 -2.44
N ALA A 49 3.97 12.61 -3.62
CA ALA A 49 2.76 11.87 -3.97
C ALA A 49 3.07 10.38 -4.06
N GLU A 50 4.01 10.03 -4.93
CA GLU A 50 4.40 8.64 -5.10
C GLU A 50 5.34 8.23 -3.98
N ARG A 51 6.13 9.18 -3.50
CA ARG A 51 7.07 8.91 -2.43
C ARG A 51 6.34 8.46 -1.17
N CYS A 52 5.13 8.96 -0.98
CA CYS A 52 4.32 8.60 0.18
C CYS A 52 4.14 7.08 0.26
N GLY A 53 4.11 6.43 -0.90
CA GLY A 53 3.95 4.99 -0.94
C GLY A 53 2.49 4.57 -0.92
N VAL A 54 1.63 5.37 -1.55
CA VAL A 54 0.21 5.08 -1.61
C VAL A 54 -0.44 5.65 -2.87
N LEU A 55 0.35 5.77 -3.94
CA LEU A 55 -0.16 6.30 -5.19
C LEU A 55 0.41 5.54 -6.38
N GLN A 56 -0.37 5.45 -7.45
CA GLN A 56 0.06 4.74 -8.65
C GLN A 56 -0.62 5.32 -9.89
N ILE A 57 -0.25 4.82 -11.06
CA ILE A 57 -0.81 5.29 -12.31
C ILE A 57 -2.27 4.88 -12.45
N GLY A 58 -3.14 5.47 -11.62
CA GLY A 58 -4.55 5.15 -11.66
C GLY A 58 -5.16 5.01 -10.28
N ASP A 59 -5.09 6.07 -9.49
CA ASP A 59 -5.64 6.06 -8.14
C ASP A 59 -7.10 6.50 -8.16
N ARG A 60 -7.98 5.63 -7.68
CA ARG A 60 -9.41 5.92 -7.64
C ARG A 60 -9.79 6.57 -6.32
N VAL A 61 -10.04 7.88 -6.36
CA VAL A 61 -10.43 8.63 -5.16
C VAL A 61 -11.94 8.73 -5.05
N MET A 62 -12.42 8.98 -3.84
CA MET A 62 -13.86 9.11 -3.60
C MET A 62 -14.18 10.46 -2.98
N ALA A 63 -13.35 10.91 -2.05
CA ALA A 63 -13.55 12.18 -1.38
C ALA A 63 -12.23 12.88 -1.11
N ILE A 64 -12.26 14.22 -1.12
CA ILE A 64 -11.06 15.01 -0.87
C ILE A 64 -11.35 16.11 0.13
N ASN A 65 -10.63 16.09 1.26
CA ASN A 65 -10.82 17.08 2.30
C ASN A 65 -12.28 17.14 2.74
N GLY A 66 -13.00 16.05 2.54
CA GLY A 66 -14.40 16.00 2.92
C GLY A 66 -15.33 16.22 1.74
N ILE A 67 -14.81 16.79 0.66
CA ILE A 67 -15.60 17.06 -0.53
C ILE A 67 -15.78 15.79 -1.37
N PRO A 68 -17.00 15.56 -1.88
CA PRO A 68 -17.30 14.37 -2.70
C PRO A 68 -16.70 14.47 -4.09
N THR A 69 -16.95 13.46 -4.91
CA THR A 69 -16.43 13.44 -6.28
C THR A 69 -17.26 12.52 -7.16
N GLU A 70 -17.57 11.34 -6.65
CA GLU A 70 -18.37 10.36 -7.39
C GLU A 70 -19.81 10.82 -7.55
N ASP A 71 -20.19 11.86 -6.82
CA ASP A 71 -21.54 12.39 -6.88
C ASP A 71 -21.54 13.83 -7.40
N SER A 72 -20.80 14.05 -8.48
CA SER A 72 -20.70 15.37 -9.07
C SER A 72 -19.84 15.33 -10.34
N THR A 73 -19.62 16.51 -10.94
CA THR A 73 -18.81 16.61 -12.15
C THR A 73 -17.34 16.34 -11.84
N PHE A 74 -16.61 15.82 -12.84
CA PHE A 74 -15.20 15.52 -12.67
C PHE A 74 -14.38 16.81 -12.57
N GLU A 75 -14.86 17.86 -13.25
CA GLU A 75 -14.18 19.14 -13.23
C GLU A 75 -13.98 19.65 -11.81
N GLU A 76 -14.91 19.30 -10.93
CA GLU A 76 -14.82 19.72 -9.54
C GLU A 76 -13.57 19.14 -8.91
N ALA A 77 -13.47 17.82 -8.94
CA ALA A 77 -12.31 17.12 -8.39
C ALA A 77 -11.02 17.65 -9.01
N ASN A 78 -11.14 18.11 -10.24
CA ASN A 78 -10.00 18.65 -10.98
C ASN A 78 -9.64 20.06 -10.50
N GLN A 79 -10.67 20.89 -10.30
CA GLN A 79 -10.45 22.26 -9.85
C GLN A 79 -9.97 22.29 -8.39
N LEU A 80 -10.50 21.38 -7.58
CA LEU A 80 -10.12 21.33 -6.17
C LEU A 80 -8.68 20.83 -6.04
N LEU A 81 -8.35 19.77 -6.76
CA LEU A 81 -7.00 19.22 -6.72
C LEU A 81 -6.00 20.21 -7.28
N ARG A 82 -6.22 20.65 -8.52
CA ARG A 82 -5.34 21.63 -9.13
C ARG A 82 -5.18 22.81 -8.18
N ASP A 83 -6.21 23.06 -7.38
CA ASP A 83 -6.20 24.14 -6.41
C ASP A 83 -6.24 23.60 -4.99
N SER A 84 -5.60 22.45 -4.78
CA SER A 84 -5.55 21.83 -3.45
C SER A 84 -4.15 21.94 -2.84
N SER A 85 -3.32 22.81 -3.40
CA SER A 85 -1.97 23.00 -2.92
C SER A 85 -1.84 24.24 -2.05
N ILE A 86 -2.97 24.76 -1.62
CA ILE A 86 -3.00 25.94 -0.78
C ILE A 86 -2.42 25.65 0.59
N THR A 87 -2.88 24.54 1.15
CA THR A 87 -2.43 24.10 2.47
C THR A 87 -1.21 23.19 2.34
N SER A 88 -0.70 23.05 1.12
CA SER A 88 0.47 22.21 0.86
C SER A 88 0.20 20.77 1.28
N LYS A 89 -1.07 20.37 1.25
CA LYS A 89 -1.46 19.03 1.62
C LYS A 89 -2.93 18.77 1.31
N VAL A 90 -3.24 17.53 0.98
CA VAL A 90 -4.62 17.14 0.65
C VAL A 90 -4.88 15.68 1.04
N THR A 91 -5.99 15.44 1.74
CA THR A 91 -6.34 14.10 2.17
C THR A 91 -7.54 13.58 1.39
N LEU A 92 -7.42 12.37 0.85
CA LEU A 92 -8.51 11.78 0.08
C LEU A 92 -8.66 10.29 0.37
N GLU A 93 -9.79 9.72 -0.03
CA GLU A 93 -10.07 8.31 0.18
C GLU A 93 -10.15 7.58 -1.16
N ILE A 94 -9.69 6.32 -1.17
CA ILE A 94 -9.71 5.54 -2.40
C ILE A 94 -10.17 4.11 -2.14
N GLU A 95 -10.60 3.44 -3.21
CA GLU A 95 -11.07 2.05 -3.13
C GLU A 95 -10.28 1.18 -4.09
N PHE A 96 -10.05 -0.07 -3.70
CA PHE A 96 -9.30 -1.00 -4.55
C PHE A 96 -9.55 -2.45 -4.15
N ASP A 97 -9.00 -3.37 -4.94
CA ASP A 97 -9.15 -4.80 -4.66
C ASP A 97 -7.93 -5.32 -3.92
N VAL A 98 -8.17 -6.06 -2.84
CA VAL A 98 -7.08 -6.62 -2.04
C VAL A 98 -6.61 -7.95 -2.58
N ALA A 99 -5.30 -8.19 -2.45
CA ALA A 99 -4.67 -9.43 -2.92
C ALA A 99 -4.35 -9.36 -4.41
N GLU A 100 -3.06 -9.37 -4.71
CA GLU A 100 -2.58 -9.32 -6.08
C GLU A 100 -1.20 -9.98 -6.16
N SER A 101 -0.92 -10.87 -5.21
CA SER A 101 0.36 -11.56 -5.16
C SER A 101 0.43 -12.48 -3.95
N VAL A 102 -0.09 -13.69 -4.12
CA VAL A 102 -0.09 -14.67 -3.04
C VAL A 102 0.16 -16.08 -3.59
N ILE A 103 1.09 -16.79 -2.94
CA ILE A 103 1.42 -18.15 -3.35
C ILE A 103 1.48 -19.06 -2.12
N PRO A 104 0.31 -19.60 -1.71
CA PRO A 104 0.21 -20.46 -0.54
C PRO A 104 0.27 -21.94 -0.88
N SER A 105 0.27 -22.77 0.17
CA SER A 105 0.31 -24.22 0.01
C SER A 105 -0.12 -24.90 1.31
N SER A 106 0.79 -24.89 2.29
CA SER A 106 0.53 -25.50 3.59
C SER A 106 1.82 -25.55 4.41
N GLY A 107 1.86 -24.79 5.49
CA GLY A 107 3.04 -24.75 6.32
C GLY A 107 3.97 -23.64 5.90
N THR A 108 3.95 -23.31 4.60
CA THR A 108 4.79 -22.25 4.06
C THR A 108 3.97 -21.36 3.13
N PHE A 109 3.60 -20.19 3.63
CA PHE A 109 2.82 -19.22 2.87
C PHE A 109 3.70 -18.07 2.40
N HIS A 110 3.69 -17.76 1.11
CA HIS A 110 4.52 -16.66 0.60
C HIS A 110 3.67 -15.56 -0.02
N VAL A 111 4.08 -14.32 0.23
CA VAL A 111 3.40 -13.16 -0.33
C VAL A 111 4.40 -12.24 -1.01
N LYS A 112 4.41 -12.27 -2.35
CA LYS A 112 5.33 -11.45 -3.14
C LYS A 112 4.80 -10.03 -3.26
N LEU A 113 5.40 -9.11 -2.52
CA LEU A 113 4.97 -7.71 -2.56
C LEU A 113 6.05 -6.80 -3.16
N PRO A 114 5.64 -5.84 -4.01
CA PRO A 114 6.59 -4.90 -4.63
C PRO A 114 7.23 -3.96 -3.61
N LYS A 115 8.51 -4.18 -3.35
CA LYS A 115 9.24 -3.36 -2.38
C LYS A 115 9.70 -2.05 -3.01
N LYS A 116 9.96 -1.06 -2.17
CA LYS A 116 10.42 0.25 -2.65
C LYS A 116 11.71 0.68 -1.94
N HIS A 117 12.05 1.96 -2.08
CA HIS A 117 13.25 2.49 -1.48
C HIS A 117 13.15 2.50 0.05
N SER A 118 12.40 3.45 0.59
CA SER A 118 12.22 3.55 2.04
C SER A 118 10.90 4.21 2.39
N VAL A 119 9.81 3.45 2.22
CA VAL A 119 8.47 3.95 2.51
C VAL A 119 7.73 3.00 3.44
N GLU A 120 6.82 3.54 4.25
CA GLU A 120 6.05 2.73 5.18
C GLU A 120 5.36 1.57 4.46
N LEU A 121 6.00 0.40 4.50
CA LEU A 121 5.47 -0.79 3.85
C LEU A 121 4.05 -1.09 4.34
N GLY A 122 3.82 -0.87 5.63
CA GLY A 122 2.51 -1.13 6.21
C GLY A 122 2.54 -2.20 7.27
N ILE A 123 3.25 -3.29 7.00
CA ILE A 123 3.36 -4.39 7.94
C ILE A 123 4.42 -4.11 9.00
N THR A 124 4.18 -4.60 10.21
CA THR A 124 5.11 -4.42 11.31
C THR A 124 5.48 -5.75 11.94
N ILE A 125 6.77 -6.08 11.90
CA ILE A 125 7.24 -7.34 12.47
C ILE A 125 7.42 -7.24 13.98
N SER A 126 7.53 -8.38 14.63
CA SER A 126 7.69 -8.43 16.09
C SER A 126 8.09 -9.82 16.54
N SER A 127 8.53 -9.93 17.79
CA SER A 127 8.94 -11.22 18.35
C SER A 127 8.04 -11.62 19.51
N PRO A 128 7.64 -12.90 19.57
CA PRO A 128 6.77 -13.41 20.65
C PRO A 128 7.36 -13.15 22.03
N SER A 129 8.68 -13.30 22.15
CA SER A 129 9.37 -13.07 23.41
C SER A 129 10.87 -13.07 23.21
N SER A 130 11.62 -13.16 24.31
CA SER A 130 13.07 -13.16 24.25
C SER A 130 13.66 -14.25 25.14
N ARG A 131 13.02 -15.41 25.13
CA ARG A 131 13.47 -16.54 25.94
C ARG A 131 12.77 -17.83 25.53
N LYS A 132 13.16 -18.37 24.39
CA LYS A 132 12.56 -19.61 23.88
C LYS A 132 13.46 -20.24 22.81
N PRO A 133 13.38 -21.58 22.65
CA PRO A 133 14.18 -22.30 21.65
C PRO A 133 13.81 -21.94 20.22
N GLY A 134 12.57 -21.51 20.03
CA GLY A 134 12.10 -21.13 18.70
C GLY A 134 12.51 -19.72 18.32
N ASP A 135 11.92 -18.74 19.00
CA ASP A 135 12.22 -17.34 18.72
C ASP A 135 11.97 -17.00 17.26
N PRO A 136 10.78 -17.35 16.71
CA PRO A 136 10.44 -17.08 15.32
C PRO A 136 9.98 -15.65 15.11
N LEU A 137 9.55 -15.34 13.89
CA LEU A 137 9.08 -14.00 13.55
C LEU A 137 7.55 -13.99 13.45
N VAL A 138 6.94 -12.87 13.85
CA VAL A 138 5.49 -12.73 13.81
C VAL A 138 5.08 -11.33 13.39
N ILE A 139 3.78 -11.11 13.30
CA ILE A 139 3.25 -9.80 12.93
C ILE A 139 2.93 -8.96 14.15
N SER A 140 2.95 -7.65 13.99
CA SER A 140 2.69 -6.73 15.10
C SER A 140 1.65 -5.68 14.73
N ASP A 141 1.56 -5.37 13.45
CA ASP A 141 0.60 -4.37 12.97
C ASP A 141 0.64 -4.27 11.46
N ILE A 142 -0.42 -3.68 10.89
CA ILE A 142 -0.53 -3.50 9.45
C ILE A 142 -1.13 -2.15 9.10
N LYS A 143 -0.73 -1.59 7.97
CA LYS A 143 -1.24 -0.29 7.54
C LYS A 143 -1.98 -0.40 6.22
N LYS A 144 -3.02 0.42 6.05
CA LYS A 144 -3.80 0.40 4.82
C LYS A 144 -3.14 1.28 3.75
N GLY A 145 -3.57 1.12 2.51
CA GLY A 145 -3.00 1.90 1.42
C GLY A 145 -1.73 1.29 0.86
N SER A 146 -1.09 0.40 1.63
CA SER A 146 0.14 -0.24 1.19
C SER A 146 -0.11 -1.70 0.83
N VAL A 147 0.63 -2.19 -0.16
CA VAL A 147 0.49 -3.58 -0.60
C VAL A 147 0.53 -4.56 0.57
N ALA A 148 1.11 -4.13 1.69
CA ALA A 148 1.20 -4.98 2.87
C ALA A 148 -0.18 -5.53 3.26
N HIS A 149 -1.03 -4.64 3.78
CA HIS A 149 -2.37 -5.04 4.17
C HIS A 149 -3.22 -5.32 2.93
N ARG A 150 -2.83 -4.71 1.81
CA ARG A 150 -3.54 -4.90 0.55
C ARG A 150 -3.61 -6.36 0.17
N THR A 151 -2.58 -7.12 0.56
CA THR A 151 -2.51 -8.54 0.26
C THR A 151 -3.85 -9.24 0.52
N GLY A 152 -4.48 -8.89 1.64
CA GLY A 152 -5.76 -9.48 1.99
C GLY A 152 -5.61 -10.71 2.85
N THR A 153 -4.66 -11.57 2.50
CA THR A 153 -4.42 -12.80 3.24
C THR A 153 -3.27 -12.61 4.24
N LEU A 154 -3.17 -11.41 4.79
CA LEU A 154 -2.12 -11.09 5.76
C LEU A 154 -2.71 -10.75 7.12
N GLU A 155 -2.70 -11.71 8.03
CA GLU A 155 -3.24 -11.50 9.37
C GLU A 155 -2.13 -11.47 10.40
N LEU A 156 -2.50 -11.27 11.66
CA LEU A 156 -1.53 -11.22 12.76
C LEU A 156 -1.59 -12.48 13.61
N GLY A 157 -0.46 -12.87 14.17
CA GLY A 157 -0.41 -14.06 15.00
C GLY A 157 0.30 -15.22 14.32
N ASP A 158 0.56 -15.09 13.03
CA ASP A 158 1.23 -16.14 12.28
C ASP A 158 2.73 -16.12 12.54
N LYS A 159 3.46 -17.09 11.99
CA LYS A 159 4.90 -17.17 12.17
C LYS A 159 5.64 -17.01 10.85
N LEU A 160 6.86 -16.49 10.91
CA LEU A 160 7.68 -16.29 9.72
C LEU A 160 8.73 -17.38 9.58
N LEU A 161 9.40 -17.40 8.44
CA LEU A 161 10.44 -18.40 8.17
C LEU A 161 11.53 -17.83 7.28
N ALA A 162 11.12 -17.14 6.23
CA ALA A 162 12.07 -16.54 5.29
C ALA A 162 11.50 -15.28 4.66
N ILE A 163 12.35 -14.53 3.96
CA ILE A 163 11.94 -13.30 3.30
C ILE A 163 12.57 -13.16 1.92
N ASP A 164 11.73 -13.20 0.88
CA ASP A 164 12.21 -13.07 -0.49
C ASP A 164 13.21 -14.17 -0.84
N ASN A 165 14.47 -13.96 -0.48
CA ASN A 165 15.51 -14.93 -0.78
C ASN A 165 16.35 -15.30 0.45
N ILE A 166 16.24 -14.51 1.51
CA ILE A 166 17.00 -14.79 2.73
C ILE A 166 16.12 -15.42 3.80
N ARG A 167 16.65 -16.47 4.40
CA ARG A 167 15.95 -17.20 5.44
C ARG A 167 16.43 -16.80 6.83
N LEU A 168 15.53 -16.18 7.58
CA LEU A 168 15.86 -15.76 8.94
C LEU A 168 15.94 -16.97 9.86
N ASP A 169 15.38 -18.09 9.41
CA ASP A 169 15.40 -19.33 10.18
C ASP A 169 14.77 -19.12 11.56
N SER A 170 15.56 -18.60 12.49
CA SER A 170 15.09 -18.34 13.84
C SER A 170 15.88 -17.21 14.50
N CYS A 171 16.45 -16.34 13.67
CA CYS A 171 17.23 -15.21 14.16
C CYS A 171 16.35 -14.16 14.80
N SER A 172 16.94 -13.01 15.11
CA SER A 172 16.19 -11.91 15.72
C SER A 172 15.19 -11.33 14.74
N MET A 173 14.27 -10.51 15.24
CA MET A 173 13.24 -9.89 14.40
C MET A 173 13.84 -8.78 13.55
N GLU A 174 14.69 -7.96 14.17
CA GLU A 174 15.32 -6.85 13.47
C GLU A 174 16.02 -7.31 12.20
N ASP A 175 16.52 -8.54 12.25
CA ASP A 175 17.20 -9.12 11.11
C ASP A 175 16.25 -9.26 9.94
N ALA A 176 15.06 -9.79 10.21
CA ALA A 176 14.05 -9.97 9.17
C ALA A 176 13.68 -8.63 8.56
N VAL A 177 13.59 -7.61 9.40
CA VAL A 177 13.27 -6.27 8.93
C VAL A 177 14.37 -5.78 8.01
N GLN A 178 15.60 -6.16 8.32
CA GLN A 178 16.75 -5.78 7.52
C GLN A 178 16.61 -6.31 6.11
N ILE A 179 16.32 -7.60 6.00
CA ILE A 179 16.12 -8.22 4.70
C ILE A 179 14.83 -7.71 4.07
N LEU A 180 13.91 -7.28 4.92
CA LEU A 180 12.62 -6.76 4.48
C LEU A 180 12.79 -5.48 3.66
N GLN A 181 13.78 -4.68 4.01
CA GLN A 181 14.03 -3.42 3.33
C GLN A 181 14.94 -3.61 2.12
N GLN A 182 15.94 -4.48 2.28
CA GLN A 182 16.87 -4.76 1.20
C GLN A 182 16.33 -5.88 0.30
N CYS A 183 15.05 -6.20 0.47
CA CYS A 183 14.41 -7.27 -0.31
C CYS A 183 14.35 -6.96 -1.82
N GLU A 184 15.36 -6.26 -2.33
CA GLU A 184 15.45 -5.92 -3.76
C GLU A 184 14.09 -5.69 -4.42
N ASP A 185 13.41 -4.62 -4.02
CA ASP A 185 12.11 -4.26 -4.59
C ASP A 185 11.18 -5.47 -4.71
N LEU A 186 11.41 -6.48 -3.89
CA LEU A 186 10.59 -7.68 -3.91
C LEU A 186 10.61 -8.36 -2.55
N VAL A 187 9.62 -8.03 -1.73
CA VAL A 187 9.53 -8.60 -0.40
C VAL A 187 8.56 -9.78 -0.35
N LYS A 188 9.11 -10.98 -0.21
CA LYS A 188 8.28 -12.18 -0.13
C LYS A 188 8.22 -12.66 1.30
N LEU A 189 7.07 -12.47 1.95
CA LEU A 189 6.90 -12.89 3.33
C LEU A 189 6.55 -14.37 3.38
N LYS A 190 7.45 -15.17 3.93
CA LYS A 190 7.24 -16.60 4.05
C LYS A 190 6.72 -16.95 5.43
N ILE A 191 5.40 -17.02 5.56
CA ILE A 191 4.76 -17.34 6.84
C ILE A 191 4.67 -18.85 7.04
N ARG A 192 4.32 -19.25 8.25
CA ARG A 192 4.21 -20.67 8.57
C ARG A 192 2.78 -21.03 9.00
N LYS A 193 2.18 -21.99 8.30
CA LYS A 193 0.83 -22.43 8.60
C LYS A 193 0.86 -23.74 9.39
N ASP A 194 -0.24 -24.03 10.09
CA ASP A 194 -0.33 -25.25 10.88
C ASP A 194 -1.77 -25.54 11.27
N GLU A 195 -2.68 -25.44 10.30
CA GLU A 195 -4.09 -25.70 10.54
C GLU A 195 -4.30 -27.08 11.14
N ASP A 196 -5.57 -27.49 11.27
CA ASP A 196 -5.90 -28.79 11.84
C ASP A 196 -5.29 -28.95 13.22
N GLN A 1 -10.34 -17.67 -7.70
CA GLN A 1 -9.65 -16.57 -7.03
C GLN A 1 -10.65 -15.57 -6.46
N VAL A 2 -10.62 -15.39 -5.15
CA VAL A 2 -11.53 -14.45 -4.49
C VAL A 2 -10.75 -13.45 -3.63
N VAL A 3 -11.02 -12.17 -3.83
CA VAL A 3 -10.34 -11.12 -3.08
C VAL A 3 -11.32 -10.03 -2.64
N HIS A 4 -11.10 -9.49 -1.45
CA HIS A 4 -11.96 -8.45 -0.91
C HIS A 4 -11.26 -7.10 -0.96
N THR A 5 -11.74 -6.21 -1.82
CA THR A 5 -11.15 -4.88 -1.96
C THR A 5 -11.13 -4.14 -0.63
N GLU A 6 -10.17 -3.23 -0.48
CA GLU A 6 -10.03 -2.45 0.74
C GLU A 6 -10.00 -0.96 0.43
N THR A 7 -10.08 -0.14 1.47
CA THR A 7 -10.05 1.30 1.31
C THR A 7 -9.02 1.94 2.24
N THR A 8 -8.27 2.90 1.71
CA THR A 8 -7.25 3.59 2.48
C THR A 8 -7.25 5.09 2.17
N GLU A 9 -6.40 5.83 2.87
CA GLU A 9 -6.31 7.27 2.66
C GLU A 9 -5.02 7.64 1.92
N VAL A 10 -5.00 8.85 1.36
CA VAL A 10 -3.84 9.33 0.63
C VAL A 10 -3.49 10.75 1.04
N VAL A 11 -2.21 11.10 0.96
CA VAL A 11 -1.76 12.43 1.34
C VAL A 11 -1.06 13.12 0.18
N LEU A 12 -1.71 14.14 -0.37
CA LEU A 12 -1.17 14.91 -1.48
C LEU A 12 -0.72 16.28 -0.98
N THR A 13 0.55 16.59 -1.16
CA THR A 13 1.10 17.87 -0.70
C THR A 13 1.46 18.79 -1.86
N ALA A 14 1.61 20.07 -1.52
CA ALA A 14 1.96 21.09 -2.49
C ALA A 14 3.38 21.60 -2.28
N ASP A 15 4.30 21.16 -3.12
CA ASP A 15 5.69 21.57 -3.02
C ASP A 15 5.90 22.92 -3.71
N PRO A 16 6.83 23.74 -3.21
CA PRO A 16 7.12 25.05 -3.79
C PRO A 16 7.91 24.96 -5.09
N VAL A 17 8.19 23.74 -5.53
CA VAL A 17 8.94 23.53 -6.76
C VAL A 17 8.08 22.90 -7.84
N THR A 18 7.34 21.84 -7.49
CA THR A 18 6.49 21.15 -8.45
C THR A 18 5.04 21.04 -7.97
N GLY A 19 4.81 21.35 -6.70
CA GLY A 19 3.47 21.27 -6.16
C GLY A 19 3.01 19.84 -5.95
N PHE A 20 2.43 19.26 -6.99
CA PHE A 20 1.95 17.88 -6.93
C PHE A 20 2.44 17.09 -8.15
N GLY A 21 3.24 16.05 -7.88
CA GLY A 21 3.81 15.25 -8.94
C GLY A 21 2.81 14.38 -9.69
N ILE A 22 1.55 14.37 -9.26
CA ILE A 22 0.56 13.55 -9.93
C ILE A 22 -0.40 14.38 -10.80
N GLN A 23 -1.17 13.71 -11.63
CA GLN A 23 -2.12 14.37 -12.51
C GLN A 23 -3.43 13.59 -12.55
N LEU A 24 -4.53 14.24 -12.19
CA LEU A 24 -5.83 13.60 -12.16
C LEU A 24 -6.62 13.85 -13.44
N GLN A 25 -7.36 12.83 -13.87
CA GLN A 25 -8.20 12.93 -15.06
C GLN A 25 -9.66 13.06 -14.66
N GLY A 26 -10.51 13.45 -15.60
CA GLY A 26 -11.93 13.61 -15.29
C GLY A 26 -12.83 12.75 -16.16
N SER A 27 -13.39 11.70 -15.57
CA SER A 27 -14.29 10.80 -16.29
C SER A 27 -13.61 10.20 -17.51
N VAL A 28 -13.38 8.90 -17.46
CA VAL A 28 -12.74 8.19 -18.56
C VAL A 28 -13.65 8.10 -19.77
N PHE A 29 -14.63 7.23 -19.70
CA PHE A 29 -15.60 7.03 -20.77
C PHE A 29 -16.17 8.36 -21.24
N ALA A 30 -16.60 9.17 -20.28
CA ALA A 30 -17.18 10.48 -20.57
C ALA A 30 -18.14 10.41 -21.77
N THR A 31 -19.35 9.96 -21.49
CA THR A 31 -20.40 9.83 -22.49
C THR A 31 -21.56 9.06 -21.89
N GLU A 32 -22.70 9.72 -21.73
CA GLU A 32 -23.85 9.08 -21.10
C GLU A 32 -23.47 8.69 -19.68
N THR A 33 -23.62 9.64 -18.76
CA THR A 33 -23.26 9.45 -17.36
C THR A 33 -21.81 9.90 -17.16
N LEU A 34 -21.30 9.79 -15.94
CA LEU A 34 -19.95 10.20 -15.64
C LEU A 34 -19.50 9.69 -14.27
N SER A 35 -20.03 8.55 -13.90
CA SER A 35 -19.72 7.91 -12.62
C SER A 35 -18.25 7.49 -12.48
N SER A 36 -17.36 8.21 -13.13
CA SER A 36 -15.94 7.92 -13.06
C SER A 36 -15.20 9.02 -12.32
N PRO A 37 -15.13 8.94 -10.99
CA PRO A 37 -14.43 9.94 -10.17
C PRO A 37 -13.03 10.25 -10.70
N PRO A 38 -12.32 11.20 -10.07
CA PRO A 38 -10.97 11.58 -10.48
C PRO A 38 -10.04 10.38 -10.57
N LEU A 39 -9.23 10.32 -11.62
CA LEU A 39 -8.31 9.21 -11.81
C LEU A 39 -6.93 9.69 -12.26
N ILE A 40 -5.92 9.50 -11.41
CA ILE A 40 -4.57 9.91 -11.74
C ILE A 40 -4.06 9.16 -12.96
N SER A 41 -3.36 9.86 -13.85
CA SER A 41 -2.82 9.26 -15.07
C SER A 41 -1.31 9.38 -15.12
N TYR A 42 -0.76 10.37 -14.42
CA TYR A 42 0.69 10.58 -14.42
C TYR A 42 1.21 10.88 -13.02
N ILE A 43 2.51 10.65 -12.83
CA ILE A 43 3.18 10.90 -11.55
C ILE A 43 4.53 11.55 -11.81
N GLU A 44 5.15 12.14 -10.78
CA GLU A 44 6.44 12.80 -10.97
C GLU A 44 7.53 12.18 -10.10
N ALA A 45 8.75 12.18 -10.63
CA ALA A 45 9.89 11.62 -9.90
C ALA A 45 10.61 12.69 -9.10
N ASP A 46 9.84 13.54 -8.45
CA ASP A 46 10.39 14.61 -7.62
C ASP A 46 9.28 15.41 -6.95
N SER A 47 8.23 14.70 -6.55
CA SER A 47 7.10 15.34 -5.88
C SER A 47 6.62 14.51 -4.69
N PRO A 48 6.30 15.16 -3.56
CA PRO A 48 5.84 14.47 -2.33
C PRO A 48 4.62 13.58 -2.56
N ALA A 49 3.93 13.77 -3.68
CA ALA A 49 2.75 12.96 -3.99
C ALA A 49 3.17 11.57 -4.39
N GLU A 50 4.19 11.52 -5.23
CA GLU A 50 4.75 10.28 -5.72
C GLU A 50 5.60 9.60 -4.64
N ARG A 51 6.18 10.41 -3.78
CA ARG A 51 7.05 9.91 -2.71
C ARG A 51 6.23 9.55 -1.47
N CYS A 52 4.99 10.02 -1.42
CA CYS A 52 4.12 9.74 -0.28
C CYS A 52 4.15 8.25 0.08
N GLY A 53 4.16 7.40 -0.96
CA GLY A 53 4.20 5.97 -0.75
C GLY A 53 2.87 5.28 -0.99
N VAL A 54 1.92 5.99 -1.59
CA VAL A 54 0.60 5.42 -1.86
C VAL A 54 -0.07 6.11 -3.04
N LEU A 55 0.63 6.18 -4.18
CA LEU A 55 0.08 6.81 -5.36
C LEU A 55 0.48 6.04 -6.62
N GLN A 56 -0.50 5.82 -7.51
CA GLN A 56 -0.25 5.09 -8.74
C GLN A 56 -1.01 5.72 -9.90
N ILE A 57 -0.78 5.22 -11.11
CA ILE A 57 -1.44 5.73 -12.29
C ILE A 57 -2.91 5.29 -12.33
N GLY A 58 -3.75 5.98 -11.55
CA GLY A 58 -5.15 5.65 -11.52
C GLY A 58 -5.69 5.51 -10.10
N ASP A 59 -5.28 6.43 -9.23
CA ASP A 59 -5.73 6.41 -7.84
C ASP A 59 -7.16 6.89 -7.72
N ARG A 60 -8.11 5.98 -7.95
CA ARG A 60 -9.53 6.31 -7.87
C ARG A 60 -9.90 6.82 -6.48
N VAL A 61 -10.03 8.13 -6.36
CA VAL A 61 -10.38 8.75 -5.08
C VAL A 61 -11.88 8.99 -4.98
N MET A 62 -12.53 8.31 -4.05
CA MET A 62 -13.96 8.45 -3.85
C MET A 62 -14.27 9.44 -2.72
N ALA A 63 -13.33 10.35 -2.45
CA ALA A 63 -13.50 11.34 -1.41
C ALA A 63 -12.26 12.23 -1.29
N ILE A 64 -12.49 13.54 -1.26
CA ILE A 64 -11.39 14.49 -1.14
C ILE A 64 -11.68 15.52 -0.05
N ASN A 65 -10.86 15.52 0.99
CA ASN A 65 -11.04 16.45 2.11
C ASN A 65 -12.45 16.33 2.70
N GLY A 66 -13.07 15.17 2.50
CA GLY A 66 -14.41 14.95 3.02
C GLY A 66 -15.47 15.06 1.96
N ILE A 67 -15.18 15.83 0.91
CA ILE A 67 -16.11 16.02 -0.18
C ILE A 67 -16.19 14.78 -1.07
N PRO A 68 -17.41 14.38 -1.48
CA PRO A 68 -17.60 13.20 -2.33
C PRO A 68 -17.10 13.45 -3.76
N THR A 69 -17.07 12.38 -4.56
CA THR A 69 -16.62 12.48 -5.93
C THR A 69 -17.49 11.64 -6.86
N GLU A 70 -17.76 10.40 -6.45
CA GLU A 70 -18.59 9.50 -7.25
C GLU A 70 -20.06 9.94 -7.24
N ASP A 71 -20.38 10.88 -6.35
CA ASP A 71 -21.75 11.38 -6.24
C ASP A 71 -21.83 12.83 -6.68
N SER A 72 -21.19 13.14 -7.80
CA SER A 72 -21.18 14.50 -8.34
C SER A 72 -20.41 14.55 -9.65
N THR A 73 -20.16 15.77 -10.13
CA THR A 73 -19.43 15.97 -11.37
C THR A 73 -17.93 15.80 -11.16
N PHE A 74 -17.24 15.32 -12.19
CA PHE A 74 -15.80 15.12 -12.12
C PHE A 74 -15.06 16.45 -12.17
N GLU A 75 -15.64 17.42 -12.87
CA GLU A 75 -15.04 18.73 -13.01
C GLU A 75 -14.83 19.39 -11.65
N GLU A 76 -15.73 19.10 -10.71
CA GLU A 76 -15.62 19.66 -9.37
C GLU A 76 -14.31 19.22 -8.74
N ALA A 77 -14.14 17.91 -8.63
CA ALA A 77 -12.92 17.35 -8.07
C ALA A 77 -11.71 17.86 -8.83
N ASN A 78 -11.87 17.94 -10.14
CA ASN A 78 -10.81 18.43 -11.01
C ASN A 78 -10.51 19.90 -10.70
N GLN A 79 -11.56 20.66 -10.40
CA GLN A 79 -11.40 22.07 -10.09
C GLN A 79 -10.69 22.28 -8.75
N LEU A 80 -11.09 21.52 -7.73
CA LEU A 80 -10.45 21.64 -6.42
C LEU A 80 -8.98 21.26 -6.53
N LEU A 81 -8.67 20.39 -7.48
CA LEU A 81 -7.30 19.98 -7.71
C LEU A 81 -6.50 21.16 -8.25
N ARG A 82 -7.08 21.84 -9.23
CA ARG A 82 -6.46 23.02 -9.81
C ARG A 82 -6.04 23.96 -8.70
N ASP A 83 -6.90 24.06 -7.70
CA ASP A 83 -6.64 24.91 -6.54
C ASP A 83 -6.52 24.06 -5.28
N SER A 84 -5.86 22.92 -5.41
CA SER A 84 -5.67 22.01 -4.28
C SER A 84 -4.36 22.27 -3.55
N SER A 85 -3.66 23.33 -3.94
CA SER A 85 -2.38 23.68 -3.32
C SER A 85 -2.50 24.87 -2.38
N ILE A 86 -3.73 25.17 -1.98
CA ILE A 86 -3.99 26.27 -1.08
C ILE A 86 -3.50 25.96 0.31
N THR A 87 -3.93 24.81 0.79
CA THR A 87 -3.58 24.34 2.13
C THR A 87 -2.29 23.52 2.09
N SER A 88 -1.63 23.53 0.93
CA SER A 88 -0.38 22.80 0.76
C SER A 88 -0.56 21.32 1.07
N LYS A 89 -1.78 20.84 0.99
CA LYS A 89 -2.08 19.44 1.26
C LYS A 89 -3.50 19.07 0.85
N VAL A 90 -3.73 17.77 0.64
CA VAL A 90 -5.03 17.26 0.25
C VAL A 90 -5.17 15.78 0.63
N THR A 91 -6.25 15.44 1.33
CA THR A 91 -6.49 14.07 1.74
C THR A 91 -7.51 13.41 0.84
N LEU A 92 -7.23 12.20 0.39
CA LEU A 92 -8.13 11.46 -0.49
C LEU A 92 -8.36 10.04 0.00
N GLU A 93 -9.47 9.45 -0.42
CA GLU A 93 -9.80 8.08 -0.04
C GLU A 93 -9.91 7.21 -1.28
N ILE A 94 -9.05 6.19 -1.36
CA ILE A 94 -9.04 5.30 -2.51
C ILE A 94 -9.50 3.89 -2.14
N GLU A 95 -10.00 3.17 -3.13
CA GLU A 95 -10.47 1.80 -2.93
C GLU A 95 -9.91 0.89 -4.03
N PHE A 96 -9.12 -0.10 -3.62
CA PHE A 96 -8.51 -1.03 -4.57
C PHE A 96 -8.59 -2.47 -4.08
N ASP A 97 -8.17 -3.39 -4.94
CA ASP A 97 -8.18 -4.81 -4.59
C ASP A 97 -6.85 -5.23 -3.97
N VAL A 98 -6.88 -6.29 -3.17
CA VAL A 98 -5.67 -6.76 -2.52
C VAL A 98 -5.18 -8.08 -3.12
N ALA A 99 -4.13 -8.00 -3.92
CA ALA A 99 -3.55 -9.18 -4.56
C ALA A 99 -2.24 -8.83 -5.26
N GLU A 100 -1.13 -9.06 -4.57
CA GLU A 100 0.19 -8.75 -5.13
C GLU A 100 0.95 -10.01 -5.52
N SER A 101 0.21 -11.11 -5.71
CA SER A 101 0.81 -12.40 -6.09
C SER A 101 1.27 -13.19 -4.89
N VAL A 102 0.34 -13.92 -4.29
CA VAL A 102 0.63 -14.76 -3.15
C VAL A 102 0.48 -16.22 -3.55
N ILE A 103 1.36 -17.08 -3.05
CA ILE A 103 1.30 -18.49 -3.39
C ILE A 103 1.15 -19.36 -2.14
N PRO A 104 -0.07 -19.90 -1.91
CA PRO A 104 -0.36 -20.75 -0.75
C PRO A 104 -0.01 -22.22 -0.99
N SER A 105 0.07 -22.98 0.09
CA SER A 105 0.38 -24.41 -0.01
C SER A 105 0.11 -25.14 1.31
N SER A 106 -0.75 -24.56 2.15
CA SER A 106 -1.09 -25.16 3.44
C SER A 106 0.15 -25.42 4.28
N GLY A 107 0.26 -24.74 5.41
CA GLY A 107 1.40 -24.91 6.27
C GLY A 107 2.48 -23.89 6.00
N THR A 108 2.72 -23.62 4.72
CA THR A 108 3.73 -22.64 4.32
C THR A 108 3.16 -21.71 3.25
N PHE A 109 2.80 -20.50 3.66
CA PHE A 109 2.24 -19.51 2.75
C PHE A 109 3.27 -18.44 2.41
N HIS A 110 3.45 -18.15 1.13
CA HIS A 110 4.41 -17.16 0.69
C HIS A 110 3.68 -15.95 0.09
N VAL A 111 4.23 -14.77 0.30
CA VAL A 111 3.64 -13.54 -0.23
C VAL A 111 4.65 -12.80 -1.10
N LYS A 112 4.65 -13.13 -2.39
CA LYS A 112 5.58 -12.52 -3.34
C LYS A 112 5.05 -11.16 -3.79
N LEU A 113 5.67 -10.09 -3.30
CA LEU A 113 5.26 -8.74 -3.66
C LEU A 113 6.46 -7.88 -4.05
N PRO A 114 6.36 -7.12 -5.15
CA PRO A 114 7.44 -6.25 -5.61
C PRO A 114 7.65 -5.07 -4.68
N LYS A 115 8.88 -4.90 -4.21
CA LYS A 115 9.22 -3.82 -3.29
C LYS A 115 9.91 -2.68 -4.03
N LYS A 116 9.87 -1.50 -3.44
CA LYS A 116 10.49 -0.31 -4.02
C LYS A 116 11.91 -0.13 -3.51
N HIS A 117 12.54 0.96 -3.91
CA HIS A 117 13.90 1.25 -3.47
C HIS A 117 13.91 1.55 -1.97
N SER A 118 12.91 2.30 -1.51
CA SER A 118 12.81 2.65 -0.10
C SER A 118 11.69 3.67 0.13
N VAL A 119 10.45 3.25 -0.12
CA VAL A 119 9.31 4.12 0.06
C VAL A 119 8.46 3.68 1.26
N GLU A 120 7.57 4.56 1.72
CA GLU A 120 6.71 4.29 2.86
C GLU A 120 6.38 2.81 3.03
N LEU A 121 6.52 2.33 4.26
CA LEU A 121 6.25 0.94 4.60
C LEU A 121 5.96 0.81 6.10
N GLY A 122 4.68 0.70 6.44
CA GLY A 122 4.30 0.60 7.84
C GLY A 122 4.21 -0.83 8.34
N ILE A 123 5.24 -1.61 8.07
CA ILE A 123 5.29 -3.00 8.49
C ILE A 123 6.03 -3.13 9.83
N THR A 124 5.45 -3.91 10.75
CA THR A 124 6.07 -4.12 12.05
C THR A 124 6.23 -5.60 12.36
N ILE A 125 7.36 -5.95 12.96
CA ILE A 125 7.65 -7.35 13.30
C ILE A 125 7.68 -7.53 14.82
N SER A 126 7.61 -8.78 15.25
CA SER A 126 7.64 -9.09 16.68
C SER A 126 8.01 -10.55 16.91
N SER A 127 8.69 -10.82 18.01
CA SER A 127 9.11 -12.17 18.36
C SER A 127 8.12 -12.82 19.32
N PRO A 128 7.95 -14.15 19.22
CA PRO A 128 7.02 -14.89 20.09
C PRO A 128 7.26 -14.61 21.57
N SER A 129 8.49 -14.82 22.02
CA SER A 129 8.85 -14.59 23.42
C SER A 129 10.34 -14.30 23.55
N SER A 130 10.93 -13.71 22.51
CA SER A 130 12.35 -13.39 22.52
C SER A 130 13.20 -14.65 22.74
N ARG A 131 12.94 -15.66 21.92
CA ARG A 131 13.68 -16.92 22.02
C ARG A 131 15.02 -16.83 21.30
N LYS A 132 15.80 -17.90 21.36
CA LYS A 132 17.10 -17.95 20.71
C LYS A 132 17.00 -17.59 19.24
N PRO A 133 18.10 -17.12 18.63
CA PRO A 133 18.13 -16.74 17.21
C PRO A 133 17.68 -17.88 16.31
N GLY A 134 16.37 -17.98 16.09
CA GLY A 134 15.84 -19.04 15.24
C GLY A 134 14.33 -19.11 15.29
N ASP A 135 13.77 -18.81 16.46
CA ASP A 135 12.32 -18.84 16.64
C ASP A 135 11.60 -18.01 15.58
N PRO A 136 10.45 -18.49 15.08
CA PRO A 136 9.68 -17.77 14.05
C PRO A 136 9.32 -16.35 14.49
N LEU A 137 8.91 -15.53 13.54
CA LEU A 137 8.53 -14.15 13.83
C LEU A 137 7.05 -13.93 13.55
N VAL A 138 6.59 -12.70 13.74
CA VAL A 138 5.19 -12.37 13.51
C VAL A 138 4.99 -10.86 13.36
N ILE A 139 3.94 -10.48 12.64
CA ILE A 139 3.63 -9.08 12.42
C ILE A 139 3.14 -8.43 13.71
N SER A 140 3.43 -7.14 13.89
CA SER A 140 3.01 -6.43 15.10
C SER A 140 2.27 -5.14 14.77
N ASP A 141 2.16 -4.81 13.48
CA ASP A 141 1.48 -3.59 13.06
C ASP A 141 1.66 -3.37 11.56
N ILE A 142 0.58 -3.01 10.88
CA ILE A 142 0.63 -2.77 9.45
C ILE A 142 -0.17 -1.54 9.07
N LYS A 143 0.40 -0.72 8.19
CA LYS A 143 -0.26 0.50 7.73
C LYS A 143 -0.75 0.34 6.29
N LYS A 144 -1.82 1.04 5.95
CA LYS A 144 -2.38 0.97 4.61
C LYS A 144 -1.68 1.94 3.67
N GLY A 145 -0.41 1.66 3.41
CA GLY A 145 0.37 2.51 2.52
C GLY A 145 1.61 1.81 2.00
N SER A 146 1.53 0.50 1.88
CA SER A 146 2.66 -0.29 1.40
C SER A 146 2.18 -1.60 0.76
N VAL A 147 2.82 -1.97 -0.34
CA VAL A 147 2.48 -3.19 -1.06
C VAL A 147 2.37 -4.41 -0.13
N ALA A 148 3.05 -4.35 1.00
CA ALA A 148 3.04 -5.46 1.96
C ALA A 148 1.63 -5.99 2.23
N HIS A 149 0.82 -5.20 2.94
CA HIS A 149 -0.54 -5.62 3.26
C HIS A 149 -1.46 -5.46 2.05
N ARG A 150 -1.10 -4.56 1.15
CA ARG A 150 -1.90 -4.33 -0.04
C ARG A 150 -2.09 -5.61 -0.83
N THR A 151 -1.11 -6.51 -0.75
CA THR A 151 -1.17 -7.78 -1.45
C THR A 151 -2.34 -8.62 -0.96
N GLY A 152 -2.78 -8.35 0.28
CA GLY A 152 -3.89 -9.09 0.85
C GLY A 152 -3.49 -10.43 1.42
N THR A 153 -2.77 -10.41 2.53
CA THR A 153 -2.31 -11.63 3.18
C THR A 153 -1.67 -11.34 4.53
N LEU A 154 -0.86 -10.29 4.58
CA LEU A 154 -0.19 -9.91 5.81
C LEU A 154 -1.20 -9.60 6.91
N GLU A 155 -1.42 -10.56 7.81
CA GLU A 155 -2.35 -10.38 8.91
C GLU A 155 -1.70 -10.72 10.25
N LEU A 156 -2.01 -9.93 11.26
CA LEU A 156 -1.45 -10.14 12.59
C LEU A 156 -1.82 -11.52 13.12
N GLY A 157 -0.87 -12.45 13.06
CA GLY A 157 -1.11 -13.80 13.53
C GLY A 157 -0.33 -14.84 12.75
N ASP A 158 0.13 -14.48 11.56
CA ASP A 158 0.89 -15.39 10.72
C ASP A 158 2.29 -15.59 11.28
N LYS A 159 2.73 -16.86 11.33
CA LYS A 159 4.05 -17.18 11.85
C LYS A 159 5.11 -17.10 10.75
N LEU A 160 5.90 -16.03 10.76
CA LEU A 160 6.95 -15.84 9.77
C LEU A 160 8.08 -16.83 9.98
N LEU A 161 8.59 -17.38 8.88
CA LEU A 161 9.67 -18.34 8.94
C LEU A 161 10.75 -18.03 7.89
N ALA A 162 10.32 -17.64 6.70
CA ALA A 162 11.25 -17.31 5.63
C ALA A 162 10.93 -15.95 5.01
N ILE A 163 11.95 -15.26 4.52
CA ILE A 163 11.78 -13.96 3.90
C ILE A 163 12.66 -13.81 2.66
N ASP A 164 12.04 -13.71 1.50
CA ASP A 164 12.76 -13.56 0.24
C ASP A 164 13.90 -14.57 0.15
N ASN A 165 13.56 -15.85 0.29
CA ASN A 165 14.54 -16.94 0.22
C ASN A 165 15.22 -17.18 1.57
N ILE A 166 15.45 -16.10 2.31
CA ILE A 166 16.08 -16.20 3.62
C ILE A 166 15.17 -16.92 4.60
N ARG A 167 15.75 -17.46 5.67
CA ARG A 167 14.98 -18.17 6.67
C ARG A 167 15.35 -17.78 8.09
N LEU A 168 14.35 -17.45 8.88
CA LEU A 168 14.55 -17.09 10.27
C LEU A 168 14.86 -18.35 11.07
N ASP A 169 14.75 -19.51 10.42
CA ASP A 169 15.01 -20.79 11.07
C ASP A 169 16.30 -20.73 11.90
N SER A 170 17.32 -20.09 11.35
CA SER A 170 18.59 -19.93 12.04
C SER A 170 18.90 -18.47 12.34
N CYS A 171 18.21 -17.57 11.66
CA CYS A 171 18.41 -16.15 11.85
C CYS A 171 17.64 -15.65 13.06
N SER A 172 17.59 -14.33 13.23
CA SER A 172 16.89 -13.72 14.35
C SER A 172 15.78 -12.79 13.86
N MET A 173 15.11 -12.13 14.80
CA MET A 173 14.04 -11.20 14.47
C MET A 173 14.58 -9.95 13.77
N GLU A 174 15.50 -9.27 14.44
CA GLU A 174 16.10 -8.06 13.89
C GLU A 174 16.70 -8.33 12.52
N ASP A 175 17.15 -9.55 12.32
CA ASP A 175 17.74 -9.95 11.05
C ASP A 175 16.69 -9.87 9.95
N ALA A 176 15.52 -10.44 10.21
CA ALA A 176 14.44 -10.42 9.25
C ALA A 176 14.08 -8.99 8.88
N VAL A 177 14.11 -8.10 9.89
CA VAL A 177 13.82 -6.70 9.66
C VAL A 177 14.82 -6.12 8.67
N GLN A 178 16.08 -6.50 8.82
CA GLN A 178 17.13 -6.05 7.94
C GLN A 178 16.82 -6.42 6.50
N ILE A 179 16.48 -7.69 6.29
CA ILE A 179 16.12 -8.16 4.97
C ILE A 179 14.78 -7.56 4.57
N LEU A 180 13.99 -7.20 5.58
CA LEU A 180 12.68 -6.59 5.36
C LEU A 180 12.83 -5.31 4.54
N GLN A 181 13.89 -4.58 4.81
CA GLN A 181 14.18 -3.35 4.12
C GLN A 181 15.17 -3.60 2.98
N GLN A 182 16.10 -4.52 3.23
CA GLN A 182 17.09 -4.88 2.24
C GLN A 182 16.43 -5.51 1.01
N CYS A 183 15.18 -5.93 1.18
CA CYS A 183 14.43 -6.53 0.10
C CYS A 183 13.74 -5.44 -0.73
N GLU A 184 14.46 -4.35 -0.98
CA GLU A 184 13.94 -3.23 -1.75
C GLU A 184 13.86 -3.57 -3.23
N ASP A 185 13.06 -4.57 -3.54
CA ASP A 185 12.87 -5.01 -4.92
C ASP A 185 11.80 -6.08 -5.02
N LEU A 186 11.65 -6.87 -3.97
CA LEU A 186 10.66 -7.93 -3.94
C LEU A 186 10.77 -8.72 -2.64
N VAL A 187 9.79 -8.56 -1.77
CA VAL A 187 9.78 -9.26 -0.49
C VAL A 187 8.80 -10.43 -0.49
N LYS A 188 9.31 -11.61 -0.14
CA LYS A 188 8.48 -12.81 -0.08
C LYS A 188 8.25 -13.20 1.38
N LEU A 189 7.04 -13.01 1.86
CA LEU A 189 6.70 -13.34 3.25
C LEU A 189 6.26 -14.80 3.39
N LYS A 190 7.12 -15.61 3.99
CA LYS A 190 6.83 -17.02 4.19
C LYS A 190 6.28 -17.26 5.60
N ILE A 191 4.96 -17.35 5.70
CA ILE A 191 4.32 -17.58 6.99
C ILE A 191 3.79 -19.01 7.09
N ARG A 192 3.32 -19.39 8.27
CA ARG A 192 2.81 -20.75 8.48
C ARG A 192 1.29 -20.74 8.65
N LYS A 193 0.63 -21.72 8.03
CA LYS A 193 -0.82 -21.83 8.12
C LYS A 193 -1.22 -23.15 8.77
N ASP A 194 -2.43 -23.20 9.33
CA ASP A 194 -2.94 -24.40 9.98
C ASP A 194 -4.31 -24.15 10.61
N GLU A 195 -5.32 -23.98 9.77
CA GLU A 195 -6.67 -23.73 10.23
C GLU A 195 -7.15 -24.86 11.14
N ASP A 196 -7.87 -24.50 12.20
CA ASP A 196 -8.38 -25.47 13.16
C ASP A 196 -9.38 -26.41 12.48
N GLN A 1 -7.97 -14.79 -11.45
CA GLN A 1 -7.66 -14.39 -10.08
C GLN A 1 -8.86 -13.74 -9.42
N VAL A 2 -9.28 -14.30 -8.28
CA VAL A 2 -10.42 -13.76 -7.54
C VAL A 2 -9.95 -12.87 -6.39
N VAL A 3 -10.65 -11.75 -6.19
CA VAL A 3 -10.31 -10.82 -5.13
C VAL A 3 -11.46 -9.86 -4.85
N HIS A 4 -11.50 -9.31 -3.63
CA HIS A 4 -12.54 -8.39 -3.23
C HIS A 4 -11.99 -6.97 -3.10
N THR A 5 -12.75 -6.00 -3.63
CA THR A 5 -12.34 -4.61 -3.58
C THR A 5 -12.05 -4.15 -2.15
N GLU A 6 -11.44 -2.98 -2.02
CA GLU A 6 -11.10 -2.44 -0.71
C GLU A 6 -10.80 -0.94 -0.82
N THR A 7 -10.94 -0.23 0.29
CA THR A 7 -10.69 1.21 0.32
C THR A 7 -9.47 1.54 1.18
N THR A 8 -8.77 2.61 0.81
CA THR A 8 -7.59 3.03 1.55
C THR A 8 -7.48 4.56 1.58
N GLU A 9 -6.63 5.07 2.46
CA GLU A 9 -6.44 6.51 2.58
C GLU A 9 -5.17 6.96 1.89
N VAL A 10 -5.10 8.25 1.55
CA VAL A 10 -3.93 8.80 0.89
C VAL A 10 -3.63 10.21 1.36
N VAL A 11 -2.37 10.56 1.29
CA VAL A 11 -1.91 11.88 1.70
C VAL A 11 -1.06 12.53 0.61
N LEU A 12 -1.60 13.59 0.00
CA LEU A 12 -0.89 14.30 -1.06
C LEU A 12 -0.46 15.68 -0.58
N THR A 13 0.84 15.92 -0.57
CA THR A 13 1.38 17.20 -0.13
C THR A 13 1.95 18.00 -1.30
N ALA A 14 2.10 19.30 -1.09
CA ALA A 14 2.64 20.18 -2.11
C ALA A 14 4.15 20.33 -1.97
N ASP A 15 4.89 19.82 -2.95
CA ASP A 15 6.34 19.91 -2.93
C ASP A 15 6.81 21.17 -3.66
N PRO A 16 8.01 21.66 -3.33
CA PRO A 16 8.57 22.87 -3.96
C PRO A 16 9.09 22.63 -5.37
N VAL A 17 8.84 21.42 -5.91
CA VAL A 17 9.28 21.08 -7.25
C VAL A 17 8.11 21.03 -8.21
N THR A 18 7.04 20.36 -7.82
CA THR A 18 5.86 20.24 -8.68
C THR A 18 4.56 20.22 -7.87
N GLY A 19 4.65 20.42 -6.56
CA GLY A 19 3.46 20.41 -5.74
C GLY A 19 2.82 19.04 -5.66
N PHE A 20 2.09 18.66 -6.70
CA PHE A 20 1.43 17.37 -6.75
C PHE A 20 1.69 16.70 -8.09
N GLY A 21 2.43 15.58 -8.06
CA GLY A 21 2.77 14.87 -9.28
C GLY A 21 1.61 14.09 -9.88
N ILE A 22 0.46 14.10 -9.23
CA ILE A 22 -0.70 13.38 -9.71
C ILE A 22 -1.61 14.25 -10.57
N GLN A 23 -2.06 13.68 -11.68
CA GLN A 23 -2.95 14.37 -12.60
C GLN A 23 -4.30 13.67 -12.61
N LEU A 24 -5.35 14.39 -12.25
CA LEU A 24 -6.69 13.80 -12.18
C LEU A 24 -7.47 14.03 -13.46
N GLN A 25 -8.16 12.99 -13.91
CA GLN A 25 -8.97 13.05 -15.11
C GLN A 25 -10.44 12.88 -14.76
N GLY A 26 -11.31 13.13 -15.73
CA GLY A 26 -12.74 13.01 -15.51
C GLY A 26 -13.50 12.68 -16.77
N SER A 27 -13.24 11.50 -17.32
CA SER A 27 -13.92 11.07 -18.53
C SER A 27 -13.80 9.56 -18.71
N VAL A 28 -14.37 8.82 -17.77
CA VAL A 28 -14.35 7.38 -17.79
C VAL A 28 -15.50 6.84 -18.63
N PHE A 29 -16.70 7.00 -18.10
CA PHE A 29 -17.93 6.57 -18.75
C PHE A 29 -17.90 6.89 -20.24
N ALA A 30 -17.44 8.10 -20.56
CA ALA A 30 -17.37 8.55 -21.94
C ALA A 30 -18.72 8.44 -22.62
N THR A 31 -19.61 9.38 -22.29
CA THR A 31 -20.96 9.42 -22.83
C THR A 31 -21.79 10.46 -22.08
N GLU A 32 -23.10 10.40 -22.23
CA GLU A 32 -24.00 11.33 -21.55
C GLU A 32 -23.63 11.46 -20.07
N THR A 33 -24.20 12.46 -19.41
CA THR A 33 -23.92 12.69 -17.99
C THR A 33 -22.42 12.62 -17.69
N LEU A 34 -22.07 12.40 -16.43
CA LEU A 34 -20.69 12.30 -16.03
C LEU A 34 -20.52 11.35 -14.86
N SER A 35 -20.69 11.88 -13.66
CA SER A 35 -20.55 11.10 -12.43
C SER A 35 -19.19 10.42 -12.36
N SER A 36 -18.27 10.85 -13.20
CA SER A 36 -16.92 10.28 -13.22
C SER A 36 -16.10 10.78 -12.04
N PRO A 37 -15.73 9.88 -11.11
CA PRO A 37 -14.92 10.24 -9.95
C PRO A 37 -13.47 10.53 -10.34
N PRO A 38 -12.78 11.40 -9.58
CA PRO A 38 -11.39 11.76 -9.86
C PRO A 38 -10.52 10.53 -10.12
N LEU A 39 -10.08 10.37 -11.37
CA LEU A 39 -9.25 9.24 -11.74
C LEU A 39 -7.89 9.71 -12.28
N ILE A 40 -6.83 9.46 -11.52
CA ILE A 40 -5.50 9.88 -11.94
C ILE A 40 -5.14 9.29 -13.31
N SER A 41 -4.78 10.15 -14.23
CA SER A 41 -4.42 9.73 -15.58
C SER A 41 -2.89 9.63 -15.74
N TYR A 42 -2.17 10.10 -14.73
CA TYR A 42 -0.70 10.06 -14.77
C TYR A 42 -0.11 10.71 -13.52
N ILE A 43 0.94 10.09 -12.99
CA ILE A 43 1.63 10.60 -11.82
C ILE A 43 3.04 11.02 -12.22
N GLU A 44 3.75 11.71 -11.34
CA GLU A 44 5.11 12.15 -11.64
C GLU A 44 6.14 11.36 -10.85
N ALA A 45 7.34 11.24 -11.42
CA ALA A 45 8.42 10.51 -10.78
C ALA A 45 9.28 11.42 -9.92
N ASP A 46 8.63 12.26 -9.12
CA ASP A 46 9.32 13.19 -8.25
C ASP A 46 8.34 14.07 -7.49
N SER A 47 7.29 13.44 -6.97
CA SER A 47 6.26 14.17 -6.22
C SER A 47 5.76 13.34 -5.04
N PRO A 48 5.49 13.99 -3.90
CA PRO A 48 5.01 13.30 -2.69
C PRO A 48 3.67 12.60 -2.91
N ALA A 49 3.01 12.90 -4.03
CA ALA A 49 1.72 12.27 -4.33
C ALA A 49 1.91 10.78 -4.55
N GLU A 50 2.78 10.44 -5.50
CA GLU A 50 3.06 9.05 -5.80
C GLU A 50 4.03 8.48 -4.76
N ARG A 51 4.88 9.36 -4.22
CA ARG A 51 5.86 8.96 -3.22
C ARG A 51 5.19 8.58 -1.91
N CYS A 52 3.96 9.05 -1.70
CA CYS A 52 3.22 8.76 -0.48
C CYS A 52 3.28 7.27 -0.14
N GLY A 53 3.41 6.44 -1.17
CA GLY A 53 3.48 5.00 -0.95
C GLY A 53 2.12 4.38 -0.73
N VAL A 54 1.08 5.02 -1.24
CA VAL A 54 -0.28 4.53 -1.10
C VAL A 54 -1.16 4.99 -2.26
N LEU A 55 -0.59 5.02 -3.46
CA LEU A 55 -1.33 5.46 -4.63
C LEU A 55 -0.95 4.63 -5.87
N GLN A 56 -1.68 4.86 -6.96
CA GLN A 56 -1.45 4.15 -8.20
C GLN A 56 -2.14 4.86 -9.37
N ILE A 57 -1.58 4.75 -10.56
CA ILE A 57 -2.15 5.38 -11.73
C ILE A 57 -3.57 4.92 -11.98
N GLY A 58 -4.53 5.74 -11.54
CA GLY A 58 -5.93 5.41 -11.72
C GLY A 58 -6.52 4.74 -10.49
N ASP A 59 -6.14 5.24 -9.31
CA ASP A 59 -6.63 4.70 -8.05
C ASP A 59 -8.06 5.17 -7.75
N ARG A 60 -8.51 6.19 -8.47
CA ARG A 60 -9.84 6.73 -8.27
C ARG A 60 -10.00 7.31 -6.88
N VAL A 61 -10.62 8.48 -6.79
CA VAL A 61 -10.83 9.14 -5.51
C VAL A 61 -12.31 9.23 -5.17
N MET A 62 -12.61 9.26 -3.87
CA MET A 62 -13.99 9.34 -3.41
C MET A 62 -14.24 10.67 -2.69
N ALA A 63 -13.23 11.16 -2.00
CA ALA A 63 -13.35 12.42 -1.27
C ALA A 63 -12.00 13.15 -1.22
N ILE A 64 -12.04 14.47 -1.32
CA ILE A 64 -10.83 15.28 -1.29
C ILE A 64 -10.95 16.39 -0.25
N ASN A 65 -10.17 16.29 0.82
CA ASN A 65 -10.19 17.29 1.87
C ASN A 65 -11.61 17.50 2.40
N GLY A 66 -12.46 16.48 2.25
CA GLY A 66 -13.82 16.57 2.71
C GLY A 66 -14.81 16.78 1.58
N ILE A 67 -14.32 17.28 0.45
CA ILE A 67 -15.15 17.54 -0.71
C ILE A 67 -15.50 16.23 -1.43
N PRO A 68 -16.80 16.00 -1.70
CA PRO A 68 -17.25 14.79 -2.40
C PRO A 68 -16.60 14.63 -3.76
N THR A 69 -17.22 13.83 -4.62
CA THR A 69 -16.69 13.59 -5.97
C THR A 69 -17.80 13.10 -6.90
N GLU A 70 -18.53 12.10 -6.46
CA GLU A 70 -19.62 11.53 -7.26
C GLU A 70 -20.84 12.46 -7.27
N ASP A 71 -20.80 13.50 -6.46
CA ASP A 71 -21.90 14.45 -6.38
C ASP A 71 -21.49 15.82 -6.94
N SER A 72 -20.83 15.79 -8.09
CA SER A 72 -20.38 17.01 -8.74
C SER A 72 -19.67 16.71 -10.05
N THR A 73 -19.30 17.76 -10.78
CA THR A 73 -18.62 17.60 -12.06
C THR A 73 -17.12 17.43 -11.85
N PHE A 74 -16.50 16.60 -12.69
CA PHE A 74 -15.06 16.35 -12.60
C PHE A 74 -14.27 17.65 -12.56
N GLU A 75 -14.84 18.69 -13.17
CA GLU A 75 -14.20 19.99 -13.22
C GLU A 75 -13.85 20.51 -11.82
N GLU A 76 -14.71 20.19 -10.85
CA GLU A 76 -14.48 20.63 -9.48
C GLU A 76 -13.22 19.97 -8.92
N ALA A 77 -12.98 18.72 -9.27
CA ALA A 77 -11.81 18.01 -8.81
C ALA A 77 -10.55 18.60 -9.44
N ASN A 78 -10.70 19.01 -10.69
CA ASN A 78 -9.61 19.60 -11.44
C ASN A 78 -9.28 20.99 -10.93
N GLN A 79 -10.32 21.78 -10.66
CA GLN A 79 -10.12 23.14 -10.17
C GLN A 79 -9.56 23.13 -8.75
N LEU A 80 -10.09 22.26 -7.90
CA LEU A 80 -9.61 22.18 -6.54
C LEU A 80 -8.17 21.71 -6.52
N LEU A 81 -7.80 20.87 -7.49
CA LEU A 81 -6.44 20.36 -7.58
C LEU A 81 -5.46 21.50 -7.82
N ARG A 82 -5.66 22.25 -8.90
CA ARG A 82 -4.78 23.37 -9.20
C ARG A 82 -4.66 24.27 -7.97
N ASP A 83 -5.74 24.30 -7.18
CA ASP A 83 -5.77 25.10 -5.97
C ASP A 83 -5.91 24.23 -4.74
N SER A 84 -5.26 23.06 -4.77
CA SER A 84 -5.31 22.13 -3.66
C SER A 84 -4.00 22.13 -2.88
N SER A 85 -3.17 23.14 -3.11
CA SER A 85 -1.88 23.23 -2.42
C SER A 85 -1.85 24.42 -1.44
N ILE A 86 -3.01 24.91 -1.07
CA ILE A 86 -3.12 26.02 -0.16
C ILE A 86 -2.57 25.63 1.20
N THR A 87 -2.98 24.46 1.65
CA THR A 87 -2.55 23.92 2.94
C THR A 87 -1.34 23.01 2.75
N SER A 88 -0.88 22.88 1.50
CA SER A 88 0.28 22.05 1.19
C SER A 88 0.00 20.60 1.53
N LYS A 89 -1.28 20.22 1.50
CA LYS A 89 -1.66 18.85 1.79
C LYS A 89 -3.11 18.60 1.37
N VAL A 90 -3.38 17.37 0.92
CA VAL A 90 -4.71 16.98 0.49
C VAL A 90 -4.96 15.50 0.76
N THR A 91 -5.85 15.21 1.69
CA THR A 91 -6.17 13.83 2.05
C THR A 91 -7.37 13.33 1.24
N LEU A 92 -7.25 12.13 0.68
CA LEU A 92 -8.32 11.55 -0.11
C LEU A 92 -8.43 10.05 0.12
N GLU A 93 -9.55 9.47 -0.31
CA GLU A 93 -9.79 8.04 -0.15
C GLU A 93 -9.92 7.37 -1.51
N ILE A 94 -9.29 6.21 -1.66
CA ILE A 94 -9.34 5.48 -2.92
C ILE A 94 -9.75 4.02 -2.72
N GLU A 95 -10.09 3.36 -3.81
CA GLU A 95 -10.51 1.96 -3.77
C GLU A 95 -9.71 1.13 -4.77
N PHE A 96 -9.39 -0.11 -4.39
CA PHE A 96 -8.63 -1.00 -5.24
C PHE A 96 -8.78 -2.46 -4.81
N ASP A 97 -8.22 -3.37 -5.60
CA ASP A 97 -8.27 -4.79 -5.28
C ASP A 97 -7.10 -5.20 -4.40
N VAL A 98 -7.30 -6.21 -3.56
CA VAL A 98 -6.24 -6.67 -2.67
C VAL A 98 -5.59 -7.95 -3.20
N ALA A 99 -4.37 -7.79 -3.73
CA ALA A 99 -3.62 -8.91 -4.28
C ALA A 99 -2.18 -8.50 -4.55
N GLU A 100 -1.24 -9.31 -4.08
CA GLU A 100 0.18 -9.02 -4.27
C GLU A 100 0.94 -10.23 -4.82
N SER A 101 0.21 -11.29 -5.16
CA SER A 101 0.83 -12.50 -5.69
C SER A 101 1.41 -13.36 -4.59
N VAL A 102 0.54 -13.98 -3.81
CA VAL A 102 0.93 -14.84 -2.73
C VAL A 102 0.88 -16.29 -3.18
N ILE A 103 1.76 -17.11 -2.65
CA ILE A 103 1.81 -18.52 -3.03
C ILE A 103 1.65 -19.44 -1.82
N PRO A 104 0.44 -20.01 -1.64
CA PRO A 104 0.15 -20.90 -0.50
C PRO A 104 0.49 -22.35 -0.81
N SER A 105 0.76 -23.12 0.24
CA SER A 105 1.09 -24.53 0.09
C SER A 105 0.94 -25.30 1.40
N SER A 106 0.09 -24.77 2.30
CA SER A 106 -0.14 -25.40 3.59
C SER A 106 1.16 -25.56 4.37
N GLY A 107 1.23 -24.91 5.53
CA GLY A 107 2.43 -24.98 6.34
C GLY A 107 3.39 -23.85 6.04
N THR A 108 3.62 -23.60 4.76
CA THR A 108 4.51 -22.53 4.34
C THR A 108 3.84 -21.62 3.31
N PHE A 109 3.39 -20.46 3.77
CA PHE A 109 2.72 -19.50 2.89
C PHE A 109 3.64 -18.32 2.62
N HIS A 110 4.02 -18.12 1.36
CA HIS A 110 4.91 -17.02 1.02
C HIS A 110 4.13 -15.85 0.44
N VAL A 111 4.59 -14.64 0.74
CA VAL A 111 3.96 -13.42 0.23
C VAL A 111 4.94 -12.65 -0.63
N LYS A 112 4.84 -12.84 -1.94
CA LYS A 112 5.74 -12.17 -2.88
C LYS A 112 5.28 -10.75 -3.16
N LEU A 113 5.90 -9.78 -2.48
CA LEU A 113 5.55 -8.37 -2.65
C LEU A 113 6.64 -7.61 -3.38
N PRO A 114 6.36 -7.10 -4.61
CA PRO A 114 7.34 -6.33 -5.37
C PRO A 114 7.77 -5.07 -4.63
N LYS A 115 9.00 -5.04 -4.16
CA LYS A 115 9.51 -3.89 -3.42
C LYS A 115 10.14 -2.86 -4.35
N LYS A 116 10.22 -1.63 -3.86
CA LYS A 116 10.80 -0.52 -4.63
C LYS A 116 11.96 0.10 -3.86
N HIS A 117 12.59 1.10 -4.47
CA HIS A 117 13.73 1.80 -3.86
C HIS A 117 13.48 2.07 -2.37
N SER A 118 12.69 3.10 -2.06
CA SER A 118 12.40 3.44 -0.68
C SER A 118 10.93 3.82 -0.49
N VAL A 119 10.13 2.85 -0.04
CA VAL A 119 8.71 3.08 0.19
C VAL A 119 8.24 2.30 1.43
N GLU A 120 7.35 2.91 2.21
CA GLU A 120 6.83 2.27 3.41
C GLU A 120 6.00 1.04 3.05
N LEU A 121 6.12 -0.01 3.86
CA LEU A 121 5.37 -1.24 3.61
C LEU A 121 4.09 -1.27 4.43
N GLY A 122 4.17 -0.83 5.69
CA GLY A 122 3.00 -0.81 6.54
C GLY A 122 2.86 -2.06 7.40
N ILE A 123 3.92 -2.86 7.47
CA ILE A 123 3.90 -4.08 8.27
C ILE A 123 4.82 -3.96 9.48
N THR A 124 4.37 -4.47 10.61
CA THR A 124 5.15 -4.43 11.84
C THR A 124 5.59 -5.82 12.24
N ILE A 125 6.82 -5.93 12.76
CA ILE A 125 7.36 -7.22 13.18
C ILE A 125 7.33 -7.35 14.70
N SER A 126 7.50 -8.59 15.17
CA SER A 126 7.49 -8.88 16.59
C SER A 126 8.17 -10.21 16.88
N SER A 127 8.61 -10.38 18.12
CA SER A 127 9.28 -11.63 18.52
C SER A 127 8.67 -12.18 19.80
N PRO A 128 7.89 -13.28 19.69
CA PRO A 128 7.24 -13.91 20.84
C PRO A 128 8.22 -14.16 21.99
N SER A 129 9.24 -14.98 21.72
CA SER A 129 10.24 -15.30 22.73
C SER A 129 11.32 -14.21 22.79
N SER A 130 12.12 -14.13 21.74
CA SER A 130 13.19 -13.13 21.67
C SER A 130 14.14 -13.27 22.85
N ARG A 131 14.29 -14.49 23.35
CA ARG A 131 15.18 -14.75 24.48
C ARG A 131 16.10 -15.93 24.19
N LYS A 132 16.66 -15.95 22.98
CA LYS A 132 17.57 -17.02 22.57
C LYS A 132 17.95 -16.88 21.10
N PRO A 133 19.22 -17.11 20.75
CA PRO A 133 19.69 -17.01 19.36
C PRO A 133 18.85 -17.85 18.41
N GLY A 134 18.02 -17.19 17.61
CA GLY A 134 17.17 -17.89 16.66
C GLY A 134 15.70 -17.71 16.94
N ASP A 135 15.35 -16.63 17.64
CA ASP A 135 13.96 -16.35 17.97
C ASP A 135 13.09 -16.31 16.72
N PRO A 136 11.81 -16.70 16.84
CA PRO A 136 10.87 -16.72 15.72
C PRO A 136 10.46 -15.31 15.29
N LEU A 137 9.74 -15.23 14.17
CA LEU A 137 9.27 -13.95 13.65
C LEU A 137 7.76 -13.95 13.48
N VAL A 138 7.13 -12.82 13.79
CA VAL A 138 5.68 -12.71 13.66
C VAL A 138 5.25 -11.25 13.49
N ILE A 139 4.17 -11.04 12.75
CA ILE A 139 3.64 -9.70 12.52
C ILE A 139 3.10 -9.09 13.82
N SER A 140 3.13 -7.77 13.91
CA SER A 140 2.65 -7.08 15.10
C SER A 140 1.70 -5.94 14.75
N ASP A 141 1.56 -5.64 13.46
CA ASP A 141 0.68 -4.57 13.01
C ASP A 141 0.71 -4.41 11.49
N ILE A 142 -0.42 -4.00 10.94
CA ILE A 142 -0.57 -3.81 9.51
C ILE A 142 -1.37 -2.54 9.22
N LYS A 143 -1.09 -1.89 8.10
CA LYS A 143 -1.80 -0.67 7.72
C LYS A 143 -2.12 -0.64 6.24
N LYS A 144 -3.29 -0.08 5.91
CA LYS A 144 -3.72 0.01 4.52
C LYS A 144 -3.00 1.16 3.81
N GLY A 145 -1.72 0.97 3.53
CA GLY A 145 -0.95 1.99 2.86
C GLY A 145 -0.11 1.42 1.73
N SER A 146 0.55 0.29 2.00
CA SER A 146 1.38 -0.36 0.99
C SER A 146 0.85 -1.74 0.63
N VAL A 147 1.51 -2.38 -0.33
CA VAL A 147 1.13 -3.71 -0.80
C VAL A 147 1.03 -4.72 0.34
N ALA A 148 1.69 -4.43 1.46
CA ALA A 148 1.70 -5.32 2.62
C ALA A 148 0.31 -5.91 2.91
N HIS A 149 -0.61 -5.07 3.36
CA HIS A 149 -1.96 -5.52 3.69
C HIS A 149 -2.72 -5.92 2.42
N ARG A 150 -2.35 -5.31 1.30
CA ARG A 150 -3.00 -5.60 0.03
C ARG A 150 -2.89 -7.07 -0.34
N THR A 151 -1.80 -7.71 0.11
CA THR A 151 -1.57 -9.12 -0.18
C THR A 151 -2.82 -9.96 0.05
N GLY A 152 -3.67 -9.51 0.98
CA GLY A 152 -4.89 -10.23 1.28
C GLY A 152 -4.64 -11.58 1.91
N THR A 153 -3.94 -11.59 3.04
CA THR A 153 -3.63 -12.83 3.73
C THR A 153 -2.85 -12.55 5.02
N LEU A 154 -1.97 -11.56 4.97
CA LEU A 154 -1.16 -11.19 6.13
C LEU A 154 -2.04 -10.94 7.36
N GLU A 155 -2.22 -11.98 8.16
CA GLU A 155 -3.05 -11.88 9.37
C GLU A 155 -2.17 -11.77 10.61
N LEU A 156 -2.66 -11.03 11.61
CA LEU A 156 -1.91 -10.84 12.84
C LEU A 156 -1.85 -12.15 13.65
N GLY A 157 -0.89 -12.99 13.32
CA GLY A 157 -0.75 -14.26 14.02
C GLY A 157 -0.12 -15.33 13.15
N ASP A 158 0.91 -14.97 12.41
CA ASP A 158 1.59 -15.91 11.53
C ASP A 158 3.06 -16.05 11.93
N LYS A 159 3.61 -17.24 11.78
CA LYS A 159 5.00 -17.49 12.15
C LYS A 159 5.91 -17.42 10.93
N LEU A 160 6.81 -16.44 10.91
CA LEU A 160 7.74 -16.25 9.81
C LEU A 160 9.00 -17.08 10.01
N LEU A 161 9.44 -17.76 8.96
CA LEU A 161 10.64 -18.60 9.03
C LEU A 161 11.73 -18.10 8.09
N ALA A 162 11.32 -17.44 7.00
CA ALA A 162 12.28 -16.92 6.04
C ALA A 162 11.78 -15.64 5.38
N ILE A 163 12.69 -14.91 4.77
CA ILE A 163 12.36 -13.65 4.10
C ILE A 163 13.12 -13.52 2.79
N ASP A 164 12.39 -13.61 1.67
CA ASP A 164 13.00 -13.49 0.35
C ASP A 164 13.99 -14.63 0.09
N ASN A 165 15.20 -14.48 0.63
CA ASN A 165 16.24 -15.49 0.44
C ASN A 165 16.85 -15.93 1.76
N ILE A 166 16.76 -15.08 2.79
CA ILE A 166 17.31 -15.40 4.10
C ILE A 166 16.31 -16.17 4.95
N ARG A 167 16.82 -16.89 5.94
CA ARG A 167 15.96 -17.68 6.82
C ARG A 167 16.19 -17.35 8.27
N LEU A 168 15.10 -17.09 8.98
CA LEU A 168 15.17 -16.80 10.41
C LEU A 168 15.49 -18.08 11.17
N ASP A 169 15.52 -19.21 10.45
CA ASP A 169 15.82 -20.50 11.07
C ASP A 169 17.03 -20.39 11.99
N SER A 170 18.05 -19.67 11.54
CA SER A 170 19.26 -19.48 12.33
C SER A 170 19.45 -18.01 12.71
N CYS A 171 18.79 -17.13 11.97
CA CYS A 171 18.89 -15.70 12.20
C CYS A 171 17.96 -15.27 13.33
N SER A 172 17.90 -13.97 13.58
CA SER A 172 17.06 -13.43 14.64
C SER A 172 15.99 -12.48 14.06
N MET A 173 15.22 -11.86 14.95
CA MET A 173 14.18 -10.93 14.52
C MET A 173 14.78 -9.73 13.81
N GLU A 174 15.71 -9.05 14.48
CA GLU A 174 16.36 -7.89 13.91
C GLU A 174 16.91 -8.19 12.53
N ASP A 175 17.28 -9.44 12.31
CA ASP A 175 17.80 -9.86 11.03
C ASP A 175 16.72 -9.72 9.96
N ALA A 176 15.57 -10.32 10.20
CA ALA A 176 14.47 -10.22 9.26
C ALA A 176 14.18 -8.76 8.93
N VAL A 177 14.41 -7.90 9.91
CA VAL A 177 14.18 -6.47 9.73
C VAL A 177 15.13 -5.88 8.69
N GLN A 178 16.43 -6.20 8.81
CA GLN A 178 17.40 -5.67 7.87
C GLN A 178 17.22 -6.31 6.50
N ILE A 179 16.80 -7.57 6.46
CA ILE A 179 16.54 -8.22 5.20
C ILE A 179 15.23 -7.69 4.65
N LEU A 180 14.36 -7.24 5.57
CA LEU A 180 13.06 -6.68 5.20
C LEU A 180 13.25 -5.41 4.39
N GLN A 181 14.23 -4.60 4.81
CA GLN A 181 14.53 -3.35 4.13
C GLN A 181 15.50 -3.58 2.99
N GLN A 182 16.51 -4.41 3.24
CA GLN A 182 17.49 -4.75 2.23
C GLN A 182 16.83 -5.41 1.04
N CYS A 183 15.62 -5.91 1.25
CA CYS A 183 14.87 -6.56 0.18
C CYS A 183 14.09 -5.52 -0.62
N GLU A 184 14.74 -4.39 -0.90
CA GLU A 184 14.12 -3.31 -1.65
C GLU A 184 14.00 -3.66 -3.13
N ASP A 185 13.24 -4.70 -3.40
CA ASP A 185 13.04 -5.16 -4.77
C ASP A 185 11.96 -6.23 -4.82
N LEU A 186 11.90 -7.02 -3.78
CA LEU A 186 10.93 -8.10 -3.69
C LEU A 186 11.13 -8.89 -2.39
N VAL A 187 10.21 -8.70 -1.45
CA VAL A 187 10.28 -9.38 -0.17
C VAL A 187 9.31 -10.55 -0.10
N LYS A 188 9.84 -11.74 0.14
CA LYS A 188 9.01 -12.94 0.24
C LYS A 188 8.80 -13.30 1.71
N LEU A 189 7.59 -13.08 2.20
CA LEU A 189 7.27 -13.37 3.59
C LEU A 189 6.86 -14.82 3.76
N LYS A 190 7.76 -15.63 4.31
CA LYS A 190 7.50 -17.04 4.52
C LYS A 190 6.87 -17.27 5.90
N ILE A 191 5.55 -17.30 5.94
CA ILE A 191 4.84 -17.52 7.19
C ILE A 191 4.34 -18.95 7.31
N ARG A 192 3.82 -19.31 8.48
CA ARG A 192 3.31 -20.66 8.72
C ARG A 192 1.79 -20.70 8.55
N LYS A 193 1.31 -21.70 7.82
CA LYS A 193 -0.12 -21.85 7.59
C LYS A 193 -0.59 -23.25 8.01
N ASP A 194 -1.90 -23.38 8.26
CA ASP A 194 -2.48 -24.65 8.67
C ASP A 194 -1.79 -25.18 9.92
N GLU A 195 -1.57 -24.29 10.89
CA GLU A 195 -0.93 -24.66 12.14
C GLU A 195 -1.85 -25.51 13.01
N ASP A 196 -1.26 -26.40 13.79
CA ASP A 196 -2.03 -27.26 14.68
C ASP A 196 -2.85 -26.45 15.66
N GLN A 1 -8.65 -13.27 -11.79
CA GLN A 1 -8.39 -13.16 -10.36
C GLN A 1 -9.66 -12.76 -9.61
N VAL A 2 -9.70 -13.06 -8.32
CA VAL A 2 -10.85 -12.72 -7.49
C VAL A 2 -10.41 -12.28 -6.10
N VAL A 3 -10.89 -11.12 -5.67
CA VAL A 3 -10.55 -10.58 -4.37
C VAL A 3 -11.57 -9.56 -3.90
N HIS A 4 -11.53 -9.23 -2.61
CA HIS A 4 -12.47 -8.26 -2.03
C HIS A 4 -11.89 -6.85 -2.05
N THR A 5 -12.69 -5.89 -2.47
CA THR A 5 -12.26 -4.50 -2.54
C THR A 5 -12.02 -3.93 -1.14
N GLU A 6 -11.51 -2.71 -1.09
CA GLU A 6 -11.23 -2.04 0.17
C GLU A 6 -10.93 -0.56 -0.05
N THR A 7 -11.03 0.22 1.02
CA THR A 7 -10.75 1.66 0.94
C THR A 7 -9.81 2.10 2.05
N THR A 8 -8.95 3.07 1.74
CA THR A 8 -7.99 3.57 2.72
C THR A 8 -7.86 5.10 2.61
N GLU A 9 -6.91 5.66 3.36
CA GLU A 9 -6.68 7.09 3.35
C GLU A 9 -5.45 7.44 2.53
N VAL A 10 -5.35 8.70 2.11
CA VAL A 10 -4.21 9.16 1.32
C VAL A 10 -3.87 10.61 1.65
N VAL A 11 -2.59 10.94 1.53
CA VAL A 11 -2.12 12.30 1.80
C VAL A 11 -1.26 12.81 0.64
N LEU A 12 -1.75 13.83 -0.05
CA LEU A 12 -1.03 14.41 -1.17
C LEU A 12 -0.53 15.81 -0.82
N THR A 13 0.79 15.99 -0.83
CA THR A 13 1.39 17.27 -0.51
C THR A 13 2.01 17.93 -1.72
N ALA A 14 2.23 19.24 -1.61
CA ALA A 14 2.83 20.02 -2.69
C ALA A 14 4.30 20.33 -2.39
N ASP A 15 5.18 19.87 -3.27
CA ASP A 15 6.61 20.11 -3.12
C ASP A 15 7.01 21.43 -3.78
N PRO A 16 7.94 22.19 -3.16
CA PRO A 16 8.39 23.47 -3.70
C PRO A 16 9.11 23.34 -5.04
N VAL A 17 9.16 22.13 -5.58
CA VAL A 17 9.82 21.88 -6.86
C VAL A 17 8.79 21.76 -7.97
N THR A 18 7.82 20.88 -7.79
CA THR A 18 6.78 20.67 -8.79
C THR A 18 5.41 20.44 -8.16
N GLY A 19 5.31 20.59 -6.84
CA GLY A 19 4.04 20.40 -6.17
C GLY A 19 3.60 18.95 -6.20
N PHE A 20 2.58 18.67 -7.01
CA PHE A 20 2.05 17.32 -7.15
C PHE A 20 2.47 16.75 -8.50
N GLY A 21 3.06 15.56 -8.48
CA GLY A 21 3.55 14.94 -9.70
C GLY A 21 2.55 14.02 -10.39
N ILE A 22 1.26 14.24 -10.16
CA ILE A 22 0.24 13.40 -10.80
C ILE A 22 -0.78 14.24 -11.56
N GLN A 23 -1.04 13.86 -12.81
CA GLN A 23 -2.02 14.54 -13.63
C GLN A 23 -3.33 13.78 -13.59
N LEU A 24 -4.36 14.42 -13.06
CA LEU A 24 -5.67 13.77 -12.93
C LEU A 24 -6.61 14.11 -14.07
N GLN A 25 -7.43 13.14 -14.44
CA GLN A 25 -8.40 13.30 -15.50
C GLN A 25 -9.80 13.01 -14.97
N GLY A 26 -10.82 13.32 -15.77
CA GLY A 26 -12.19 13.10 -15.33
C GLY A 26 -12.91 12.09 -16.20
N SER A 27 -12.81 12.26 -17.52
CA SER A 27 -13.47 11.36 -18.46
C SER A 27 -13.25 9.88 -18.10
N VAL A 28 -14.34 9.16 -17.92
CA VAL A 28 -14.29 7.76 -17.57
C VAL A 28 -15.36 6.97 -18.32
N PHE A 29 -16.56 6.98 -17.77
CA PHE A 29 -17.72 6.30 -18.35
C PHE A 29 -17.74 6.45 -19.88
N ALA A 30 -17.52 7.70 -20.32
CA ALA A 30 -17.52 8.01 -21.75
C ALA A 30 -18.79 7.51 -22.42
N THR A 31 -19.89 8.21 -22.15
CA THR A 31 -21.20 7.86 -22.72
C THR A 31 -22.31 8.59 -21.97
N GLU A 32 -22.67 9.78 -22.45
CA GLU A 32 -23.73 10.58 -21.83
C GLU A 32 -23.44 10.82 -20.35
N THR A 33 -24.29 11.61 -19.70
CA THR A 33 -24.14 11.94 -18.29
C THR A 33 -22.69 12.29 -17.95
N LEU A 34 -22.37 12.26 -16.67
CA LEU A 34 -21.03 12.58 -16.22
C LEU A 34 -20.67 11.77 -14.96
N SER A 35 -20.74 12.40 -13.80
CA SER A 35 -20.41 11.74 -12.55
C SER A 35 -19.02 11.12 -12.59
N SER A 36 -18.21 11.58 -13.54
CA SER A 36 -16.85 11.07 -13.71
C SER A 36 -15.98 11.43 -12.49
N PRO A 37 -15.64 10.44 -11.65
CA PRO A 37 -14.82 10.66 -10.45
C PRO A 37 -13.36 10.91 -10.81
N PRO A 38 -12.55 11.39 -9.85
CA PRO A 38 -11.12 11.67 -10.07
C PRO A 38 -10.33 10.41 -10.40
N LEU A 39 -9.57 10.46 -11.49
CA LEU A 39 -8.77 9.30 -11.91
C LEU A 39 -7.46 9.72 -12.55
N ILE A 40 -6.37 9.65 -11.78
CA ILE A 40 -5.05 10.00 -12.30
C ILE A 40 -4.64 9.04 -13.40
N SER A 41 -3.73 9.49 -14.27
CA SER A 41 -3.28 8.64 -15.37
C SER A 41 -1.77 8.74 -15.61
N TYR A 42 -1.07 9.43 -14.72
CA TYR A 42 0.38 9.58 -14.87
C TYR A 42 1.00 10.35 -13.71
N ILE A 43 2.11 9.83 -13.20
CA ILE A 43 2.84 10.49 -12.13
C ILE A 43 4.05 11.21 -12.73
N GLU A 44 4.91 11.76 -11.88
CA GLU A 44 6.09 12.46 -12.39
C GLU A 44 7.36 11.89 -11.78
N ALA A 45 8.29 11.49 -12.65
CA ALA A 45 9.56 10.92 -12.21
C ALA A 45 10.27 11.81 -11.20
N ASP A 46 10.30 11.35 -9.95
CA ASP A 46 10.95 12.08 -8.88
C ASP A 46 10.00 13.11 -8.29
N SER A 47 8.77 12.69 -8.02
CA SER A 47 7.77 13.58 -7.46
C SER A 47 7.15 12.99 -6.20
N PRO A 48 6.65 13.85 -5.31
CA PRO A 48 6.02 13.40 -4.06
C PRO A 48 4.77 12.56 -4.30
N ALA A 49 4.29 12.56 -5.54
CA ALA A 49 3.10 11.81 -5.88
C ALA A 49 3.39 10.31 -5.89
N GLU A 50 4.36 9.92 -6.71
CA GLU A 50 4.74 8.51 -6.81
C GLU A 50 5.63 8.13 -5.63
N ARG A 51 6.37 9.11 -5.10
CA ARG A 51 7.27 8.88 -3.98
C ARG A 51 6.54 9.08 -2.64
N CYS A 52 5.31 9.58 -2.69
CA CYS A 52 4.52 9.82 -1.48
C CYS A 52 4.59 8.62 -0.53
N GLY A 53 4.39 7.43 -1.10
CA GLY A 53 4.41 6.21 -0.29
C GLY A 53 3.13 5.42 -0.41
N VAL A 54 2.04 6.11 -0.73
CA VAL A 54 0.74 5.47 -0.87
C VAL A 54 -0.02 6.04 -2.06
N LEU A 55 0.54 5.85 -3.26
CA LEU A 55 -0.08 6.35 -4.49
C LEU A 55 0.21 5.42 -5.67
N GLN A 56 -0.47 5.66 -6.78
CA GLN A 56 -0.28 4.86 -7.98
C GLN A 56 -0.88 5.56 -9.20
N ILE A 57 -0.45 5.13 -10.38
CA ILE A 57 -0.93 5.72 -11.62
C ILE A 57 -2.45 5.56 -11.76
N GLY A 58 -3.19 6.49 -11.16
CA GLY A 58 -4.64 6.44 -11.23
C GLY A 58 -5.26 5.80 -10.01
N ASP A 59 -5.59 6.63 -9.02
CA ASP A 59 -6.19 6.14 -7.78
C ASP A 59 -7.63 6.62 -7.66
N ARG A 60 -8.57 5.69 -7.69
CA ARG A 60 -9.99 6.02 -7.57
C ARG A 60 -10.26 6.82 -6.31
N VAL A 61 -10.32 8.14 -6.45
CA VAL A 61 -10.57 9.03 -5.32
C VAL A 61 -12.02 8.96 -4.89
N MET A 62 -12.26 8.47 -3.67
CA MET A 62 -13.61 8.35 -3.13
C MET A 62 -14.07 9.67 -2.53
N ALA A 63 -13.18 10.34 -1.81
CA ALA A 63 -13.50 11.61 -1.19
C ALA A 63 -12.25 12.47 -1.01
N ILE A 64 -12.43 13.78 -1.04
CA ILE A 64 -11.31 14.71 -0.88
C ILE A 64 -11.66 15.80 0.13
N ASN A 65 -10.87 15.87 1.20
CA ASN A 65 -11.10 16.86 2.25
C ASN A 65 -12.52 16.77 2.79
N GLY A 66 -13.15 15.61 2.63
CA GLY A 66 -14.50 15.43 3.11
C GLY A 66 -15.52 15.42 1.99
N ILE A 67 -15.15 16.01 0.85
CA ILE A 67 -16.04 16.06 -0.30
C ILE A 67 -16.21 14.68 -0.93
N PRO A 68 -17.46 14.24 -1.14
CA PRO A 68 -17.73 12.93 -1.75
C PRO A 68 -17.25 12.84 -3.19
N THR A 69 -17.25 13.98 -3.88
CA THR A 69 -16.81 14.06 -5.27
C THR A 69 -17.86 13.47 -6.21
N GLU A 70 -18.25 12.23 -5.97
CA GLU A 70 -19.24 11.56 -6.80
C GLU A 70 -20.62 12.21 -6.67
N ASP A 71 -20.78 13.05 -5.66
CA ASP A 71 -22.04 13.74 -5.42
C ASP A 71 -22.01 15.16 -5.99
N SER A 72 -21.49 15.28 -7.20
CA SER A 72 -21.39 16.57 -7.88
C SER A 72 -20.71 16.43 -9.23
N THR A 73 -20.49 17.56 -9.89
CA THR A 73 -19.84 17.56 -11.20
C THR A 73 -18.38 17.16 -11.07
N PHE A 74 -17.80 16.66 -12.17
CA PHE A 74 -16.40 16.24 -12.17
C PHE A 74 -15.47 17.45 -12.14
N GLU A 75 -15.92 18.55 -12.74
CA GLU A 75 -15.13 19.77 -12.80
C GLU A 75 -14.70 20.23 -11.41
N GLU A 76 -15.55 19.98 -10.42
CA GLU A 76 -15.25 20.36 -9.05
C GLU A 76 -14.05 19.58 -8.51
N ALA A 77 -13.95 18.32 -8.91
CA ALA A 77 -12.85 17.48 -8.47
C ALA A 77 -11.56 17.90 -9.14
N ASN A 78 -11.68 18.35 -10.38
CA ASN A 78 -10.54 18.80 -11.15
C ASN A 78 -10.07 20.16 -10.66
N GLN A 79 -11.00 20.98 -10.18
CA GLN A 79 -10.68 22.30 -9.69
C GLN A 79 -9.95 22.21 -8.34
N LEU A 80 -10.37 21.27 -7.50
CA LEU A 80 -9.75 21.10 -6.20
C LEU A 80 -8.34 20.53 -6.36
N LEU A 81 -8.18 19.61 -7.30
CA LEU A 81 -6.88 19.01 -7.57
C LEU A 81 -5.97 19.99 -8.27
N ARG A 82 -6.42 20.52 -9.40
CA ARG A 82 -5.64 21.49 -10.15
C ARG A 82 -5.20 22.61 -9.21
N ASP A 83 -6.03 22.87 -8.19
CA ASP A 83 -5.73 23.90 -7.22
C ASP A 83 -5.62 23.31 -5.82
N SER A 84 -5.04 22.10 -5.75
CA SER A 84 -4.85 21.42 -4.48
C SER A 84 -3.46 21.68 -3.90
N SER A 85 -2.88 22.82 -4.27
CA SER A 85 -1.54 23.16 -3.78
C SER A 85 -1.54 24.45 -2.99
N ILE A 86 -2.73 24.92 -2.63
CA ILE A 86 -2.88 26.13 -1.85
C ILE A 86 -2.39 25.92 -0.43
N THR A 87 -2.84 24.83 0.14
CA THR A 87 -2.48 24.45 1.49
C THR A 87 -1.25 23.55 1.49
N SER A 88 -0.76 23.21 0.30
CA SER A 88 0.40 22.36 0.15
C SER A 88 0.14 20.97 0.73
N LYS A 89 -1.13 20.58 0.73
CA LYS A 89 -1.51 19.27 1.26
C LYS A 89 -2.97 18.94 0.94
N VAL A 90 -3.28 17.65 0.88
CA VAL A 90 -4.63 17.20 0.59
C VAL A 90 -4.85 15.80 1.16
N THR A 91 -6.07 15.53 1.62
CA THR A 91 -6.41 14.24 2.18
C THR A 91 -7.59 13.62 1.45
N LEU A 92 -7.37 12.44 0.87
CA LEU A 92 -8.42 11.75 0.13
C LEU A 92 -8.35 10.24 0.37
N GLU A 93 -9.46 9.56 0.13
CA GLU A 93 -9.53 8.12 0.30
C GLU A 93 -9.53 7.42 -1.06
N ILE A 94 -8.92 6.25 -1.13
CA ILE A 94 -8.85 5.49 -2.37
C ILE A 94 -9.38 4.07 -2.20
N GLU A 95 -10.08 3.58 -3.22
CA GLU A 95 -10.64 2.24 -3.20
C GLU A 95 -9.86 1.31 -4.13
N PHE A 96 -9.45 0.17 -3.61
CA PHE A 96 -8.69 -0.79 -4.40
C PHE A 96 -8.88 -2.22 -3.88
N ASP A 97 -8.31 -3.18 -4.61
CA ASP A 97 -8.40 -4.58 -4.22
C ASP A 97 -7.14 -5.02 -3.49
N VAL A 98 -7.31 -5.75 -2.39
CA VAL A 98 -6.18 -6.22 -1.61
C VAL A 98 -5.48 -7.40 -2.30
N ALA A 99 -4.32 -7.13 -2.88
CA ALA A 99 -3.54 -8.16 -3.56
C ALA A 99 -2.28 -7.57 -4.18
N GLU A 100 -1.13 -8.13 -3.83
CA GLU A 100 0.14 -7.66 -4.34
C GLU A 100 1.04 -8.81 -4.76
N SER A 101 0.41 -9.89 -5.24
CA SER A 101 1.15 -11.07 -5.69
C SER A 101 1.53 -11.95 -4.50
N VAL A 102 0.65 -12.90 -4.19
CA VAL A 102 0.85 -13.82 -3.09
C VAL A 102 0.66 -15.25 -3.59
N ILE A 103 1.64 -16.10 -3.34
CA ILE A 103 1.59 -17.49 -3.78
C ILE A 103 1.41 -18.45 -2.61
N PRO A 104 0.16 -18.86 -2.33
CA PRO A 104 -0.15 -19.77 -1.24
C PRO A 104 0.04 -21.24 -1.61
N SER A 105 0.19 -22.09 -0.60
CA SER A 105 0.38 -23.51 -0.83
C SER A 105 0.13 -24.31 0.46
N SER A 106 -0.70 -23.77 1.34
CA SER A 106 -1.03 -24.43 2.60
C SER A 106 0.23 -24.68 3.41
N GLY A 107 0.33 -24.03 4.56
CA GLY A 107 1.50 -24.20 5.41
C GLY A 107 2.60 -23.22 5.06
N THR A 108 2.81 -22.99 3.78
CA THR A 108 3.84 -22.06 3.32
C THR A 108 3.26 -21.02 2.36
N PHE A 109 3.04 -19.81 2.87
CA PHE A 109 2.49 -18.72 2.06
C PHE A 109 3.56 -17.66 1.80
N HIS A 110 3.87 -17.43 0.53
CA HIS A 110 4.87 -16.44 0.18
C HIS A 110 4.22 -15.18 -0.39
N VAL A 111 4.47 -14.06 0.26
CA VAL A 111 3.90 -12.78 -0.19
C VAL A 111 4.94 -11.98 -0.97
N LYS A 112 4.90 -12.12 -2.30
CA LYS A 112 5.85 -11.41 -3.15
C LYS A 112 5.39 -9.97 -3.38
N LEU A 113 6.04 -9.03 -2.68
CA LEU A 113 5.70 -7.62 -2.80
C LEU A 113 6.86 -6.83 -3.39
N PRO A 114 6.62 -6.09 -4.49
CA PRO A 114 7.65 -5.27 -5.13
C PRO A 114 8.01 -4.05 -4.29
N LYS A 115 9.29 -3.94 -3.93
CA LYS A 115 9.75 -2.83 -3.11
C LYS A 115 10.26 -1.69 -3.98
N LYS A 116 10.31 -0.51 -3.40
CA LYS A 116 10.78 0.69 -4.10
C LYS A 116 12.14 1.13 -3.58
N HIS A 117 12.52 2.36 -3.91
CA HIS A 117 13.80 2.90 -3.46
C HIS A 117 13.79 3.15 -1.96
N SER A 118 12.66 3.62 -1.45
CA SER A 118 12.52 3.91 -0.03
C SER A 118 11.10 4.34 0.32
N VAL A 119 10.17 3.41 0.23
CA VAL A 119 8.77 3.70 0.55
C VAL A 119 8.36 3.06 1.86
N GLU A 120 7.49 3.74 2.61
CA GLU A 120 7.03 3.24 3.90
C GLU A 120 6.30 1.92 3.74
N LEU A 121 6.44 1.04 4.73
CA LEU A 121 5.80 -0.26 4.71
C LEU A 121 4.62 -0.29 5.68
N GLY A 122 4.92 -0.07 6.96
CA GLY A 122 3.88 -0.07 7.96
C GLY A 122 3.66 -1.43 8.61
N ILE A 123 4.65 -2.31 8.49
CA ILE A 123 4.55 -3.64 9.07
C ILE A 123 5.27 -3.71 10.41
N THR A 124 4.75 -4.52 11.32
CA THR A 124 5.34 -4.66 12.65
C THR A 124 5.62 -6.13 12.96
N ILE A 125 6.84 -6.42 13.37
CA ILE A 125 7.24 -7.79 13.69
C ILE A 125 7.27 -8.01 15.20
N SER A 126 7.28 -9.28 15.61
CA SER A 126 7.29 -9.62 17.03
C SER A 126 8.11 -10.88 17.27
N SER A 127 8.74 -10.96 18.43
CA SER A 127 9.56 -12.12 18.78
C SER A 127 8.77 -13.10 19.65
N PRO A 128 8.36 -14.25 19.07
CA PRO A 128 7.60 -15.26 19.81
C PRO A 128 8.49 -16.17 20.65
N SER A 129 7.91 -17.25 21.16
CA SER A 129 8.67 -18.20 21.98
C SER A 129 9.62 -19.01 21.12
N SER A 130 10.90 -18.63 21.13
CA SER A 130 11.91 -19.31 20.34
C SER A 130 11.90 -20.82 20.62
N ARG A 131 12.57 -21.22 21.70
CA ARG A 131 12.64 -22.63 22.06
C ARG A 131 13.42 -23.42 21.01
N LYS A 132 14.43 -22.77 20.45
CA LYS A 132 15.27 -23.39 19.43
C LYS A 132 16.35 -22.40 18.97
N PRO A 133 17.48 -22.91 18.46
CA PRO A 133 18.57 -22.06 17.97
C PRO A 133 18.20 -21.33 16.68
N GLY A 134 17.19 -20.47 16.76
CA GLY A 134 16.75 -19.72 15.60
C GLY A 134 15.71 -18.67 15.93
N ASP A 135 14.62 -19.09 16.57
CA ASP A 135 13.55 -18.17 16.94
C ASP A 135 12.87 -17.59 15.70
N PRO A 136 11.61 -18.00 15.44
CA PRO A 136 10.86 -17.51 14.27
C PRO A 136 10.44 -16.05 14.42
N LEU A 137 9.56 -15.60 13.54
CA LEU A 137 9.08 -14.22 13.56
C LEU A 137 7.55 -14.18 13.50
N VAL A 138 6.97 -13.09 14.00
CA VAL A 138 5.52 -12.91 13.99
C VAL A 138 5.13 -11.47 13.71
N ILE A 139 3.87 -11.27 13.32
CA ILE A 139 3.38 -9.93 13.04
C ILE A 139 2.81 -9.29 14.29
N SER A 140 2.81 -7.96 14.33
CA SER A 140 2.29 -7.24 15.49
C SER A 140 1.35 -6.12 15.09
N ASP A 141 1.45 -5.66 13.85
CA ASP A 141 0.61 -4.59 13.34
C ASP A 141 1.03 -4.19 11.93
N ILE A 142 0.03 -4.00 11.07
CA ILE A 142 0.29 -3.61 9.69
C ILE A 142 -0.44 -2.31 9.34
N LYS A 143 0.14 -1.53 8.43
CA LYS A 143 -0.45 -0.25 8.03
C LYS A 143 -1.07 -0.36 6.63
N LYS A 144 -1.90 0.61 6.29
CA LYS A 144 -2.56 0.63 4.98
C LYS A 144 -1.80 1.53 4.01
N GLY A 145 -2.11 1.41 2.73
CA GLY A 145 -1.45 2.22 1.72
C GLY A 145 -0.23 1.55 1.13
N SER A 146 0.44 0.72 1.93
CA SER A 146 1.64 0.03 1.46
C SER A 146 1.32 -1.40 1.01
N VAL A 147 2.10 -1.89 0.05
CA VAL A 147 1.92 -3.24 -0.48
C VAL A 147 1.89 -4.29 0.63
N ALA A 148 2.47 -3.95 1.79
CA ALA A 148 2.52 -4.87 2.92
C ALA A 148 1.15 -5.44 3.24
N HIS A 149 0.23 -4.58 3.64
CA HIS A 149 -1.12 -5.00 3.99
C HIS A 149 -1.99 -5.10 2.73
N ARG A 150 -1.60 -4.35 1.69
CA ARG A 150 -2.34 -4.35 0.43
C ARG A 150 -2.51 -5.77 -0.11
N THR A 151 -1.46 -6.58 0.02
CA THR A 151 -1.50 -7.96 -0.46
C THR A 151 -2.66 -8.72 0.17
N GLY A 152 -3.06 -8.31 1.37
CA GLY A 152 -4.15 -8.97 2.06
C GLY A 152 -3.69 -10.07 2.98
N THR A 153 -2.78 -10.90 2.49
CA THR A 153 -2.24 -12.01 3.28
C THR A 153 -1.62 -11.52 4.58
N LEU A 154 -1.20 -10.26 4.60
CA LEU A 154 -0.58 -9.68 5.78
C LEU A 154 -1.58 -9.66 6.94
N GLU A 155 -1.65 -10.78 7.67
CA GLU A 155 -2.56 -10.88 8.80
C GLU A 155 -1.79 -10.98 10.12
N LEU A 156 -2.50 -10.81 11.22
CA LEU A 156 -1.87 -10.88 12.55
C LEU A 156 -1.96 -12.28 13.11
N GLY A 157 -0.79 -12.90 13.32
CA GLY A 157 -0.75 -14.25 13.87
C GLY A 157 -0.13 -15.25 12.90
N ASP A 158 0.77 -14.77 12.06
CA ASP A 158 1.44 -15.64 11.09
C ASP A 158 2.86 -15.93 11.52
N LYS A 159 3.29 -17.18 11.36
CA LYS A 159 4.64 -17.59 11.73
C LYS A 159 5.60 -17.41 10.56
N LEU A 160 6.45 -16.39 10.63
CA LEU A 160 7.41 -16.12 9.58
C LEU A 160 8.51 -17.17 9.55
N LEU A 161 8.84 -17.65 8.36
CA LEU A 161 9.88 -18.65 8.20
C LEU A 161 11.00 -18.13 7.31
N ALA A 162 10.64 -17.61 6.14
CA ALA A 162 11.62 -17.07 5.20
C ALA A 162 11.24 -15.66 4.77
N ILE A 163 12.25 -14.90 4.33
CA ILE A 163 12.03 -13.53 3.88
C ILE A 163 12.85 -13.23 2.65
N ASP A 164 12.20 -13.15 1.50
CA ASP A 164 12.86 -12.86 0.24
C ASP A 164 13.77 -14.00 -0.17
N ASN A 165 14.84 -14.20 0.60
CA ASN A 165 15.81 -15.25 0.33
C ASN A 165 16.41 -15.81 1.62
N ILE A 166 16.40 -15.01 2.68
CA ILE A 166 16.97 -15.44 3.96
C ILE A 166 15.90 -16.04 4.86
N ARG A 167 16.26 -17.11 5.54
CA ARG A 167 15.34 -17.80 6.43
C ARG A 167 15.61 -17.46 7.89
N LEU A 168 14.59 -16.97 8.57
CA LEU A 168 14.70 -16.62 9.98
C LEU A 168 14.70 -17.88 10.83
N ASP A 169 14.49 -19.03 10.19
CA ASP A 169 14.47 -20.31 10.90
C ASP A 169 15.65 -20.42 11.85
N SER A 170 16.75 -19.74 11.51
CA SER A 170 17.94 -19.74 12.34
C SER A 170 18.49 -18.33 12.50
N CYS A 171 17.60 -17.36 12.73
CA CYS A 171 17.99 -15.98 12.90
C CYS A 171 17.05 -15.25 13.85
N SER A 172 17.56 -14.22 14.51
CA SER A 172 16.76 -13.45 15.45
C SER A 172 15.66 -12.65 14.75
N MET A 173 14.91 -11.87 15.53
CA MET A 173 13.84 -11.05 14.99
C MET A 173 14.37 -9.84 14.24
N GLU A 174 15.22 -9.06 14.90
CA GLU A 174 15.81 -7.88 14.29
C GLU A 174 16.44 -8.20 12.95
N ASP A 175 16.91 -9.43 12.83
CA ASP A 175 17.53 -9.89 11.60
C ASP A 175 16.54 -9.82 10.44
N ALA A 176 15.36 -10.41 10.65
CA ALA A 176 14.33 -10.40 9.63
C ALA A 176 13.98 -8.97 9.26
N VAL A 177 13.91 -8.10 10.25
CA VAL A 177 13.60 -6.70 10.03
C VAL A 177 14.69 -6.08 9.15
N GLN A 178 15.94 -6.47 9.41
CA GLN A 178 17.08 -5.98 8.66
C GLN A 178 16.92 -6.32 7.20
N ILE A 179 16.56 -7.58 6.92
CA ILE A 179 16.35 -8.00 5.54
C ILE A 179 15.05 -7.40 5.03
N LEU A 180 14.16 -7.08 5.96
CA LEU A 180 12.88 -6.48 5.64
C LEU A 180 13.07 -5.17 4.90
N GLN A 181 14.11 -4.43 5.28
CA GLN A 181 14.40 -3.14 4.68
C GLN A 181 15.58 -3.25 3.71
N GLN A 182 16.63 -3.94 4.14
CA GLN A 182 17.82 -4.12 3.31
C GLN A 182 17.46 -4.67 1.95
N CYS A 183 16.35 -5.39 1.89
CA CYS A 183 15.88 -5.94 0.65
C CYS A 183 14.86 -4.99 0.03
N GLU A 184 15.19 -3.70 0.05
CA GLU A 184 14.31 -2.67 -0.49
C GLU A 184 14.18 -2.75 -2.01
N ASP A 185 13.84 -3.92 -2.50
CA ASP A 185 13.66 -4.16 -3.93
C ASP A 185 12.47 -5.08 -4.22
N LEU A 186 12.14 -5.92 -3.24
CA LEU A 186 11.05 -6.88 -3.36
C LEU A 186 11.17 -7.92 -2.26
N VAL A 187 10.24 -7.91 -1.32
CA VAL A 187 10.29 -8.82 -0.20
C VAL A 187 9.25 -9.94 -0.32
N LYS A 188 9.70 -11.18 -0.10
CA LYS A 188 8.81 -12.33 -0.14
C LYS A 188 8.58 -12.86 1.27
N LEU A 189 7.38 -12.65 1.79
CA LEU A 189 7.05 -13.07 3.14
C LEU A 189 6.57 -14.51 3.17
N LYS A 190 7.44 -15.41 3.63
CA LYS A 190 7.11 -16.82 3.74
C LYS A 190 6.67 -17.16 5.16
N ILE A 191 5.36 -17.12 5.40
CA ILE A 191 4.82 -17.41 6.73
C ILE A 191 4.13 -18.77 6.75
N ARG A 192 3.56 -19.10 7.90
CA ARG A 192 2.86 -20.38 8.05
C ARG A 192 1.36 -20.22 7.89
N LYS A 193 0.77 -21.01 7.01
CA LYS A 193 -0.66 -20.95 6.75
C LYS A 193 -1.34 -22.26 7.16
N ASP A 194 -2.65 -22.20 7.38
CA ASP A 194 -3.41 -23.37 7.78
C ASP A 194 -2.98 -23.85 9.18
N GLU A 195 -2.94 -22.92 10.12
CA GLU A 195 -2.55 -23.22 11.49
C GLU A 195 -3.39 -24.36 12.07
N ASP A 196 -2.93 -24.93 13.18
CA ASP A 196 -3.63 -26.02 13.84
C ASP A 196 -4.98 -25.56 14.37
N GLN A 1 -8.85 -12.65 -10.51
CA GLN A 1 -8.74 -13.02 -9.11
C GLN A 1 -10.05 -12.76 -8.37
N VAL A 2 -10.10 -13.17 -7.11
CA VAL A 2 -11.30 -12.98 -6.30
C VAL A 2 -10.93 -12.65 -4.85
N VAL A 3 -11.57 -11.62 -4.31
CA VAL A 3 -11.30 -11.20 -2.94
C VAL A 3 -12.19 -10.02 -2.55
N HIS A 4 -12.36 -9.82 -1.24
CA HIS A 4 -13.19 -8.72 -0.74
C HIS A 4 -12.46 -7.39 -0.86
N THR A 5 -13.05 -6.46 -1.60
CA THR A 5 -12.46 -5.14 -1.79
C THR A 5 -12.16 -4.46 -0.46
N GLU A 6 -11.51 -3.31 -0.52
CA GLU A 6 -11.17 -2.55 0.67
C GLU A 6 -10.78 -1.12 0.32
N THR A 7 -11.20 -0.17 1.15
CA THR A 7 -10.89 1.24 0.92
C THR A 7 -9.84 1.74 1.92
N THR A 8 -9.19 2.84 1.57
CA THR A 8 -8.17 3.43 2.43
C THR A 8 -8.09 4.94 2.23
N GLU A 9 -7.17 5.57 2.95
CA GLU A 9 -6.98 7.02 2.86
C GLU A 9 -5.64 7.37 2.21
N VAL A 10 -5.52 8.61 1.75
CA VAL A 10 -4.30 9.07 1.11
C VAL A 10 -4.01 10.51 1.50
N VAL A 11 -2.72 10.86 1.53
CA VAL A 11 -2.31 12.21 1.91
C VAL A 11 -1.49 12.87 0.81
N LEU A 12 -2.05 13.90 0.19
CA LEU A 12 -1.36 14.63 -0.87
C LEU A 12 -0.94 16.01 -0.37
N THR A 13 0.36 16.26 -0.37
CA THR A 13 0.90 17.54 0.11
C THR A 13 1.40 18.40 -1.04
N ALA A 14 1.56 19.69 -0.76
CA ALA A 14 2.03 20.65 -1.75
C ALA A 14 3.52 20.93 -1.58
N ASP A 15 4.28 20.81 -2.66
CA ASP A 15 5.71 21.06 -2.61
C ASP A 15 6.01 22.48 -3.09
N PRO A 16 7.05 23.12 -2.53
CA PRO A 16 7.44 24.47 -2.90
C PRO A 16 8.24 24.53 -4.21
N VAL A 17 8.18 23.45 -4.98
CA VAL A 17 8.91 23.38 -6.24
C VAL A 17 7.95 23.19 -7.41
N THR A 18 7.02 22.24 -7.28
CA THR A 18 6.07 21.96 -8.34
C THR A 18 4.63 21.88 -7.82
N GLY A 19 4.48 21.68 -6.51
CA GLY A 19 3.14 21.59 -5.94
C GLY A 19 2.36 20.43 -6.49
N PHE A 20 2.50 19.26 -5.88
CA PHE A 20 1.81 18.07 -6.32
C PHE A 20 2.32 17.65 -7.70
N GLY A 21 3.31 16.78 -7.71
CA GLY A 21 3.89 16.32 -8.95
C GLY A 21 3.01 15.35 -9.72
N ILE A 22 1.74 15.24 -9.34
CA ILE A 22 0.82 14.33 -10.02
C ILE A 22 -0.22 15.09 -10.85
N GLN A 23 -0.42 14.64 -12.08
CA GLN A 23 -1.41 15.24 -12.97
C GLN A 23 -2.68 14.41 -12.91
N LEU A 24 -3.82 15.06 -12.67
CA LEU A 24 -5.08 14.34 -12.57
C LEU A 24 -5.86 14.35 -13.88
N GLN A 25 -6.72 13.36 -14.03
CA GLN A 25 -7.55 13.23 -15.23
C GLN A 25 -9.01 12.96 -14.83
N GLY A 26 -9.91 13.04 -15.81
CA GLY A 26 -11.32 12.81 -15.53
C GLY A 26 -12.03 12.08 -16.65
N SER A 27 -11.27 11.34 -17.45
CA SER A 27 -11.82 10.58 -18.55
C SER A 27 -11.50 9.10 -18.40
N VAL A 28 -12.42 8.37 -17.80
CA VAL A 28 -12.25 6.95 -17.58
C VAL A 28 -13.21 6.13 -18.43
N PHE A 29 -14.45 6.06 -17.97
CA PHE A 29 -15.52 5.35 -18.66
C PHE A 29 -15.43 5.55 -20.18
N ALA A 30 -15.20 6.80 -20.58
CA ALA A 30 -15.11 7.15 -22.00
C ALA A 30 -16.32 6.64 -22.77
N THR A 31 -17.44 7.31 -22.54
CA THR A 31 -18.71 6.96 -23.18
C THR A 31 -19.86 7.67 -22.48
N GLU A 32 -21.09 7.23 -22.76
CA GLU A 32 -22.26 7.84 -22.14
C GLU A 32 -22.06 8.00 -20.63
N THR A 33 -22.66 9.04 -20.06
CA THR A 33 -22.53 9.32 -18.63
C THR A 33 -21.10 9.71 -18.30
N LEU A 34 -20.86 10.02 -17.03
CA LEU A 34 -19.52 10.41 -16.59
C LEU A 34 -19.22 9.86 -15.20
N SER A 35 -19.33 10.70 -14.17
CA SER A 35 -19.05 10.28 -12.81
C SER A 35 -17.64 9.75 -12.66
N SER A 36 -16.79 10.04 -13.63
CA SER A 36 -15.41 9.59 -13.62
C SER A 36 -14.66 10.17 -12.42
N PRO A 37 -14.17 9.31 -11.51
CA PRO A 37 -13.42 9.75 -10.33
C PRO A 37 -12.03 10.26 -10.69
N PRO A 38 -11.44 11.14 -9.86
CA PRO A 38 -10.11 11.67 -10.11
C PRO A 38 -9.07 10.57 -10.29
N LEU A 39 -8.37 10.60 -11.42
CA LEU A 39 -7.36 9.58 -11.70
C LEU A 39 -6.09 10.21 -12.28
N ILE A 40 -4.98 10.07 -11.55
CA ILE A 40 -3.71 10.62 -12.01
C ILE A 40 -3.12 9.77 -13.13
N SER A 41 -2.53 10.42 -14.12
CA SER A 41 -1.92 9.72 -15.24
C SER A 41 -0.41 9.87 -15.26
N TYR A 42 0.10 10.89 -14.57
CA TYR A 42 1.56 11.12 -14.55
C TYR A 42 2.00 11.82 -13.27
N ILE A 43 3.14 11.37 -12.74
CA ILE A 43 3.73 11.96 -11.55
C ILE A 43 4.97 12.75 -11.96
N GLU A 44 5.61 13.41 -11.00
CA GLU A 44 6.80 14.19 -11.32
C GLU A 44 8.02 13.64 -10.58
N ALA A 45 9.02 13.22 -11.36
CA ALA A 45 10.25 12.67 -10.79
C ALA A 45 10.91 13.67 -9.85
N ASP A 46 11.11 13.24 -8.60
CA ASP A 46 11.73 14.08 -7.58
C ASP A 46 10.71 15.02 -6.97
N SER A 47 9.53 14.47 -6.70
CA SER A 47 8.45 15.25 -6.11
C SER A 47 7.73 14.43 -5.04
N PRO A 48 7.10 15.11 -4.06
CA PRO A 48 6.39 14.43 -2.98
C PRO A 48 5.14 13.70 -3.47
N ALA A 49 4.85 13.78 -4.77
CA ALA A 49 3.69 13.12 -5.33
C ALA A 49 3.89 11.61 -5.35
N GLU A 50 4.96 11.16 -6.00
CA GLU A 50 5.26 9.75 -6.07
C GLU A 50 5.91 9.28 -4.77
N ARG A 51 6.61 10.19 -4.11
CA ARG A 51 7.29 9.86 -2.85
C ARG A 51 6.41 10.17 -1.65
N CYS A 52 5.20 10.70 -1.89
CA CYS A 52 4.27 11.03 -0.81
C CYS A 52 4.20 9.91 0.23
N GLY A 53 4.40 8.68 -0.23
CA GLY A 53 4.35 7.54 0.67
C GLY A 53 3.49 6.41 0.13
N VAL A 54 2.27 6.75 -0.27
CA VAL A 54 1.34 5.76 -0.80
C VAL A 54 0.61 6.30 -2.03
N LEU A 55 1.36 6.77 -3.01
CA LEU A 55 0.79 7.32 -4.24
C LEU A 55 1.40 6.66 -5.47
N GLN A 56 0.56 6.34 -6.44
CA GLN A 56 1.03 5.71 -7.67
C GLN A 56 0.45 6.41 -8.90
N ILE A 57 0.81 5.90 -10.07
CA ILE A 57 0.34 6.47 -11.32
C ILE A 57 -1.10 6.08 -11.60
N GLY A 58 -2.04 6.69 -10.86
CA GLY A 58 -3.44 6.39 -11.04
C GLY A 58 -4.13 6.03 -9.74
N ASP A 59 -4.43 7.05 -8.93
CA ASP A 59 -5.10 6.84 -7.65
C ASP A 59 -6.57 7.20 -7.75
N ARG A 60 -7.40 6.21 -8.05
CA ARG A 60 -8.85 6.43 -8.15
C ARG A 60 -9.44 6.82 -6.81
N VAL A 61 -9.69 8.11 -6.63
CA VAL A 61 -10.26 8.61 -5.38
C VAL A 61 -11.77 8.80 -5.51
N MET A 62 -12.47 8.63 -4.39
CA MET A 62 -13.91 8.79 -4.36
C MET A 62 -14.32 9.99 -3.50
N ALA A 63 -13.51 10.29 -2.48
CA ALA A 63 -13.79 11.40 -1.59
C ALA A 63 -12.53 12.26 -1.38
N ILE A 64 -12.68 13.56 -1.55
CA ILE A 64 -11.57 14.49 -1.37
C ILE A 64 -11.94 15.62 -0.41
N ASN A 65 -11.24 15.68 0.72
CA ASN A 65 -11.50 16.72 1.72
C ASN A 65 -12.99 16.76 2.09
N GLY A 66 -13.67 15.63 1.92
CA GLY A 66 -15.09 15.57 2.24
C GLY A 66 -15.97 15.61 1.00
N ILE A 67 -15.45 16.21 -0.07
CA ILE A 67 -16.18 16.33 -1.32
C ILE A 67 -16.32 14.95 -1.99
N PRO A 68 -17.57 14.54 -2.30
CA PRO A 68 -17.82 13.24 -2.96
C PRO A 68 -17.43 13.25 -4.42
N THR A 69 -17.85 12.23 -5.15
CA THR A 69 -17.53 12.11 -6.58
C THR A 69 -18.70 11.50 -7.34
N GLU A 70 -19.27 10.43 -6.79
CA GLU A 70 -20.39 9.76 -7.43
C GLU A 70 -21.65 10.62 -7.42
N ASP A 71 -21.62 11.70 -6.64
CA ASP A 71 -22.75 12.60 -6.54
C ASP A 71 -22.42 13.97 -7.11
N SER A 72 -21.76 13.96 -8.27
CA SER A 72 -21.37 15.20 -8.94
C SER A 72 -20.56 14.91 -10.19
N THR A 73 -20.05 15.96 -10.83
CA THR A 73 -19.26 15.81 -12.05
C THR A 73 -17.78 15.74 -11.71
N PHE A 74 -16.97 15.31 -12.68
CA PHE A 74 -15.53 15.21 -12.48
C PHE A 74 -14.88 16.59 -12.47
N GLU A 75 -15.51 17.54 -13.14
CA GLU A 75 -14.98 18.91 -13.21
C GLU A 75 -14.76 19.48 -11.80
N GLU A 76 -15.70 19.21 -10.90
CA GLU A 76 -15.59 19.71 -9.53
C GLU A 76 -14.36 19.14 -8.84
N ALA A 77 -14.02 17.90 -9.18
CA ALA A 77 -12.87 17.26 -8.60
C ALA A 77 -11.58 17.87 -9.13
N ASN A 78 -11.65 18.30 -10.39
CA ASN A 78 -10.50 18.92 -11.05
C ASN A 78 -10.26 20.33 -10.52
N GLN A 79 -11.34 21.05 -10.23
CA GLN A 79 -11.23 22.41 -9.73
C GLN A 79 -10.77 22.43 -8.26
N LEU A 80 -11.29 21.51 -7.46
CA LEU A 80 -10.92 21.44 -6.06
C LEU A 80 -9.46 21.03 -5.91
N LEU A 81 -9.04 20.07 -6.74
CA LEU A 81 -7.66 19.60 -6.71
C LEU A 81 -6.70 20.70 -7.11
N ARG A 82 -6.90 21.26 -8.31
CA ARG A 82 -6.05 22.34 -8.77
C ARG A 82 -5.94 23.41 -7.70
N ASP A 83 -7.00 23.56 -6.92
CA ASP A 83 -7.02 24.53 -5.84
C ASP A 83 -7.05 23.84 -4.48
N SER A 84 -6.41 22.68 -4.40
CA SER A 84 -6.35 21.91 -3.16
C SER A 84 -5.02 22.11 -2.45
N SER A 85 -4.22 23.06 -2.94
CA SER A 85 -2.91 23.33 -2.36
C SER A 85 -2.94 24.55 -1.44
N ILE A 86 -4.14 24.96 -1.05
CA ILE A 86 -4.30 26.09 -0.16
C ILE A 86 -3.77 25.76 1.21
N THR A 87 -4.09 24.57 1.65
CA THR A 87 -3.69 24.07 2.95
C THR A 87 -2.43 23.21 2.84
N SER A 88 -1.80 23.23 1.66
CA SER A 88 -0.60 22.47 1.41
C SER A 88 -0.82 20.99 1.72
N LYS A 89 -2.07 20.56 1.65
CA LYS A 89 -2.42 19.17 1.93
C LYS A 89 -3.81 18.83 1.39
N VAL A 90 -4.02 17.55 1.10
CA VAL A 90 -5.30 17.07 0.59
C VAL A 90 -5.50 15.59 0.91
N THR A 91 -6.62 15.27 1.53
CA THR A 91 -6.94 13.89 1.89
C THR A 91 -7.89 13.27 0.88
N LEU A 92 -7.52 12.10 0.36
CA LEU A 92 -8.35 11.41 -0.62
C LEU A 92 -8.70 10.00 -0.15
N GLU A 93 -9.76 9.44 -0.71
CA GLU A 93 -10.21 8.10 -0.36
C GLU A 93 -10.16 7.19 -1.58
N ILE A 94 -9.35 6.14 -1.52
CA ILE A 94 -9.22 5.20 -2.62
C ILE A 94 -9.76 3.82 -2.27
N GLU A 95 -10.00 3.01 -3.29
CA GLU A 95 -10.51 1.66 -3.10
C GLU A 95 -9.68 0.66 -3.89
N PHE A 96 -9.50 -0.54 -3.34
CA PHE A 96 -8.73 -1.58 -4.00
C PHE A 96 -9.08 -2.96 -3.48
N ASP A 97 -8.52 -3.99 -4.11
CA ASP A 97 -8.77 -5.37 -3.70
C ASP A 97 -7.53 -5.97 -3.07
N VAL A 98 -7.61 -6.29 -1.77
CA VAL A 98 -6.49 -6.87 -1.05
C VAL A 98 -6.09 -8.21 -1.63
N ALA A 99 -4.97 -8.22 -2.37
CA ALA A 99 -4.47 -9.45 -2.99
C ALA A 99 -3.14 -9.20 -3.68
N GLU A 100 -2.98 -9.72 -4.91
CA GLU A 100 -1.74 -9.55 -5.67
C GLU A 100 -0.51 -9.87 -4.84
N SER A 101 -0.65 -10.79 -3.88
CA SER A 101 0.45 -11.17 -3.02
C SER A 101 0.02 -12.18 -1.97
N VAL A 102 -0.44 -13.33 -2.43
CA VAL A 102 -0.91 -14.39 -1.54
C VAL A 102 -0.89 -15.75 -2.22
N ILE A 103 -0.09 -16.67 -1.69
CA ILE A 103 0.01 -18.02 -2.25
C ILE A 103 0.03 -19.07 -1.13
N PRO A 104 -1.14 -19.68 -0.85
CA PRO A 104 -1.27 -20.69 0.20
C PRO A 104 -0.87 -22.09 -0.27
N SER A 105 -0.37 -22.90 0.67
CA SER A 105 0.05 -24.26 0.36
C SER A 105 -0.06 -25.16 1.58
N SER A 106 -0.85 -24.73 2.57
CA SER A 106 -1.03 -25.50 3.81
C SER A 106 0.30 -25.77 4.49
N GLY A 107 0.48 -25.19 5.68
CA GLY A 107 1.71 -25.38 6.41
C GLY A 107 2.70 -24.27 6.16
N THR A 108 2.80 -23.84 4.90
CA THR A 108 3.72 -22.76 4.53
C THR A 108 3.03 -21.76 3.61
N PHE A 109 2.76 -20.57 4.14
CA PHE A 109 2.12 -19.51 3.37
C PHE A 109 3.15 -18.47 2.94
N HIS A 110 3.17 -18.15 1.64
CA HIS A 110 4.11 -17.16 1.12
C HIS A 110 3.37 -15.91 0.70
N VAL A 111 3.90 -14.75 1.09
CA VAL A 111 3.29 -13.47 0.73
C VAL A 111 4.25 -12.64 -0.11
N LYS A 112 4.10 -12.73 -1.43
CA LYS A 112 4.96 -12.01 -2.36
C LYS A 112 4.47 -10.57 -2.56
N LEU A 113 5.08 -9.63 -1.85
CA LEU A 113 4.70 -8.23 -1.95
C LEU A 113 5.72 -7.43 -2.76
N PRO A 114 5.30 -6.86 -3.90
CA PRO A 114 6.21 -6.06 -4.74
C PRO A 114 6.79 -4.89 -3.97
N LYS A 115 7.99 -5.09 -3.42
CA LYS A 115 8.65 -4.04 -2.65
C LYS A 115 9.36 -3.04 -3.55
N LYS A 116 9.60 -1.85 -3.02
CA LYS A 116 10.28 -0.81 -3.79
C LYS A 116 11.64 -0.49 -3.19
N HIS A 117 12.23 0.63 -3.60
CA HIS A 117 13.53 1.04 -3.09
C HIS A 117 13.45 1.38 -1.60
N SER A 118 12.41 2.10 -1.23
CA SER A 118 12.22 2.50 0.17
C SER A 118 10.93 3.32 0.33
N VAL A 119 9.80 2.68 0.03
CA VAL A 119 8.51 3.34 0.14
C VAL A 119 7.86 3.05 1.50
N GLU A 120 6.91 3.91 1.88
CA GLU A 120 6.21 3.77 3.15
C GLU A 120 5.67 2.35 3.33
N LEU A 121 6.21 1.63 4.31
CA LEU A 121 5.77 0.28 4.61
C LEU A 121 5.19 0.21 6.01
N GLY A 122 3.88 -0.01 6.10
CA GLY A 122 3.22 -0.06 7.40
C GLY A 122 3.17 -1.45 7.98
N ILE A 123 4.32 -2.13 7.97
CA ILE A 123 4.40 -3.49 8.51
C ILE A 123 5.23 -3.48 9.79
N THR A 124 4.76 -4.22 10.80
CA THR A 124 5.46 -4.29 12.08
C THR A 124 5.84 -5.73 12.40
N ILE A 125 7.14 -6.03 12.35
CA ILE A 125 7.62 -7.36 12.63
C ILE A 125 7.89 -7.53 14.13
N SER A 126 8.03 -8.77 14.57
CA SER A 126 8.29 -9.06 15.97
C SER A 126 8.94 -10.44 16.13
N SER A 127 9.56 -10.65 17.28
CA SER A 127 10.23 -11.93 17.56
C SER A 127 9.54 -12.65 18.73
N PRO A 128 8.81 -13.73 18.45
CA PRO A 128 8.12 -14.50 19.49
C PRO A 128 9.05 -14.92 20.62
N SER A 129 8.52 -15.69 21.57
CA SER A 129 9.31 -16.15 22.70
C SER A 129 10.41 -17.10 22.25
N SER A 130 11.61 -16.56 22.08
CA SER A 130 12.76 -17.35 21.64
C SER A 130 13.03 -18.50 22.62
N ARG A 131 12.49 -19.67 22.32
CA ARG A 131 12.68 -20.84 23.16
C ARG A 131 13.09 -22.05 22.33
N LYS A 132 14.03 -21.84 21.42
CA LYS A 132 14.52 -22.90 20.55
C LYS A 132 15.58 -22.38 19.59
N PRO A 133 16.43 -23.27 19.05
CA PRO A 133 17.50 -22.89 18.11
C PRO A 133 16.94 -22.47 16.76
N GLY A 134 16.29 -21.31 16.72
CA GLY A 134 15.72 -20.82 15.48
C GLY A 134 15.23 -19.39 15.60
N ASP A 135 14.28 -19.16 16.50
CA ASP A 135 13.73 -17.82 16.70
C ASP A 135 13.06 -17.31 15.44
N PRO A 136 11.80 -17.71 15.20
CA PRO A 136 11.05 -17.29 14.00
C PRO A 136 10.59 -15.84 14.11
N LEU A 137 9.79 -15.41 13.13
CA LEU A 137 9.27 -14.05 13.09
C LEU A 137 7.74 -14.05 13.07
N VAL A 138 7.15 -12.89 13.35
CA VAL A 138 5.70 -12.77 13.36
C VAL A 138 5.27 -11.31 13.17
N ILE A 139 4.12 -11.13 12.53
CA ILE A 139 3.58 -9.80 12.28
C ILE A 139 3.00 -9.22 13.57
N SER A 140 3.02 -7.90 13.70
CA SER A 140 2.52 -7.24 14.90
C SER A 140 1.67 -6.01 14.58
N ASP A 141 1.72 -5.55 13.34
CA ASP A 141 0.94 -4.38 12.94
C ASP A 141 0.92 -4.20 11.43
N ILE A 142 -0.18 -3.61 10.95
CA ILE A 142 -0.36 -3.37 9.52
C ILE A 142 -1.00 -2.00 9.30
N LYS A 143 -0.61 -1.32 8.22
CA LYS A 143 -1.16 -0.01 7.92
C LYS A 143 -1.98 -0.02 6.64
N LYS A 144 -2.92 0.92 6.54
CA LYS A 144 -3.78 1.02 5.36
C LYS A 144 -3.21 2.03 4.37
N GLY A 145 -2.17 1.62 3.64
CA GLY A 145 -1.55 2.49 2.67
C GLY A 145 -0.46 1.79 1.88
N SER A 146 0.28 0.91 2.55
CA SER A 146 1.36 0.17 1.91
C SER A 146 0.93 -1.25 1.58
N VAL A 147 1.63 -1.86 0.63
CA VAL A 147 1.33 -3.23 0.22
C VAL A 147 1.19 -4.18 1.41
N ALA A 148 1.77 -3.81 2.54
CA ALA A 148 1.72 -4.63 3.75
C ALA A 148 0.32 -5.19 3.99
N HIS A 149 -0.66 -4.30 4.14
CA HIS A 149 -2.04 -4.72 4.38
C HIS A 149 -2.73 -5.05 3.06
N ARG A 150 -2.25 -4.45 1.98
CA ARG A 150 -2.82 -4.66 0.66
C ARG A 150 -2.79 -6.14 0.26
N THR A 151 -1.80 -6.86 0.78
CA THR A 151 -1.67 -8.28 0.47
C THR A 151 -2.95 -9.04 0.82
N GLY A 152 -3.49 -8.75 2.00
CA GLY A 152 -4.71 -9.42 2.44
C GLY A 152 -4.43 -10.65 3.29
N THR A 153 -3.23 -11.19 3.17
CA THR A 153 -2.85 -12.38 3.93
C THR A 153 -1.75 -12.06 4.95
N LEU A 154 -1.85 -10.88 5.55
CA LEU A 154 -0.87 -10.44 6.54
C LEU A 154 -1.49 -10.46 7.94
N GLU A 155 -2.27 -11.49 8.23
CA GLU A 155 -2.92 -11.62 9.53
C GLU A 155 -1.89 -11.64 10.66
N LEU A 156 -2.25 -11.04 11.79
CA LEU A 156 -1.35 -10.99 12.94
C LEU A 156 -1.47 -12.26 13.78
N GLY A 157 -0.44 -13.11 13.72
CA GLY A 157 -0.46 -14.34 14.48
C GLY A 157 0.31 -15.45 13.79
N ASP A 158 0.51 -15.32 12.48
CA ASP A 158 1.24 -16.32 11.71
C ASP A 158 2.68 -16.44 12.19
N LYS A 159 3.31 -17.58 11.92
CA LYS A 159 4.69 -17.80 12.33
C LYS A 159 5.63 -17.77 11.13
N LEU A 160 6.31 -16.65 10.94
CA LEU A 160 7.24 -16.50 9.83
C LEU A 160 8.48 -17.36 10.02
N LEU A 161 9.26 -17.52 8.95
CA LEU A 161 10.48 -18.32 9.00
C LEU A 161 11.44 -17.93 7.88
N ALA A 162 10.89 -17.68 6.69
CA ALA A 162 11.71 -17.30 5.55
C ALA A 162 11.20 -16.00 4.93
N ILE A 163 12.11 -15.06 4.72
CA ILE A 163 11.77 -13.76 4.14
C ILE A 163 12.50 -13.54 2.82
N ASP A 164 11.75 -13.62 1.72
CA ASP A 164 12.31 -13.42 0.39
C ASP A 164 13.30 -14.53 0.03
N ASN A 165 14.47 -14.51 0.67
CA ASN A 165 15.49 -15.51 0.40
C ASN A 165 16.20 -15.96 1.69
N ILE A 166 16.12 -15.17 2.75
CA ILE A 166 16.77 -15.51 4.00
C ILE A 166 15.79 -16.18 4.97
N ARG A 167 16.33 -16.93 5.91
CA ARG A 167 15.52 -17.64 6.89
C ARG A 167 15.88 -17.25 8.31
N LEU A 168 14.86 -16.96 9.10
CA LEU A 168 15.06 -16.62 10.50
C LEU A 168 15.57 -17.84 11.26
N ASP A 169 15.56 -19.00 10.58
CA ASP A 169 16.03 -20.23 11.19
C ASP A 169 17.37 -20.04 11.88
N SER A 170 18.15 -19.08 11.38
CA SER A 170 19.45 -18.79 11.96
C SER A 170 19.75 -17.29 11.91
N CYS A 171 18.77 -16.48 12.32
CA CYS A 171 18.92 -15.03 12.32
C CYS A 171 17.89 -14.38 13.23
N SER A 172 18.16 -13.14 13.63
CA SER A 172 17.26 -12.40 14.51
C SER A 172 16.16 -11.73 13.70
N MET A 173 15.33 -10.95 14.40
CA MET A 173 14.22 -10.25 13.74
C MET A 173 14.73 -9.06 12.94
N GLU A 174 15.63 -8.27 13.53
CA GLU A 174 16.19 -7.11 12.88
C GLU A 174 16.74 -7.47 11.51
N ASP A 175 17.55 -8.50 11.48
CA ASP A 175 18.15 -8.98 10.25
C ASP A 175 17.08 -9.20 9.19
N ALA A 176 15.99 -9.85 9.60
CA ALA A 176 14.87 -10.11 8.71
C ALA A 176 14.36 -8.82 8.11
N VAL A 177 14.26 -7.78 8.94
CA VAL A 177 13.80 -6.49 8.48
C VAL A 177 14.72 -5.96 7.39
N GLN A 178 16.01 -6.28 7.53
CA GLN A 178 17.02 -5.86 6.56
C GLN A 178 16.69 -6.46 5.20
N ILE A 179 16.46 -7.77 5.18
CA ILE A 179 16.12 -8.45 3.95
C ILE A 179 14.71 -8.06 3.52
N LEU A 180 13.89 -7.65 4.49
CA LEU A 180 12.52 -7.24 4.20
C LEU A 180 12.52 -6.05 3.26
N GLN A 181 13.48 -5.15 3.45
CA GLN A 181 13.63 -3.97 2.63
C GLN A 181 14.57 -4.27 1.47
N GLN A 182 15.57 -5.11 1.75
CA GLN A 182 16.55 -5.51 0.76
C GLN A 182 16.02 -6.70 -0.05
N CYS A 183 14.74 -6.99 0.09
CA CYS A 183 14.11 -8.11 -0.60
C CYS A 183 14.05 -7.90 -2.12
N GLU A 184 15.01 -7.15 -2.65
CA GLU A 184 15.07 -6.89 -4.09
C GLU A 184 13.72 -6.50 -4.66
N ASP A 185 13.03 -5.58 -3.99
CA ASP A 185 11.72 -5.11 -4.44
C ASP A 185 10.70 -6.23 -4.48
N LEU A 186 10.89 -7.23 -3.64
CA LEU A 186 9.98 -8.36 -3.56
C LEU A 186 10.16 -9.14 -2.27
N VAL A 187 9.35 -8.81 -1.27
CA VAL A 187 9.42 -9.48 0.03
C VAL A 187 8.50 -10.69 0.07
N LYS A 188 9.08 -11.86 0.37
CA LYS A 188 8.30 -13.08 0.46
C LYS A 188 8.19 -13.53 1.91
N LEU A 189 7.00 -13.38 2.49
CA LEU A 189 6.77 -13.77 3.88
C LEU A 189 6.34 -15.22 3.97
N LYS A 190 7.23 -16.08 4.45
CA LYS A 190 6.94 -17.50 4.59
C LYS A 190 6.52 -17.81 6.03
N ILE A 191 5.22 -17.94 6.24
CA ILE A 191 4.69 -18.25 7.56
C ILE A 191 4.13 -19.67 7.61
N ARG A 192 3.74 -20.11 8.80
CA ARG A 192 3.20 -21.46 8.97
C ARG A 192 1.69 -21.42 9.17
N LYS A 193 0.97 -22.28 8.45
CA LYS A 193 -0.48 -22.33 8.55
C LYS A 193 -0.93 -23.69 9.11
N ASP A 194 -2.15 -23.72 9.64
CA ASP A 194 -2.69 -24.94 10.20
C ASP A 194 -4.12 -24.73 10.68
N GLU A 195 -5.08 -25.19 9.88
CA GLU A 195 -6.49 -25.05 10.22
C GLU A 195 -6.80 -25.70 11.56
N ASP A 196 -7.92 -25.30 12.17
CA ASP A 196 -8.34 -25.84 13.45
C ASP A 196 -8.44 -27.35 13.39
N GLN A 1 -8.38 -16.17 -7.96
CA GLN A 1 -7.96 -15.66 -6.66
C GLN A 1 -9.14 -15.07 -5.90
N VAL A 2 -8.87 -14.56 -4.69
CA VAL A 2 -9.91 -13.97 -3.87
C VAL A 2 -9.44 -12.66 -3.24
N VAL A 3 -10.25 -11.61 -3.38
CA VAL A 3 -9.91 -10.31 -2.83
C VAL A 3 -11.00 -9.81 -1.89
N HIS A 4 -10.71 -8.72 -1.18
CA HIS A 4 -11.67 -8.14 -0.24
C HIS A 4 -11.65 -6.62 -0.32
N THR A 5 -12.70 -6.05 -0.90
CA THR A 5 -12.81 -4.60 -1.04
C THR A 5 -12.60 -3.91 0.30
N GLU A 6 -11.79 -2.85 0.30
CA GLU A 6 -11.51 -2.10 1.52
C GLU A 6 -11.25 -0.63 1.19
N THR A 7 -11.43 0.23 2.19
CA THR A 7 -11.20 1.66 2.01
C THR A 7 -9.98 2.12 2.80
N THR A 8 -9.25 3.07 2.24
CA THR A 8 -8.05 3.60 2.88
C THR A 8 -7.95 5.11 2.70
N GLU A 9 -7.12 5.75 3.51
CA GLU A 9 -6.94 7.19 3.44
C GLU A 9 -5.61 7.54 2.77
N VAL A 10 -5.52 8.77 2.27
CA VAL A 10 -4.31 9.24 1.61
C VAL A 10 -4.11 10.73 1.85
N VAL A 11 -2.88 11.13 2.16
CA VAL A 11 -2.58 12.52 2.42
C VAL A 11 -1.60 13.08 1.38
N LEU A 12 -2.02 14.14 0.71
CA LEU A 12 -1.19 14.79 -0.30
C LEU A 12 -0.85 16.21 0.14
N THR A 13 0.44 16.49 0.30
CA THR A 13 0.88 17.80 0.75
C THR A 13 1.42 18.64 -0.41
N ALA A 14 1.51 19.94 -0.17
CA ALA A 14 2.01 20.88 -1.17
C ALA A 14 3.39 21.38 -0.80
N ASP A 15 4.41 20.87 -1.48
CA ASP A 15 5.78 21.28 -1.22
C ASP A 15 6.03 22.67 -1.81
N PRO A 16 6.98 23.42 -1.24
CA PRO A 16 7.32 24.76 -1.72
C PRO A 16 8.18 24.73 -2.98
N VAL A 17 8.37 23.55 -3.55
CA VAL A 17 9.17 23.40 -4.76
C VAL A 17 8.34 22.89 -5.93
N THR A 18 7.53 21.86 -5.69
CA THR A 18 6.71 21.29 -6.74
C THR A 18 5.25 21.06 -6.31
N GLY A 19 4.96 21.24 -5.02
CA GLY A 19 3.60 21.05 -4.55
C GLY A 19 3.17 19.60 -4.67
N PHE A 20 2.58 19.26 -5.82
CA PHE A 20 2.12 17.91 -6.07
C PHE A 20 2.61 17.45 -7.45
N GLY A 21 3.40 16.40 -7.48
CA GLY A 21 3.95 15.91 -8.73
C GLY A 21 3.16 14.75 -9.31
N ILE A 22 1.88 14.69 -9.01
CA ILE A 22 1.04 13.63 -9.50
C ILE A 22 -0.19 14.20 -10.20
N GLN A 23 -0.50 13.68 -11.38
CA GLN A 23 -1.65 14.16 -12.16
C GLN A 23 -2.61 13.02 -12.45
N LEU A 24 -3.91 13.31 -12.37
CA LEU A 24 -4.94 12.31 -12.61
C LEU A 24 -6.00 12.80 -13.60
N GLN A 25 -6.68 11.85 -14.23
CA GLN A 25 -7.72 12.16 -15.18
C GLN A 25 -9.08 11.74 -14.63
N GLY A 26 -10.16 12.14 -15.31
CA GLY A 26 -11.48 11.78 -14.86
C GLY A 26 -12.31 11.12 -15.94
N SER A 27 -11.64 10.64 -16.99
CA SER A 27 -12.32 9.98 -18.08
C SER A 27 -12.00 8.49 -18.10
N VAL A 28 -12.50 7.79 -17.09
CA VAL A 28 -12.30 6.36 -16.97
C VAL A 28 -13.11 5.61 -18.01
N PHE A 29 -14.29 6.14 -18.30
CA PHE A 29 -15.17 5.54 -19.27
C PHE A 29 -15.70 6.57 -20.26
N ALA A 30 -16.20 7.69 -19.73
CA ALA A 30 -16.74 8.77 -20.56
C ALA A 30 -17.59 8.22 -21.70
N THR A 31 -18.85 7.99 -21.41
CA THR A 31 -19.80 7.46 -22.39
C THR A 31 -21.11 7.11 -21.68
N GLU A 32 -22.21 7.72 -22.10
CA GLU A 32 -23.49 7.47 -21.45
C GLU A 32 -23.36 7.82 -19.98
N THR A 33 -23.46 9.11 -19.68
CA THR A 33 -23.29 9.62 -18.32
C THR A 33 -21.81 9.84 -18.06
N LEU A 34 -21.45 10.26 -16.87
CA LEU A 34 -20.06 10.50 -16.55
C LEU A 34 -19.80 10.36 -15.05
N SER A 35 -18.86 11.15 -14.54
CA SER A 35 -18.49 11.12 -13.13
C SER A 35 -17.53 9.99 -12.82
N SER A 36 -16.87 9.52 -13.87
CA SER A 36 -15.90 8.44 -13.75
C SER A 36 -14.94 8.70 -12.58
N PRO A 37 -14.59 7.66 -11.80
CA PRO A 37 -13.67 7.80 -10.65
C PRO A 37 -12.29 8.26 -11.08
N PRO A 38 -11.71 9.25 -10.38
CA PRO A 38 -10.38 9.77 -10.69
C PRO A 38 -9.33 8.68 -10.85
N LEU A 39 -8.44 8.87 -11.80
CA LEU A 39 -7.37 7.90 -12.06
C LEU A 39 -6.06 8.62 -12.40
N ILE A 40 -5.05 8.45 -11.55
CA ILE A 40 -3.76 9.10 -11.79
C ILE A 40 -3.09 8.52 -13.03
N SER A 41 -2.45 9.39 -13.81
CA SER A 41 -1.78 8.95 -15.04
C SER A 41 -0.27 9.09 -14.93
N TYR A 42 0.19 10.01 -14.10
CA TYR A 42 1.61 10.24 -13.93
C TYR A 42 1.96 10.59 -12.48
N ILE A 43 3.20 10.30 -12.11
CA ILE A 43 3.70 10.58 -10.76
C ILE A 43 5.10 11.16 -10.84
N GLU A 44 5.48 11.98 -9.86
CA GLU A 44 6.81 12.59 -9.86
C GLU A 44 7.75 11.86 -8.90
N ALA A 45 9.03 11.85 -9.23
CA ALA A 45 10.03 11.19 -8.40
C ALA A 45 10.68 12.19 -7.44
N ASP A 46 9.85 13.01 -6.82
CA ASP A 46 10.32 14.01 -5.87
C ASP A 46 9.17 14.88 -5.38
N SER A 47 8.04 14.23 -5.12
CA SER A 47 6.85 14.93 -4.63
C SER A 47 6.18 14.16 -3.50
N PRO A 48 5.73 14.87 -2.45
CA PRO A 48 5.07 14.25 -1.29
C PRO A 48 3.84 13.41 -1.68
N ALA A 49 3.37 13.56 -2.92
CA ALA A 49 2.21 12.81 -3.36
C ALA A 49 2.52 11.32 -3.40
N GLU A 50 3.54 10.96 -4.18
CA GLU A 50 3.96 9.57 -4.29
C GLU A 50 4.82 9.20 -3.08
N ARG A 51 5.55 10.18 -2.57
CA ARG A 51 6.42 9.96 -1.43
C ARG A 51 5.62 9.43 -0.23
N CYS A 52 4.38 9.87 -0.12
CA CYS A 52 3.51 9.43 0.97
C CYS A 52 3.52 7.90 1.08
N GLY A 53 3.72 7.25 -0.06
CA GLY A 53 3.76 5.79 -0.10
C GLY A 53 2.40 5.17 -0.27
N VAL A 54 1.47 5.90 -0.89
CA VAL A 54 0.13 5.38 -1.12
C VAL A 54 -0.47 6.01 -2.37
N LEU A 55 0.37 6.37 -3.32
CA LEU A 55 -0.08 6.98 -4.56
C LEU A 55 0.59 6.32 -5.76
N GLN A 56 -0.23 5.78 -6.66
CA GLN A 56 0.28 5.13 -7.86
C GLN A 56 -0.54 5.55 -9.07
N ILE A 57 0.06 5.48 -10.25
CA ILE A 57 -0.61 5.85 -11.48
C ILE A 57 -1.87 5.02 -11.69
N GLY A 58 -2.97 5.51 -11.13
CA GLY A 58 -4.25 4.83 -11.23
C GLY A 58 -4.95 4.71 -9.90
N ASP A 59 -4.87 5.77 -9.09
CA ASP A 59 -5.51 5.78 -7.78
C ASP A 59 -6.97 6.23 -7.89
N ARG A 60 -7.86 5.49 -7.25
CA ARG A 60 -9.28 5.81 -7.27
C ARG A 60 -9.65 6.69 -6.08
N VAL A 61 -9.80 7.98 -6.33
CA VAL A 61 -10.17 8.93 -5.28
C VAL A 61 -11.68 8.99 -5.08
N MET A 62 -12.12 8.70 -3.87
CA MET A 62 -13.55 8.71 -3.55
C MET A 62 -13.97 10.08 -3.04
N ALA A 63 -13.04 10.79 -2.41
CA ALA A 63 -13.32 12.12 -1.89
C ALA A 63 -12.04 12.97 -1.79
N ILE A 64 -12.17 14.26 -2.06
CA ILE A 64 -11.04 15.16 -2.02
C ILE A 64 -11.26 16.26 -0.98
N ASN A 65 -10.51 16.21 0.11
CA ASN A 65 -10.64 17.20 1.18
C ASN A 65 -12.05 17.20 1.76
N GLY A 66 -12.78 16.10 1.55
CA GLY A 66 -14.13 16.00 2.07
C GLY A 66 -15.17 15.89 0.97
N ILE A 67 -14.92 16.54 -0.16
CA ILE A 67 -15.82 16.50 -1.29
C ILE A 67 -15.85 15.12 -1.94
N PRO A 68 -17.01 14.43 -1.92
CA PRO A 68 -17.14 13.09 -2.51
C PRO A 68 -16.93 13.12 -4.02
N THR A 69 -17.34 14.22 -4.66
CA THR A 69 -17.19 14.39 -6.10
C THR A 69 -18.21 13.54 -6.87
N GLU A 70 -19.04 12.80 -6.16
CA GLU A 70 -20.05 11.96 -6.80
C GLU A 70 -21.33 12.74 -7.09
N ASP A 71 -21.50 13.85 -6.38
CA ASP A 71 -22.68 14.70 -6.56
C ASP A 71 -22.33 15.92 -7.39
N SER A 72 -21.59 15.70 -8.47
CA SER A 72 -21.18 16.79 -9.36
C SER A 72 -20.37 16.25 -10.52
N THR A 73 -19.89 17.15 -11.37
CA THR A 73 -19.08 16.77 -12.54
C THR A 73 -17.68 16.35 -12.11
N PHE A 74 -16.98 15.65 -12.98
CA PHE A 74 -15.63 15.19 -12.70
C PHE A 74 -14.63 16.35 -12.75
N GLU A 75 -14.94 17.35 -13.59
CA GLU A 75 -14.08 18.51 -13.74
C GLU A 75 -13.83 19.20 -12.40
N GLU A 76 -14.81 19.13 -11.51
CA GLU A 76 -14.68 19.75 -10.19
C GLU A 76 -13.52 19.11 -9.45
N ALA A 77 -13.56 17.78 -9.35
CA ALA A 77 -12.51 17.05 -8.67
C ALA A 77 -11.16 17.39 -9.27
N ASN A 78 -11.12 17.47 -10.59
CA ASN A 78 -9.91 17.81 -11.31
C ASN A 78 -9.50 19.24 -10.96
N GLN A 79 -10.50 20.11 -10.85
CA GLN A 79 -10.26 21.50 -10.51
C GLN A 79 -9.73 21.59 -9.08
N LEU A 80 -10.23 20.71 -8.22
CA LEU A 80 -9.80 20.68 -6.83
C LEU A 80 -8.28 20.49 -6.75
N LEU A 81 -7.79 19.47 -7.46
CA LEU A 81 -6.36 19.19 -7.48
C LEU A 81 -5.59 20.39 -8.01
N ARG A 82 -6.09 20.98 -9.09
CA ARG A 82 -5.45 22.16 -9.67
C ARG A 82 -5.20 23.21 -8.60
N ASP A 83 -6.17 23.32 -7.70
CA ASP A 83 -6.09 24.27 -6.60
C ASP A 83 -6.18 23.55 -5.26
N SER A 84 -5.52 22.41 -5.16
CA SER A 84 -5.52 21.62 -3.93
C SER A 84 -4.32 21.95 -3.06
N SER A 85 -3.55 22.97 -3.46
CA SER A 85 -2.37 23.37 -2.71
C SER A 85 -2.62 24.62 -1.88
N ILE A 86 -3.88 24.97 -1.71
CA ILE A 86 -4.26 26.13 -0.94
C ILE A 86 -3.96 25.92 0.52
N THR A 87 -4.38 24.77 1.00
CA THR A 87 -4.19 24.37 2.38
C THR A 87 -2.93 23.53 2.53
N SER A 88 -2.11 23.51 1.48
CA SER A 88 -0.87 22.75 1.48
C SER A 88 -1.12 21.30 1.85
N LYS A 89 -2.34 20.82 1.60
CA LYS A 89 -2.70 19.45 1.92
C LYS A 89 -3.96 19.02 1.19
N VAL A 90 -4.13 17.71 1.02
CA VAL A 90 -5.29 17.16 0.33
C VAL A 90 -5.54 15.71 0.77
N THR A 91 -6.48 15.53 1.69
CA THR A 91 -6.82 14.21 2.19
C THR A 91 -7.92 13.57 1.36
N LEU A 92 -7.72 12.32 0.97
CA LEU A 92 -8.71 11.60 0.17
C LEU A 92 -8.80 10.14 0.59
N GLU A 93 -9.94 9.52 0.28
CA GLU A 93 -10.16 8.12 0.62
C GLU A 93 -10.22 7.27 -0.65
N ILE A 94 -9.42 6.21 -0.69
CA ILE A 94 -9.38 5.33 -1.86
C ILE A 94 -9.91 3.94 -1.52
N GLU A 95 -10.56 3.31 -2.50
CA GLU A 95 -11.11 1.98 -2.32
C GLU A 95 -10.43 1.00 -3.28
N PHE A 96 -9.71 0.03 -2.72
CA PHE A 96 -9.02 -0.97 -3.52
C PHE A 96 -9.27 -2.38 -3.01
N ASP A 97 -8.77 -3.37 -3.75
CA ASP A 97 -8.93 -4.77 -3.37
C ASP A 97 -7.60 -5.36 -2.91
N VAL A 98 -7.61 -6.03 -1.78
CA VAL A 98 -6.40 -6.65 -1.23
C VAL A 98 -5.91 -7.78 -2.12
N ALA A 99 -4.83 -7.51 -2.85
CA ALA A 99 -4.23 -8.50 -3.74
C ALA A 99 -2.88 -8.03 -4.26
N GLU A 100 -1.81 -8.65 -3.78
CA GLU A 100 -0.47 -8.29 -4.20
C GLU A 100 0.36 -9.54 -4.53
N SER A 101 -0.28 -10.51 -5.16
CA SER A 101 0.38 -11.76 -5.54
C SER A 101 0.77 -12.57 -4.32
N VAL A 102 -0.14 -13.41 -3.87
CA VAL A 102 0.07 -14.27 -2.73
C VAL A 102 -0.19 -15.71 -3.10
N ILE A 103 0.83 -16.55 -2.95
CA ILE A 103 0.71 -17.97 -3.29
C ILE A 103 0.53 -18.83 -2.05
N PRO A 104 -0.71 -19.30 -1.79
CA PRO A 104 -1.01 -20.13 -0.62
C PRO A 104 -0.75 -21.60 -0.88
N SER A 105 -0.37 -22.33 0.16
CA SER A 105 -0.09 -23.76 0.05
C SER A 105 -0.28 -24.45 1.40
N SER A 106 -1.06 -23.83 2.28
CA SER A 106 -1.33 -24.40 3.61
C SER A 106 -0.03 -24.60 4.38
N GLY A 107 0.14 -23.84 5.45
CA GLY A 107 1.35 -23.96 6.25
C GLY A 107 2.41 -22.98 5.82
N THR A 108 2.61 -22.84 4.51
CA THR A 108 3.60 -21.93 3.97
C THR A 108 2.98 -20.99 2.93
N PHE A 109 2.74 -19.75 3.34
CA PHE A 109 2.16 -18.75 2.46
C PHE A 109 3.21 -17.72 2.04
N HIS A 110 3.46 -17.61 0.73
CA HIS A 110 4.45 -16.66 0.23
C HIS A 110 3.75 -15.44 -0.34
N VAL A 111 4.11 -14.27 0.16
CA VAL A 111 3.54 -13.02 -0.31
C VAL A 111 4.49 -12.30 -1.25
N LYS A 112 4.37 -12.60 -2.54
CA LYS A 112 5.22 -11.98 -3.54
C LYS A 112 4.66 -10.62 -3.94
N LEU A 113 5.22 -9.56 -3.35
CA LEU A 113 4.76 -8.21 -3.64
C LEU A 113 5.92 -7.30 -4.06
N PRO A 114 5.65 -6.37 -5.00
CA PRO A 114 6.67 -5.43 -5.48
C PRO A 114 7.05 -4.43 -4.40
N LYS A 115 8.32 -4.41 -4.04
CA LYS A 115 8.80 -3.51 -3.01
C LYS A 115 9.21 -2.17 -3.58
N LYS A 116 9.12 -1.14 -2.74
CA LYS A 116 9.46 0.22 -3.12
C LYS A 116 10.94 0.49 -2.90
N HIS A 117 11.31 1.77 -2.91
CA HIS A 117 12.69 2.18 -2.68
C HIS A 117 12.85 2.64 -1.24
N SER A 118 12.12 1.99 -0.34
CA SER A 118 12.14 2.32 1.09
C SER A 118 11.28 3.53 1.38
N VAL A 119 10.05 3.53 0.85
CA VAL A 119 9.13 4.63 1.07
C VAL A 119 8.28 4.41 2.33
N GLU A 120 6.96 4.37 2.19
CA GLU A 120 6.08 4.17 3.34
C GLU A 120 5.78 2.69 3.56
N LEU A 121 6.45 2.11 4.55
CA LEU A 121 6.25 0.70 4.88
C LEU A 121 5.83 0.57 6.35
N GLY A 122 4.52 0.50 6.57
CA GLY A 122 4.01 0.39 7.92
C GLY A 122 3.95 -1.04 8.42
N ILE A 123 5.02 -1.79 8.19
CA ILE A 123 5.09 -3.17 8.64
C ILE A 123 5.76 -3.25 10.01
N THR A 124 5.06 -3.84 10.97
CA THR A 124 5.58 -3.95 12.33
C THR A 124 5.93 -5.40 12.66
N ILE A 125 7.22 -5.72 12.61
CA ILE A 125 7.66 -7.07 12.92
C ILE A 125 8.03 -7.18 14.39
N SER A 126 8.14 -8.42 14.88
CA SER A 126 8.48 -8.66 16.27
C SER A 126 8.64 -10.16 16.55
N SER A 127 9.02 -10.49 17.77
CA SER A 127 9.20 -11.88 18.16
C SER A 127 8.45 -12.19 19.45
N PRO A 128 7.64 -13.27 19.47
CA PRO A 128 6.86 -13.66 20.65
C PRO A 128 7.73 -13.77 21.89
N SER A 129 8.69 -14.69 21.85
CA SER A 129 9.59 -14.91 22.98
C SER A 129 11.04 -15.01 22.51
N SER A 130 11.89 -14.14 23.03
CA SER A 130 13.30 -14.12 22.66
C SER A 130 14.17 -14.69 23.79
N ARG A 131 13.80 -15.87 24.27
CA ARG A 131 14.55 -16.51 25.35
C ARG A 131 14.77 -17.99 25.04
N LYS A 132 15.38 -18.25 23.89
CA LYS A 132 15.67 -19.61 23.46
C LYS A 132 16.29 -19.63 22.06
N PRO A 133 17.01 -20.70 21.71
CA PRO A 133 17.66 -20.83 20.40
C PRO A 133 16.64 -20.97 19.28
N GLY A 134 16.12 -19.84 18.81
CA GLY A 134 15.15 -19.86 17.74
C GLY A 134 14.56 -18.48 17.46
N ASP A 135 13.79 -17.98 18.41
CA ASP A 135 13.16 -16.65 18.28
C ASP A 135 12.59 -16.44 16.87
N PRO A 136 11.38 -16.95 16.61
CA PRO A 136 10.72 -16.81 15.31
C PRO A 136 10.35 -15.37 14.99
N LEU A 137 9.53 -15.17 13.97
CA LEU A 137 9.11 -13.84 13.56
C LEU A 137 7.58 -13.77 13.47
N VAL A 138 7.03 -12.59 13.73
CA VAL A 138 5.60 -12.39 13.69
C VAL A 138 5.24 -10.94 13.38
N ILE A 139 4.04 -10.72 12.85
CA ILE A 139 3.59 -9.37 12.52
C ILE A 139 2.92 -8.71 13.72
N SER A 140 2.97 -7.38 13.76
CA SER A 140 2.38 -6.64 14.87
C SER A 140 1.48 -5.50 14.38
N ASP A 141 1.66 -5.10 13.13
CA ASP A 141 0.87 -4.01 12.55
C ASP A 141 1.25 -3.80 11.09
N ILE A 142 0.25 -3.47 10.27
CA ILE A 142 0.48 -3.23 8.85
C ILE A 142 -0.30 -2.00 8.38
N LYS A 143 0.39 -1.12 7.66
CA LYS A 143 -0.24 0.10 7.13
C LYS A 143 -1.34 -0.27 6.14
N LYS A 144 -2.52 0.32 6.31
CA LYS A 144 -3.66 0.05 5.45
C LYS A 144 -3.48 0.63 4.04
N GLY A 145 -2.34 1.26 3.79
CA GLY A 145 -2.09 1.84 2.48
C GLY A 145 -0.79 1.33 1.86
N SER A 146 -0.09 0.45 2.58
CA SER A 146 1.17 -0.10 2.08
C SER A 146 0.93 -1.45 1.39
N VAL A 147 1.73 -1.72 0.35
CA VAL A 147 1.61 -2.97 -0.40
C VAL A 147 1.57 -4.18 0.52
N ALA A 148 2.16 -4.04 1.72
CA ALA A 148 2.20 -5.14 2.68
C ALA A 148 0.80 -5.68 2.95
N HIS A 149 -0.03 -4.89 3.62
CA HIS A 149 -1.39 -5.30 3.94
C HIS A 149 -2.21 -5.48 2.67
N ARG A 150 -1.82 -4.78 1.61
CA ARG A 150 -2.52 -4.88 0.33
C ARG A 150 -2.57 -6.32 -0.16
N THR A 151 -1.47 -7.05 0.02
CA THR A 151 -1.39 -8.44 -0.39
C THR A 151 -2.60 -9.24 0.09
N GLY A 152 -3.19 -8.80 1.20
CA GLY A 152 -4.35 -9.49 1.73
C GLY A 152 -3.99 -10.85 2.32
N THR A 153 -3.31 -10.84 3.45
CA THR A 153 -2.91 -12.08 4.12
C THR A 153 -2.05 -11.79 5.34
N LEU A 154 -1.23 -10.74 5.26
CA LEU A 154 -0.37 -10.35 6.36
C LEU A 154 -1.19 -9.87 7.55
N GLU A 155 -1.81 -10.80 8.26
CA GLU A 155 -2.62 -10.46 9.42
C GLU A 155 -1.78 -10.41 10.69
N LEU A 156 -2.44 -10.29 11.83
CA LEU A 156 -1.74 -10.23 13.12
C LEU A 156 -1.89 -11.55 13.88
N GLY A 157 -0.76 -12.19 14.17
CA GLY A 157 -0.79 -13.44 14.91
C GLY A 157 -0.25 -14.61 14.09
N ASP A 158 0.53 -14.31 13.07
CA ASP A 158 1.11 -15.34 12.22
C ASP A 158 2.60 -15.49 12.50
N LYS A 159 3.23 -16.49 11.88
CA LYS A 159 4.66 -16.72 12.08
C LYS A 159 5.43 -16.58 10.77
N LEU A 160 6.63 -16.01 10.85
CA LEU A 160 7.48 -15.83 9.68
C LEU A 160 8.56 -16.89 9.63
N LEU A 161 8.83 -17.42 8.43
CA LEU A 161 9.84 -18.44 8.26
C LEU A 161 10.96 -17.96 7.34
N ALA A 162 10.60 -17.29 6.25
CA ALA A 162 11.59 -16.79 5.31
C ALA A 162 11.13 -15.49 4.66
N ILE A 163 12.07 -14.80 4.02
CA ILE A 163 11.78 -13.53 3.36
C ILE A 163 12.51 -13.43 2.03
N ASP A 164 11.76 -13.55 0.93
CA ASP A 164 12.32 -13.45 -0.41
C ASP A 164 13.28 -14.61 -0.68
N ASN A 165 14.46 -14.56 -0.08
CA ASN A 165 15.47 -15.59 -0.27
C ASN A 165 16.10 -16.03 1.06
N ILE A 166 16.09 -15.15 2.05
CA ILE A 166 16.68 -15.46 3.35
C ILE A 166 15.67 -16.15 4.25
N ARG A 167 16.16 -16.88 5.25
CA ARG A 167 15.30 -17.59 6.18
C ARG A 167 15.57 -17.20 7.62
N LEU A 168 14.52 -16.76 8.29
CA LEU A 168 14.62 -16.39 9.69
C LEU A 168 14.61 -17.63 10.57
N ASP A 169 14.43 -18.79 9.94
CA ASP A 169 14.41 -20.07 10.66
C ASP A 169 15.55 -20.15 11.66
N SER A 170 16.65 -19.47 11.34
CA SER A 170 17.82 -19.47 12.22
C SER A 170 18.47 -18.08 12.24
N CYS A 171 17.66 -17.06 12.49
CA CYS A 171 18.15 -15.69 12.55
C CYS A 171 17.23 -14.81 13.37
N SER A 172 17.75 -13.68 13.85
CA SER A 172 16.98 -12.75 14.66
C SER A 172 15.90 -12.07 13.82
N MET A 173 15.08 -11.26 14.47
CA MET A 173 14.00 -10.54 13.78
C MET A 173 14.55 -9.40 12.95
N GLU A 174 15.51 -8.66 13.52
CA GLU A 174 16.12 -7.54 12.83
C GLU A 174 16.65 -7.95 11.46
N ASP A 175 17.05 -9.20 11.36
CA ASP A 175 17.56 -9.74 10.11
C ASP A 175 16.49 -9.65 9.03
N ALA A 176 15.31 -10.19 9.34
CA ALA A 176 14.20 -10.18 8.39
C ALA A 176 13.89 -8.74 7.99
N VAL A 177 13.96 -7.83 8.94
CA VAL A 177 13.72 -6.42 8.67
C VAL A 177 14.74 -5.91 7.66
N GLN A 178 15.99 -6.36 7.83
CA GLN A 178 17.06 -5.97 6.94
C GLN A 178 16.75 -6.38 5.51
N ILE A 179 16.35 -7.64 5.33
CA ILE A 179 15.98 -8.11 4.00
C ILE A 179 14.67 -7.46 3.59
N LEU A 180 13.89 -7.07 4.59
CA LEU A 180 12.61 -6.41 4.35
C LEU A 180 12.80 -5.15 3.53
N GLN A 181 13.90 -4.47 3.78
CA GLN A 181 14.22 -3.24 3.08
C GLN A 181 15.21 -3.49 1.95
N GLN A 182 16.19 -4.35 2.22
CA GLN A 182 17.19 -4.69 1.21
C GLN A 182 16.54 -5.25 -0.03
N CYS A 183 15.34 -5.77 0.14
CA CYS A 183 14.59 -6.30 -0.99
C CYS A 183 13.71 -5.21 -1.59
N GLU A 184 14.30 -4.02 -1.73
CA GLU A 184 13.59 -2.87 -2.29
C GLU A 184 13.29 -3.07 -3.76
N ASP A 185 12.49 -4.08 -4.04
CA ASP A 185 12.09 -4.38 -5.40
C ASP A 185 11.01 -5.46 -5.44
N LEU A 186 11.04 -6.35 -4.46
CA LEU A 186 10.08 -7.43 -4.37
C LEU A 186 10.42 -8.36 -3.22
N VAL A 187 9.58 -8.34 -2.20
CA VAL A 187 9.78 -9.19 -1.02
C VAL A 187 8.76 -10.32 -0.96
N LYS A 188 9.24 -11.51 -0.59
CA LYS A 188 8.37 -12.67 -0.48
C LYS A 188 8.20 -13.04 1.00
N LEU A 189 7.01 -12.80 1.53
CA LEU A 189 6.74 -13.09 2.94
C LEU A 189 6.23 -14.51 3.12
N LYS A 190 7.06 -15.34 3.75
CA LYS A 190 6.68 -16.73 4.00
C LYS A 190 6.03 -16.86 5.38
N ILE A 191 4.71 -16.78 5.41
CA ILE A 191 3.97 -16.88 6.65
C ILE A 191 3.58 -18.33 6.94
N ARG A 192 3.22 -18.61 8.19
CA ARG A 192 2.83 -19.95 8.59
C ARG A 192 1.32 -20.03 8.83
N LYS A 193 0.65 -20.90 8.08
CA LYS A 193 -0.80 -21.06 8.21
C LYS A 193 -1.13 -22.27 9.09
N ASP A 194 -2.26 -22.20 9.78
CA ASP A 194 -2.71 -23.28 10.64
C ASP A 194 -4.01 -22.92 11.36
N GLU A 195 -5.12 -23.14 10.67
CA GLU A 195 -6.43 -22.83 11.22
C GLU A 195 -6.66 -23.56 12.54
N ASP A 196 -7.73 -23.21 13.24
CA ASP A 196 -8.07 -23.82 14.51
C ASP A 196 -8.87 -25.10 14.31
#